data_4AMX
#
_entry.id   4AMX
#
_cell.length_a   91.643
_cell.length_b   97.008
_cell.length_c   135.708
_cell.angle_alpha   80.38
_cell.angle_beta   83.11
_cell.angle_gamma   85.22
#
_symmetry.space_group_name_H-M   'P 1'
#
loop_
_entity.id
_entity.type
_entity.pdbx_description
1 polymer 'ALPHA-1,4-GLUCAN LYASE ISOZYME 1'
2 non-polymer 5-fluoro-beta-D-glucopyranose
3 non-polymer GLYCEROL
4 non-polymer 'alpha-D-threo-hexo-2,5-diulo-5,1-pyranosyl fluoride'
5 water water
#
_entity_poly.entity_id   1
_entity_poly.type   'polypeptide(L)'
_entity_poly.pdbx_seq_one_letter_code
;GSTDNPDGIDYKTYDYVGVWGFSPLSNTNWFAAGSSTPGGITDWTATMNVNFDRIDNPSITVQHPVQVQVTSYNNNSYRV
RFNPDGPIRDVTRGPILKQQLDWIRTQELSEGCDPGMTFTSEGFLTFETKDLSVIIYGNFKTRVTRKSDGKVIMENDEVG
TASSGNKCRGLMFVDRLYGNAIASVNKNFRNDAVKQEGFYGAGEVNCKYQDTYILERTGIAMTNYNYDNLNYNQWDLRPP
HHDGALNPDYYIPMYYAAPWLIVNGCAGTSEQYSYGWFMDNVSQSYMNTGDTTWNSGQEDLAYMGAQYGPFDQHFVYGAG
GGME(CSO)VVTAFSLLQGKEFENQVLNKRSVMPPKYVFGFFQGVFGTSSLLRAHMPAGENNISVEEIVEGYQNNNFPFE
GLAVDVDMQDNLRVFTTKGEFWTANRVGTGGDPNNRSVFEWAHDKGLVCQTNITCFLRNDNEGQDYEVNQTLRERQLYTK
NDSLTGTDFGMTDDGPSDAYIGHLDYGGGVECDALFPDWGRPDVAEWWGNNYKKLFSIGLDFVWQDMTVPAMMPHKIGDD
INVKPDGNWPNADDPSNGQYNWKTYHPQVLVTDMRYENHGREPMVTQRNIHAYTLCESTRKEGIVENADTLTKFRRSYII
SRGGYIGNQHFGGMWVGDNSTTSNYIQMMIANNINMNMSCLPLVGSDIGGFTSYDNENQRTPCTGDLMVRYVQAGCLLPW
FRNHYDRWIESKDHGKDYQELYMYPNEMDTLRKFVEFRYRWQEVLYTAMYQNAAFGKPIIKAASMYNNDSNVRRAQNDHF
LLGGHDGYRILCAPVVWENSTERELYLPVLTQWYKFGPDFDTKPLEGAMNGGDRIYNYPVPQSESPIFVREGAILPTRYT
LNGENKSLNTYTDEDPLVFEVFPLGNNRADGMCYLDDGGVTTNAEDNGKFSVVKVAAEQDGGTETITFTNDCYEYVFGGP
FYVRVRGAQSPSNIHVSSGAGSQDMKVSSATSRAALFNDGENGDFWVDQETDSLWLKLPNVVLPDAVITIT
;
_entity_poly.pdbx_strand_id   A,B,C,D
#
loop_
_chem_comp.id
_chem_comp.type
_chem_comp.name
_chem_comp.formula
5GF D-saccharide, beta linking 5-fluoro-beta-D-glucopyranose 'C6 H11 F O6'
AFR D-saccharide 'alpha-D-threo-hexo-2,5-diulo-5,1-pyranosyl fluoride' 'C6 H9 F O5'
GOL non-polymer GLYCEROL 'C3 H8 O3'
#
# COMPACT_ATOMS: atom_id res chain seq x y z
N THR A 3 -4.59 -16.42 -75.53
CA THR A 3 -3.65 -15.40 -74.96
C THR A 3 -2.60 -16.03 -74.04
N ASP A 4 -2.52 -17.37 -74.02
CA ASP A 4 -1.57 -18.10 -73.18
C ASP A 4 -0.11 -17.81 -73.53
N ASN A 5 0.75 -17.84 -72.51
CA ASN A 5 2.19 -17.59 -72.65
C ASN A 5 2.47 -16.46 -73.67
N PRO A 6 2.01 -15.24 -73.38
CA PRO A 6 2.01 -14.19 -74.41
C PRO A 6 3.40 -13.71 -74.81
N ASP A 7 4.34 -13.81 -73.88
CA ASP A 7 5.75 -13.48 -74.13
C ASP A 7 6.56 -14.61 -74.78
N GLY A 8 5.97 -15.80 -74.84
CA GLY A 8 6.54 -16.90 -75.61
C GLY A 8 7.78 -17.49 -74.99
N ILE A 9 7.71 -17.80 -73.71
CA ILE A 9 8.82 -18.39 -73.00
C ILE A 9 8.90 -19.89 -73.33
N ASP A 10 10.12 -20.41 -73.37
CA ASP A 10 10.35 -21.83 -73.23
C ASP A 10 10.63 -22.06 -71.76
N TYR A 11 9.75 -22.82 -71.11
CA TYR A 11 9.94 -23.14 -69.69
C TYR A 11 10.76 -24.41 -69.55
N LYS A 12 11.96 -24.25 -69.02
CA LYS A 12 12.97 -25.31 -69.07
C LYS A 12 13.02 -26.11 -67.79
N THR A 13 12.62 -25.49 -66.68
CA THR A 13 12.67 -26.16 -65.42
C THR A 13 11.32 -26.12 -64.74
N TYR A 14 10.91 -27.27 -64.23
CA TYR A 14 9.60 -27.40 -63.57
C TYR A 14 9.71 -27.89 -62.15
N ASP A 15 10.63 -28.82 -61.92
CA ASP A 15 10.84 -29.38 -60.58
C ASP A 15 11.45 -28.39 -59.64
N TYR A 16 11.28 -28.66 -58.35
CA TYR A 16 12.06 -28.05 -57.29
C TYR A 16 13.52 -28.13 -57.68
N VAL A 17 14.29 -27.08 -57.38
CA VAL A 17 15.73 -27.10 -57.57
C VAL A 17 16.33 -26.60 -56.26
N GLY A 18 17.00 -27.48 -55.51
CA GLY A 18 17.53 -27.13 -54.18
C GLY A 18 18.68 -26.13 -54.23
N VAL A 19 19.13 -25.64 -53.08
CA VAL A 19 20.25 -24.69 -53.06
C VAL A 19 21.55 -25.32 -53.59
N TRP A 20 21.62 -26.65 -53.59
CA TRP A 20 22.73 -27.39 -54.23
C TRP A 20 22.68 -27.35 -55.78
N GLY A 21 21.55 -26.99 -56.36
CA GLY A 21 21.39 -26.99 -57.83
C GLY A 21 21.36 -25.57 -58.38
N PHE A 22 21.73 -24.61 -57.52
CA PHE A 22 21.68 -23.18 -57.87
C PHE A 22 23.01 -22.52 -57.69
N SER A 23 23.57 -22.20 -58.84
CA SER A 23 24.99 -21.98 -58.95
C SER A 23 25.46 -20.86 -59.86
N PRO A 24 24.92 -19.64 -59.68
CA PRO A 24 25.32 -18.43 -60.38
C PRO A 24 26.82 -18.22 -60.56
N LEU A 25 27.59 -18.39 -59.48
CA LEU A 25 29.00 -18.05 -59.45
C LEU A 25 29.83 -19.04 -60.29
N SER A 26 29.15 -20.03 -60.86
CA SER A 26 29.74 -20.95 -61.81
C SER A 26 29.96 -20.27 -63.15
N ASN A 27 29.29 -19.13 -63.33
CA ASN A 27 29.37 -18.33 -64.56
C ASN A 27 28.90 -18.98 -65.87
N THR A 28 29.14 -20.27 -66.04
CA THR A 28 28.99 -20.88 -67.33
C THR A 28 27.52 -20.95 -67.75
N ASN A 29 27.26 -20.54 -68.99
CA ASN A 29 25.89 -20.44 -69.52
C ASN A 29 25.08 -19.22 -69.02
N TRP A 30 25.73 -18.39 -68.20
CA TRP A 30 25.12 -17.17 -67.65
C TRP A 30 25.59 -15.88 -68.36
N PHE A 31 24.62 -15.03 -68.74
CA PHE A 31 24.90 -13.61 -69.05
C PHE A 31 25.17 -12.74 -67.79
N ALA A 32 26.17 -11.84 -67.88
CA ALA A 32 26.32 -10.75 -66.91
C ALA A 32 26.45 -9.39 -67.64
N ALA A 33 26.21 -8.29 -66.91
CA ALA A 33 26.29 -6.95 -67.49
C ALA A 33 27.71 -6.63 -67.93
N GLY A 34 27.89 -6.32 -69.21
CA GLY A 34 29.22 -6.04 -69.76
C GLY A 34 29.49 -4.58 -70.09
N SER A 35 28.48 -3.91 -70.65
CA SER A 35 28.59 -2.52 -71.06
C SER A 35 27.19 -1.90 -71.18
N SER A 36 27.12 -0.59 -71.35
CA SER A 36 25.84 0.09 -71.49
C SER A 36 26.00 1.48 -72.05
N THR A 37 24.85 2.05 -72.44
CA THR A 37 24.74 3.46 -72.82
C THR A 37 23.50 4.02 -72.16
N PRO A 38 23.46 5.35 -71.92
CA PRO A 38 22.26 5.98 -71.36
C PRO A 38 21.00 5.88 -72.24
N GLY A 39 19.86 5.62 -71.59
CA GLY A 39 18.58 5.50 -72.28
C GLY A 39 17.49 6.44 -71.79
N GLY A 40 17.90 7.61 -71.27
CA GLY A 40 16.95 8.64 -70.79
C GLY A 40 16.49 8.46 -69.36
N ILE A 41 16.01 9.56 -68.77
CA ILE A 41 15.39 9.57 -67.44
C ILE A 41 14.00 10.22 -67.49
N THR A 42 12.97 9.52 -67.04
CA THR A 42 11.71 10.18 -66.70
C THR A 42 11.29 9.89 -65.25
N ASP A 43 10.70 10.90 -64.63
CA ASP A 43 10.43 10.91 -63.20
C ASP A 43 11.71 10.57 -62.47
N TRP A 44 11.64 9.61 -61.54
CA TRP A 44 12.83 9.13 -60.85
C TRP A 44 13.32 7.78 -61.40
N THR A 45 13.00 7.48 -62.65
CA THR A 45 13.40 6.22 -63.28
C THR A 45 14.42 6.46 -64.39
N ALA A 46 15.65 6.00 -64.19
CA ALA A 46 16.65 6.05 -65.25
C ALA A 46 16.66 4.73 -66.03
N THR A 47 16.95 4.83 -67.32
CA THR A 47 17.14 3.65 -68.15
C THR A 47 18.55 3.59 -68.67
N MET A 48 19.16 2.42 -68.49
CA MET A 48 20.46 2.11 -69.06
C MET A 48 20.25 0.97 -70.02
N ASN A 49 20.72 1.17 -71.25
CA ASN A 49 20.64 0.11 -72.25
C ASN A 49 21.87 -0.77 -72.07
N VAL A 50 21.65 -1.89 -71.39
CA VAL A 50 22.77 -2.75 -70.96
C VAL A 50 23.06 -3.83 -71.99
N ASN A 51 24.36 -3.99 -72.25
CA ASN A 51 24.89 -5.10 -73.03
C ASN A 51 25.31 -6.21 -72.09
N PHE A 52 24.53 -7.29 -72.13
CA PHE A 52 24.83 -8.49 -71.37
C PHE A 52 25.73 -9.40 -72.16
N ASP A 53 26.80 -9.88 -71.52
CA ASP A 53 27.78 -10.75 -72.19
C ASP A 53 27.82 -12.13 -71.55
N ARG A 54 27.84 -13.19 -72.36
CA ARG A 54 28.02 -14.53 -71.80
C ARG A 54 29.37 -14.57 -71.09
N ILE A 55 29.36 -14.77 -69.77
CA ILE A 55 30.63 -14.76 -69.03
C ILE A 55 31.70 -15.70 -69.62
N ASP A 56 31.28 -16.92 -69.96
CA ASP A 56 32.15 -17.95 -70.57
C ASP A 56 32.42 -17.80 -72.09
N ASN A 57 31.72 -16.88 -72.75
CA ASN A 57 31.96 -16.55 -74.16
C ASN A 57 31.50 -15.13 -74.46
N PRO A 58 32.29 -14.13 -74.04
CA PRO A 58 31.84 -12.74 -74.02
C PRO A 58 31.40 -12.20 -75.38
N SER A 59 31.90 -12.77 -76.48
CA SER A 59 31.46 -12.37 -77.82
C SER A 59 29.97 -12.65 -78.04
N ILE A 60 29.37 -13.52 -77.23
CA ILE A 60 27.90 -13.72 -77.27
C ILE A 60 27.22 -12.66 -76.40
N THR A 61 26.41 -11.81 -77.02
CA THR A 61 25.88 -10.63 -76.32
C THR A 61 24.45 -10.29 -76.69
N VAL A 62 23.69 -9.83 -75.69
CA VAL A 62 22.35 -9.28 -75.91
C VAL A 62 22.16 -7.95 -75.18
N GLN A 63 21.18 -7.21 -75.66
CA GLN A 63 20.81 -5.91 -75.11
C GLN A 63 19.42 -5.96 -74.48
N HIS A 64 19.30 -5.57 -73.22
CA HIS A 64 17.99 -5.33 -72.60
C HIS A 64 17.99 -4.00 -71.82
N PRO A 65 16.86 -3.26 -71.86
CA PRO A 65 16.83 -2.03 -71.07
C PRO A 65 16.71 -2.36 -69.57
N VAL A 66 17.44 -1.62 -68.75
CA VAL A 66 17.44 -1.78 -67.28
C VAL A 66 17.04 -0.45 -66.64
N GLN A 67 15.97 -0.50 -65.85
CA GLN A 67 15.48 0.68 -65.12
C GLN A 67 16.10 0.73 -63.71
N VAL A 68 16.62 1.91 -63.34
CA VAL A 68 17.07 2.24 -61.97
C VAL A 68 16.15 3.32 -61.42
N GLN A 69 15.45 3.02 -60.31
CA GLN A 69 14.43 3.91 -59.78
C GLN A 69 14.71 4.30 -58.33
N VAL A 70 14.82 5.60 -58.08
CA VAL A 70 14.79 6.04 -56.69
C VAL A 70 13.34 5.87 -56.20
N THR A 71 13.15 4.99 -55.24
CA THR A 71 11.81 4.72 -54.71
C THR A 71 11.46 5.71 -53.62
N SER A 72 12.45 6.04 -52.79
CA SER A 72 12.30 7.07 -51.77
C SER A 72 13.60 7.79 -51.40
N TYR A 73 13.56 9.11 -51.52
CA TYR A 73 14.67 9.96 -51.15
C TYR A 73 14.86 9.98 -49.63
N ASN A 74 13.79 10.26 -48.90
CA ASN A 74 13.86 10.37 -47.44
C ASN A 74 14.19 9.06 -46.74
N ASN A 75 13.76 7.94 -47.31
CA ASN A 75 14.02 6.64 -46.68
C ASN A 75 15.13 5.85 -47.39
N ASN A 76 15.88 6.54 -48.24
CA ASN A 76 17.14 6.03 -48.79
C ASN A 76 16.92 4.67 -49.43
N SER A 77 16.12 4.66 -50.50
CA SER A 77 15.84 3.42 -51.20
C SER A 77 15.68 3.60 -52.69
N TYR A 78 16.18 2.61 -53.41
CA TYR A 78 16.09 2.59 -54.87
C TYR A 78 15.83 1.16 -55.34
N ARG A 79 15.51 1.02 -56.63
CA ARG A 79 15.09 -0.25 -57.20
C ARG A 79 15.69 -0.44 -58.61
N VAL A 80 16.16 -1.67 -58.86
CA VAL A 80 16.67 -2.07 -60.18
C VAL A 80 15.78 -3.15 -60.77
N ARG A 81 15.34 -2.99 -62.02
CA ARG A 81 14.49 -3.97 -62.68
C ARG A 81 14.75 -4.10 -64.19
N PHE A 82 14.67 -5.34 -64.70
CA PHE A 82 14.59 -5.58 -66.14
C PHE A 82 13.94 -6.91 -66.40
N ASN A 83 13.60 -7.15 -67.66
CA ASN A 83 12.96 -8.38 -68.04
C ASN A 83 13.68 -8.93 -69.28
N PRO A 84 14.52 -9.96 -69.06
CA PRO A 84 15.20 -10.60 -70.18
C PRO A 84 14.23 -11.21 -71.20
N ASP A 85 12.96 -11.36 -70.83
CA ASP A 85 12.02 -12.17 -71.63
C ASP A 85 10.90 -11.39 -72.36
N GLY A 86 10.75 -10.11 -72.06
CA GLY A 86 9.66 -9.34 -72.60
C GLY A 86 9.76 -7.89 -72.17
N PRO A 87 8.73 -7.08 -72.48
CA PRO A 87 8.71 -5.68 -72.02
C PRO A 87 8.68 -5.66 -70.50
N ILE A 88 9.21 -4.59 -69.89
CA ILE A 88 9.12 -4.43 -68.43
C ILE A 88 7.67 -4.13 -68.02
N ARG A 89 7.17 -4.86 -67.03
CA ARG A 89 5.76 -4.81 -66.65
C ARG A 89 5.57 -4.47 -65.15
N ASP A 90 4.60 -3.61 -64.85
CA ASP A 90 4.20 -3.36 -63.45
C ASP A 90 3.28 -4.50 -63.01
N VAL A 91 3.56 -5.07 -61.84
CA VAL A 91 2.67 -6.10 -61.29
C VAL A 91 1.33 -5.46 -60.88
N THR A 92 0.24 -6.20 -61.01
CA THR A 92 -1.04 -5.68 -60.56
C THR A 92 -1.40 -6.16 -59.16
N ARG A 93 -0.62 -7.13 -58.67
CA ARG A 93 -0.82 -7.73 -57.35
C ARG A 93 0.55 -8.01 -56.74
N GLY A 94 0.69 -7.72 -55.46
CA GLY A 94 1.94 -8.02 -54.76
C GLY A 94 2.32 -6.90 -53.82
N PRO A 95 3.31 -7.15 -52.94
CA PRO A 95 3.67 -6.18 -51.89
C PRO A 95 4.01 -4.77 -52.38
N ILE A 96 4.64 -4.66 -53.56
CA ILE A 96 5.08 -3.36 -54.07
C ILE A 96 4.30 -2.98 -55.30
N LEU A 97 3.41 -1.99 -55.17
CA LEU A 97 2.57 -1.54 -56.29
C LEU A 97 3.00 -0.15 -56.70
N LYS A 98 2.86 0.12 -58.00
CA LYS A 98 3.17 1.38 -58.64
C LYS A 98 2.42 2.56 -58.00
N GLN A 99 1.13 2.35 -57.76
CA GLN A 99 0.27 3.35 -57.12
C GLN A 99 0.89 3.88 -55.83
N GLN A 100 1.53 3.02 -55.03
CA GLN A 100 2.13 3.43 -53.76
C GLN A 100 3.50 4.05 -53.98
N LEU A 101 4.27 3.50 -54.92
CA LEU A 101 5.54 4.12 -55.30
C LEU A 101 5.29 5.55 -55.80
N ASP A 102 4.23 5.70 -56.59
CA ASP A 102 3.80 6.98 -57.12
C ASP A 102 3.39 7.98 -56.07
N TRP A 103 2.75 7.50 -55.00
CA TRP A 103 2.30 8.34 -53.89
C TRP A 103 3.51 8.88 -53.13
N ILE A 104 4.46 7.99 -52.83
CA ILE A 104 5.69 8.35 -52.09
C ILE A 104 6.48 9.43 -52.82
N ARG A 105 6.65 9.24 -54.13
CA ARG A 105 7.42 10.17 -54.93
C ARG A 105 6.69 11.51 -54.98
N THR A 106 5.36 11.46 -55.17
CA THR A 106 4.55 12.67 -55.21
C THR A 106 4.69 13.50 -53.95
N GLN A 107 4.56 12.86 -52.79
CA GLN A 107 4.82 13.53 -51.50
C GLN A 107 6.20 14.15 -51.46
N GLU A 108 7.22 13.33 -51.70
CA GLU A 108 8.61 13.80 -51.60
C GLU A 108 8.96 14.92 -52.57
N LEU A 109 8.45 14.83 -53.79
CA LEU A 109 8.59 15.91 -54.75
C LEU A 109 7.97 17.20 -54.20
N SER A 110 6.75 17.09 -53.69
CA SER A 110 6.08 18.28 -53.12
C SER A 110 6.91 18.87 -51.97
N GLU A 111 7.81 18.09 -51.38
CA GLU A 111 8.65 18.59 -50.29
C GLU A 111 10.00 19.15 -50.73
N GLY A 112 10.28 19.15 -52.02
CA GLY A 112 11.56 19.60 -52.53
C GLY A 112 12.69 18.56 -52.53
N CYS A 113 12.36 17.29 -52.25
CA CYS A 113 13.34 16.21 -52.40
C CYS A 113 13.78 16.09 -53.85
N ASP A 114 15.10 16.18 -54.07
CA ASP A 114 15.65 16.00 -55.42
C ASP A 114 16.85 15.08 -55.38
N PRO A 115 16.67 13.85 -55.88
CA PRO A 115 17.72 12.84 -55.96
C PRO A 115 18.84 13.29 -56.91
N GLY A 116 18.48 14.07 -57.92
CA GLY A 116 19.46 14.66 -58.85
C GLY A 116 20.01 13.61 -59.79
N MET A 117 19.18 12.64 -60.13
CA MET A 117 19.54 11.60 -61.09
C MET A 117 20.04 12.25 -62.34
N THR A 118 21.21 11.84 -62.75
CA THR A 118 21.86 12.41 -63.90
C THR A 118 22.73 11.34 -64.56
N PHE A 119 22.80 11.35 -65.88
CA PHE A 119 23.84 10.64 -66.58
C PHE A 119 25.01 11.58 -66.74
N THR A 120 26.17 11.21 -66.23
CA THR A 120 27.42 11.94 -66.48
C THR A 120 27.70 11.87 -67.99
N SER A 121 28.70 12.64 -68.44
CA SER A 121 29.06 12.64 -69.86
C SER A 121 29.72 11.32 -70.29
N GLU A 122 30.35 10.62 -69.32
CA GLU A 122 30.87 9.26 -69.52
C GLU A 122 29.78 8.18 -69.58
N GLY A 123 28.53 8.55 -69.33
CA GLY A 123 27.43 7.60 -69.33
C GLY A 123 27.21 6.93 -67.99
N PHE A 124 27.93 7.38 -66.96
CA PHE A 124 27.75 6.84 -65.61
C PHE A 124 26.44 7.41 -65.06
N LEU A 125 25.65 6.59 -64.38
CA LEU A 125 24.43 7.07 -63.73
C LEU A 125 24.71 7.41 -62.28
N THR A 126 24.39 8.65 -61.88
CA THR A 126 24.51 9.03 -60.48
C THR A 126 23.22 9.66 -59.95
N PHE A 127 23.00 9.48 -58.65
CA PHE A 127 21.87 10.04 -57.94
C PHE A 127 22.17 10.05 -56.44
N GLU A 128 21.34 10.78 -55.69
CA GLU A 128 21.50 10.89 -54.24
C GLU A 128 20.19 10.61 -53.56
N THR A 129 20.28 10.19 -52.30
CA THR A 129 19.11 10.18 -51.43
C THR A 129 19.44 11.11 -50.26
N LYS A 130 18.62 11.07 -49.21
CA LYS A 130 18.85 11.94 -48.09
C LYS A 130 20.26 11.73 -47.50
N ASP A 131 20.65 10.47 -47.31
CA ASP A 131 21.86 10.15 -46.56
C ASP A 131 22.95 9.51 -47.40
N LEU A 132 22.61 9.22 -48.67
CA LEU A 132 23.43 8.37 -49.52
C LEU A 132 23.70 8.93 -50.91
N SER A 133 24.86 8.58 -51.48
CA SER A 133 25.16 8.89 -52.87
C SER A 133 25.59 7.64 -53.63
N VAL A 134 24.97 7.46 -54.80
CA VAL A 134 25.14 6.26 -55.58
C VAL A 134 25.78 6.59 -56.95
N ILE A 135 26.64 5.69 -57.42
CA ILE A 135 27.15 5.76 -58.78
C ILE A 135 27.14 4.38 -59.39
N ILE A 136 26.63 4.31 -60.61
CA ILE A 136 26.64 3.10 -61.39
C ILE A 136 27.55 3.39 -62.61
N TYR A 137 28.55 2.54 -62.82
CA TYR A 137 29.41 2.66 -64.01
C TYR A 137 28.80 1.95 -65.21
N GLY A 138 29.53 1.93 -66.33
CA GLY A 138 29.04 1.44 -67.63
C GLY A 138 28.60 -0.01 -67.67
N ASN A 139 29.27 -0.88 -66.90
CA ASN A 139 28.94 -2.30 -66.90
C ASN A 139 28.02 -2.69 -65.76
N PHE A 140 27.46 -1.66 -65.10
CA PHE A 140 26.61 -1.75 -63.91
C PHE A 140 27.30 -1.88 -62.54
N LYS A 141 28.62 -1.86 -62.54
CA LYS A 141 29.33 -1.82 -61.26
C LYS A 141 28.71 -0.71 -60.42
N THR A 142 28.21 -1.08 -59.25
CA THR A 142 27.47 -0.13 -58.40
C THR A 142 28.18 0.08 -57.09
N ARG A 143 28.27 1.35 -56.70
CA ARG A 143 28.88 1.72 -55.41
C ARG A 143 27.97 2.70 -54.68
N VAL A 144 27.54 2.32 -53.48
CA VAL A 144 26.63 3.11 -52.67
C VAL A 144 27.44 3.63 -51.48
N THR A 145 27.53 4.96 -51.36
CA THR A 145 28.36 5.62 -50.31
C THR A 145 27.48 6.47 -49.42
N ARG A 146 27.74 6.38 -48.11
CA ARG A 146 27.07 7.22 -47.12
C ARG A 146 27.77 8.57 -46.93
N LYS A 147 27.01 9.65 -47.18
CA LYS A 147 27.54 11.02 -47.20
C LYS A 147 28.21 11.47 -45.92
N SER A 148 27.60 11.17 -44.78
CA SER A 148 28.13 11.66 -43.51
C SER A 148 29.61 11.33 -43.40
N ASP A 149 29.98 10.07 -43.59
CA ASP A 149 31.38 9.67 -43.40
C ASP A 149 32.14 9.17 -44.64
N GLY A 150 31.47 9.15 -45.80
CA GLY A 150 32.09 8.67 -47.02
C GLY A 150 32.29 7.15 -47.01
N LYS A 151 31.61 6.44 -46.11
CA LYS A 151 31.71 4.98 -46.07
C LYS A 151 30.98 4.37 -47.25
N VAL A 152 31.66 3.48 -47.96
CA VAL A 152 31.02 2.67 -48.99
C VAL A 152 30.30 1.56 -48.23
N ILE A 153 29.00 1.49 -48.34
CA ILE A 153 28.26 0.54 -47.52
C ILE A 153 27.66 -0.64 -48.30
N MET A 154 27.61 -0.52 -49.63
CA MET A 154 27.24 -1.62 -50.51
C MET A 154 28.05 -1.50 -51.79
N GLU A 155 28.49 -2.64 -52.33
CA GLU A 155 28.91 -2.72 -53.73
C GLU A 155 28.60 -4.06 -54.39
N ASN A 156 28.17 -4.00 -55.65
CA ASN A 156 27.87 -5.25 -56.34
C ASN A 156 29.13 -5.97 -56.87
N ASP A 157 28.94 -7.11 -57.48
CA ASP A 157 30.05 -7.97 -57.89
C ASP A 157 30.32 -7.96 -59.39
N GLU A 158 31.61 -7.86 -59.72
CA GLU A 158 32.16 -8.11 -61.05
C GLU A 158 33.05 -9.35 -61.09
N VAL A 159 32.98 -10.06 -62.20
CA VAL A 159 33.87 -11.19 -62.43
C VAL A 159 34.76 -10.87 -63.62
N GLY A 160 36.03 -11.27 -63.51
CA GLY A 160 36.99 -11.05 -64.57
C GLY A 160 36.84 -12.04 -65.71
N THR A 161 37.22 -11.63 -66.91
CA THR A 161 37.37 -12.55 -68.04
C THR A 161 38.81 -12.50 -68.51
N ALA A 162 39.18 -13.40 -69.42
CA ALA A 162 40.53 -13.50 -69.98
C ALA A 162 41.01 -12.14 -70.48
N SER A 163 40.26 -11.56 -71.42
CA SER A 163 40.68 -10.30 -72.06
C SER A 163 39.51 -9.49 -72.62
N SER A 164 38.31 -9.75 -72.12
CA SER A 164 37.09 -9.07 -72.54
C SER A 164 36.59 -8.02 -71.54
N GLY A 165 37.31 -7.81 -70.44
CA GLY A 165 36.91 -6.86 -69.39
C GLY A 165 36.06 -7.45 -68.29
N ASN A 166 35.81 -6.66 -67.25
CA ASN A 166 35.04 -7.15 -66.09
C ASN A 166 33.53 -7.10 -66.32
N LYS A 167 32.84 -8.18 -66.00
CA LYS A 167 31.38 -8.24 -66.20
C LYS A 167 30.72 -8.13 -64.83
N CYS A 168 29.61 -7.40 -64.77
CA CYS A 168 28.90 -7.18 -63.51
C CYS A 168 27.82 -8.21 -63.29
N ARG A 169 28.03 -9.01 -62.24
CA ARG A 169 27.13 -10.06 -61.84
C ARG A 169 26.08 -9.51 -60.90
N GLY A 170 25.96 -8.19 -60.86
CA GLY A 170 24.83 -7.55 -60.20
C GLY A 170 23.59 -7.75 -61.04
N LEU A 171 23.78 -7.97 -62.36
CA LEU A 171 22.66 -8.37 -63.22
C LEU A 171 23.02 -9.66 -63.95
N MET A 172 22.26 -10.74 -63.71
CA MET A 172 22.55 -12.02 -64.33
C MET A 172 21.29 -12.73 -64.76
N PHE A 173 21.32 -13.31 -65.95
CA PHE A 173 20.28 -14.23 -66.33
C PHE A 173 20.89 -15.32 -67.17
N VAL A 174 20.30 -16.51 -67.08
CA VAL A 174 20.78 -17.64 -67.86
C VAL A 174 20.31 -17.46 -69.28
N ASP A 175 21.22 -17.75 -70.21
CA ASP A 175 20.93 -17.78 -71.61
C ASP A 175 19.65 -18.59 -71.81
N ARG A 176 18.64 -17.94 -72.35
CA ARG A 176 17.31 -18.54 -72.58
C ARG A 176 17.34 -19.78 -73.49
N LEU A 177 18.49 -20.06 -74.11
CA LEU A 177 18.72 -21.33 -74.81
C LEU A 177 18.75 -22.51 -73.83
N TYR A 178 19.18 -22.22 -72.60
CA TYR A 178 19.48 -23.24 -71.59
C TYR A 178 18.59 -23.08 -70.35
N GLY A 179 18.09 -21.88 -70.09
CA GLY A 179 17.36 -21.66 -68.86
C GLY A 179 16.42 -20.47 -68.84
N ASN A 180 15.93 -20.19 -67.65
CA ASN A 180 15.02 -19.09 -67.43
C ASN A 180 15.46 -18.35 -66.17
N ALA A 181 16.47 -18.88 -65.49
CA ALA A 181 16.94 -18.32 -64.20
C ALA A 181 17.49 -16.87 -64.23
N ILE A 182 17.57 -16.23 -63.03
CA ILE A 182 18.11 -14.87 -62.87
C ILE A 182 18.87 -14.84 -61.50
N ALA A 183 19.77 -13.88 -61.30
CA ALA A 183 20.53 -13.75 -60.04
C ALA A 183 21.10 -12.34 -60.00
N SER A 184 21.61 -11.94 -58.84
CA SER A 184 22.26 -10.64 -58.67
C SER A 184 23.23 -10.79 -57.49
N VAL A 185 24.46 -10.32 -57.67
CA VAL A 185 25.52 -10.63 -56.71
C VAL A 185 26.14 -9.34 -56.19
N ASN A 186 26.29 -9.27 -54.86
CA ASN A 186 27.01 -8.23 -54.13
C ASN A 186 28.26 -8.81 -53.52
N LYS A 187 29.19 -7.91 -53.23
CA LYS A 187 30.27 -8.20 -52.32
C LYS A 187 29.64 -8.36 -50.95
N ASN A 188 30.36 -9.08 -50.08
CA ASN A 188 29.86 -9.60 -48.81
C ASN A 188 31.03 -9.49 -47.87
N PHE A 189 30.92 -8.61 -46.88
CA PHE A 189 32.02 -8.32 -45.94
C PHE A 189 31.87 -9.06 -44.62
N ARG A 190 31.19 -10.20 -44.66
CA ARG A 190 31.09 -11.07 -43.49
C ARG A 190 32.46 -11.30 -42.82
N ASN A 191 33.53 -11.37 -43.62
CA ASN A 191 34.84 -11.73 -43.12
C ASN A 191 35.74 -10.54 -42.81
N ASP A 192 35.27 -9.33 -43.11
CA ASP A 192 36.01 -8.10 -42.76
C ASP A 192 36.19 -8.00 -41.22
N ALA A 193 37.41 -7.75 -40.78
CA ALA A 193 37.71 -7.73 -39.33
C ALA A 193 36.89 -6.65 -38.60
N VAL A 194 36.61 -5.55 -39.29
CA VAL A 194 35.86 -4.43 -38.73
C VAL A 194 34.35 -4.47 -39.08
N LYS A 195 33.99 -4.75 -40.33
CA LYS A 195 32.59 -4.75 -40.74
C LYS A 195 31.74 -5.89 -40.14
N GLN A 196 32.26 -7.12 -40.24
CA GLN A 196 31.64 -8.31 -39.66
C GLN A 196 30.19 -8.45 -40.09
N GLU A 197 29.91 -8.08 -41.34
CA GLU A 197 28.56 -8.14 -41.89
C GLU A 197 27.78 -9.36 -41.44
N GLY A 198 26.54 -9.12 -41.02
CA GLY A 198 25.63 -10.12 -40.52
C GLY A 198 24.44 -10.07 -41.46
N PHE A 199 23.77 -11.20 -41.61
CA PHE A 199 22.61 -11.27 -42.52
C PHE A 199 21.38 -11.80 -41.79
N TYR A 200 20.36 -10.96 -41.70
CA TYR A 200 19.18 -11.24 -40.90
C TYR A 200 17.98 -11.23 -41.80
N GLY A 201 16.92 -11.95 -41.41
CA GLY A 201 15.61 -11.86 -42.12
C GLY A 201 15.15 -13.21 -42.62
N ALA A 202 14.61 -13.22 -43.84
CA ALA A 202 14.34 -14.45 -44.60
C ALA A 202 13.12 -15.29 -44.14
N GLY A 203 12.09 -14.60 -43.66
CA GLY A 203 10.91 -15.26 -43.11
C GLY A 203 11.13 -16.41 -42.14
N GLU A 204 10.82 -17.63 -42.57
CA GLU A 204 10.71 -18.74 -41.59
C GLU A 204 11.90 -19.67 -41.46
N VAL A 205 12.96 -19.41 -42.22
CA VAL A 205 14.06 -20.34 -42.33
C VAL A 205 14.61 -20.69 -40.95
N ASN A 206 14.90 -21.98 -40.76
CA ASN A 206 15.53 -22.49 -39.54
C ASN A 206 17.02 -22.78 -39.76
N CYS A 207 17.87 -22.42 -38.82
CA CYS A 207 19.30 -22.67 -38.98
C CYS A 207 19.83 -23.28 -37.72
N LYS A 208 20.48 -24.43 -37.88
CA LYS A 208 21.12 -25.14 -36.77
C LYS A 208 22.60 -24.74 -36.68
N TYR A 209 23.03 -24.45 -35.47
CA TYR A 209 24.45 -24.36 -35.20
C TYR A 209 24.69 -25.25 -34.01
N GLN A 210 25.46 -26.31 -34.25
CA GLN A 210 25.68 -27.39 -33.29
C GLN A 210 24.35 -28.02 -32.89
N ASP A 211 23.99 -27.91 -31.61
CA ASP A 211 22.66 -28.34 -31.15
C ASP A 211 21.68 -27.21 -30.86
N THR A 212 21.98 -26.00 -31.29
CA THR A 212 21.15 -24.86 -30.94
C THR A 212 20.66 -24.14 -32.18
N TYR A 213 19.42 -23.69 -32.15
CA TYR A 213 18.87 -22.90 -33.27
C TYR A 213 19.09 -21.42 -33.02
N ILE A 214 19.45 -20.73 -34.09
CA ILE A 214 20.02 -19.39 -34.03
C ILE A 214 19.20 -18.44 -34.91
N LEU A 215 19.41 -17.16 -34.66
CA LEU A 215 18.72 -16.10 -35.38
C LEU A 215 19.35 -15.75 -36.77
N GLU A 216 20.65 -15.48 -36.78
CA GLU A 216 21.31 -14.96 -37.99
C GLU A 216 21.21 -15.85 -39.22
N ARG A 217 21.39 -15.26 -40.37
CA ARG A 217 21.24 -16.01 -41.59
C ARG A 217 22.47 -15.75 -42.45
N THR A 218 23.63 -15.65 -41.80
CA THR A 218 24.89 -15.44 -42.50
C THR A 218 25.70 -16.70 -42.83
N GLY A 219 26.06 -16.82 -44.10
CA GLY A 219 26.99 -17.83 -44.57
C GLY A 219 26.24 -19.10 -44.92
N ILE A 220 25.04 -18.95 -45.48
CA ILE A 220 24.18 -20.11 -45.73
C ILE A 220 23.40 -19.92 -47.05
N ALA A 221 22.95 -21.03 -47.63
CA ALA A 221 22.19 -21.04 -48.89
C ALA A 221 20.71 -21.41 -48.65
N MET A 222 19.80 -20.44 -48.81
CA MET A 222 18.39 -20.59 -48.48
C MET A 222 17.57 -20.52 -49.80
N THR A 223 16.36 -21.07 -49.79
CA THR A 223 15.42 -20.96 -50.94
C THR A 223 14.02 -20.61 -50.41
N ASN A 224 13.17 -20.03 -51.31
CA ASN A 224 11.78 -19.73 -51.02
C ASN A 224 11.03 -20.58 -51.96
N TYR A 225 10.33 -21.53 -51.37
CA TYR A 225 9.68 -22.56 -52.10
C TYR A 225 8.61 -23.13 -51.19
N ASN A 226 7.63 -22.29 -50.89
CA ASN A 226 6.42 -22.69 -50.17
C ASN A 226 6.05 -24.17 -50.37
N TYR A 227 6.04 -24.86 -49.25
CA TYR A 227 5.96 -26.30 -49.17
C TYR A 227 5.12 -26.76 -47.96
N ASP A 228 4.33 -27.81 -48.17
CA ASP A 228 3.73 -28.55 -47.04
C ASP A 228 4.79 -29.20 -46.11
N ASN A 229 5.54 -28.38 -45.40
CA ASN A 229 6.73 -28.85 -44.72
C ASN A 229 6.49 -29.25 -43.27
N LEU A 230 5.76 -30.35 -43.06
CA LEU A 230 5.45 -30.80 -41.68
C LEU A 230 6.73 -31.09 -40.90
N ASN A 231 6.80 -30.60 -39.65
CA ASN A 231 7.99 -30.70 -38.80
C ASN A 231 9.21 -29.91 -39.28
N TYR A 232 9.08 -29.31 -40.45
CA TYR A 232 10.10 -28.44 -41.07
C TYR A 232 11.28 -29.24 -41.70
N ASN A 233 11.04 -30.52 -41.95
CA ASN A 233 12.06 -31.47 -42.41
C ASN A 233 11.52 -32.60 -43.33
N GLN A 234 10.55 -32.29 -44.17
CA GLN A 234 9.99 -33.32 -45.03
C GLN A 234 11.08 -34.06 -45.81
N TRP A 235 11.01 -35.39 -45.76
CA TRP A 235 12.03 -36.27 -46.33
C TRP A 235 12.36 -35.93 -47.79
N ASP A 236 11.33 -35.66 -48.61
CA ASP A 236 11.56 -35.24 -50.02
C ASP A 236 12.33 -33.92 -50.15
N LEU A 237 12.57 -33.23 -49.04
CA LEU A 237 13.33 -31.99 -49.13
C LEU A 237 14.82 -32.17 -48.90
N ARG A 238 15.24 -33.43 -48.77
CA ARG A 238 16.62 -33.76 -48.44
C ARG A 238 17.59 -33.45 -49.58
N PRO A 239 18.83 -33.04 -49.24
CA PRO A 239 19.88 -32.84 -50.25
C PRO A 239 20.27 -34.17 -50.89
N PRO A 240 20.84 -34.13 -52.11
CA PRO A 240 21.10 -35.39 -52.84
C PRO A 240 21.94 -36.38 -52.04
N HIS A 241 21.51 -37.64 -52.04
CA HIS A 241 22.23 -38.77 -51.42
C HIS A 241 22.32 -38.64 -49.90
N HIS A 242 21.37 -37.92 -49.31
CA HIS A 242 21.37 -37.68 -47.88
C HIS A 242 21.04 -38.96 -47.10
N ASP A 243 21.90 -39.29 -46.14
CA ASP A 243 21.68 -40.49 -45.35
C ASP A 243 21.47 -40.16 -43.87
N GLY A 244 20.54 -40.88 -43.25
CA GLY A 244 20.17 -40.68 -41.85
C GLY A 244 19.11 -39.61 -41.69
N ALA A 245 18.78 -39.28 -40.43
CA ALA A 245 17.73 -38.29 -40.12
C ALA A 245 17.99 -36.93 -40.74
N LEU A 246 16.99 -36.43 -41.46
CA LEU A 246 16.99 -35.05 -41.96
C LEU A 246 16.43 -34.12 -40.91
N ASN A 247 17.28 -33.22 -40.43
CA ASN A 247 16.85 -32.24 -39.46
C ASN A 247 16.34 -30.96 -40.14
N PRO A 248 15.35 -30.26 -39.53
CA PRO A 248 15.10 -28.88 -40.02
C PRO A 248 16.39 -28.06 -39.95
N ASP A 249 16.66 -27.34 -41.04
CA ASP A 249 17.90 -26.59 -41.26
C ASP A 249 17.83 -25.65 -42.45
N TYR A 250 18.91 -24.87 -42.64
CA TYR A 250 18.85 -23.65 -43.44
C TYR A 250 18.51 -23.83 -44.87
N TYR A 251 18.76 -25.03 -45.39
CA TYR A 251 18.61 -25.33 -46.82
C TYR A 251 17.27 -25.92 -47.13
N ILE A 252 16.35 -25.89 -46.18
CA ILE A 252 15.01 -26.45 -46.37
C ILE A 252 13.98 -25.29 -46.46
N PRO A 253 13.15 -25.27 -47.52
CA PRO A 253 12.14 -24.21 -47.63
C PRO A 253 11.07 -24.38 -46.56
N MET A 254 10.36 -23.29 -46.28
CA MET A 254 9.28 -23.30 -45.31
C MET A 254 7.99 -22.90 -45.98
N TYR A 255 7.08 -22.33 -45.19
CA TYR A 255 5.72 -22.09 -45.62
C TYR A 255 5.57 -20.66 -46.14
N TYR A 256 6.44 -19.77 -45.65
CA TYR A 256 6.49 -18.35 -46.01
C TYR A 256 7.63 -18.06 -46.99
N ALA A 257 7.36 -17.15 -47.90
CA ALA A 257 8.27 -16.82 -48.99
C ALA A 257 8.72 -15.39 -48.74
N ALA A 258 9.96 -15.26 -48.26
CA ALA A 258 10.54 -13.98 -47.89
C ALA A 258 11.93 -13.82 -48.53
N PRO A 259 11.99 -13.43 -49.81
CA PRO A 259 13.29 -13.20 -50.46
C PRO A 259 13.78 -11.82 -50.07
N TRP A 260 14.23 -11.70 -48.82
CA TRP A 260 14.39 -10.46 -48.15
C TRP A 260 15.47 -10.64 -47.08
N LEU A 261 16.45 -9.74 -47.01
CA LEU A 261 17.52 -9.84 -46.00
C LEU A 261 17.93 -8.48 -45.47
N ILE A 262 18.32 -8.39 -44.20
CA ILE A 262 18.84 -7.16 -43.69
C ILE A 262 20.32 -7.35 -43.41
N VAL A 263 21.13 -6.58 -44.13
CA VAL A 263 22.56 -6.57 -43.94
C VAL A 263 22.83 -5.59 -42.83
N ASN A 264 23.74 -5.94 -41.92
CA ASN A 264 24.05 -5.09 -40.78
C ASN A 264 25.53 -5.23 -40.48
N GLY A 265 26.27 -4.11 -40.50
CA GLY A 265 27.73 -4.12 -40.42
C GLY A 265 28.23 -3.08 -39.42
N CYS A 266 29.47 -3.25 -39.00
CA CYS A 266 30.04 -2.38 -37.97
C CYS A 266 29.05 -2.25 -36.81
N ALA A 267 28.53 -3.37 -36.31
CA ALA A 267 27.47 -3.37 -35.30
C ALA A 267 27.94 -2.86 -33.95
N GLY A 268 27.12 -2.03 -33.32
CA GLY A 268 27.41 -1.51 -31.98
C GLY A 268 28.34 -0.31 -31.93
N THR A 269 28.67 0.21 -33.11
CA THR A 269 29.49 1.42 -33.22
C THR A 269 28.69 2.53 -33.84
N SER A 270 29.21 3.74 -33.68
CA SER A 270 28.68 4.94 -34.35
C SER A 270 28.68 4.83 -35.88
N GLU A 271 29.59 4.03 -36.45
CA GLU A 271 29.63 3.85 -37.90
C GLU A 271 28.80 2.66 -38.45
N GLN A 272 27.82 2.21 -37.67
CA GLN A 272 26.94 1.11 -38.07
C GLN A 272 26.10 1.48 -39.29
N TYR A 273 25.87 0.50 -40.15
CA TYR A 273 25.01 0.68 -41.31
C TYR A 273 24.15 -0.56 -41.43
N SER A 274 22.95 -0.41 -41.96
CA SER A 274 22.07 -1.54 -42.19
C SER A 274 21.36 -1.23 -43.47
N TYR A 275 21.02 -2.26 -44.24
CA TYR A 275 20.13 -2.08 -45.40
C TYR A 275 19.41 -3.36 -45.76
N GLY A 276 18.20 -3.25 -46.25
CA GLY A 276 17.43 -4.43 -46.60
C GLY A 276 17.62 -4.68 -48.07
N TRP A 277 17.31 -5.90 -48.51
CA TRP A 277 17.51 -6.30 -49.89
C TRP A 277 16.35 -7.19 -50.24
N PHE A 278 15.52 -6.74 -51.18
CA PHE A 278 14.32 -7.46 -51.54
C PHE A 278 14.37 -7.76 -53.03
N MET A 279 14.37 -9.05 -53.36
CA MET A 279 14.17 -9.43 -54.71
C MET A 279 12.72 -9.84 -54.80
N ASP A 280 11.93 -8.97 -55.38
CA ASP A 280 10.51 -9.19 -55.63
C ASP A 280 10.40 -10.20 -56.73
N ASN A 281 10.27 -11.48 -56.36
CA ASN A 281 10.06 -12.57 -57.32
C ASN A 281 9.21 -13.66 -56.64
N VAL A 282 8.24 -14.21 -57.34
CA VAL A 282 7.38 -15.22 -56.72
C VAL A 282 7.57 -16.66 -57.22
N SER A 283 8.48 -16.85 -58.20
CA SER A 283 8.93 -18.18 -58.61
C SER A 283 9.90 -18.67 -57.54
N GLN A 284 10.37 -19.90 -57.63
CA GLN A 284 11.35 -20.33 -56.65
C GLN A 284 12.50 -19.33 -56.60
N SER A 285 12.81 -18.82 -55.41
CA SER A 285 13.84 -17.81 -55.27
C SER A 285 14.90 -18.29 -54.25
N TYR A 286 16.04 -17.59 -54.16
CA TYR A 286 17.23 -18.06 -53.43
C TYR A 286 17.94 -16.94 -52.72
N MET A 287 18.51 -17.24 -51.58
CA MET A 287 19.34 -16.26 -50.90
C MET A 287 20.53 -17.03 -50.37
N ASN A 288 21.70 -16.67 -50.89
CA ASN A 288 22.95 -17.24 -50.46
C ASN A 288 23.78 -16.14 -49.82
N THR A 289 24.22 -16.36 -48.59
CA THR A 289 24.96 -15.33 -47.85
C THR A 289 26.41 -15.72 -47.59
N GLY A 290 27.02 -16.40 -48.58
CA GLY A 290 28.44 -16.79 -48.50
C GLY A 290 28.69 -18.21 -48.03
N ASP A 291 27.95 -19.13 -48.64
CA ASP A 291 28.00 -20.54 -48.30
C ASP A 291 28.70 -21.34 -49.38
N THR A 292 29.83 -21.94 -49.02
CA THR A 292 30.58 -22.79 -49.95
C THR A 292 29.99 -24.21 -50.10
N THR A 293 29.02 -24.57 -49.27
CA THR A 293 28.48 -25.92 -49.28
C THR A 293 27.87 -26.16 -50.66
N TRP A 294 28.15 -27.34 -51.25
CA TRP A 294 27.78 -27.72 -52.63
C TRP A 294 28.32 -26.76 -53.67
N ASN A 295 29.29 -25.94 -53.27
CA ASN A 295 29.81 -24.91 -54.15
C ASN A 295 28.68 -23.99 -54.65
N SER A 296 27.76 -23.67 -53.75
CA SER A 296 26.59 -22.86 -54.12
C SER A 296 27.02 -21.40 -54.08
N GLY A 297 27.93 -21.07 -53.16
CA GLY A 297 28.42 -19.70 -53.02
C GLY A 297 29.89 -19.55 -52.61
N GLN A 298 30.30 -18.30 -52.41
CA GLN A 298 31.68 -18.02 -52.01
C GLN A 298 31.67 -17.19 -50.75
N GLU A 299 32.57 -17.47 -49.81
CA GLU A 299 32.54 -16.80 -48.52
C GLU A 299 32.34 -15.30 -48.60
N ASP A 300 32.88 -14.66 -49.64
CA ASP A 300 32.88 -13.22 -49.75
C ASP A 300 31.91 -12.69 -50.80
N LEU A 301 30.89 -13.49 -51.10
CA LEU A 301 29.84 -13.02 -51.99
C LEU A 301 28.46 -13.41 -51.43
N ALA A 302 27.52 -12.47 -51.49
CA ALA A 302 26.14 -12.78 -51.13
C ALA A 302 25.33 -12.57 -52.37
N TYR A 303 24.34 -13.44 -52.61
CA TYR A 303 23.46 -13.24 -53.76
C TYR A 303 22.02 -13.65 -53.50
N MET A 304 21.17 -13.26 -54.44
CA MET A 304 19.78 -13.64 -54.50
C MET A 304 19.50 -13.96 -55.96
N GLY A 305 18.57 -14.87 -56.23
CA GLY A 305 18.18 -15.20 -57.62
C GLY A 305 16.88 -15.95 -57.66
N ALA A 306 16.48 -16.43 -58.84
CA ALA A 306 15.23 -17.12 -58.90
C ALA A 306 15.15 -17.99 -60.14
N GLN A 307 14.31 -19.01 -60.07
CA GLN A 307 14.19 -19.91 -61.20
C GLN A 307 13.67 -19.19 -62.44
N TYR A 308 12.82 -18.17 -62.28
CA TYR A 308 12.21 -17.46 -63.44
C TYR A 308 12.27 -15.94 -63.35
N GLY A 309 12.16 -15.29 -64.51
CA GLY A 309 12.09 -13.82 -64.59
C GLY A 309 10.76 -13.27 -64.06
N PRO A 310 10.61 -11.93 -64.02
CA PRO A 310 11.53 -10.90 -64.41
C PRO A 310 12.41 -10.51 -63.22
N PHE A 311 13.34 -9.60 -63.46
CA PHE A 311 14.30 -9.18 -62.46
C PHE A 311 13.74 -7.92 -61.83
N ASP A 312 13.46 -7.97 -60.54
CA ASP A 312 12.96 -6.78 -59.87
C ASP A 312 13.40 -6.76 -58.44
N GLN A 313 14.23 -5.79 -58.14
CA GLN A 313 14.95 -5.79 -56.87
C GLN A 313 14.99 -4.41 -56.24
N HIS A 314 15.14 -4.36 -54.90
CA HIS A 314 15.00 -3.16 -54.08
C HIS A 314 16.09 -3.18 -53.00
N PHE A 315 16.72 -2.03 -52.78
CA PHE A 315 17.71 -1.85 -51.71
C PHE A 315 17.17 -0.72 -50.88
N VAL A 316 17.05 -0.98 -49.59
CA VAL A 316 16.20 -0.21 -48.70
C VAL A 316 17.06 0.06 -47.46
N TYR A 317 17.57 1.29 -47.31
CA TYR A 317 18.50 1.64 -46.22
CA TYR A 317 18.53 1.64 -46.23
C TYR A 317 17.87 2.23 -44.98
N GLY A 318 16.69 2.81 -45.15
CA GLY A 318 15.98 3.44 -44.03
C GLY A 318 16.52 4.84 -43.70
N ALA A 319 15.74 5.59 -42.93
CA ALA A 319 16.04 7.01 -42.69
C ALA A 319 16.96 7.23 -41.49
N GLY A 320 17.02 6.23 -40.62
CA GLY A 320 17.67 6.41 -39.33
C GLY A 320 18.73 5.35 -39.12
N GLY A 321 19.35 5.38 -37.94
CA GLY A 321 20.30 4.33 -37.56
C GLY A 321 19.64 3.13 -36.93
N GLY A 322 20.10 1.94 -37.32
CA GLY A 322 19.62 0.67 -36.76
C GLY A 322 18.77 -0.11 -37.74
N MET A 323 18.69 -1.44 -37.53
CA MET A 323 17.94 -2.35 -38.41
C MET A 323 16.45 -2.13 -38.43
N GLU A 324 15.89 -1.58 -37.35
CA GLU A 324 14.46 -1.38 -37.30
C GLU A 324 14.01 -0.41 -38.39
N CSO A 325 14.82 0.63 -38.60
CA CSO A 325 14.57 1.64 -39.63
CB CSO A 325 15.63 2.73 -39.59
SG CSO A 325 15.50 3.70 -38.07
C CSO A 325 14.49 1.02 -41.01
O CSO A 325 13.84 1.58 -41.88
OD CSO A 325 14.00 3.41 -37.12
N VAL A 326 15.14 -0.13 -41.20
CA VAL A 326 15.07 -0.85 -42.47
C VAL A 326 13.69 -1.49 -42.64
N VAL A 327 13.22 -2.10 -41.56
CA VAL A 327 11.89 -2.73 -41.48
C VAL A 327 10.77 -1.70 -41.75
N THR A 328 10.85 -0.54 -41.08
CA THR A 328 9.84 0.52 -41.30
C THR A 328 9.80 1.06 -42.75
N ALA A 329 10.98 1.34 -43.31
CA ALA A 329 11.08 1.81 -44.71
C ALA A 329 10.55 0.79 -45.71
N PHE A 330 10.84 -0.47 -45.47
CA PHE A 330 10.32 -1.55 -46.30
C PHE A 330 8.78 -1.61 -46.27
N SER A 331 8.23 -1.49 -45.06
CA SER A 331 6.79 -1.46 -44.83
C SER A 331 6.22 -0.22 -45.51
N LEU A 332 6.96 0.89 -45.44
CA LEU A 332 6.55 2.09 -46.17
C LEU A 332 6.33 1.79 -47.65
N LEU A 333 7.26 1.07 -48.26
CA LEU A 333 7.23 0.81 -49.70
C LEU A 333 6.06 -0.06 -50.13
N GLN A 334 5.51 -0.83 -49.19
CA GLN A 334 4.39 -1.74 -49.41
C GLN A 334 3.12 -1.16 -48.80
N GLY A 335 3.20 0.10 -48.39
CA GLY A 335 2.12 0.80 -47.69
C GLY A 335 0.84 1.09 -48.43
N LYS A 336 -0.14 1.60 -47.70
CA LYS A 336 -1.47 1.85 -48.25
C LYS A 336 -1.85 3.33 -48.15
N GLU A 337 -0.89 4.18 -47.83
CA GLU A 337 -1.09 5.63 -47.82
C GLU A 337 -1.79 6.14 -49.09
N PHE A 338 -1.57 5.47 -50.22
CA PHE A 338 -2.18 5.89 -51.49
C PHE A 338 -3.69 5.66 -51.51
N GLU A 339 -4.17 4.80 -50.62
CA GLU A 339 -5.62 4.57 -50.46
C GLU A 339 -6.21 5.46 -49.36
N ASN A 340 -5.35 6.28 -48.74
CA ASN A 340 -5.69 7.14 -47.60
C ASN A 340 -6.26 6.36 -46.41
N GLN A 341 -5.62 5.25 -46.10
CA GLN A 341 -5.93 4.50 -44.91
C GLN A 341 -5.72 5.40 -43.70
N VAL A 342 -6.72 5.44 -42.83
CA VAL A 342 -6.62 6.31 -41.68
C VAL A 342 -5.85 5.58 -40.55
N LEU A 343 -5.87 4.24 -40.63
CA LEU A 343 -5.29 3.38 -39.60
C LEU A 343 -4.37 2.30 -40.19
N ASN A 344 -4.92 1.49 -41.09
CA ASN A 344 -4.20 0.36 -41.67
C ASN A 344 -3.19 0.76 -42.77
N LYS A 345 -2.14 1.47 -42.37
CA LYS A 345 -1.23 2.06 -43.33
C LYS A 345 -0.22 1.05 -43.82
N ARG A 346 0.31 0.27 -42.89
CA ARG A 346 1.41 -0.63 -43.17
C ARG A 346 1.09 -2.11 -42.89
N SER A 347 -0.11 -2.35 -42.35
CA SER A 347 -0.60 -3.70 -42.01
C SER A 347 -2.04 -3.47 -41.55
N VAL A 348 -2.84 -4.54 -41.35
CA VAL A 348 -4.23 -4.37 -40.91
C VAL A 348 -4.36 -4.74 -39.47
N MET A 349 -5.13 -3.93 -38.73
CA MET A 349 -5.32 -4.17 -37.30
C MET A 349 -6.26 -5.33 -37.12
N PRO A 350 -5.95 -6.22 -36.16
CA PRO A 350 -6.77 -7.34 -35.79
C PRO A 350 -7.82 -6.85 -34.81
N PRO A 351 -8.83 -7.68 -34.49
CA PRO A 351 -9.60 -7.43 -33.28
C PRO A 351 -8.69 -7.60 -32.08
N LYS A 352 -8.99 -6.92 -30.97
CA LYS A 352 -8.26 -7.15 -29.72
C LYS A 352 -8.20 -8.65 -29.42
N TYR A 353 -9.27 -9.40 -29.75
CA TYR A 353 -9.34 -10.79 -29.33
C TYR A 353 -8.26 -11.67 -29.92
N VAL A 354 -7.62 -11.21 -30.99
CA VAL A 354 -6.55 -12.00 -31.60
C VAL A 354 -5.39 -12.18 -30.60
N PHE A 355 -5.29 -11.28 -29.64
CA PHE A 355 -4.16 -11.37 -28.70
C PHE A 355 -4.42 -12.21 -27.48
N GLY A 356 -5.51 -12.98 -27.51
CA GLY A 356 -5.88 -13.82 -26.40
C GLY A 356 -5.35 -15.22 -26.64
N PHE A 357 -5.48 -16.05 -25.62
CA PHE A 357 -4.99 -17.42 -25.61
C PHE A 357 -6.03 -18.38 -26.20
N PHE A 358 -5.69 -19.04 -27.31
CA PHE A 358 -6.63 -19.88 -28.07
C PHE A 358 -6.24 -21.35 -28.02
N GLN A 359 -7.20 -22.24 -27.76
CA GLN A 359 -6.92 -23.67 -27.86
C GLN A 359 -7.46 -24.24 -29.16
N GLY A 360 -6.58 -24.82 -29.97
CA GLY A 360 -7.00 -25.66 -31.08
C GLY A 360 -6.75 -27.12 -30.76
N VAL A 361 -7.45 -27.99 -31.48
CA VAL A 361 -7.25 -29.43 -31.37
C VAL A 361 -7.68 -30.02 -32.71
N PHE A 362 -6.84 -30.88 -33.27
CA PHE A 362 -7.20 -31.63 -34.45
C PHE A 362 -7.60 -33.00 -33.91
N GLY A 363 -8.91 -33.29 -33.96
CA GLY A 363 -9.45 -34.50 -33.33
C GLY A 363 -10.63 -34.36 -32.38
N THR A 364 -11.32 -33.21 -32.36
CA THR A 364 -12.60 -33.08 -31.65
C THR A 364 -13.67 -33.80 -32.47
N SER A 365 -14.78 -34.20 -31.84
CA SER A 365 -15.78 -35.01 -32.56
C SER A 365 -17.24 -34.55 -32.33
N SER A 366 -17.40 -33.60 -31.42
CA SER A 366 -18.70 -32.93 -31.21
C SER A 366 -18.52 -31.56 -30.58
N LEU A 367 -19.60 -30.81 -30.59
CA LEU A 367 -19.71 -29.65 -29.71
C LEU A 367 -19.86 -30.09 -28.25
N LEU A 368 -20.91 -30.86 -27.98
CA LEU A 368 -21.30 -31.20 -26.61
C LEU A 368 -21.00 -32.64 -26.24
N ARG A 369 -20.69 -32.87 -24.98
CA ARG A 369 -20.51 -34.22 -24.46
C ARG A 369 -21.73 -35.11 -24.74
N ALA A 370 -22.93 -34.55 -24.71
CA ALA A 370 -24.16 -35.32 -24.88
C ALA A 370 -24.34 -35.85 -26.31
N HIS A 371 -23.54 -35.35 -27.23
CA HIS A 371 -23.63 -35.77 -28.62
C HIS A 371 -22.31 -36.29 -29.18
N MET A 372 -21.33 -36.52 -28.30
CA MET A 372 -20.02 -37.04 -28.72
C MET A 372 -20.13 -38.52 -29.06
N PRO A 373 -19.77 -38.90 -30.31
CA PRO A 373 -19.77 -40.32 -30.67
C PRO A 373 -18.72 -41.07 -29.86
N ALA A 374 -19.06 -42.28 -29.41
CA ALA A 374 -18.12 -43.10 -28.65
C ALA A 374 -16.87 -43.35 -29.48
N GLY A 375 -15.71 -43.25 -28.85
CA GLY A 375 -14.44 -43.52 -29.55
C GLY A 375 -13.28 -43.35 -28.58
N GLU A 376 -12.24 -44.15 -28.73
CA GLU A 376 -11.13 -44.07 -27.79
C GLU A 376 -10.49 -42.67 -27.80
N ASN A 377 -10.44 -42.06 -26.62
CA ASN A 377 -9.83 -40.75 -26.41
C ASN A 377 -10.57 -39.60 -27.08
N ASN A 378 -11.77 -39.86 -27.60
CA ASN A 378 -12.63 -38.78 -28.11
C ASN A 378 -12.84 -37.66 -27.11
N ILE A 379 -12.85 -36.41 -27.60
CA ILE A 379 -13.11 -35.22 -26.81
C ILE A 379 -14.16 -34.33 -27.52
N SER A 380 -14.94 -33.61 -26.72
CA SER A 380 -15.94 -32.67 -27.23
C SER A 380 -15.39 -31.28 -27.06
N VAL A 381 -15.86 -30.35 -27.88
CA VAL A 381 -15.52 -28.93 -27.68
C VAL A 381 -15.86 -28.47 -26.25
N GLU A 382 -17.02 -28.91 -25.76
CA GLU A 382 -17.52 -28.60 -24.43
C GLU A 382 -16.52 -28.93 -23.34
N GLU A 383 -15.94 -30.14 -23.37
CA GLU A 383 -14.98 -30.56 -22.36
C GLU A 383 -13.75 -29.63 -22.32
N ILE A 384 -13.33 -29.19 -23.50
CA ILE A 384 -12.18 -28.26 -23.63
C ILE A 384 -12.45 -26.92 -22.93
N VAL A 385 -13.59 -26.31 -23.25
CA VAL A 385 -14.02 -25.07 -22.59
C VAL A 385 -14.15 -25.23 -21.05
N GLU A 386 -14.79 -26.31 -20.61
CA GLU A 386 -14.93 -26.60 -19.17
C GLU A 386 -13.57 -26.69 -18.51
N GLY A 387 -12.64 -27.38 -19.16
CA GLY A 387 -11.30 -27.54 -18.63
C GLY A 387 -10.66 -26.19 -18.33
N TYR A 388 -10.71 -25.30 -19.32
CA TYR A 388 -10.12 -23.98 -19.15
C TYR A 388 -10.93 -23.07 -18.21
N GLN A 389 -12.24 -23.04 -18.36
CA GLN A 389 -13.07 -22.15 -17.55
C GLN A 389 -13.20 -22.56 -16.09
N ASN A 390 -13.39 -23.84 -15.81
CA ASN A 390 -13.47 -24.30 -14.40
C ASN A 390 -12.18 -24.08 -13.62
N ASN A 391 -11.08 -23.99 -14.35
CA ASN A 391 -9.79 -23.81 -13.73
C ASN A 391 -9.30 -22.36 -13.71
N ASN A 392 -10.21 -21.44 -14.03
CA ASN A 392 -9.93 -20.01 -14.06
C ASN A 392 -8.74 -19.66 -14.95
N PHE A 393 -8.70 -20.21 -16.16
CA PHE A 393 -7.69 -19.77 -17.12
C PHE A 393 -8.20 -18.55 -17.90
N PRO A 394 -7.34 -17.54 -18.11
CA PRO A 394 -7.68 -16.53 -19.11
C PRO A 394 -7.74 -17.29 -20.42
N PHE A 395 -8.90 -17.35 -21.05
CA PHE A 395 -9.07 -18.24 -22.18
C PHE A 395 -10.00 -17.57 -23.16
N GLU A 396 -9.56 -17.51 -24.41
CA GLU A 396 -10.16 -16.62 -25.39
C GLU A 396 -11.15 -17.31 -26.30
N GLY A 397 -10.94 -18.59 -26.54
CA GLY A 397 -11.75 -19.33 -27.49
C GLY A 397 -10.96 -20.42 -28.19
N LEU A 398 -11.53 -20.88 -29.30
CA LEU A 398 -11.13 -22.13 -29.87
C LEU A 398 -10.71 -21.97 -31.34
N ALA A 399 -9.78 -22.82 -31.77
CA ALA A 399 -9.57 -23.03 -33.21
C ALA A 399 -10.25 -24.32 -33.59
N VAL A 400 -11.35 -24.22 -34.31
CA VAL A 400 -12.11 -25.42 -34.66
C VAL A 400 -11.62 -25.92 -36.01
N ASP A 401 -11.28 -27.22 -36.07
CA ASP A 401 -10.59 -27.81 -37.20
C ASP A 401 -11.58 -28.38 -38.24
N VAL A 402 -11.06 -29.12 -39.23
CA VAL A 402 -11.90 -29.70 -40.30
C VAL A 402 -12.85 -30.79 -39.79
N ASP A 403 -12.63 -31.17 -38.54
CA ASP A 403 -13.53 -31.97 -37.69
C ASP A 403 -15.01 -31.61 -37.78
N MET A 404 -15.31 -30.30 -37.84
CA MET A 404 -16.70 -29.87 -37.85
C MET A 404 -17.35 -29.90 -39.22
N GLN A 405 -16.56 -30.04 -40.28
CA GLN A 405 -17.14 -29.96 -41.61
C GLN A 405 -17.87 -31.23 -41.95
N ASP A 406 -18.76 -31.16 -42.93
CA ASP A 406 -19.40 -32.39 -43.41
C ASP A 406 -18.49 -33.05 -44.43
N ASN A 407 -17.78 -34.08 -44.00
CA ASN A 407 -16.91 -34.88 -44.87
C ASN A 407 -15.87 -34.04 -45.61
N LEU A 408 -15.17 -33.18 -44.86
CA LEU A 408 -14.10 -32.33 -45.38
C LEU A 408 -14.54 -31.26 -46.43
N ARG A 409 -15.84 -31.13 -46.68
CA ARG A 409 -16.41 -30.00 -47.43
C ARG A 409 -16.26 -28.67 -46.68
N VAL A 410 -15.36 -27.81 -47.15
CA VAL A 410 -15.14 -26.51 -46.51
C VAL A 410 -16.39 -25.62 -46.65
N PHE A 411 -16.66 -24.85 -45.59
CA PHE A 411 -17.85 -23.97 -45.46
C PHE A 411 -19.13 -24.72 -45.00
N THR A 412 -19.05 -26.04 -44.82
CA THR A 412 -20.14 -26.80 -44.21
C THR A 412 -19.88 -27.09 -42.73
N THR A 413 -20.92 -27.52 -42.03
CA THR A 413 -20.81 -28.13 -40.72
C THR A 413 -21.66 -29.40 -40.71
N LYS A 414 -21.38 -30.29 -39.77
CA LYS A 414 -22.28 -31.43 -39.51
C LYS A 414 -22.99 -31.28 -38.16
N GLY A 415 -24.09 -32.02 -38.01
CA GLY A 415 -24.94 -31.96 -36.83
C GLY A 415 -24.27 -32.07 -35.47
N GLU A 416 -23.21 -32.87 -35.37
CA GLU A 416 -22.53 -33.12 -34.10
C GLU A 416 -21.97 -31.84 -33.50
N PHE A 417 -21.83 -30.82 -34.34
CA PHE A 417 -21.27 -29.54 -33.92
C PHE A 417 -22.35 -28.46 -33.73
N TRP A 418 -23.56 -28.92 -33.45
CA TRP A 418 -24.68 -28.11 -33.00
C TRP A 418 -25.26 -28.67 -31.70
N THR A 419 -25.80 -27.80 -30.85
CA THR A 419 -26.39 -28.24 -29.58
C THR A 419 -27.57 -29.21 -29.74
N ALA A 420 -28.30 -29.10 -30.85
CA ALA A 420 -29.43 -30.02 -31.11
C ALA A 420 -29.07 -31.22 -31.98
N ASN A 421 -27.79 -31.33 -32.37
CA ASN A 421 -27.32 -32.47 -33.15
C ASN A 421 -27.91 -32.52 -34.58
N ARG A 422 -28.23 -31.34 -35.10
CA ARG A 422 -28.59 -31.17 -36.50
C ARG A 422 -28.16 -29.77 -36.95
N VAL A 423 -27.90 -29.62 -38.26
CA VAL A 423 -27.45 -28.35 -38.78
C VAL A 423 -28.63 -27.40 -38.96
N GLY A 424 -28.49 -26.17 -38.44
CA GLY A 424 -29.49 -25.13 -38.65
C GLY A 424 -28.86 -23.96 -39.38
N THR A 425 -29.64 -22.91 -39.61
CA THR A 425 -29.14 -21.78 -40.39
C THR A 425 -28.69 -20.58 -39.57
N GLY A 426 -28.77 -20.71 -38.25
CA GLY A 426 -28.21 -19.72 -37.31
C GLY A 426 -29.29 -18.88 -36.66
N GLY A 427 -29.00 -18.34 -35.49
CA GLY A 427 -29.94 -17.49 -34.76
C GLY A 427 -31.07 -18.20 -33.99
N ASP A 428 -31.11 -19.53 -34.09
CA ASP A 428 -32.09 -20.36 -33.36
C ASP A 428 -31.60 -20.61 -31.92
N PRO A 429 -32.32 -20.07 -30.91
CA PRO A 429 -31.77 -20.22 -29.55
C PRO A 429 -31.90 -21.65 -28.99
N ASN A 430 -32.69 -22.49 -29.64
CA ASN A 430 -32.83 -23.90 -29.25
C ASN A 430 -32.02 -24.90 -30.12
N ASN A 431 -31.06 -24.38 -30.87
CA ASN A 431 -30.12 -25.17 -31.67
C ASN A 431 -28.97 -24.28 -32.10
N ARG A 432 -27.97 -24.14 -31.23
CA ARG A 432 -26.86 -23.26 -31.47
C ARG A 432 -25.73 -24.03 -32.14
N SER A 433 -25.09 -23.42 -33.13
CA SER A 433 -23.81 -23.93 -33.65
C SER A 433 -22.74 -23.76 -32.59
N VAL A 434 -21.62 -24.44 -32.82
CA VAL A 434 -20.42 -24.31 -32.01
C VAL A 434 -20.05 -22.84 -31.81
N PHE A 435 -20.14 -22.06 -32.88
CA PHE A 435 -19.78 -20.64 -32.85
C PHE A 435 -20.74 -19.81 -32.00
N GLU A 436 -22.04 -20.09 -32.15
CA GLU A 436 -23.07 -19.48 -31.31
C GLU A 436 -22.96 -19.90 -29.83
N TRP A 437 -22.74 -21.19 -29.57
CA TRP A 437 -22.61 -21.69 -28.21
C TRP A 437 -21.38 -21.07 -27.54
N ALA A 438 -20.33 -20.86 -28.33
CA ALA A 438 -19.07 -20.32 -27.85
C ALA A 438 -19.19 -18.85 -27.47
N HIS A 439 -19.96 -18.08 -28.25
CA HIS A 439 -20.26 -16.68 -27.84
C HIS A 439 -20.88 -16.63 -26.46
N ASP A 440 -21.87 -17.51 -26.22
CA ASP A 440 -22.53 -17.60 -24.90
C ASP A 440 -21.60 -18.06 -23.78
N LYS A 441 -20.39 -18.51 -24.13
CA LYS A 441 -19.37 -18.82 -23.14
C LYS A 441 -18.37 -17.67 -23.01
N GLY A 442 -18.65 -16.55 -23.68
CA GLY A 442 -17.73 -15.41 -23.72
C GLY A 442 -16.50 -15.64 -24.57
N LEU A 443 -16.63 -16.55 -25.54
CA LEU A 443 -15.53 -16.92 -26.43
C LEU A 443 -15.76 -16.52 -27.88
N VAL A 444 -14.65 -16.43 -28.61
CA VAL A 444 -14.68 -16.30 -30.09
C VAL A 444 -13.92 -17.46 -30.74
N CYS A 445 -14.21 -17.74 -32.01
CA CYS A 445 -13.60 -18.89 -32.67
C CYS A 445 -13.04 -18.61 -34.06
N GLN A 446 -11.91 -19.28 -34.35
CA GLN A 446 -11.43 -19.38 -35.72
C GLN A 446 -11.76 -20.79 -36.17
N THR A 447 -12.10 -20.96 -37.45
CA THR A 447 -12.25 -22.29 -38.03
C THR A 447 -11.30 -22.43 -39.23
N ASN A 448 -11.01 -23.68 -39.59
CA ASN A 448 -10.04 -24.02 -40.61
C ASN A 448 -10.64 -23.93 -42.02
N ILE A 449 -10.11 -23.03 -42.84
CA ILE A 449 -10.51 -22.94 -44.24
C ILE A 449 -9.33 -23.22 -45.17
N THR A 450 -9.47 -24.24 -46.01
CA THR A 450 -8.50 -24.54 -47.03
C THR A 450 -9.18 -24.21 -48.36
N CYS A 451 -8.43 -24.23 -49.45
CA CYS A 451 -9.00 -23.90 -50.75
C CYS A 451 -9.22 -25.14 -51.62
N PHE A 452 -9.33 -26.30 -50.97
CA PHE A 452 -9.69 -27.55 -51.63
C PHE A 452 -11.20 -27.67 -51.60
N LEU A 453 -11.81 -27.81 -52.77
CA LEU A 453 -13.27 -27.97 -52.86
C LEU A 453 -13.65 -29.43 -53.20
N ARG A 454 -14.01 -30.20 -52.17
CA ARG A 454 -14.17 -31.64 -52.29
C ARG A 454 -14.89 -32.03 -53.56
N ASN A 455 -14.30 -32.96 -54.30
CA ASN A 455 -14.81 -33.30 -55.61
C ASN A 455 -15.53 -34.64 -55.65
N ASP A 456 -15.10 -35.58 -54.80
CA ASP A 456 -15.73 -36.91 -54.73
C ASP A 456 -16.86 -36.93 -53.70
N ASN A 457 -18.05 -36.58 -54.14
CA ASN A 457 -19.16 -36.38 -53.20
C ASN A 457 -20.24 -37.49 -53.25
N GLU A 458 -19.96 -38.56 -54.00
CA GLU A 458 -20.92 -39.65 -54.21
C GLU A 458 -22.32 -39.21 -54.63
N GLY A 459 -22.39 -38.28 -55.60
CA GLY A 459 -23.65 -37.79 -56.11
C GLY A 459 -24.39 -36.84 -55.17
N GLN A 460 -23.96 -36.82 -53.91
CA GLN A 460 -24.52 -35.89 -52.91
C GLN A 460 -24.18 -34.47 -53.30
N ASP A 461 -25.09 -33.55 -52.99
CA ASP A 461 -24.94 -32.19 -53.44
C ASP A 461 -24.02 -31.40 -52.50
N TYR A 462 -23.14 -30.60 -53.10
CA TYR A 462 -22.23 -29.72 -52.35
C TYR A 462 -22.08 -28.41 -53.12
N GLU A 463 -22.89 -27.43 -52.72
CA GLU A 463 -23.10 -26.18 -53.46
C GLU A 463 -21.83 -25.47 -53.92
N VAL A 464 -20.77 -25.54 -53.12
CA VAL A 464 -19.54 -24.80 -53.41
C VAL A 464 -18.85 -25.35 -54.66
N ASN A 465 -18.67 -26.67 -54.68
CA ASN A 465 -18.07 -27.37 -55.81
C ASN A 465 -18.92 -27.23 -57.08
N GLN A 466 -20.24 -27.28 -56.91
CA GLN A 466 -21.19 -27.20 -58.01
C GLN A 466 -21.07 -25.88 -58.74
N THR A 467 -21.04 -24.80 -57.97
CA THR A 467 -20.98 -23.45 -58.54
C THR A 467 -19.57 -23.13 -59.05
N LEU A 468 -18.56 -23.78 -58.48
CA LEU A 468 -17.20 -23.72 -59.00
C LEU A 468 -17.19 -24.35 -60.39
N ARG A 469 -17.73 -25.56 -60.48
CA ARG A 469 -17.92 -26.24 -61.76
C ARG A 469 -18.72 -25.39 -62.74
N GLU A 470 -19.91 -25.00 -62.31
CA GLU A 470 -20.90 -24.40 -63.19
C GLU A 470 -20.38 -23.09 -63.78
N ARG A 471 -19.70 -22.31 -62.95
CA ARG A 471 -19.18 -21.00 -63.36
C ARG A 471 -17.76 -21.05 -63.93
N GLN A 472 -17.25 -22.26 -64.18
CA GLN A 472 -15.88 -22.50 -64.68
C GLN A 472 -14.78 -21.69 -63.99
N LEU A 473 -14.73 -21.75 -62.67
CA LEU A 473 -13.75 -20.97 -61.89
C LEU A 473 -12.56 -21.76 -61.36
N TYR A 474 -12.51 -23.04 -61.73
CA TYR A 474 -11.50 -23.97 -61.26
C TYR A 474 -10.28 -23.96 -62.17
N THR A 475 -9.13 -24.30 -61.59
CA THR A 475 -7.90 -24.48 -62.33
C THR A 475 -8.10 -25.64 -63.29
N LYS A 476 -7.85 -25.40 -64.57
CA LYS A 476 -7.98 -26.44 -65.58
C LYS A 476 -6.76 -27.40 -65.59
N ASN A 477 -6.83 -28.44 -66.42
CA ASN A 477 -5.73 -29.42 -66.49
C ASN A 477 -4.86 -29.24 -67.74
N ASP A 478 -4.75 -28.00 -68.20
CA ASP A 478 -3.99 -27.70 -69.41
C ASP A 478 -2.52 -27.48 -69.09
N SER A 479 -1.67 -27.74 -70.07
CA SER A 479 -0.24 -27.49 -69.95
C SER A 479 0.39 -27.33 -71.32
N LEU A 480 1.65 -26.89 -71.35
CA LEU A 480 2.39 -26.73 -72.58
C LEU A 480 3.15 -28.01 -72.92
N THR A 481 3.42 -28.80 -71.87
CA THR A 481 4.21 -30.04 -71.95
C THR A 481 3.37 -31.24 -72.33
N GLY A 482 2.05 -31.07 -72.34
CA GLY A 482 1.13 -32.15 -72.68
C GLY A 482 1.05 -33.23 -71.62
N THR A 483 1.25 -32.82 -70.36
CA THR A 483 1.23 -33.75 -69.22
C THR A 483 -0.18 -34.23 -68.87
N ASP A 484 -0.27 -35.46 -68.36
CA ASP A 484 -1.52 -35.98 -67.84
C ASP A 484 -1.55 -35.89 -66.32
N PHE A 485 -2.31 -34.93 -65.80
CA PHE A 485 -2.39 -34.68 -64.37
C PHE A 485 -3.31 -35.66 -63.67
N GLY A 486 -4.14 -36.32 -64.47
CA GLY A 486 -5.00 -37.39 -64.01
C GLY A 486 -6.47 -37.12 -64.26
N MET A 487 -7.30 -38.07 -63.86
CA MET A 487 -8.75 -37.94 -63.95
C MET A 487 -9.43 -38.82 -62.92
N THR A 488 -10.64 -38.40 -62.50
CA THR A 488 -11.57 -39.27 -61.79
C THR A 488 -12.94 -39.34 -62.53
N ASP A 489 -13.84 -40.18 -62.00
CA ASP A 489 -15.16 -40.40 -62.58
C ASP A 489 -16.11 -39.24 -62.32
N ASP A 490 -15.75 -38.38 -61.37
CA ASP A 490 -16.55 -37.22 -61.00
C ASP A 490 -16.50 -36.08 -62.02
N GLY A 491 -15.44 -36.04 -62.81
CA GLY A 491 -15.19 -34.92 -63.74
C GLY A 491 -14.78 -33.64 -63.01
N PRO A 492 -14.81 -32.48 -63.71
CA PRO A 492 -15.07 -32.31 -65.14
C PRO A 492 -13.92 -32.83 -66.00
N SER A 493 -14.19 -33.13 -67.28
CA SER A 493 -13.19 -33.73 -68.14
C SER A 493 -11.93 -32.87 -68.27
N ASP A 494 -12.08 -31.58 -67.98
CA ASP A 494 -11.01 -30.60 -68.16
C ASP A 494 -10.59 -29.85 -66.90
N ALA A 495 -10.69 -30.50 -65.74
CA ALA A 495 -10.28 -29.88 -64.47
C ALA A 495 -9.01 -30.47 -63.88
N TYR A 496 -8.21 -29.64 -63.21
CA TYR A 496 -7.15 -30.15 -62.36
C TYR A 496 -7.80 -30.82 -61.17
N ILE A 497 -7.41 -32.06 -60.89
CA ILE A 497 -7.92 -32.77 -59.71
C ILE A 497 -6.77 -33.20 -58.80
N GLY A 498 -6.80 -32.71 -57.57
CA GLY A 498 -5.78 -33.03 -56.59
C GLY A 498 -6.36 -33.93 -55.52
N HIS A 499 -5.57 -34.21 -54.50
CA HIS A 499 -5.99 -35.09 -53.44
C HIS A 499 -5.49 -34.54 -52.11
N LEU A 500 -6.41 -34.46 -51.15
CA LEU A 500 -6.10 -34.00 -49.81
C LEU A 500 -5.96 -35.24 -48.94
N ASP A 501 -4.89 -35.26 -48.14
CA ASP A 501 -4.58 -36.41 -47.29
C ASP A 501 -4.12 -35.91 -45.94
N TYR A 502 -4.94 -36.22 -44.93
CA TYR A 502 -4.71 -35.82 -43.55
C TYR A 502 -4.07 -36.94 -42.75
N GLY A 503 -3.97 -38.11 -43.37
CA GLY A 503 -3.48 -39.32 -42.74
C GLY A 503 -4.64 -40.10 -42.13
N GLY A 504 -4.48 -41.42 -42.07
CA GLY A 504 -5.43 -42.28 -41.39
C GLY A 504 -6.74 -42.50 -42.13
N GLY A 505 -6.72 -42.29 -43.45
CA GLY A 505 -7.91 -42.51 -44.29
C GLY A 505 -8.77 -41.26 -44.42
N VAL A 506 -8.39 -40.22 -43.70
CA VAL A 506 -9.05 -38.92 -43.78
C VAL A 506 -8.62 -38.31 -45.10
N GLU A 507 -9.42 -38.50 -46.15
CA GLU A 507 -9.01 -38.05 -47.48
C GLU A 507 -10.14 -37.80 -48.49
N CYS A 508 -9.81 -37.06 -49.55
CA CYS A 508 -10.76 -36.73 -50.61
C CYS A 508 -10.08 -36.12 -51.83
N ASP A 509 -10.78 -36.22 -52.98
CA ASP A 509 -10.49 -35.48 -54.21
C ASP A 509 -10.94 -34.01 -54.11
N ALA A 510 -10.19 -33.13 -54.75
CA ALA A 510 -10.47 -31.70 -54.68
C ALA A 510 -10.25 -30.98 -56.02
N LEU A 511 -11.15 -30.04 -56.34
CA LEU A 511 -10.92 -29.01 -57.36
C LEU A 511 -10.37 -27.77 -56.64
N PHE A 512 -9.87 -26.79 -57.39
CA PHE A 512 -9.23 -25.61 -56.80
C PHE A 512 -9.60 -24.34 -57.53
N PRO A 513 -9.52 -23.18 -56.84
CA PRO A 513 -9.85 -21.95 -57.52
C PRO A 513 -8.66 -21.38 -58.31
N ASP A 514 -8.94 -21.04 -59.56
CA ASP A 514 -7.98 -20.44 -60.47
C ASP A 514 -8.02 -18.93 -60.23
N TRP A 515 -7.24 -18.49 -59.26
CA TRP A 515 -7.35 -17.17 -58.65
C TRP A 515 -7.25 -15.99 -59.59
N GLY A 516 -6.34 -16.09 -60.55
CA GLY A 516 -6.07 -15.00 -61.50
C GLY A 516 -7.27 -14.66 -62.38
N ARG A 517 -8.23 -15.56 -62.46
CA ARG A 517 -9.47 -15.26 -63.15
C ARG A 517 -10.19 -14.12 -62.43
N PRO A 518 -10.74 -13.14 -63.19
CA PRO A 518 -11.68 -12.18 -62.62
C PRO A 518 -12.98 -12.93 -62.35
N ASP A 519 -13.57 -12.75 -61.18
CA ASP A 519 -14.76 -13.51 -60.76
C ASP A 519 -14.45 -14.49 -59.66
N VAL A 520 -13.28 -15.10 -59.71
CA VAL A 520 -12.92 -16.06 -58.67
C VAL A 520 -12.98 -15.46 -57.26
N ALA A 521 -12.32 -14.31 -57.06
CA ALA A 521 -12.21 -13.73 -55.72
C ALA A 521 -13.59 -13.40 -55.11
N GLU A 522 -14.51 -12.93 -55.97
CA GLU A 522 -15.86 -12.53 -55.55
C GLU A 522 -16.65 -13.77 -55.08
N TRP A 523 -16.61 -14.81 -55.90
CA TRP A 523 -17.14 -16.12 -55.56
C TRP A 523 -16.54 -16.68 -54.24
N TRP A 524 -15.23 -16.61 -54.09
CA TRP A 524 -14.59 -17.18 -52.90
C TRP A 524 -15.04 -16.48 -51.63
N GLY A 525 -15.00 -15.15 -51.65
CA GLY A 525 -15.29 -14.37 -50.45
C GLY A 525 -16.72 -14.56 -50.01
N ASN A 526 -17.60 -14.73 -50.99
CA ASN A 526 -18.99 -14.89 -50.67
C ASN A 526 -19.33 -16.19 -49.93
N ASN A 527 -18.50 -17.22 -50.12
CA ASN A 527 -18.74 -18.49 -49.47
C ASN A 527 -18.71 -18.38 -47.94
N TYR A 528 -17.94 -17.41 -47.45
CA TYR A 528 -17.72 -17.20 -46.01
C TYR A 528 -18.99 -16.79 -45.25
N LYS A 529 -19.94 -16.20 -45.96
CA LYS A 529 -21.27 -15.91 -45.43
C LYS A 529 -21.89 -17.11 -44.72
N LYS A 530 -21.72 -18.30 -45.30
CA LYS A 530 -22.28 -19.54 -44.77
C LYS A 530 -21.77 -19.86 -43.36
N LEU A 531 -20.64 -19.27 -42.99
CA LEU A 531 -20.03 -19.48 -41.70
C LEU A 531 -20.13 -18.26 -40.79
N PHE A 532 -20.04 -17.07 -41.38
CA PHE A 532 -20.17 -15.86 -40.57
C PHE A 532 -21.56 -15.74 -39.95
N SER A 533 -22.56 -16.19 -40.69
CA SER A 533 -23.94 -16.07 -40.28
C SER A 533 -24.34 -17.05 -39.18
N ILE A 534 -23.54 -18.09 -38.96
CA ILE A 534 -23.78 -19.01 -37.87
C ILE A 534 -22.79 -18.76 -36.71
N GLY A 535 -22.12 -17.62 -36.75
CA GLY A 535 -21.37 -17.14 -35.59
C GLY A 535 -19.87 -17.09 -35.65
N LEU A 536 -19.29 -17.50 -36.79
CA LEU A 536 -17.82 -17.50 -36.93
C LEU A 536 -17.18 -16.10 -36.81
N ASP A 537 -16.11 -16.00 -36.03
CA ASP A 537 -15.50 -14.69 -35.76
C ASP A 537 -14.29 -14.38 -36.63
N PHE A 538 -13.37 -15.33 -36.79
CA PHE A 538 -12.25 -15.17 -37.73
C PHE A 538 -11.77 -16.44 -38.43
N VAL A 539 -10.75 -16.28 -39.25
CA VAL A 539 -10.37 -17.28 -40.23
C VAL A 539 -8.96 -17.81 -39.94
N TRP A 540 -8.82 -19.12 -40.07
CA TRP A 540 -7.55 -19.80 -39.88
C TRP A 540 -7.30 -20.47 -41.24
N GLN A 541 -6.36 -19.94 -42.01
CA GLN A 541 -6.15 -20.34 -43.40
C GLN A 541 -5.07 -21.41 -43.50
N ASP A 542 -5.44 -22.57 -44.03
CA ASP A 542 -4.56 -23.75 -44.02
C ASP A 542 -4.31 -24.37 -45.40
N MET A 543 -3.24 -25.16 -45.49
CA MET A 543 -2.86 -25.91 -46.69
C MET A 543 -2.86 -24.97 -47.89
N THR A 544 -2.22 -23.82 -47.73
CA THR A 544 -2.41 -22.71 -48.68
C THR A 544 -1.50 -22.78 -49.89
N VAL A 545 -0.60 -23.76 -49.89
CA VAL A 545 0.45 -23.82 -50.90
C VAL A 545 -0.07 -23.69 -52.34
N PRO A 546 -1.14 -24.43 -52.73
CA PRO A 546 -2.02 -25.37 -52.00
C PRO A 546 -1.37 -26.73 -51.73
N ALA A 547 -1.41 -27.17 -50.47
CA ALA A 547 -0.69 -28.37 -50.04
C ALA A 547 -1.41 -29.65 -50.45
N MET A 548 -1.01 -30.24 -51.57
CA MET A 548 -1.66 -31.48 -52.03
C MET A 548 -0.91 -32.72 -51.53
N MET A 549 -1.55 -33.89 -51.67
CA MET A 549 -0.90 -35.18 -51.40
C MET A 549 0.21 -35.38 -52.45
N PRO A 550 1.40 -35.86 -52.01
CA PRO A 550 2.46 -36.16 -52.97
C PRO A 550 1.92 -37.07 -54.05
N HIS A 551 2.27 -36.80 -55.30
CA HIS A 551 1.69 -37.53 -56.41
C HIS A 551 2.62 -37.53 -57.62
N LYS A 552 2.86 -38.72 -58.17
CA LYS A 552 3.64 -38.89 -59.37
C LYS A 552 2.69 -39.02 -60.53
N ILE A 553 2.97 -38.29 -61.62
CA ILE A 553 2.23 -38.43 -62.86
C ILE A 553 2.17 -39.91 -63.21
N GLY A 554 1.07 -40.32 -63.85
CA GLY A 554 0.89 -41.72 -64.18
C GLY A 554 0.05 -42.47 -63.18
N ASP A 555 0.33 -42.27 -61.89
CA ASP A 555 -0.39 -42.91 -60.79
C ASP A 555 -1.83 -42.41 -60.62
N ASP A 556 -2.71 -43.30 -60.16
CA ASP A 556 -4.09 -42.94 -59.84
C ASP A 556 -4.15 -41.78 -58.84
N ILE A 557 -5.14 -40.91 -59.01
CA ILE A 557 -5.17 -39.63 -58.29
C ILE A 557 -5.04 -39.74 -56.76
N ASN A 558 -5.49 -40.86 -56.21
CA ASN A 558 -5.44 -41.11 -54.77
C ASN A 558 -4.24 -41.93 -54.26
N VAL A 559 -3.29 -42.20 -55.15
CA VAL A 559 -2.09 -42.94 -54.78
C VAL A 559 -0.85 -42.04 -54.71
N LYS A 560 -0.16 -42.09 -53.57
CA LYS A 560 1.08 -41.36 -53.41
C LYS A 560 2.26 -42.21 -53.88
N PRO A 561 3.39 -41.56 -54.22
CA PRO A 561 4.56 -42.39 -54.50
C PRO A 561 5.23 -42.88 -53.23
N ASP A 562 6.09 -43.88 -53.38
CA ASP A 562 6.97 -44.30 -52.29
C ASP A 562 7.59 -43.06 -51.64
N GLY A 563 7.61 -43.05 -50.32
CA GLY A 563 8.16 -41.94 -49.55
C GLY A 563 9.59 -41.56 -49.90
N ASN A 564 10.38 -42.53 -50.34
CA ASN A 564 11.78 -42.31 -50.70
C ASN A 564 11.97 -41.57 -52.02
N TRP A 565 10.92 -41.59 -52.83
CA TRP A 565 10.92 -40.98 -54.15
C TRP A 565 10.29 -39.57 -54.12
N PRO A 566 10.88 -38.61 -54.85
CA PRO A 566 12.07 -38.77 -55.70
C PRO A 566 13.35 -38.59 -54.91
N ASN A 567 14.48 -38.89 -55.54
CA ASN A 567 15.80 -38.78 -54.93
C ASN A 567 16.85 -38.55 -56.02
N ALA A 568 18.11 -38.36 -55.63
CA ALA A 568 19.21 -38.13 -56.58
C ALA A 568 19.40 -39.21 -57.63
N ASP A 569 19.20 -40.47 -57.23
CA ASP A 569 19.43 -41.63 -58.10
C ASP A 569 18.16 -41.93 -58.87
N ASP A 570 17.03 -41.46 -58.34
CA ASP A 570 15.76 -41.60 -59.01
C ASP A 570 15.01 -40.27 -59.01
N PRO A 571 15.48 -39.27 -59.80
CA PRO A 571 14.92 -37.91 -59.79
C PRO A 571 13.48 -37.88 -60.25
N SER A 572 12.79 -36.80 -59.91
CA SER A 572 11.43 -36.57 -60.36
C SER A 572 11.30 -36.55 -61.87
N ASN A 573 12.24 -35.90 -62.56
CA ASN A 573 12.15 -35.71 -64.02
C ASN A 573 10.79 -35.16 -64.50
N GLY A 574 10.33 -34.12 -63.82
CA GLY A 574 9.06 -33.47 -64.13
C GLY A 574 7.81 -34.33 -63.92
N GLN A 575 7.87 -35.25 -62.95
CA GLN A 575 6.75 -36.16 -62.70
C GLN A 575 6.19 -36.03 -61.30
N TYR A 576 7.00 -35.49 -60.38
CA TYR A 576 6.55 -35.23 -59.03
C TYR A 576 5.76 -33.93 -59.04
N ASN A 577 4.65 -33.94 -58.29
CA ASN A 577 3.81 -32.74 -58.09
C ASN A 577 4.38 -31.78 -57.06
N TRP A 578 5.37 -32.25 -56.31
CA TRP A 578 6.03 -31.47 -55.23
C TRP A 578 5.07 -31.01 -54.13
N LYS A 579 4.09 -31.88 -53.84
CA LYS A 579 3.11 -31.69 -52.75
C LYS A 579 2.27 -30.42 -52.91
N THR A 580 1.80 -30.23 -54.14
CA THR A 580 1.04 -29.05 -54.55
C THR A 580 0.60 -29.33 -55.98
N TYR A 581 0.28 -28.28 -56.77
CA TYR A 581 -0.02 -28.48 -58.20
C TYR A 581 1.20 -29.09 -58.89
N HIS A 582 0.97 -30.03 -59.80
CA HIS A 582 2.01 -30.45 -60.72
C HIS A 582 2.45 -29.18 -61.43
N PRO A 583 3.72 -28.78 -61.24
CA PRO A 583 4.19 -27.44 -61.64
C PRO A 583 4.00 -27.11 -63.14
N GLN A 584 3.59 -28.09 -63.95
CA GLN A 584 3.34 -27.89 -65.40
C GLN A 584 2.01 -27.19 -65.66
N VAL A 585 1.15 -27.12 -64.65
CA VAL A 585 -0.24 -26.67 -64.87
C VAL A 585 -0.32 -25.15 -65.18
N LEU A 586 -1.10 -24.83 -66.21
CA LEU A 586 -1.40 -23.46 -66.62
C LEU A 586 -2.45 -22.81 -65.73
N VAL A 587 -1.98 -21.96 -64.79
CA VAL A 587 -2.81 -21.15 -63.89
C VAL A 587 -2.97 -19.74 -64.48
N THR A 588 -4.16 -19.17 -64.35
CA THR A 588 -4.41 -17.82 -64.85
C THR A 588 -3.54 -16.86 -64.04
N ASP A 589 -2.86 -15.94 -64.73
CA ASP A 589 -1.76 -15.19 -64.12
C ASP A 589 -2.17 -14.44 -62.89
N MET A 590 -1.51 -14.72 -61.78
CA MET A 590 -1.80 -14.02 -60.54
C MET A 590 -1.07 -12.68 -60.48
N ARG A 591 0.05 -12.57 -61.19
CA ARG A 591 0.90 -11.40 -61.05
C ARG A 591 0.34 -10.30 -61.94
N TYR A 592 -0.08 -10.66 -63.16
CA TYR A 592 -0.57 -9.67 -64.08
C TYR A 592 -1.99 -9.99 -64.48
N GLU A 593 -2.93 -9.14 -64.08
CA GLU A 593 -4.30 -9.32 -64.53
C GLU A 593 -4.33 -9.07 -66.05
N ASN A 594 -5.19 -9.84 -66.73
CA ASN A 594 -5.46 -9.66 -68.16
C ASN A 594 -4.31 -10.11 -69.06
N HIS A 595 -3.60 -11.13 -68.60
CA HIS A 595 -2.30 -11.48 -69.17
C HIS A 595 -2.23 -12.95 -69.61
N GLY A 596 -3.33 -13.69 -69.47
CA GLY A 596 -3.38 -15.09 -69.91
C GLY A 596 -2.95 -16.05 -68.83
N ARG A 597 -2.39 -17.18 -69.24
CA ARG A 597 -1.95 -18.19 -68.26
C ARG A 597 -0.48 -18.55 -68.46
N GLU A 598 0.20 -18.75 -67.35
CA GLU A 598 1.56 -19.22 -67.27
C GLU A 598 1.51 -20.55 -66.47
N PRO A 599 2.56 -21.39 -66.57
CA PRO A 599 2.53 -22.56 -65.69
C PRO A 599 2.98 -22.16 -64.30
N MET A 600 2.46 -22.86 -63.31
CA MET A 600 2.47 -22.44 -61.92
C MET A 600 3.88 -22.32 -61.31
N VAL A 601 4.85 -22.97 -61.96
CA VAL A 601 6.25 -22.87 -61.62
C VAL A 601 6.75 -21.41 -61.56
N THR A 602 6.19 -20.60 -62.47
CA THR A 602 6.47 -19.16 -62.57
C THR A 602 6.03 -18.32 -61.36
N GLN A 603 5.07 -18.83 -60.59
CA GLN A 603 4.41 -18.01 -59.56
C GLN A 603 4.07 -18.70 -58.23
N ARG A 604 4.65 -19.87 -58.02
CA ARG A 604 4.26 -20.73 -56.91
C ARG A 604 4.13 -19.97 -55.56
N ASN A 605 5.05 -19.05 -55.29
CA ASN A 605 5.04 -18.40 -53.97
C ASN A 605 4.04 -17.25 -53.84
N ILE A 606 3.26 -16.97 -54.90
CA ILE A 606 2.23 -15.96 -54.73
C ILE A 606 0.85 -16.54 -54.38
N HIS A 607 0.67 -17.86 -54.47
CA HIS A 607 -0.68 -18.46 -54.50
C HIS A 607 -1.34 -18.22 -53.14
N ALA A 608 -0.64 -18.55 -52.08
CA ALA A 608 -1.17 -18.34 -50.75
C ALA A 608 -1.51 -16.85 -50.53
N TYR A 609 -0.57 -15.96 -50.89
CA TYR A 609 -0.76 -14.50 -50.74
C TYR A 609 -2.06 -14.14 -51.45
N THR A 610 -2.24 -14.67 -52.65
CA THR A 610 -3.45 -14.37 -53.40
C THR A 610 -4.70 -14.87 -52.67
N LEU A 611 -4.63 -16.06 -52.05
CA LEU A 611 -5.81 -16.61 -51.38
C LEU A 611 -6.22 -15.80 -50.15
N CYS A 612 -5.24 -15.48 -49.29
CA CYS A 612 -5.43 -14.59 -48.17
C CYS A 612 -5.96 -13.23 -48.59
N GLU A 613 -5.50 -12.74 -49.74
CA GLU A 613 -5.95 -11.45 -50.26
C GLU A 613 -7.43 -11.49 -50.50
N SER A 614 -7.86 -12.39 -51.40
CA SER A 614 -9.26 -12.69 -51.64
C SER A 614 -10.13 -12.95 -50.40
N THR A 615 -9.59 -13.65 -49.41
CA THR A 615 -10.33 -13.88 -48.15
C THR A 615 -10.55 -12.53 -47.45
N ARG A 616 -9.50 -11.73 -47.37
CA ARG A 616 -9.54 -10.40 -46.79
C ARG A 616 -10.56 -9.46 -47.48
N LYS A 617 -10.38 -9.22 -48.78
CA LYS A 617 -11.09 -8.16 -49.45
C LYS A 617 -12.54 -8.56 -49.69
N GLU A 618 -12.74 -9.77 -50.23
CA GLU A 618 -14.06 -10.24 -50.59
C GLU A 618 -14.74 -11.07 -49.48
N GLY A 619 -13.96 -11.50 -48.48
CA GLY A 619 -14.47 -12.32 -47.37
C GLY A 619 -14.70 -11.53 -46.10
N ILE A 620 -13.64 -11.16 -45.42
CA ILE A 620 -13.75 -10.41 -44.18
C ILE A 620 -14.36 -9.01 -44.38
N VAL A 621 -14.12 -8.39 -45.54
CA VAL A 621 -14.37 -6.97 -45.67
C VAL A 621 -15.72 -6.68 -46.26
N GLU A 622 -15.95 -7.21 -47.46
CA GLU A 622 -17.18 -7.03 -48.22
C GLU A 622 -18.42 -7.66 -47.59
N ASN A 623 -18.22 -8.67 -46.75
CA ASN A 623 -19.34 -9.37 -46.11
C ASN A 623 -19.33 -9.19 -44.61
N ALA A 624 -18.74 -8.09 -44.18
CA ALA A 624 -18.72 -7.68 -42.79
C ALA A 624 -20.11 -7.57 -42.18
N ASP A 625 -21.11 -7.31 -43.01
CA ASP A 625 -22.50 -7.21 -42.57
C ASP A 625 -22.93 -8.44 -41.78
N THR A 626 -22.51 -9.61 -42.26
CA THR A 626 -22.92 -10.88 -41.69
C THR A 626 -22.07 -11.27 -40.46
N LEU A 627 -20.90 -10.67 -40.31
CA LEU A 627 -20.17 -10.86 -39.05
C LEU A 627 -21.12 -10.56 -37.92
N THR A 628 -21.30 -11.54 -37.02
CA THR A 628 -22.27 -11.39 -35.95
C THR A 628 -21.77 -10.44 -34.85
N LYS A 629 -20.96 -10.94 -33.94
CA LYS A 629 -20.61 -10.19 -32.73
C LYS A 629 -19.49 -9.15 -32.87
N PHE A 630 -18.58 -9.36 -33.82
CA PHE A 630 -17.50 -8.40 -34.11
C PHE A 630 -17.38 -8.17 -35.63
N ARG A 631 -17.57 -6.93 -36.07
CA ARG A 631 -17.55 -6.61 -37.52
C ARG A 631 -16.11 -6.67 -38.08
N ARG A 632 -15.12 -6.40 -37.22
CA ARG A 632 -13.72 -6.61 -37.60
C ARG A 632 -13.41 -8.09 -37.50
N SER A 633 -12.72 -8.63 -38.50
CA SER A 633 -12.24 -10.00 -38.42
C SER A 633 -10.75 -10.05 -38.78
N TYR A 634 -10.15 -11.23 -38.75
CA TYR A 634 -8.73 -11.37 -39.02
C TYR A 634 -8.49 -12.68 -39.69
N ILE A 635 -7.25 -12.86 -40.18
CA ILE A 635 -6.86 -14.09 -40.85
C ILE A 635 -5.58 -14.52 -40.22
N ILE A 636 -5.51 -15.81 -39.91
CA ILE A 636 -4.26 -16.42 -39.55
C ILE A 636 -4.00 -17.45 -40.64
N SER A 637 -3.00 -17.14 -41.48
CA SER A 637 -2.52 -18.05 -42.54
C SER A 637 -1.30 -18.90 -42.20
N ARG A 638 -1.21 -20.02 -42.92
CA ARG A 638 -0.05 -20.90 -42.91
C ARG A 638 0.97 -20.58 -44.02
N GLY A 639 0.47 -20.17 -45.19
CA GLY A 639 1.36 -19.72 -46.26
C GLY A 639 1.21 -18.24 -46.61
N GLY A 640 2.18 -17.73 -47.37
CA GLY A 640 2.17 -16.34 -47.83
C GLY A 640 3.54 -15.86 -48.33
N TYR A 641 3.61 -14.57 -48.57
CA TYR A 641 4.65 -13.98 -49.39
C TYR A 641 4.69 -12.57 -48.88
N ILE A 642 5.81 -11.90 -49.10
CA ILE A 642 6.07 -10.57 -48.46
C ILE A 642 4.85 -9.70 -48.80
N GLY A 643 4.28 -9.02 -47.80
CA GLY A 643 3.04 -8.25 -48.03
C GLY A 643 1.78 -8.84 -47.41
N ASN A 644 1.85 -10.10 -46.96
CA ASN A 644 0.75 -10.75 -46.23
C ASN A 644 0.12 -10.01 -45.06
N GLN A 645 0.88 -9.12 -44.43
CA GLN A 645 0.41 -8.38 -43.25
C GLN A 645 -0.84 -7.49 -43.52
N HIS A 646 -1.00 -6.99 -44.74
CA HIS A 646 -2.23 -6.29 -45.14
C HIS A 646 -3.45 -7.23 -45.18
N PHE A 647 -3.24 -8.49 -44.82
CA PHE A 647 -4.30 -9.49 -44.80
C PHE A 647 -4.52 -10.08 -43.43
N GLY A 648 -3.46 -10.25 -42.66
CA GLY A 648 -3.61 -10.89 -41.39
C GLY A 648 -2.25 -11.22 -40.78
N GLY A 649 -2.26 -12.28 -40.00
CA GLY A 649 -1.02 -12.87 -39.53
C GLY A 649 -0.84 -14.28 -39.99
N MET A 650 0.08 -14.94 -39.31
CA MET A 650 0.60 -16.26 -39.67
C MET A 650 0.81 -17.10 -38.44
N TRP A 651 0.66 -18.40 -38.59
CA TRP A 651 1.39 -19.27 -37.66
C TRP A 651 2.29 -20.20 -38.46
N VAL A 652 3.35 -20.66 -37.85
CA VAL A 652 4.40 -21.40 -38.54
C VAL A 652 4.04 -22.89 -38.74
N GLY A 653 2.93 -23.16 -39.44
CA GLY A 653 2.44 -24.52 -39.64
C GLY A 653 2.77 -25.56 -38.56
N ASP A 654 3.05 -26.79 -38.99
CA ASP A 654 3.17 -27.92 -38.07
C ASP A 654 4.57 -28.10 -37.49
N ASN A 655 4.79 -27.53 -36.31
CA ASN A 655 6.00 -27.79 -35.51
C ASN A 655 5.81 -29.05 -34.64
N SER A 656 6.67 -29.23 -33.64
CA SER A 656 6.65 -30.40 -32.77
C SER A 656 7.12 -30.02 -31.37
N THR A 657 7.24 -31.03 -30.53
CA THR A 657 7.22 -30.86 -29.11
C THR A 657 8.61 -31.18 -28.54
N THR A 658 9.59 -30.36 -28.91
CA THR A 658 10.96 -30.50 -28.40
C THR A 658 11.49 -29.11 -28.13
N SER A 659 12.55 -29.02 -27.31
CA SER A 659 13.29 -27.80 -27.05
C SER A 659 13.67 -27.06 -28.31
N ASN A 660 14.23 -27.76 -29.30
CA ASN A 660 14.60 -27.14 -30.57
C ASN A 660 13.47 -26.33 -31.20
N TYR A 661 12.23 -26.82 -31.08
CA TYR A 661 11.09 -26.15 -31.72
C TYR A 661 10.69 -24.92 -30.91
N ILE A 662 11.05 -24.88 -29.62
CA ILE A 662 10.85 -23.68 -28.85
C ILE A 662 11.82 -22.69 -29.49
N GLN A 663 13.10 -23.07 -29.52
CA GLN A 663 14.19 -22.25 -30.11
C GLN A 663 13.82 -21.68 -31.48
N MET A 664 13.32 -22.54 -32.36
CA MET A 664 12.90 -22.14 -33.69
C MET A 664 11.74 -21.14 -33.66
N MET A 665 10.84 -21.33 -32.68
CA MET A 665 9.63 -20.47 -32.56
C MET A 665 10.04 -19.05 -32.22
N ILE A 666 10.97 -18.87 -31.27
CA ILE A 666 11.50 -17.54 -31.00
C ILE A 666 12.14 -16.95 -32.24
N ALA A 667 12.96 -17.74 -32.92
CA ALA A 667 13.71 -17.27 -34.08
C ALA A 667 12.79 -16.87 -35.14
N ASN A 668 11.80 -17.72 -35.44
CA ASN A 668 10.85 -17.42 -36.51
C ASN A 668 10.14 -16.13 -36.19
N ASN A 669 9.96 -15.83 -34.90
CA ASN A 669 8.97 -14.82 -34.63
C ASN A 669 9.64 -13.50 -34.83
N ILE A 670 10.88 -13.43 -34.36
CA ILE A 670 11.76 -12.33 -34.60
C ILE A 670 12.00 -12.09 -36.08
N ASN A 671 12.44 -13.13 -36.79
CA ASN A 671 12.69 -13.00 -38.25
C ASN A 671 11.50 -12.61 -39.07
N MET A 672 10.34 -13.16 -38.74
CA MET A 672 9.15 -12.91 -39.57
C MET A 672 8.69 -11.46 -39.34
N ASN A 673 8.93 -10.96 -38.13
CA ASN A 673 8.64 -9.58 -37.77
C ASN A 673 9.42 -8.58 -38.60
N MET A 674 10.67 -8.91 -38.94
CA MET A 674 11.59 -7.96 -39.59
C MET A 674 11.46 -8.13 -41.08
N SER A 675 10.66 -9.11 -41.45
CA SER A 675 10.20 -9.28 -42.80
C SER A 675 8.80 -8.66 -42.93
N CYS A 676 8.44 -7.78 -41.99
CA CYS A 676 7.13 -7.07 -42.06
C CYS A 676 5.90 -7.99 -41.97
N LEU A 677 6.02 -9.08 -41.22
CA LEU A 677 4.84 -9.86 -40.88
C LEU A 677 4.89 -10.05 -39.36
N PRO A 678 4.22 -9.15 -38.62
CA PRO A 678 4.37 -9.07 -37.17
C PRO A 678 3.39 -9.98 -36.42
N LEU A 679 2.24 -10.30 -37.02
CA LEU A 679 1.30 -11.10 -36.22
C LEU A 679 1.41 -12.62 -36.46
N VAL A 680 2.34 -13.19 -35.72
CA VAL A 680 2.83 -14.53 -35.97
C VAL A 680 3.06 -15.23 -34.66
N GLY A 681 2.85 -16.54 -34.68
CA GLY A 681 3.32 -17.42 -33.63
C GLY A 681 3.39 -18.87 -34.09
N SER A 682 3.81 -19.75 -33.18
CA SER A 682 3.89 -21.20 -33.46
C SER A 682 3.02 -21.97 -32.45
N ASP A 683 2.34 -23.04 -32.87
CA ASP A 683 1.48 -23.80 -31.98
C ASP A 683 2.21 -24.06 -30.63
N ILE A 684 1.62 -23.63 -29.51
CA ILE A 684 2.30 -23.75 -28.16
C ILE A 684 2.20 -25.17 -27.63
N GLY A 685 3.35 -25.84 -27.47
CA GLY A 685 3.35 -27.27 -27.16
C GLY A 685 3.72 -28.12 -28.35
N GLY A 686 3.86 -27.49 -29.52
CA GLY A 686 4.17 -28.20 -30.76
C GLY A 686 2.92 -28.92 -31.17
N PHE A 687 2.68 -28.96 -32.47
CA PHE A 687 1.55 -29.65 -33.07
C PHE A 687 1.74 -31.19 -33.06
N THR A 688 2.84 -31.69 -33.62
CA THR A 688 3.03 -33.14 -33.85
C THR A 688 3.53 -33.90 -32.64
N SER A 689 3.30 -35.22 -32.66
CA SER A 689 3.94 -36.19 -31.75
C SER A 689 5.45 -36.08 -31.88
N TYR A 690 6.14 -36.31 -30.77
CA TYR A 690 7.59 -36.24 -30.72
C TYR A 690 8.24 -37.52 -30.16
N ASP A 691 7.45 -38.38 -29.52
CA ASP A 691 7.98 -39.61 -28.90
C ASP A 691 7.97 -40.76 -29.88
N ASN A 692 9.17 -41.17 -30.31
CA ASN A 692 9.37 -42.15 -31.37
C ASN A 692 8.95 -43.57 -31.00
N GLU A 693 8.89 -43.86 -29.70
CA GLU A 693 8.52 -45.18 -29.20
C GLU A 693 7.01 -45.30 -29.07
N ASN A 694 6.37 -44.22 -28.61
CA ASN A 694 4.92 -44.15 -28.46
C ASN A 694 4.46 -42.74 -28.84
N GLN A 695 3.81 -42.63 -30.00
CA GLN A 695 3.43 -41.34 -30.56
C GLN A 695 2.43 -40.56 -29.70
N ARG A 696 1.64 -41.29 -28.92
CA ARG A 696 0.61 -40.70 -28.09
C ARG A 696 1.11 -39.98 -26.82
N THR A 697 2.37 -40.18 -26.42
CA THR A 697 2.88 -39.50 -25.22
C THR A 697 2.68 -37.98 -25.40
N PRO A 698 2.04 -37.33 -24.42
CA PRO A 698 1.82 -35.89 -24.53
C PRO A 698 3.07 -35.10 -24.13
N CYS A 699 3.13 -33.84 -24.58
CA CYS A 699 4.18 -32.90 -24.19
C CYS A 699 4.38 -32.96 -22.68
N THR A 700 5.63 -32.99 -22.20
CA THR A 700 5.86 -33.00 -20.75
C THR A 700 5.45 -31.68 -20.09
N GLY A 701 5.38 -31.68 -18.76
CA GLY A 701 5.00 -30.51 -18.01
C GLY A 701 6.04 -29.41 -18.09
N ASP A 702 7.30 -29.75 -17.85
CA ASP A 702 8.37 -28.78 -17.96
C ASP A 702 8.50 -28.14 -19.34
N LEU A 703 8.36 -28.93 -20.39
CA LEU A 703 8.48 -28.36 -21.73
C LEU A 703 7.34 -27.40 -22.05
N MET A 704 6.13 -27.78 -21.65
CA MET A 704 4.96 -26.93 -21.82
C MET A 704 5.12 -25.62 -21.06
N VAL A 705 5.61 -25.71 -19.82
CA VAL A 705 5.84 -24.52 -19.05
C VAL A 705 6.72 -23.61 -19.88
N ARG A 706 7.86 -24.13 -20.34
CA ARG A 706 8.79 -23.31 -21.13
C ARG A 706 8.19 -22.90 -22.49
N TYR A 707 7.41 -23.78 -23.10
CA TYR A 707 6.79 -23.42 -24.37
C TYR A 707 5.91 -22.21 -24.07
N VAL A 708 5.24 -22.27 -22.92
CA VAL A 708 4.28 -21.26 -22.56
C VAL A 708 4.96 -19.96 -22.19
N GLN A 709 5.96 -20.04 -21.30
CA GLN A 709 6.77 -18.88 -20.95
C GLN A 709 7.35 -18.19 -22.20
N ALA A 710 7.91 -18.96 -23.13
CA ALA A 710 8.43 -18.42 -24.40
C ALA A 710 7.38 -17.81 -25.31
N GLY A 711 6.15 -18.35 -25.27
CA GLY A 711 5.15 -18.00 -26.31
C GLY A 711 4.29 -16.83 -25.86
N CYS A 712 4.49 -16.40 -24.60
CA CYS A 712 3.44 -15.66 -23.92
C CYS A 712 3.32 -14.18 -24.27
N LEU A 713 4.35 -13.64 -24.91
CA LEU A 713 4.31 -12.25 -25.34
C LEU A 713 4.42 -12.16 -26.84
N LEU A 714 4.63 -13.29 -27.49
CA LEU A 714 4.73 -13.27 -28.92
C LEU A 714 3.34 -12.90 -29.46
N PRO A 715 3.29 -12.18 -30.59
CA PRO A 715 1.98 -11.75 -31.08
C PRO A 715 0.90 -12.81 -31.02
N TRP A 716 1.18 -14.03 -31.43
CA TRP A 716 0.06 -14.98 -31.62
C TRP A 716 0.29 -16.22 -30.75
N PHE A 717 -0.63 -16.40 -29.79
CA PHE A 717 -0.52 -17.35 -28.69
C PHE A 717 -1.60 -18.42 -28.66
N ARG A 718 -1.29 -19.58 -29.24
CA ARG A 718 -2.27 -20.63 -29.36
C ARG A 718 -1.62 -21.96 -29.03
N ASN A 719 -2.31 -22.75 -28.21
CA ASN A 719 -1.99 -24.15 -28.05
C ASN A 719 -2.80 -24.87 -29.09
N HIS A 720 -2.12 -25.51 -30.05
CA HIS A 720 -2.79 -26.36 -31.01
C HIS A 720 -1.97 -27.65 -31.17
N TYR A 721 -2.65 -28.74 -31.53
CA TYR A 721 -2.05 -30.07 -31.60
C TYR A 721 -2.88 -31.13 -32.31
N ASP A 722 -2.16 -32.16 -32.74
CA ASP A 722 -2.73 -33.35 -33.34
C ASP A 722 -3.07 -34.30 -32.21
N ARG A 723 -4.36 -34.59 -32.06
CA ARG A 723 -4.85 -35.41 -30.97
C ARG A 723 -5.14 -36.79 -31.49
N TRP A 724 -4.59 -37.78 -30.79
CA TRP A 724 -4.84 -39.17 -31.15
C TRP A 724 -6.29 -39.56 -30.82
N ILE A 725 -7.05 -39.98 -31.82
CA ILE A 725 -8.41 -40.50 -31.59
C ILE A 725 -8.66 -41.74 -32.44
N GLU A 726 -9.58 -42.59 -32.01
CA GLU A 726 -9.84 -43.87 -32.68
C GLU A 726 -9.91 -43.73 -34.20
N SER A 727 -10.64 -42.72 -34.67
CA SER A 727 -10.93 -42.58 -36.09
C SER A 727 -9.90 -41.69 -36.81
N LYS A 728 -8.92 -41.22 -36.05
CA LYS A 728 -7.77 -40.54 -36.63
C LYS A 728 -6.57 -40.86 -35.74
N ASP A 729 -6.03 -42.06 -35.96
CA ASP A 729 -5.06 -42.65 -35.07
C ASP A 729 -3.62 -42.15 -35.30
N HIS A 730 -3.44 -40.83 -35.30
CA HIS A 730 -2.11 -40.24 -35.15
C HIS A 730 -2.18 -39.03 -34.22
N GLY A 731 -1.20 -38.92 -33.32
CA GLY A 731 -1.10 -37.75 -32.47
C GLY A 731 -0.88 -38.07 -31.01
N LYS A 732 -1.02 -37.04 -30.17
CA LYS A 732 -0.90 -37.20 -28.74
C LYS A 732 -2.28 -37.30 -28.04
N ASP A 733 -2.25 -37.71 -26.77
CA ASP A 733 -3.46 -38.01 -26.00
C ASP A 733 -4.24 -36.76 -25.66
N TYR A 734 -3.49 -35.73 -25.28
CA TYR A 734 -4.02 -34.44 -24.88
C TYR A 734 -2.88 -33.42 -24.87
N GLN A 735 -3.20 -32.12 -24.73
CA GLN A 735 -2.15 -31.08 -24.65
C GLN A 735 -2.58 -29.77 -23.97
N GLU A 736 -3.79 -29.76 -23.41
CA GLU A 736 -4.41 -28.54 -22.91
C GLU A 736 -3.81 -28.15 -21.57
N LEU A 737 -3.76 -26.85 -21.27
CA LEU A 737 -2.99 -26.41 -20.07
C LEU A 737 -3.58 -26.94 -18.76
N TYR A 738 -4.89 -27.14 -18.78
CA TYR A 738 -5.60 -27.62 -17.60
C TYR A 738 -5.25 -29.08 -17.28
N MET A 739 -4.80 -29.80 -18.29
CA MET A 739 -4.36 -31.20 -18.13
C MET A 739 -3.02 -31.36 -17.41
N TYR A 740 -2.50 -30.28 -16.84
CA TYR A 740 -1.20 -30.35 -16.16
C TYR A 740 -1.28 -29.93 -14.72
N PRO A 741 -1.80 -30.82 -13.84
CA PRO A 741 -1.99 -30.55 -12.42
C PRO A 741 -0.78 -29.94 -11.74
N ASN A 742 0.38 -30.55 -11.92
CA ASN A 742 1.58 -30.09 -11.21
C ASN A 742 2.01 -28.69 -11.63
N GLU A 743 1.60 -28.28 -12.82
CA GLU A 743 2.13 -27.05 -13.39
C GLU A 743 1.08 -25.97 -13.53
N MET A 744 -0.21 -26.36 -13.49
CA MET A 744 -1.35 -25.46 -13.68
C MET A 744 -1.13 -24.03 -13.13
N ASP A 745 -0.76 -23.93 -11.86
CA ASP A 745 -0.51 -22.62 -11.25
C ASP A 745 0.54 -21.72 -11.94
N THR A 746 1.49 -22.31 -12.65
CA THR A 746 2.47 -21.59 -13.48
C THR A 746 1.88 -21.36 -14.90
N LEU A 747 1.20 -22.36 -15.42
CA LEU A 747 0.60 -22.17 -16.71
C LEU A 747 -0.35 -20.96 -16.63
N ARG A 748 -1.34 -21.04 -15.74
CA ARG A 748 -2.33 -20.00 -15.53
C ARG A 748 -1.74 -18.58 -15.37
N LYS A 749 -0.79 -18.38 -14.46
CA LYS A 749 -0.25 -17.04 -14.25
C LYS A 749 0.40 -16.40 -15.48
N PHE A 750 1.19 -17.14 -16.25
CA PHE A 750 1.76 -16.55 -17.46
C PHE A 750 0.67 -16.22 -18.50
N VAL A 751 -0.46 -16.92 -18.45
CA VAL A 751 -1.55 -16.54 -19.42
C VAL A 751 -2.20 -15.28 -18.87
N GLU A 752 -2.05 -15.08 -17.55
CA GLU A 752 -2.64 -13.93 -16.85
C GLU A 752 -1.82 -12.68 -17.17
N PHE A 753 -0.53 -12.70 -16.78
CA PHE A 753 0.52 -11.80 -17.26
C PHE A 753 0.30 -11.31 -18.70
N ARG A 754 0.14 -12.23 -19.64
CA ARG A 754 -0.12 -11.81 -21.02
C ARG A 754 -1.33 -10.88 -20.99
N TYR A 755 -2.47 -11.41 -20.55
CA TYR A 755 -3.72 -10.67 -20.44
C TYR A 755 -3.60 -9.27 -19.81
N ARG A 756 -2.81 -9.18 -18.75
CA ARG A 756 -2.57 -7.88 -18.15
C ARG A 756 -1.84 -6.88 -19.05
N TRP A 757 -0.94 -7.37 -19.90
CA TRP A 757 -0.26 -6.56 -20.92
C TRP A 757 -0.99 -6.65 -22.28
N GLN A 758 -2.26 -6.97 -22.25
CA GLN A 758 -3.06 -6.93 -23.51
C GLN A 758 -2.93 -5.55 -24.24
N GLU A 759 -2.79 -4.45 -23.47
CA GLU A 759 -2.66 -3.11 -24.10
C GLU A 759 -1.26 -2.82 -24.62
N VAL A 760 -0.30 -3.64 -24.21
CA VAL A 760 1.08 -3.43 -24.59
C VAL A 760 1.25 -4.01 -25.97
N LEU A 761 0.76 -5.23 -26.12
CA LEU A 761 0.62 -5.93 -27.40
C LEU A 761 -0.23 -5.21 -28.46
N TYR A 762 -1.39 -4.71 -28.06
CA TYR A 762 -2.34 -4.10 -29.00
C TYR A 762 -1.82 -2.72 -29.44
N THR A 763 -1.16 -2.01 -28.53
CA THR A 763 -0.53 -0.74 -28.86
C THR A 763 0.69 -0.92 -29.83
N ALA A 764 1.41 -2.02 -29.69
CA ALA A 764 2.50 -2.34 -30.61
C ALA A 764 1.89 -2.69 -31.96
N MET A 765 0.75 -3.35 -31.92
CA MET A 765 0.10 -3.65 -33.17
C MET A 765 -0.29 -2.33 -33.83
N TYR A 766 -0.60 -1.32 -33.02
CA TYR A 766 -0.98 -0.02 -33.58
C TYR A 766 0.27 0.59 -34.21
N GLN A 767 1.38 0.58 -33.47
CA GLN A 767 2.66 1.03 -33.97
C GLN A 767 3.01 0.37 -35.32
N ASN A 768 2.68 -0.91 -35.48
CA ASN A 768 2.89 -1.56 -36.76
C ASN A 768 1.95 -1.07 -37.86
N ALA A 769 0.67 -0.93 -37.55
CA ALA A 769 -0.29 -0.54 -38.55
C ALA A 769 -0.02 0.87 -39.04
N ALA A 770 0.35 1.73 -38.11
CA ALA A 770 0.58 3.14 -38.43
C ALA A 770 2.00 3.40 -38.95
N PHE A 771 3.02 2.94 -38.22
CA PHE A 771 4.43 3.26 -38.49
C PHE A 771 5.27 2.10 -39.05
N GLY A 772 4.74 0.88 -39.01
CA GLY A 772 5.46 -0.30 -39.47
C GLY A 772 6.49 -0.80 -38.48
N LYS A 773 6.54 -0.26 -37.27
CA LYS A 773 7.49 -0.81 -36.32
C LYS A 773 7.16 -2.30 -36.15
N PRO A 774 8.20 -3.15 -36.12
CA PRO A 774 7.84 -4.53 -35.80
C PRO A 774 7.59 -4.64 -34.30
N ILE A 775 6.62 -5.48 -33.95
CA ILE A 775 6.31 -5.78 -32.56
C ILE A 775 7.52 -6.32 -31.81
N ILE A 776 8.07 -7.42 -32.30
CA ILE A 776 9.15 -8.09 -31.61
C ILE A 776 10.48 -7.59 -32.21
N LYS A 777 11.36 -7.09 -31.38
CA LYS A 777 12.64 -6.61 -31.87
C LYS A 777 13.71 -7.67 -31.69
N ALA A 778 14.51 -7.90 -32.72
CA ALA A 778 15.76 -8.65 -32.58
C ALA A 778 16.67 -7.85 -31.69
N ALA A 779 17.55 -8.52 -30.94
CA ALA A 779 18.42 -7.81 -30.00
C ALA A 779 19.34 -6.85 -30.72
N SER A 780 19.72 -7.18 -31.95
CA SER A 780 20.60 -6.33 -32.76
C SER A 780 19.96 -4.97 -33.12
N MET A 781 18.64 -4.84 -32.97
CA MET A 781 17.92 -3.58 -33.23
C MET A 781 18.14 -2.56 -32.10
N TYR A 782 18.69 -3.05 -30.99
CA TYR A 782 19.11 -2.19 -29.89
C TYR A 782 20.50 -1.66 -30.23
N ASN A 783 20.64 -0.33 -30.24
CA ASN A 783 21.80 0.30 -30.87
C ASN A 783 22.88 0.59 -29.91
N ASN A 784 24.07 0.73 -30.45
CA ASN A 784 25.22 1.20 -29.73
C ASN A 784 25.61 0.23 -28.63
N ASP A 785 25.29 -1.04 -28.89
CA ASP A 785 25.60 -2.17 -28.02
C ASP A 785 26.25 -3.30 -28.84
N SER A 786 27.44 -3.69 -28.38
CA SER A 786 28.28 -4.64 -29.09
C SER A 786 28.26 -6.05 -28.47
N ASN A 787 27.44 -6.26 -27.45
CA ASN A 787 27.19 -7.63 -27.00
C ASN A 787 25.83 -8.24 -27.41
N VAL A 788 24.95 -7.45 -28.01
CA VAL A 788 23.61 -7.99 -28.32
C VAL A 788 23.63 -9.03 -29.41
N ARG A 789 24.65 -8.99 -30.26
CA ARG A 789 24.69 -9.87 -31.44
C ARG A 789 24.76 -11.31 -30.96
N ARG A 790 25.54 -11.49 -29.92
CA ARG A 790 25.80 -12.78 -29.32
C ARG A 790 24.57 -13.30 -28.60
N ALA A 791 23.70 -12.39 -28.17
CA ALA A 791 22.56 -12.78 -27.34
C ALA A 791 21.30 -12.88 -28.17
N GLN A 792 21.39 -12.55 -29.45
CA GLN A 792 20.20 -12.39 -30.31
C GLN A 792 19.38 -13.63 -30.60
N ASN A 793 19.85 -14.79 -30.15
CA ASN A 793 19.18 -16.03 -30.52
C ASN A 793 17.93 -16.23 -29.68
N ASP A 794 18.03 -15.77 -28.44
CA ASP A 794 17.01 -15.97 -27.44
C ASP A 794 16.69 -14.74 -26.54
N HIS A 795 17.32 -13.59 -26.80
CA HIS A 795 16.85 -12.31 -26.26
C HIS A 795 16.10 -11.55 -27.36
N PHE A 796 14.81 -11.21 -27.14
CA PHE A 796 14.03 -10.29 -27.99
C PHE A 796 13.34 -9.17 -27.21
N LEU A 797 13.27 -7.96 -27.77
CA LEU A 797 12.56 -6.83 -27.14
C LEU A 797 11.17 -6.50 -27.69
N LEU A 798 10.37 -5.88 -26.81
CA LEU A 798 9.04 -5.34 -27.19
C LEU A 798 8.51 -4.25 -26.26
N GLY A 799 7.43 -3.64 -26.74
CA GLY A 799 6.49 -2.90 -25.91
C GLY A 799 6.91 -1.50 -25.51
N GLY A 800 5.91 -0.68 -25.23
CA GLY A 800 6.18 0.65 -24.73
C GLY A 800 6.11 1.70 -25.80
N HIS A 801 6.60 2.89 -25.46
CA HIS A 801 6.50 4.03 -26.35
C HIS A 801 7.33 3.86 -27.62
N ASP A 802 8.57 3.38 -27.46
CA ASP A 802 9.50 3.20 -28.57
C ASP A 802 9.54 1.73 -29.00
N GLY A 803 9.20 0.84 -28.06
CA GLY A 803 9.12 -0.59 -28.33
C GLY A 803 10.31 -1.41 -27.88
N TYR A 804 11.11 -0.83 -27.00
CA TYR A 804 12.25 -1.52 -26.44
C TYR A 804 12.16 -1.40 -24.91
N ARG A 805 10.94 -1.49 -24.39
CA ARG A 805 10.71 -1.33 -22.96
C ARG A 805 10.74 -2.63 -22.19
N ILE A 806 10.36 -3.71 -22.85
CA ILE A 806 10.39 -5.04 -22.22
C ILE A 806 11.47 -5.94 -22.86
N LEU A 807 12.25 -6.61 -22.03
CA LEU A 807 13.27 -7.51 -22.55
C LEU A 807 12.91 -8.94 -22.18
N CYS A 808 12.82 -9.83 -23.16
CA CYS A 808 12.60 -11.26 -22.88
C CYS A 808 13.79 -12.14 -23.25
N ALA A 809 14.07 -13.12 -22.40
CA ALA A 809 15.16 -14.07 -22.60
C ALA A 809 14.68 -15.44 -22.11
N PRO A 810 13.71 -16.06 -22.81
CA PRO A 810 13.14 -17.32 -22.31
C PRO A 810 14.20 -18.44 -22.14
N VAL A 811 14.08 -19.28 -21.12
CA VAL A 811 14.83 -20.56 -21.11
C VAL A 811 14.37 -21.42 -22.30
N VAL A 812 15.29 -21.90 -23.13
CA VAL A 812 14.91 -22.65 -24.33
C VAL A 812 15.28 -24.16 -24.33
N TRP A 813 15.57 -24.69 -23.14
CA TRP A 813 15.89 -26.11 -22.97
C TRP A 813 15.02 -26.75 -21.90
N GLU A 814 14.41 -27.89 -22.25
CA GLU A 814 13.75 -28.73 -21.23
C GLU A 814 14.72 -29.07 -20.08
N ASN A 815 14.18 -29.16 -18.86
CA ASN A 815 14.94 -29.47 -17.63
C ASN A 815 16.15 -28.58 -17.30
N SER A 816 15.99 -27.27 -17.52
CA SER A 816 17.06 -26.33 -17.22
C SER A 816 16.56 -25.26 -16.27
N THR A 817 17.37 -24.90 -15.28
CA THR A 817 17.00 -23.85 -14.34
C THR A 817 18.04 -22.72 -14.34
N GLU A 818 18.65 -22.51 -15.52
CA GLU A 818 19.65 -21.46 -15.74
C GLU A 818 19.74 -21.14 -17.22
N ARG A 819 20.15 -19.90 -17.49
CA ARG A 819 20.52 -19.49 -18.83
C ARG A 819 21.46 -18.31 -18.65
N GLU A 820 22.34 -18.12 -19.62
CA GLU A 820 23.20 -16.95 -19.65
C GLU A 820 22.36 -15.74 -20.07
N LEU A 821 22.55 -14.65 -19.34
CA LEU A 821 21.68 -13.49 -19.54
C LEU A 821 22.50 -12.25 -19.89
N TYR A 822 22.14 -11.65 -21.03
CA TYR A 822 22.65 -10.32 -21.40
C TYR A 822 21.59 -9.19 -21.36
N LEU A 823 21.92 -8.13 -20.65
CA LEU A 823 21.07 -6.93 -20.48
C LEU A 823 21.72 -5.78 -21.23
N PRO A 824 21.07 -5.32 -22.33
CA PRO A 824 21.44 -4.16 -23.13
C PRO A 824 21.92 -2.96 -22.33
N VAL A 825 23.00 -2.36 -22.82
CA VAL A 825 23.81 -1.36 -22.15
C VAL A 825 23.22 0.06 -22.10
N LEU A 826 23.66 0.86 -21.12
CA LEU A 826 23.21 2.27 -20.92
C LEU A 826 21.67 2.42 -20.75
N THR A 827 21.13 1.61 -19.83
CA THR A 827 19.75 1.69 -19.34
C THR A 827 19.66 0.69 -18.18
N GLN A 828 18.76 0.90 -17.23
CA GLN A 828 18.59 -0.04 -16.14
C GLN A 828 17.40 -0.96 -16.35
N TRP A 829 17.47 -2.20 -15.85
CA TRP A 829 16.37 -3.13 -16.05
C TRP A 829 15.76 -3.53 -14.74
N TYR A 830 14.46 -3.81 -14.77
CA TYR A 830 13.76 -4.26 -13.57
C TYR A 830 13.20 -5.64 -13.83
N LYS A 831 13.65 -6.56 -12.98
CA LYS A 831 13.12 -7.90 -13.04
C LYS A 831 11.62 -7.84 -12.80
N PHE A 832 10.92 -8.55 -13.67
CA PHE A 832 9.48 -8.54 -13.63
C PHE A 832 8.94 -9.91 -14.06
N GLY A 833 7.63 -10.03 -14.23
CA GLY A 833 7.04 -11.35 -14.52
C GLY A 833 5.67 -11.42 -13.87
N PRO A 834 4.99 -12.57 -13.97
CA PRO A 834 3.71 -12.83 -13.30
C PRO A 834 3.64 -12.54 -11.79
N ASP A 835 4.69 -12.79 -11.04
CA ASP A 835 4.68 -12.53 -9.60
C ASP A 835 4.69 -11.05 -9.19
N PHE A 836 5.35 -10.22 -9.98
CA PHE A 836 5.71 -8.85 -9.55
C PHE A 836 4.56 -7.86 -9.51
N ASP A 837 3.43 -8.20 -10.15
CA ASP A 837 2.20 -7.42 -9.99
C ASP A 837 1.72 -7.26 -8.53
N THR A 838 2.08 -8.20 -7.66
CA THR A 838 1.55 -8.21 -6.30
C THR A 838 2.66 -8.20 -5.23
N LYS A 839 3.84 -7.74 -5.62
CA LYS A 839 4.94 -7.47 -4.67
C LYS A 839 5.79 -6.31 -5.20
N PRO A 840 6.70 -5.78 -4.37
CA PRO A 840 7.55 -4.69 -4.84
C PRO A 840 8.56 -5.16 -5.88
N LEU A 841 9.01 -4.21 -6.69
CA LEU A 841 10.12 -4.43 -7.60
C LEU A 841 11.36 -4.68 -6.77
N GLU A 842 12.33 -5.36 -7.37
CA GLU A 842 13.63 -5.54 -6.76
C GLU A 842 14.56 -4.44 -7.26
N GLY A 843 15.79 -4.42 -6.77
CA GLY A 843 16.81 -3.45 -7.21
C GLY A 843 17.04 -3.44 -8.72
N ALA A 844 17.51 -2.29 -9.20
CA ALA A 844 17.79 -2.09 -10.62
C ALA A 844 18.97 -2.95 -11.05
N MET A 845 18.89 -3.52 -12.23
CA MET A 845 20.04 -4.20 -12.78
C MET A 845 20.70 -3.32 -13.86
N ASN A 846 22.02 -3.14 -13.78
CA ASN A 846 22.77 -2.37 -14.80
C ASN A 846 22.73 -3.04 -16.17
N GLY A 847 22.50 -2.25 -17.22
CA GLY A 847 22.67 -2.72 -18.59
C GLY A 847 24.15 -2.94 -18.89
N GLY A 848 24.43 -3.90 -19.77
CA GLY A 848 25.78 -4.26 -20.16
C GLY A 848 26.36 -5.31 -19.24
N ASP A 849 25.49 -5.96 -18.48
CA ASP A 849 25.93 -7.03 -17.59
C ASP A 849 25.67 -8.39 -18.25
N ARG A 850 26.70 -9.23 -18.27
CA ARG A 850 26.55 -10.61 -18.71
C ARG A 850 26.58 -11.49 -17.47
N ILE A 851 25.48 -12.21 -17.26
CA ILE A 851 25.42 -13.12 -16.13
C ILE A 851 25.31 -14.56 -16.62
N TYR A 852 26.37 -15.32 -16.35
CA TYR A 852 26.40 -16.73 -16.69
C TYR A 852 25.61 -17.50 -15.63
N ASN A 853 24.81 -18.46 -16.11
CA ASN A 853 24.06 -19.34 -15.23
C ASN A 853 23.05 -18.57 -14.38
N TYR A 854 22.41 -17.57 -15.00
CA TYR A 854 21.41 -16.76 -14.29
C TYR A 854 20.23 -17.68 -13.91
N PRO A 855 19.74 -17.59 -12.66
CA PRO A 855 18.72 -18.54 -12.19
C PRO A 855 17.32 -18.34 -12.77
N VAL A 856 16.77 -19.40 -13.36
CA VAL A 856 15.39 -19.43 -13.83
C VAL A 856 14.71 -20.74 -13.40
N PRO A 857 14.17 -20.80 -12.16
CA PRO A 857 13.33 -21.94 -11.76
C PRO A 857 12.23 -22.17 -12.80
N GLN A 858 11.63 -23.35 -12.77
CA GLN A 858 10.55 -23.69 -13.68
C GLN A 858 9.43 -22.66 -13.66
N SER A 859 9.19 -22.11 -12.47
CA SER A 859 8.06 -21.23 -12.21
C SER A 859 8.32 -19.80 -12.72
N GLU A 860 9.50 -19.56 -13.26
CA GLU A 860 9.93 -18.23 -13.68
C GLU A 860 10.30 -18.23 -15.15
N SER A 861 10.34 -17.04 -15.71
CA SER A 861 10.95 -16.77 -16.98
C SER A 861 11.62 -15.42 -16.83
N PRO A 862 12.80 -15.22 -17.45
CA PRO A 862 13.53 -13.92 -17.46
C PRO A 862 12.86 -12.91 -18.41
N ILE A 863 12.29 -11.88 -17.80
CA ILE A 863 11.53 -10.84 -18.47
C ILE A 863 11.86 -9.58 -17.69
N PHE A 864 12.26 -8.53 -18.37
CA PHE A 864 12.67 -7.31 -17.67
C PHE A 864 11.96 -6.11 -18.26
N VAL A 865 11.42 -5.24 -17.40
CA VAL A 865 10.93 -3.94 -17.80
C VAL A 865 12.02 -2.88 -17.62
N ARG A 866 12.21 -2.08 -18.67
CA ARG A 866 13.22 -1.03 -18.71
C ARG A 866 12.79 0.14 -17.88
N GLU A 867 13.73 0.86 -17.31
CA GLU A 867 13.44 2.10 -16.59
C GLU A 867 12.84 3.11 -17.54
N GLY A 868 11.99 3.99 -17.02
CA GLY A 868 11.38 5.02 -17.85
C GLY A 868 10.21 4.52 -18.68
N ALA A 869 9.74 3.31 -18.36
CA ALA A 869 8.55 2.73 -18.98
C ALA A 869 7.30 3.10 -18.20
N ILE A 870 6.25 3.46 -18.95
CA ILE A 870 4.91 3.57 -18.41
C ILE A 870 4.11 2.63 -19.27
N LEU A 871 3.55 1.61 -18.65
CA LEU A 871 2.88 0.57 -19.40
C LEU A 871 1.38 0.52 -19.09
N PRO A 872 0.54 0.62 -20.15
CA PRO A 872 -0.90 0.44 -19.91
C PRO A 872 -1.15 -1.02 -19.52
N THR A 873 -2.07 -1.27 -18.62
CA THR A 873 -2.20 -2.58 -18.01
C THR A 873 -3.65 -2.78 -17.66
N ARG A 874 -4.22 -3.95 -17.95
CA ARG A 874 -5.66 -4.18 -17.68
C ARG A 874 -5.92 -5.18 -16.57
N TYR A 875 -7.05 -5.01 -15.88
CA TYR A 875 -7.51 -5.93 -14.85
C TYR A 875 -9.01 -6.08 -14.98
N THR A 876 -9.51 -7.27 -14.68
CA THR A 876 -10.92 -7.46 -14.51
C THR A 876 -11.35 -6.80 -13.20
N LEU A 877 -12.52 -6.16 -13.22
CA LEU A 877 -13.10 -5.55 -12.02
C LEU A 877 -13.39 -6.58 -10.91
N ASN A 878 -13.99 -7.72 -11.29
CA ASN A 878 -14.35 -8.78 -10.31
C ASN A 878 -13.21 -9.70 -9.89
N GLY A 879 -12.02 -9.52 -10.46
CA GLY A 879 -10.84 -10.33 -10.09
C GLY A 879 -10.73 -11.74 -10.69
N GLU A 880 -11.76 -12.21 -11.41
CA GLU A 880 -11.73 -13.50 -12.12
C GLU A 880 -11.08 -13.33 -13.51
N ASN A 881 -10.54 -14.41 -14.07
CA ASN A 881 -9.97 -14.35 -15.41
C ASN A 881 -11.06 -14.52 -16.45
N LYS A 882 -11.12 -13.57 -17.38
CA LYS A 882 -12.09 -13.64 -18.48
C LYS A 882 -11.39 -13.44 -19.82
N SER A 883 -12.12 -13.66 -20.91
CA SER A 883 -11.58 -13.48 -22.24
C SER A 883 -11.42 -12.01 -22.59
N LEU A 884 -10.38 -11.69 -23.35
CA LEU A 884 -10.19 -10.36 -23.92
C LEU A 884 -11.50 -9.79 -24.49
N ASN A 885 -12.28 -10.62 -25.17
CA ASN A 885 -13.39 -10.08 -25.93
C ASN A 885 -14.59 -9.61 -25.09
N THR A 886 -14.71 -10.10 -23.87
CA THR A 886 -15.78 -9.67 -22.97
C THR A 886 -15.30 -8.63 -21.91
N TYR A 887 -14.08 -8.10 -22.07
CA TYR A 887 -13.67 -6.91 -21.28
C TYR A 887 -14.52 -5.70 -21.68
N THR A 888 -14.81 -4.81 -20.72
CA THR A 888 -15.39 -3.49 -21.02
C THR A 888 -14.55 -2.41 -20.31
N ASP A 889 -14.84 -1.14 -20.59
CA ASP A 889 -14.06 -0.04 -20.01
C ASP A 889 -14.18 0.10 -18.49
N GLU A 890 -15.13 -0.63 -17.89
CA GLU A 890 -15.20 -0.73 -16.42
C GLU A 890 -14.26 -1.82 -15.87
N ASP A 891 -13.54 -2.50 -16.76
CA ASP A 891 -12.39 -3.29 -16.33
C ASP A 891 -11.18 -2.37 -16.39
N PRO A 892 -10.62 -2.03 -15.22
CA PRO A 892 -9.64 -0.98 -15.06
C PRO A 892 -8.50 -0.99 -16.08
N LEU A 893 -8.20 0.20 -16.57
CA LEU A 893 -7.04 0.49 -17.41
C LEU A 893 -6.08 1.22 -16.50
N VAL A 894 -4.86 0.70 -16.33
CA VAL A 894 -3.90 1.23 -15.33
C VAL A 894 -2.56 1.51 -16.02
N PHE A 895 -2.09 2.75 -15.91
CA PHE A 895 -0.78 3.14 -16.41
C PHE A 895 0.24 2.90 -15.34
N GLU A 896 1.01 1.83 -15.50
CA GLU A 896 2.02 1.50 -14.53
C GLU A 896 3.27 2.28 -14.88
N VAL A 897 3.69 3.13 -13.96
CA VAL A 897 4.87 3.96 -14.15
C VAL A 897 6.04 3.28 -13.44
N PHE A 898 7.03 2.80 -14.19
CA PHE A 898 8.17 2.13 -13.58
C PHE A 898 9.21 3.13 -13.07
N PRO A 899 10.29 2.68 -12.41
CA PRO A 899 11.15 3.76 -11.85
C PRO A 899 11.79 4.55 -12.99
N LEU A 900 11.95 5.85 -12.82
CA LEU A 900 12.27 6.73 -13.97
C LEU A 900 13.70 6.58 -14.53
N GLY A 901 13.83 6.74 -15.85
CA GLY A 901 15.14 6.82 -16.51
C GLY A 901 15.58 8.24 -16.74
N ASN A 902 16.70 8.64 -16.14
CA ASN A 902 17.18 10.04 -16.14
C ASN A 902 16.07 11.03 -15.73
N ASN A 903 15.37 10.70 -14.64
CA ASN A 903 14.24 11.49 -14.17
C ASN A 903 13.03 11.62 -15.11
N ARG A 904 12.98 10.85 -16.20
CA ARG A 904 11.74 10.72 -16.94
C ARG A 904 11.23 9.28 -17.21
N ALA A 905 9.94 9.20 -17.54
CA ALA A 905 9.32 7.99 -18.02
C ALA A 905 8.32 8.43 -19.05
N ASP A 906 8.06 7.54 -20.01
CA ASP A 906 7.12 7.83 -21.10
C ASP A 906 6.26 6.62 -21.31
N GLY A 907 5.16 6.81 -22.04
CA GLY A 907 4.22 5.73 -22.32
C GLY A 907 3.20 6.10 -23.38
N MET A 908 2.59 5.08 -23.96
CA MET A 908 1.63 5.25 -25.05
C MET A 908 0.57 4.17 -24.91
N CYS A 909 -0.64 4.48 -25.35
CA CYS A 909 -1.75 3.53 -25.38
C CYS A 909 -2.71 3.82 -26.54
N TYR A 910 -2.99 2.80 -27.35
CA TYR A 910 -4.00 2.92 -28.41
C TYR A 910 -5.33 2.45 -27.87
N LEU A 911 -6.44 3.14 -28.22
CA LEU A 911 -7.77 2.73 -27.77
C LEU A 911 -8.82 2.80 -28.87
N ASP A 912 -9.61 1.74 -29.02
CA ASP A 912 -10.79 1.69 -29.91
C ASP A 912 -11.83 0.70 -29.31
N ASP A 913 -12.92 0.41 -30.02
CA ASP A 913 -13.93 -0.45 -29.45
C ASP A 913 -13.54 -1.91 -29.57
N GLY A 914 -12.32 -2.12 -30.03
CA GLY A 914 -11.68 -3.42 -30.02
C GLY A 914 -12.12 -4.32 -31.16
N GLY A 915 -12.76 -3.76 -32.19
CA GLY A 915 -13.16 -4.61 -33.30
C GLY A 915 -14.63 -4.93 -33.29
N VAL A 916 -15.31 -4.51 -32.23
CA VAL A 916 -16.79 -4.53 -32.21
C VAL A 916 -17.34 -3.97 -33.52
N THR A 917 -16.84 -2.81 -33.96
CA THR A 917 -17.19 -2.29 -35.30
C THR A 917 -15.89 -2.08 -36.06
N THR A 918 -15.96 -1.75 -37.35
CA THR A 918 -14.74 -1.38 -38.07
C THR A 918 -14.54 0.14 -38.20
N ASN A 919 -14.92 0.90 -37.18
CA ASN A 919 -14.96 2.36 -37.30
C ASN A 919 -13.63 3.06 -37.06
N ALA A 920 -12.76 2.36 -36.33
CA ALA A 920 -11.40 2.81 -36.13
C ALA A 920 -10.65 2.88 -37.46
N GLU A 921 -10.91 1.91 -38.34
CA GLU A 921 -10.19 1.79 -39.63
C GLU A 921 -10.97 2.32 -40.84
N ASP A 922 -12.27 2.51 -40.68
CA ASP A 922 -13.00 3.10 -41.79
C ASP A 922 -13.17 4.60 -41.59
N ASN A 923 -13.38 5.03 -40.36
CA ASN A 923 -13.83 6.39 -40.09
C ASN A 923 -12.98 7.12 -39.07
N GLY A 924 -11.92 6.47 -38.58
CA GLY A 924 -10.94 7.10 -37.69
C GLY A 924 -11.30 7.07 -36.21
N LYS A 925 -12.18 6.15 -35.82
CA LYS A 925 -12.73 6.12 -34.47
C LYS A 925 -11.80 5.42 -33.45
N PHE A 926 -10.63 6.01 -33.24
CA PHE A 926 -9.71 5.46 -32.24
C PHE A 926 -9.10 6.58 -31.43
N SER A 927 -8.37 6.23 -30.37
CA SER A 927 -7.69 7.20 -29.54
C SER A 927 -6.23 6.79 -29.30
N VAL A 928 -5.35 7.77 -29.23
CA VAL A 928 -3.94 7.52 -29.04
C VAL A 928 -3.53 8.41 -27.88
N VAL A 929 -3.43 7.80 -26.72
CA VAL A 929 -3.10 8.51 -25.49
C VAL A 929 -1.60 8.41 -25.32
N LYS A 930 -0.97 9.51 -24.91
CA LYS A 930 0.44 9.47 -24.56
C LYS A 930 0.55 9.97 -23.12
N VAL A 931 1.59 9.54 -22.42
CA VAL A 931 1.80 9.93 -21.03
C VAL A 931 3.29 10.11 -20.73
N ALA A 932 3.60 10.95 -19.74
CA ALA A 932 4.97 11.29 -19.43
C ALA A 932 5.10 11.59 -17.95
N ALA A 933 6.17 11.12 -17.32
CA ALA A 933 6.49 11.45 -15.92
C ALA A 933 7.85 12.14 -15.86
N GLU A 934 7.92 13.23 -15.09
CA GLU A 934 9.16 13.96 -14.86
C GLU A 934 9.29 14.24 -13.39
N GLN A 935 10.52 14.33 -12.93
CA GLN A 935 10.81 14.57 -11.54
C GLN A 935 11.70 15.81 -11.46
N ASP A 936 11.19 16.83 -10.75
CA ASP A 936 11.89 18.10 -10.50
C ASP A 936 11.91 18.30 -8.97
N GLY A 937 13.10 18.30 -8.37
CA GLY A 937 13.25 18.46 -6.92
C GLY A 937 12.33 17.55 -6.12
N GLY A 938 11.25 18.11 -5.58
CA GLY A 938 10.24 17.33 -4.82
C GLY A 938 8.93 17.11 -5.55
N THR A 939 8.89 17.53 -6.82
CA THR A 939 7.66 17.52 -7.61
C THR A 939 7.77 16.50 -8.75
N GLU A 940 6.74 15.68 -8.90
CA GLU A 940 6.69 14.76 -10.00
C GLU A 940 5.46 15.12 -10.81
N THR A 941 5.62 15.22 -12.12
CA THR A 941 4.54 15.64 -12.98
C THR A 941 4.20 14.56 -13.98
N ILE A 942 2.96 14.12 -13.96
CA ILE A 942 2.53 13.05 -14.83
C ILE A 942 1.49 13.64 -15.77
N THR A 943 1.79 13.61 -17.07
CA THR A 943 1.07 14.40 -18.04
C THR A 943 0.45 13.53 -19.11
N PHE A 944 -0.87 13.64 -19.26
CA PHE A 944 -1.60 12.92 -20.31
C PHE A 944 -1.89 13.85 -21.48
N THR A 945 -1.57 13.40 -22.69
CA THR A 945 -1.92 14.15 -23.88
C THR A 945 -2.54 13.18 -24.83
N ASN A 946 -3.02 13.66 -25.97
CA ASN A 946 -3.50 12.77 -27.00
C ASN A 946 -3.15 13.25 -28.41
N ASP A 947 -3.04 12.31 -29.35
CA ASP A 947 -2.80 12.61 -30.76
C ASP A 947 -4.11 12.63 -31.53
N CYS A 948 -5.11 12.01 -30.90
CA CYS A 948 -6.51 12.05 -31.32
C CYS A 948 -7.21 11.33 -30.20
N TYR A 949 -8.46 11.71 -29.97
CA TYR A 949 -9.24 11.06 -28.95
C TYR A 949 -10.64 10.96 -29.48
N GLU A 950 -10.83 10.00 -30.37
CA GLU A 950 -12.04 9.86 -31.18
C GLU A 950 -12.78 8.64 -30.67
N TYR A 951 -12.14 7.91 -29.76
CA TYR A 951 -12.80 6.85 -29.01
C TYR A 951 -12.79 7.21 -27.52
N VAL A 952 -13.98 7.31 -26.93
CA VAL A 952 -14.10 7.73 -25.54
C VAL A 952 -13.99 6.54 -24.60
N PHE A 953 -12.88 6.46 -23.88
CA PHE A 953 -12.74 5.43 -22.88
C PHE A 953 -13.80 5.64 -21.81
N GLY A 954 -14.86 4.84 -21.88
CA GLY A 954 -15.99 4.99 -20.99
C GLY A 954 -15.88 4.53 -19.53
N GLY A 955 -14.67 4.46 -18.96
CA GLY A 955 -14.54 4.07 -17.56
C GLY A 955 -13.44 4.80 -16.83
N PRO A 956 -13.39 4.73 -15.49
CA PRO A 956 -12.26 5.37 -14.82
C PRO A 956 -10.95 4.68 -15.14
N PHE A 957 -9.83 5.40 -15.01
CA PHE A 957 -8.49 4.85 -15.25
C PHE A 957 -7.58 5.17 -14.05
N TYR A 958 -6.39 4.59 -14.02
CA TYR A 958 -5.52 4.67 -12.86
C TYR A 958 -4.09 5.00 -13.29
N VAL A 959 -3.32 5.55 -12.36
CA VAL A 959 -1.88 5.70 -12.49
C VAL A 959 -1.28 4.97 -11.30
N ARG A 960 -0.38 4.04 -11.59
CA ARG A 960 0.33 3.30 -10.56
C ARG A 960 1.78 3.74 -10.51
N VAL A 961 2.13 4.54 -9.54
CA VAL A 961 3.53 4.95 -9.44
C VAL A 961 4.30 3.91 -8.63
N ARG A 962 5.25 3.24 -9.28
CA ARG A 962 6.17 2.34 -8.58
C ARG A 962 7.19 3.17 -7.82
N GLY A 963 7.56 2.74 -6.62
CA GLY A 963 8.61 3.42 -5.85
C GLY A 963 8.17 4.66 -5.13
N ALA A 964 6.93 5.07 -5.39
CA ALA A 964 6.28 6.14 -4.64
C ALA A 964 5.39 5.59 -3.53
N GLN A 965 5.42 6.25 -2.36
CA GLN A 965 4.47 5.94 -1.29
C GLN A 965 3.49 7.10 -1.05
N SER A 966 3.50 7.65 0.18
CA SER A 966 2.55 8.68 0.58
C SER A 966 2.98 10.09 0.16
N PRO A 967 2.11 10.79 -0.60
CA PRO A 967 2.33 12.18 -1.02
C PRO A 967 1.78 13.18 0.00
N SER A 968 2.34 14.39 0.01
CA SER A 968 1.78 15.50 0.80
C SER A 968 0.56 16.10 0.08
N ASN A 969 0.65 16.16 -1.25
CA ASN A 969 -0.47 16.60 -2.07
C ASN A 969 -0.41 16.01 -3.47
N ILE A 970 -1.57 15.78 -4.07
CA ILE A 970 -1.67 15.47 -5.49
C ILE A 970 -2.68 16.40 -6.12
N HIS A 971 -2.23 17.23 -7.07
CA HIS A 971 -3.12 18.13 -7.79
C HIS A 971 -3.35 17.63 -9.21
N VAL A 972 -4.62 17.56 -9.62
CA VAL A 972 -4.97 17.15 -10.98
C VAL A 972 -5.57 18.35 -11.72
N SER A 973 -4.97 18.69 -12.85
CA SER A 973 -5.43 19.80 -13.69
C SER A 973 -5.82 19.26 -15.05
N SER A 974 -7.01 19.60 -15.52
CA SER A 974 -7.54 19.06 -16.76
C SER A 974 -8.55 20.02 -17.35
N GLY A 975 -8.85 19.88 -18.64
CA GLY A 975 -9.81 20.73 -19.35
C GLY A 975 -11.08 20.95 -18.55
N ALA A 976 -11.56 19.87 -17.93
CA ALA A 976 -12.73 19.89 -17.04
C ALA A 976 -12.35 19.98 -15.56
N GLY A 977 -12.13 18.84 -14.92
CA GLY A 977 -11.93 18.78 -13.48
C GLY A 977 -10.54 19.13 -13.01
N SER A 978 -10.33 20.42 -12.72
CA SER A 978 -9.19 20.85 -11.91
C SER A 978 -9.54 20.65 -10.42
N GLN A 979 -8.82 19.76 -9.75
CA GLN A 979 -9.13 19.38 -8.36
C GLN A 979 -7.87 18.86 -7.66
N ASP A 980 -7.87 18.91 -6.32
CA ASP A 980 -6.92 18.16 -5.50
C ASP A 980 -7.48 16.79 -5.15
N MET A 981 -6.62 15.77 -5.18
CA MET A 981 -7.03 14.42 -4.83
C MET A 981 -7.00 14.23 -3.32
N LYS A 982 -7.77 13.27 -2.84
CA LYS A 982 -7.77 12.87 -1.44
C LYS A 982 -7.43 11.37 -1.30
N VAL A 983 -6.93 11.00 -0.12
CA VAL A 983 -6.66 9.61 0.22
C VAL A 983 -7.97 8.81 0.29
N SER A 984 -8.11 7.78 -0.55
CA SER A 984 -9.28 6.89 -0.57
C SER A 984 -9.55 6.29 0.80
N SER A 985 -10.79 5.92 1.08
CA SER A 985 -11.04 5.12 2.29
C SER A 985 -10.85 3.63 2.02
N ALA A 986 -10.59 3.29 0.75
CA ALA A 986 -10.19 1.93 0.35
C ALA A 986 -8.76 1.62 0.83
N THR A 987 -8.57 0.37 1.28
CA THR A 987 -7.29 -0.10 1.82
C THR A 987 -6.76 -1.34 1.11
N SER A 988 -7.44 -1.76 0.05
CA SER A 988 -7.01 -2.86 -0.79
C SER A 988 -7.26 -2.46 -2.23
N ARG A 989 -6.64 -3.15 -3.17
CA ARG A 989 -6.79 -2.84 -4.60
C ARG A 989 -8.20 -3.17 -5.13
N ALA A 990 -8.75 -4.31 -4.70
CA ALA A 990 -10.12 -4.70 -5.07
C ALA A 990 -11.14 -3.68 -4.55
N ALA A 991 -10.86 -3.15 -3.36
CA ALA A 991 -11.73 -2.15 -2.77
C ALA A 991 -11.58 -0.81 -3.50
N LEU A 992 -10.36 -0.44 -3.85
CA LEU A 992 -10.14 0.78 -4.62
C LEU A 992 -10.79 0.71 -6.01
N PHE A 993 -10.80 -0.47 -6.64
CA PHE A 993 -11.42 -0.61 -7.96
C PHE A 993 -12.93 -0.52 -7.91
N ASN A 994 -13.54 -1.22 -6.94
CA ASN A 994 -14.99 -1.34 -6.89
C ASN A 994 -15.69 -0.23 -6.11
N ASP A 995 -15.11 0.16 -4.98
CA ASP A 995 -15.73 1.12 -4.08
C ASP A 995 -15.09 2.51 -4.11
N GLY A 996 -13.82 2.59 -4.52
CA GLY A 996 -13.09 3.88 -4.52
C GLY A 996 -13.76 4.94 -5.40
N GLU A 997 -13.66 6.19 -4.98
CA GLU A 997 -14.24 7.29 -5.76
C GLU A 997 -13.21 7.85 -6.71
N ASN A 998 -13.68 8.31 -7.87
CA ASN A 998 -12.84 9.12 -8.74
C ASN A 998 -12.17 10.23 -7.90
N GLY A 999 -10.85 10.40 -8.06
CA GLY A 999 -10.12 11.40 -7.27
C GLY A 999 -9.54 10.87 -5.95
N ASP A 1000 -9.66 9.57 -5.73
CA ASP A 1000 -9.05 8.90 -4.57
C ASP A 1000 -7.64 8.46 -4.91
N PHE A 1001 -6.71 8.57 -3.97
CA PHE A 1001 -5.45 7.86 -4.13
C PHE A 1001 -5.29 6.77 -3.08
N TRP A 1002 -4.47 5.76 -3.38
CA TRP A 1002 -4.23 4.69 -2.42
C TRP A 1002 -2.75 4.37 -2.28
N VAL A 1003 -2.28 4.41 -1.04
CA VAL A 1003 -0.90 4.07 -0.70
C VAL A 1003 -0.73 2.56 -0.47
N ASP A 1004 -0.18 1.88 -1.48
CA ASP A 1004 -0.06 0.42 -1.48
C ASP A 1004 1.32 -0.02 -0.98
N GLN A 1005 1.41 -0.31 0.32
CA GLN A 1005 2.67 -0.74 0.93
C GLN A 1005 3.11 -2.11 0.44
N GLU A 1006 2.21 -3.07 0.48
CA GLU A 1006 2.50 -4.43 0.05
C GLU A 1006 3.25 -4.47 -1.30
N THR A 1007 3.08 -3.47 -2.15
CA THR A 1007 3.82 -3.46 -3.43
C THR A 1007 4.62 -2.19 -3.69
N ASP A 1008 4.65 -1.30 -2.70
CA ASP A 1008 5.38 -0.03 -2.82
C ASP A 1008 4.96 0.76 -4.09
N SER A 1009 3.64 0.79 -4.30
CA SER A 1009 3.05 1.60 -5.35
C SER A 1009 2.12 2.66 -4.75
N LEU A 1010 1.93 3.75 -5.48
CA LEU A 1010 0.90 4.74 -5.17
C LEU A 1010 -0.08 4.67 -6.34
N TRP A 1011 -1.35 4.41 -6.03
CA TRP A 1011 -2.40 4.28 -7.04
C TRP A 1011 -3.28 5.50 -7.03
N LEU A 1012 -3.51 6.07 -8.21
CA LEU A 1012 -4.37 7.24 -8.33
C LEU A 1012 -5.57 6.80 -9.12
N LYS A 1013 -6.75 7.10 -8.60
CA LYS A 1013 -7.99 6.84 -9.34
C LYS A 1013 -8.52 8.13 -10.02
N LEU A 1014 -8.67 8.08 -11.34
CA LEU A 1014 -9.06 9.27 -12.10
C LEU A 1014 -10.29 9.00 -12.97
N PRO A 1015 -11.14 10.03 -13.18
CA PRO A 1015 -12.32 9.91 -14.04
C PRO A 1015 -11.97 9.84 -15.51
N ASN A 1016 -12.80 9.11 -16.25
CA ASN A 1016 -12.57 8.88 -17.67
C ASN A 1016 -12.33 10.15 -18.49
N VAL A 1017 -13.03 11.23 -18.13
CA VAL A 1017 -12.98 12.52 -18.84
C VAL A 1017 -11.61 13.24 -18.81
N VAL A 1018 -10.75 12.93 -17.83
CA VAL A 1018 -9.41 13.53 -17.75
C VAL A 1018 -8.30 12.73 -18.43
N LEU A 1019 -8.64 11.57 -18.98
CA LEU A 1019 -7.70 10.74 -19.75
C LEU A 1019 -7.02 11.48 -20.93
N PRO A 1020 -7.79 12.20 -21.77
CA PRO A 1020 -7.24 12.80 -23.00
C PRO A 1020 -6.29 13.98 -22.79
N ASP A 1021 -6.26 14.54 -21.57
CA ASP A 1021 -5.51 15.77 -21.28
C ASP A 1021 -5.54 16.02 -19.79
N ALA A 1022 -4.37 16.03 -19.16
CA ALA A 1022 -4.29 16.13 -17.71
C ALA A 1022 -2.87 16.46 -17.24
N VAL A 1023 -2.74 17.22 -16.16
CA VAL A 1023 -1.43 17.43 -15.53
C VAL A 1023 -1.52 17.03 -14.05
N ILE A 1024 -0.72 16.06 -13.65
CA ILE A 1024 -0.77 15.54 -12.29
C ILE A 1024 0.51 15.93 -11.56
N THR A 1025 0.40 16.80 -10.58
CA THR A 1025 1.58 17.19 -9.84
C THR A 1025 1.55 16.67 -8.42
N ILE A 1026 2.56 15.88 -8.09
CA ILE A 1026 2.67 15.17 -6.82
C ILE A 1026 3.79 15.78 -5.99
N THR A 1027 3.45 16.24 -4.79
CA THR A 1027 4.41 16.83 -3.85
C THR A 1027 4.49 16.02 -2.56
N THR B 3 36.20 26.25 -36.94
CA THR B 3 36.55 25.29 -35.85
C THR B 3 38.02 25.44 -35.46
N ASP B 4 38.91 25.36 -36.44
CA ASP B 4 40.34 25.63 -36.24
C ASP B 4 40.57 27.12 -35.96
N ASN B 5 41.22 27.40 -34.82
CA ASN B 5 41.43 28.77 -34.33
C ASN B 5 40.15 29.63 -34.39
N PRO B 6 39.19 29.38 -33.49
CA PRO B 6 37.89 30.07 -33.50
C PRO B 6 37.95 31.60 -33.64
N ASP B 7 38.96 32.23 -33.03
CA ASP B 7 38.98 33.70 -32.94
C ASP B 7 39.88 34.43 -33.95
N GLY B 8 40.50 33.69 -34.87
CA GLY B 8 41.34 34.27 -35.91
C GLY B 8 42.71 34.73 -35.43
N ILE B 9 43.01 34.42 -34.17
CA ILE B 9 44.26 34.78 -33.49
C ILE B 9 45.50 34.40 -34.28
N ASP B 10 46.39 35.36 -34.51
CA ASP B 10 47.66 35.12 -35.16
C ASP B 10 48.70 34.72 -34.13
N TYR B 11 49.08 33.44 -34.16
CA TYR B 11 50.02 32.86 -33.20
C TYR B 11 51.46 33.21 -33.58
N LYS B 12 52.09 34.03 -32.74
CA LYS B 12 53.41 34.58 -33.09
C LYS B 12 54.55 33.73 -32.56
N THR B 13 54.40 33.26 -31.32
CA THR B 13 55.47 32.52 -30.65
C THR B 13 55.11 31.05 -30.43
N TYR B 14 56.08 30.18 -30.69
CA TYR B 14 55.90 28.75 -30.39
C TYR B 14 56.94 28.21 -29.40
N ASP B 15 58.16 28.74 -29.46
CA ASP B 15 59.26 28.18 -28.68
C ASP B 15 59.18 28.51 -27.19
N TYR B 16 59.86 27.73 -26.37
CA TYR B 16 60.15 28.07 -24.97
C TYR B 16 60.80 29.44 -24.94
N VAL B 17 60.19 30.37 -24.22
CA VAL B 17 60.84 31.64 -23.91
C VAL B 17 61.24 31.61 -22.44
N GLY B 18 62.53 31.67 -22.18
CA GLY B 18 63.02 31.67 -20.82
C GLY B 18 62.71 32.98 -20.13
N VAL B 19 62.96 33.01 -18.81
CA VAL B 19 62.67 34.19 -18.01
C VAL B 19 63.53 35.36 -18.47
N TRP B 20 64.58 35.03 -19.21
CA TRP B 20 65.48 36.02 -19.80
C TRP B 20 64.88 36.71 -21.02
N GLY B 21 63.78 36.18 -21.56
CA GLY B 21 63.17 36.72 -22.78
C GLY B 21 61.75 37.20 -22.59
N PHE B 22 61.35 37.25 -21.33
CA PHE B 22 60.08 37.82 -20.94
C PHE B 22 60.39 39.06 -20.13
N SER B 23 59.98 40.22 -20.65
CA SER B 23 60.24 41.46 -19.94
C SER B 23 59.19 42.51 -20.29
N PRO B 24 58.05 42.48 -19.56
CA PRO B 24 57.01 43.49 -19.74
C PRO B 24 57.43 44.87 -19.26
N LEU B 25 58.39 44.92 -18.33
CA LEU B 25 58.88 46.20 -17.80
C LEU B 25 59.71 46.98 -18.80
N SER B 26 60.04 46.37 -19.94
CA SER B 26 60.70 47.07 -21.04
C SER B 26 59.72 47.97 -21.76
N ASN B 27 58.43 47.68 -21.59
CA ASN B 27 57.34 48.58 -21.97
C ASN B 27 57.01 48.66 -23.45
N THR B 28 58.01 48.48 -24.29
CA THR B 28 57.82 48.78 -25.69
C THR B 28 57.06 47.66 -26.41
N ASN B 29 56.06 48.05 -27.20
CA ASN B 29 55.06 47.17 -27.83
C ASN B 29 53.97 46.64 -26.90
N TRP B 30 54.04 47.06 -25.64
CA TRP B 30 53.07 46.65 -24.63
C TRP B 30 51.96 47.69 -24.43
N PHE B 31 50.71 47.23 -24.61
CA PHE B 31 49.55 48.01 -24.24
C PHE B 31 49.42 48.00 -22.72
N ALA B 32 48.85 49.08 -22.17
CA ALA B 32 48.53 49.15 -20.74
C ALA B 32 47.31 50.04 -20.55
N ALA B 33 46.67 49.92 -19.39
CA ALA B 33 45.46 50.67 -19.10
C ALA B 33 45.76 52.16 -18.87
N GLY B 34 44.99 53.02 -19.53
CA GLY B 34 45.22 54.46 -19.50
C GLY B 34 44.01 55.30 -19.14
N SER B 35 42.82 54.79 -19.44
CA SER B 35 41.54 55.40 -19.06
C SER B 35 40.37 54.40 -19.17
N SER B 36 39.20 54.80 -18.68
CA SER B 36 38.03 53.92 -18.68
C SER B 36 36.70 54.68 -18.58
N THR B 37 35.62 53.98 -18.88
CA THR B 37 34.26 54.43 -18.59
C THR B 37 33.52 53.24 -17.99
N PRO B 38 32.66 53.49 -16.97
CA PRO B 38 31.89 52.39 -16.37
C PRO B 38 30.98 51.68 -17.37
N GLY B 39 30.80 50.37 -17.17
CA GLY B 39 30.06 49.54 -18.12
C GLY B 39 29.08 48.58 -17.47
N GLY B 40 28.56 48.96 -16.31
CA GLY B 40 27.49 48.22 -15.66
C GLY B 40 27.93 47.06 -14.77
N ILE B 41 27.24 46.93 -13.64
CA ILE B 41 27.47 45.86 -12.66
C ILE B 41 26.29 44.88 -12.69
N THR B 42 26.56 43.60 -12.96
CA THR B 42 25.53 42.55 -12.84
C THR B 42 26.02 41.40 -11.96
N ASP B 43 25.15 40.92 -11.07
CA ASP B 43 25.54 39.99 -10.00
C ASP B 43 26.66 40.63 -9.17
N TRP B 44 27.77 39.93 -8.96
CA TRP B 44 28.92 40.51 -8.25
C TRP B 44 30.09 40.89 -9.18
N THR B 45 29.78 41.07 -10.46
CA THR B 45 30.79 41.44 -11.44
C THR B 45 30.52 42.85 -11.98
N ALA B 46 31.58 43.65 -12.06
CA ALA B 46 31.49 44.99 -12.64
C ALA B 46 32.35 45.04 -13.90
N THR B 47 31.79 45.59 -14.98
CA THR B 47 32.54 45.76 -16.22
C THR B 47 32.99 47.19 -16.38
N MET B 48 34.27 47.36 -16.70
CA MET B 48 34.82 48.65 -17.08
C MET B 48 35.28 48.57 -18.53
N ASN B 49 34.84 49.52 -19.34
CA ASN B 49 35.29 49.61 -20.72
C ASN B 49 36.62 50.36 -20.72
N VAL B 50 37.72 49.61 -20.86
CA VAL B 50 39.06 50.16 -20.66
C VAL B 50 39.77 50.56 -21.95
N ASN B 51 40.41 51.73 -21.90
CA ASN B 51 41.26 52.23 -22.98
C ASN B 51 42.71 51.85 -22.74
N PHE B 52 43.23 50.98 -23.59
CA PHE B 52 44.60 50.51 -23.50
C PHE B 52 45.46 51.32 -24.46
N ASP B 53 46.53 51.91 -23.93
CA ASP B 53 47.44 52.73 -24.73
C ASP B 53 48.81 52.07 -24.83
N ARG B 54 49.40 52.12 -26.03
CA ARG B 54 50.77 51.67 -26.22
C ARG B 54 51.67 52.57 -25.40
N ILE B 55 52.36 52.02 -24.41
CA ILE B 55 53.22 52.83 -23.53
C ILE B 55 54.24 53.63 -24.32
N ASP B 56 54.80 52.99 -25.35
CA ASP B 56 55.85 53.61 -26.18
C ASP B 56 55.30 54.62 -27.21
N ASN B 57 54.01 54.49 -27.54
CA ASN B 57 53.33 55.39 -28.48
C ASN B 57 51.83 55.45 -28.13
N PRO B 58 51.48 56.28 -27.12
CA PRO B 58 50.14 56.24 -26.53
C PRO B 58 49.07 56.82 -27.45
N SER B 59 49.49 57.43 -28.55
CA SER B 59 48.57 57.84 -29.62
C SER B 59 47.84 56.64 -30.24
N ILE B 60 48.42 55.43 -30.08
CA ILE B 60 47.78 54.19 -30.52
C ILE B 60 47.05 53.56 -29.34
N THR B 61 45.76 53.35 -29.52
CA THR B 61 44.89 52.99 -28.42
C THR B 61 43.82 51.99 -28.87
N VAL B 62 43.48 51.08 -27.97
CA VAL B 62 42.45 50.07 -28.23
C VAL B 62 41.53 49.92 -27.00
N GLN B 63 40.33 49.38 -27.24
CA GLN B 63 39.28 49.24 -26.21
C GLN B 63 38.88 47.78 -25.97
N HIS B 64 39.01 47.34 -24.72
CA HIS B 64 38.58 45.99 -24.32
C HIS B 64 37.85 45.98 -22.97
N PRO B 65 36.76 45.20 -22.88
CA PRO B 65 36.01 45.08 -21.63
C PRO B 65 36.76 44.26 -20.58
N VAL B 66 36.97 44.87 -19.42
CA VAL B 66 37.61 44.22 -18.28
C VAL B 66 36.56 43.95 -17.19
N GLN B 67 36.47 42.72 -16.70
CA GLN B 67 35.52 42.35 -15.66
C GLN B 67 36.19 42.35 -14.28
N VAL B 68 35.46 42.81 -13.26
CA VAL B 68 35.97 42.78 -11.87
C VAL B 68 34.93 42.14 -10.96
N GLN B 69 35.26 40.97 -10.44
CA GLN B 69 34.27 40.15 -9.75
C GLN B 69 34.72 39.88 -8.32
N VAL B 70 33.84 40.17 -7.37
CA VAL B 70 34.06 39.72 -6.00
C VAL B 70 33.70 38.24 -6.00
N THR B 71 34.67 37.39 -5.68
CA THR B 71 34.46 35.94 -5.77
C THR B 71 33.96 35.37 -4.46
N SER B 72 34.43 35.96 -3.36
CA SER B 72 33.92 35.65 -2.04
C SER B 72 34.06 36.86 -1.11
N TYR B 73 32.97 37.15 -0.40
CA TYR B 73 32.93 38.25 0.54
C TYR B 73 33.51 37.84 1.89
N ASN B 74 33.08 36.70 2.42
CA ASN B 74 33.59 36.23 3.72
C ASN B 74 35.07 35.88 3.70
N ASN B 75 35.56 35.48 2.53
CA ASN B 75 36.93 35.01 2.38
C ASN B 75 37.83 36.05 1.70
N ASN B 76 37.27 37.22 1.46
CA ASN B 76 38.02 38.39 1.05
C ASN B 76 38.80 38.12 -0.24
N SER B 77 38.06 37.79 -1.31
CA SER B 77 38.72 37.50 -2.57
C SER B 77 37.97 38.11 -3.75
N TYR B 78 38.73 38.59 -4.74
CA TYR B 78 38.16 39.13 -5.97
C TYR B 78 38.93 38.66 -7.21
N ARG B 79 38.48 39.07 -8.40
CA ARG B 79 39.03 38.59 -9.67
C ARG B 79 38.98 39.64 -10.77
N VAL B 80 40.02 39.66 -11.59
CA VAL B 80 40.11 40.60 -12.70
C VAL B 80 40.36 39.84 -13.98
N ARG B 81 39.45 40.01 -14.93
CA ARG B 81 39.46 39.22 -16.15
C ARG B 81 39.19 40.10 -17.38
N PHE B 82 39.93 39.83 -18.45
CA PHE B 82 39.61 40.36 -19.78
C PHE B 82 40.23 39.47 -20.85
N ASN B 83 39.79 39.65 -22.08
CA ASN B 83 40.36 38.93 -23.20
C ASN B 83 40.65 39.88 -24.35
N PRO B 84 41.94 40.22 -24.57
CA PRO B 84 42.31 41.14 -25.65
C PRO B 84 42.13 40.54 -27.05
N ASP B 85 41.66 39.30 -27.14
CA ASP B 85 41.62 38.57 -28.41
C ASP B 85 40.21 38.24 -28.91
N GLY B 86 39.21 38.50 -28.07
CA GLY B 86 37.82 38.17 -28.38
C GLY B 86 36.95 38.29 -27.14
N PRO B 87 35.73 37.69 -27.18
CA PRO B 87 34.83 37.70 -26.02
C PRO B 87 35.45 37.03 -24.80
N ILE B 88 35.14 37.53 -23.61
CA ILE B 88 35.54 36.87 -22.38
C ILE B 88 34.73 35.57 -22.26
N ARG B 89 35.43 34.44 -22.31
CA ARG B 89 34.79 33.13 -22.23
C ARG B 89 35.11 32.41 -20.92
N ASP B 90 34.16 31.61 -20.45
CA ASP B 90 34.35 30.84 -19.24
C ASP B 90 35.00 29.51 -19.56
N VAL B 91 36.06 29.18 -18.81
CA VAL B 91 36.69 27.87 -18.91
C VAL B 91 35.66 26.79 -18.54
N THR B 92 35.69 25.68 -19.26
CA THR B 92 34.85 24.52 -18.94
C THR B 92 35.69 23.47 -18.21
N ARG B 93 37.01 23.61 -18.29
CA ARG B 93 37.94 22.79 -17.53
C ARG B 93 38.99 23.68 -16.92
N GLY B 94 39.40 23.36 -15.70
CA GLY B 94 40.40 24.13 -14.97
C GLY B 94 39.98 24.15 -13.52
N PRO B 95 40.88 24.62 -12.62
CA PRO B 95 40.63 24.67 -11.19
C PRO B 95 39.45 25.54 -10.78
N ILE B 96 39.23 26.65 -11.49
CA ILE B 96 38.23 27.62 -11.11
C ILE B 96 37.11 27.64 -12.12
N LEU B 97 35.94 27.26 -11.63
CA LEU B 97 34.79 27.00 -12.47
C LEU B 97 33.64 27.89 -12.06
N LYS B 98 32.92 28.38 -13.06
CA LYS B 98 31.76 29.26 -12.89
C LYS B 98 30.73 28.73 -11.88
N GLN B 99 30.43 27.43 -11.98
CA GLN B 99 29.42 26.79 -11.11
C GLN B 99 29.80 26.86 -9.64
N GLN B 100 31.11 26.82 -9.35
CA GLN B 100 31.60 26.92 -7.98
C GLN B 100 31.56 28.36 -7.48
N LEU B 101 31.93 29.30 -8.36
CA LEU B 101 31.80 30.73 -8.06
C LEU B 101 30.35 31.11 -7.81
N ASP B 102 29.45 30.61 -8.67
CA ASP B 102 28.01 30.78 -8.50
C ASP B 102 27.53 30.27 -7.13
N TRP B 103 28.05 29.12 -6.73
CA TRP B 103 27.63 28.47 -5.47
C TRP B 103 28.07 29.30 -4.26
N ILE B 104 29.34 29.74 -4.25
CA ILE B 104 29.84 30.62 -3.19
C ILE B 104 29.04 31.93 -3.08
N ARG B 105 28.81 32.61 -4.19
CA ARG B 105 28.00 33.84 -4.21
C ARG B 105 26.56 33.59 -3.73
N THR B 106 25.96 32.48 -4.16
CA THR B 106 24.60 32.14 -3.73
C THR B 106 24.53 31.90 -2.21
N GLN B 107 25.50 31.16 -1.67
CA GLN B 107 25.60 30.92 -0.24
C GLN B 107 25.75 32.20 0.57
N GLU B 108 26.61 33.09 0.08
CA GLU B 108 26.90 34.32 0.78
C GLU B 108 25.78 35.33 0.69
N LEU B 109 25.07 35.37 -0.44
CA LEU B 109 23.88 36.20 -0.60
C LEU B 109 22.83 35.89 0.48
N SER B 110 22.61 34.61 0.78
CA SER B 110 21.61 34.24 1.76
C SER B 110 22.05 34.54 3.21
N GLU B 111 23.35 34.81 3.39
CA GLU B 111 23.88 35.20 4.71
C GLU B 111 23.90 36.71 4.95
N GLY B 112 23.45 37.49 3.98
CA GLY B 112 23.42 38.95 4.10
C GLY B 112 24.66 39.68 3.62
N CYS B 113 25.59 38.97 2.97
CA CYS B 113 26.81 39.57 2.43
C CYS B 113 26.51 40.53 1.28
N ASP B 114 27.05 41.75 1.38
CA ASP B 114 26.85 42.80 0.37
C ASP B 114 28.14 43.59 0.18
N PRO B 115 28.88 43.29 -0.90
CA PRO B 115 30.17 43.95 -1.21
C PRO B 115 30.01 45.44 -1.51
N GLY B 116 28.80 45.84 -1.85
CA GLY B 116 28.49 47.26 -2.08
C GLY B 116 29.23 47.80 -3.28
N MET B 117 29.22 47.04 -4.37
CA MET B 117 29.89 47.42 -5.60
C MET B 117 29.22 48.63 -6.22
N THR B 118 29.99 49.71 -6.40
CA THR B 118 29.45 50.94 -6.98
C THR B 118 30.50 51.74 -7.76
N PHE B 119 29.99 52.48 -8.76
CA PHE B 119 30.78 53.44 -9.52
C PHE B 119 30.58 54.86 -8.98
N THR B 120 31.68 55.54 -8.67
CA THR B 120 31.62 56.92 -8.18
C THR B 120 31.33 57.89 -9.33
N SER B 121 31.13 59.16 -8.98
CA SER B 121 30.91 60.22 -9.97
C SER B 121 32.03 60.33 -11.01
N GLU B 122 33.28 60.17 -10.57
CA GLU B 122 34.42 60.23 -11.49
C GLU B 122 34.69 58.92 -12.26
N GLY B 123 33.87 57.88 -12.00
CA GLY B 123 33.97 56.62 -12.72
C GLY B 123 34.83 55.56 -12.06
N PHE B 124 35.30 55.85 -10.85
CA PHE B 124 36.06 54.90 -10.05
C PHE B 124 35.17 53.74 -9.58
N LEU B 125 35.73 52.54 -9.50
CA LEU B 125 34.96 51.41 -8.99
C LEU B 125 35.33 51.12 -7.56
N THR B 126 34.31 51.08 -6.71
CA THR B 126 34.53 50.80 -5.29
C THR B 126 33.71 49.61 -4.81
N PHE B 127 34.31 48.87 -3.87
CA PHE B 127 33.65 47.75 -3.22
C PHE B 127 34.36 47.32 -1.93
N GLU B 128 33.65 46.53 -1.13
CA GLU B 128 34.17 46.05 0.13
C GLU B 128 34.07 44.52 0.19
N THR B 129 34.88 43.92 1.06
CA THR B 129 34.64 42.55 1.50
C THR B 129 34.52 42.54 3.04
N LYS B 130 34.42 41.36 3.64
CA LYS B 130 34.33 41.23 5.09
C LYS B 130 35.42 42.06 5.79
N ASP B 131 36.65 42.01 5.30
CA ASP B 131 37.77 42.68 5.98
C ASP B 131 38.49 43.77 5.18
N LEU B 132 38.15 43.91 3.89
CA LEU B 132 38.86 44.84 3.02
C LEU B 132 37.94 45.82 2.29
N SER B 133 38.53 46.94 1.85
CA SER B 133 37.86 47.84 0.92
C SER B 133 38.78 48.18 -0.25
N VAL B 134 38.21 48.17 -1.45
CA VAL B 134 38.99 48.26 -2.67
C VAL B 134 38.51 49.42 -3.52
N ILE B 135 39.45 50.21 -4.03
CA ILE B 135 39.13 51.25 -5.00
C ILE B 135 39.96 51.09 -6.27
N ILE B 136 39.27 51.07 -7.41
CA ILE B 136 39.90 51.00 -8.73
C ILE B 136 39.66 52.33 -9.46
N TYR B 137 40.73 53.10 -9.68
CA TYR B 137 40.62 54.39 -10.39
C TYR B 137 40.43 54.22 -11.91
N GLY B 138 40.35 55.34 -12.62
CA GLY B 138 39.98 55.37 -14.05
C GLY B 138 40.92 54.66 -15.01
N ASN B 139 42.23 54.70 -14.73
CA ASN B 139 43.21 53.96 -15.54
C ASN B 139 43.42 52.54 -15.02
N PHE B 140 42.71 52.20 -13.94
CA PHE B 140 42.71 50.87 -13.30
C PHE B 140 43.66 50.73 -12.11
N LYS B 141 44.35 51.80 -11.72
CA LYS B 141 45.16 51.82 -10.50
C LYS B 141 44.37 51.29 -9.29
N THR B 142 44.79 50.16 -8.75
CA THR B 142 44.05 49.48 -7.70
C THR B 142 44.73 49.68 -6.35
N ARG B 143 43.92 50.00 -5.33
CA ARG B 143 44.36 50.01 -3.94
C ARG B 143 43.43 49.18 -3.09
N VAL B 144 43.99 48.15 -2.47
CA VAL B 144 43.26 47.31 -1.55
C VAL B 144 43.66 47.73 -0.16
N THR B 145 42.67 48.02 0.68
CA THR B 145 42.89 48.55 2.02
C THR B 145 42.25 47.63 3.06
N ARG B 146 42.95 47.41 4.17
CA ARG B 146 42.39 46.65 5.29
C ARG B 146 41.60 47.56 6.25
N LYS B 147 40.34 47.21 6.48
CA LYS B 147 39.39 48.06 7.21
C LYS B 147 39.74 48.32 8.68
N SER B 148 40.28 47.31 9.36
CA SER B 148 40.49 47.40 10.81
C SER B 148 41.58 48.40 11.19
N ASP B 149 42.64 48.47 10.41
CA ASP B 149 43.76 49.35 10.75
C ASP B 149 44.06 50.42 9.71
N GLY B 150 43.49 50.25 8.51
CA GLY B 150 43.67 51.19 7.41
C GLY B 150 44.87 50.94 6.53
N LYS B 151 45.62 49.87 6.80
CA LYS B 151 46.82 49.55 6.02
C LYS B 151 46.47 49.24 4.57
N VAL B 152 47.24 49.82 3.66
CA VAL B 152 47.20 49.46 2.25
C VAL B 152 48.00 48.18 2.13
N ILE B 153 47.34 47.14 1.64
CA ILE B 153 47.84 45.77 1.64
C ILE B 153 48.46 45.48 0.28
N MET B 154 47.70 45.77 -0.77
CA MET B 154 48.17 45.65 -2.15
C MET B 154 47.82 46.92 -2.94
N GLU B 155 48.74 47.30 -3.83
CA GLU B 155 48.42 48.25 -4.88
C GLU B 155 49.19 47.87 -6.14
N ASN B 156 48.51 47.96 -7.29
CA ASN B 156 49.17 47.71 -8.56
C ASN B 156 50.08 48.86 -9.03
N ASP B 157 50.63 48.75 -10.25
CA ASP B 157 51.71 49.64 -10.66
C ASP B 157 51.39 50.53 -11.85
N GLU B 158 51.84 51.77 -11.75
CA GLU B 158 51.74 52.75 -12.84
C GLU B 158 53.13 53.09 -13.37
N VAL B 159 53.24 53.18 -14.70
CA VAL B 159 54.42 53.77 -15.34
C VAL B 159 54.04 55.12 -15.99
N GLY B 160 54.98 56.06 -15.98
CA GLY B 160 54.74 57.38 -16.58
C GLY B 160 55.07 57.45 -18.06
N THR B 161 54.44 58.38 -18.77
CA THR B 161 54.83 58.73 -20.13
C THR B 161 55.27 60.19 -20.19
N ALA B 162 55.96 60.56 -21.26
CA ALA B 162 56.45 61.92 -21.41
C ALA B 162 55.30 62.91 -21.50
N SER B 163 54.20 62.51 -22.15
CA SER B 163 53.08 63.42 -22.41
C SER B 163 51.77 62.71 -22.76
N SER B 164 51.33 61.80 -21.90
CA SER B 164 50.07 61.06 -22.09
C SER B 164 49.54 60.45 -20.81
N GLY B 165 50.17 60.80 -19.69
CA GLY B 165 49.67 60.40 -18.36
C GLY B 165 50.27 59.13 -17.83
N ASN B 166 49.82 58.72 -16.65
CA ASN B 166 50.21 57.43 -16.07
C ASN B 166 49.42 56.26 -16.66
N LYS B 167 50.11 55.17 -16.94
CA LYS B 167 49.44 53.97 -17.43
C LYS B 167 49.62 52.84 -16.43
N CYS B 168 48.52 52.12 -16.18
CA CYS B 168 48.53 51.05 -15.19
C CYS B 168 49.03 49.75 -15.79
N ARG B 169 50.14 49.26 -15.23
CA ARG B 169 50.76 48.03 -15.70
C ARG B 169 50.21 46.85 -14.93
N GLY B 170 49.11 47.08 -14.24
CA GLY B 170 48.35 46.04 -13.59
C GLY B 170 47.57 45.28 -14.62
N LEU B 171 47.39 45.85 -15.81
CA LEU B 171 46.71 45.19 -16.93
C LEU B 171 47.45 45.40 -18.26
N MET B 172 48.27 44.42 -18.66
CA MET B 172 49.16 44.54 -19.82
C MET B 172 48.94 43.44 -20.82
N PHE B 173 48.98 43.81 -22.09
CA PHE B 173 49.12 42.83 -23.15
C PHE B 173 49.96 43.40 -24.29
N VAL B 174 50.78 42.56 -24.92
CA VAL B 174 51.57 42.94 -26.09
C VAL B 174 50.61 43.19 -27.24
N ASP B 175 50.90 44.23 -28.03
CA ASP B 175 50.14 44.55 -29.24
C ASP B 175 50.07 43.30 -30.10
N ARG B 176 48.89 43.00 -30.64
CA ARG B 176 48.69 41.74 -31.37
C ARG B 176 49.35 41.76 -32.75
N LEU B 177 49.87 42.92 -33.15
CA LEU B 177 50.67 43.01 -34.38
C LEU B 177 52.08 42.45 -34.14
N TYR B 178 52.44 42.28 -32.86
CA TYR B 178 53.78 41.84 -32.48
C TYR B 178 53.83 40.60 -31.57
N GLY B 179 52.77 40.36 -30.80
CA GLY B 179 52.78 39.27 -29.82
C GLY B 179 51.42 38.87 -29.26
N ASN B 180 51.45 38.03 -28.23
CA ASN B 180 50.25 37.48 -27.62
C ASN B 180 50.33 37.47 -26.10
N ALA B 181 51.52 37.77 -25.60
CA ALA B 181 51.77 37.81 -24.17
C ALA B 181 50.83 38.78 -23.44
N ILE B 182 50.52 38.41 -22.19
CA ILE B 182 49.82 39.28 -21.26
C ILE B 182 50.70 39.42 -20.02
N ALA B 183 50.48 40.46 -19.22
CA ALA B 183 51.23 40.65 -17.96
C ALA B 183 50.47 41.52 -16.96
N SER B 184 50.89 41.50 -15.69
CA SER B 184 50.24 42.32 -14.67
C SER B 184 51.21 42.62 -13.55
N VAL B 185 51.40 43.91 -13.24
CA VAL B 185 52.45 44.34 -12.31
C VAL B 185 51.92 45.03 -11.04
N ASN B 186 52.40 44.60 -9.87
CA ASN B 186 52.13 45.27 -8.58
C ASN B 186 53.37 45.93 -8.04
N LYS B 187 53.18 46.94 -7.20
CA LYS B 187 54.25 47.41 -6.33
C LYS B 187 54.68 46.24 -5.42
N ASN B 188 55.99 46.15 -5.21
CA ASN B 188 56.58 45.06 -4.48
C ASN B 188 57.38 45.63 -3.32
N PHE B 189 56.96 45.31 -2.10
CA PHE B 189 57.51 45.92 -0.87
C PHE B 189 58.52 45.03 -0.16
N ARG B 190 59.18 44.15 -0.91
CA ARG B 190 60.20 43.27 -0.33
C ARG B 190 61.30 44.05 0.38
N ASN B 191 61.65 45.23 -0.17
CA ASN B 191 62.70 46.11 0.36
C ASN B 191 62.27 47.10 1.44
N ASP B 192 60.97 47.16 1.72
CA ASP B 192 60.44 48.04 2.76
C ASP B 192 60.84 47.57 4.16
N ALA B 193 61.51 48.45 4.91
CA ALA B 193 61.99 48.16 6.26
C ALA B 193 60.93 47.53 7.16
N VAL B 194 59.74 48.15 7.19
CA VAL B 194 58.65 47.66 8.02
C VAL B 194 58.04 46.34 7.50
N LYS B 195 57.67 46.32 6.22
CA LYS B 195 56.92 45.20 5.65
C LYS B 195 57.79 43.99 5.33
N GLN B 196 58.94 44.23 4.69
CA GLN B 196 59.86 43.18 4.25
C GLN B 196 59.11 42.04 3.57
N GLU B 197 58.31 42.38 2.56
CA GLU B 197 57.47 41.39 1.88
C GLU B 197 58.22 40.13 1.46
N GLY B 198 57.48 39.05 1.29
CA GLY B 198 58.04 37.76 0.91
C GLY B 198 57.04 37.03 0.04
N PHE B 199 57.55 36.27 -0.93
CA PHE B 199 56.68 35.58 -1.86
C PHE B 199 56.89 34.09 -1.68
N TYR B 200 55.79 33.35 -1.57
CA TYR B 200 55.84 31.94 -1.27
C TYR B 200 54.97 31.20 -2.24
N GLY B 201 55.17 29.90 -2.37
CA GLY B 201 54.30 29.05 -3.18
C GLY B 201 55.02 28.59 -4.42
N ALA B 202 54.42 28.88 -5.59
CA ALA B 202 55.00 28.55 -6.90
C ALA B 202 55.41 27.07 -7.05
N GLY B 203 54.59 26.18 -6.49
CA GLY B 203 54.71 24.72 -6.67
C GLY B 203 56.03 24.05 -6.35
N GLU B 204 56.69 23.52 -7.39
CA GLU B 204 57.95 22.79 -7.20
C GLU B 204 59.23 23.45 -7.78
N VAL B 205 59.18 24.75 -8.05
CA VAL B 205 60.36 25.49 -8.43
C VAL B 205 61.40 25.36 -7.29
N ASN B 206 62.65 25.12 -7.66
CA ASN B 206 63.74 25.06 -6.67
C ASN B 206 64.54 26.33 -6.71
N CYS B 207 65.19 26.69 -5.60
CA CYS B 207 65.97 27.91 -5.56
C CYS B 207 67.14 27.80 -4.62
N LYS B 208 68.33 27.84 -5.20
CA LYS B 208 69.54 27.73 -4.43
C LYS B 208 69.93 29.11 -3.94
N TYR B 209 70.37 29.16 -2.70
CA TYR B 209 71.01 30.34 -2.19
C TYR B 209 72.26 29.80 -1.52
N GLN B 210 73.42 30.31 -1.95
CA GLN B 210 74.73 29.79 -1.55
C GLN B 210 74.84 28.28 -1.83
N ASP B 211 75.02 27.50 -0.75
CA ASP B 211 75.16 26.04 -0.85
C ASP B 211 73.87 25.30 -0.45
N THR B 212 72.82 26.06 -0.12
CA THR B 212 71.59 25.51 0.44
C THR B 212 70.39 25.76 -0.45
N TYR B 213 69.39 24.88 -0.37
CA TYR B 213 68.17 25.02 -1.15
C TYR B 213 67.00 25.48 -0.29
N ILE B 214 66.30 26.53 -0.74
CA ILE B 214 65.42 27.33 0.13
C ILE B 214 63.94 27.35 -0.23
N LEU B 215 63.14 27.74 0.76
CA LEU B 215 61.69 27.75 0.69
C LEU B 215 61.13 28.96 -0.06
N GLU B 216 61.56 30.16 0.35
CA GLU B 216 61.00 31.43 -0.14
C GLU B 216 61.34 31.72 -1.60
N ARG B 217 60.43 32.40 -2.29
CA ARG B 217 60.53 32.65 -3.74
C ARG B 217 60.49 34.15 -4.02
N THR B 218 61.26 34.90 -3.21
CA THR B 218 61.34 36.35 -3.29
C THR B 218 62.53 36.82 -4.12
N GLY B 219 62.27 37.71 -5.07
CA GLY B 219 63.33 38.38 -5.84
C GLY B 219 63.86 37.57 -7.01
N ILE B 220 62.98 36.77 -7.63
CA ILE B 220 63.39 35.79 -8.62
C ILE B 220 62.45 35.69 -9.82
N ALA B 221 63.01 35.37 -10.99
CA ALA B 221 62.25 35.25 -12.22
C ALA B 221 61.95 33.78 -12.52
N MET B 222 60.72 33.36 -12.22
CA MET B 222 60.30 31.97 -12.40
C MET B 222 59.43 31.84 -13.63
N THR B 223 59.22 30.59 -14.06
CA THR B 223 58.31 30.27 -15.16
C THR B 223 57.65 28.91 -14.89
N ASN B 224 56.45 28.73 -15.47
CA ASN B 224 55.75 27.45 -15.48
C ASN B 224 55.70 27.03 -16.92
N TYR B 225 56.34 25.90 -17.17
CA TYR B 225 56.56 25.34 -18.49
C TYR B 225 56.89 23.89 -18.21
N ASN B 226 55.82 23.12 -18.05
CA ASN B 226 55.90 21.72 -17.68
C ASN B 226 56.90 20.95 -18.55
N TYR B 227 57.93 20.40 -17.92
CA TYR B 227 59.04 19.79 -18.65
C TYR B 227 59.42 18.40 -18.14
N ASP B 228 59.82 17.55 -19.09
CA ASP B 228 60.43 16.25 -18.78
C ASP B 228 61.82 16.51 -18.22
N ASN B 229 61.85 17.00 -17.00
CA ASN B 229 63.02 17.65 -16.48
C ASN B 229 63.74 16.82 -15.44
N LEU B 230 64.32 15.70 -15.87
CA LEU B 230 65.14 14.82 -15.00
C LEU B 230 66.24 15.55 -14.23
N ASN B 231 66.40 15.20 -12.95
CA ASN B 231 67.33 15.88 -12.02
C ASN B 231 66.99 17.35 -11.81
N TYR B 232 65.92 17.78 -12.49
CA TYR B 232 65.39 19.13 -12.42
C TYR B 232 66.21 20.14 -13.25
N ASN B 233 67.28 19.68 -13.89
CA ASN B 233 68.29 20.55 -14.47
C ASN B 233 68.66 20.21 -15.91
N GLN B 234 67.69 19.82 -16.72
CA GLN B 234 67.97 19.46 -18.11
C GLN B 234 68.79 20.57 -18.77
N TRP B 235 69.77 20.16 -19.59
CA TRP B 235 70.72 21.07 -20.19
C TRP B 235 70.08 22.08 -21.16
N ASP B 236 69.01 21.66 -21.85
CA ASP B 236 68.30 22.56 -22.79
C ASP B 236 67.49 23.69 -22.12
N LEU B 237 67.45 23.68 -20.78
CA LEU B 237 66.80 24.76 -20.05
C LEU B 237 67.81 25.80 -19.59
N ARG B 238 69.11 25.56 -19.85
CA ARG B 238 70.14 26.51 -19.46
C ARG B 238 69.88 27.94 -19.99
N PRO B 239 70.28 28.96 -19.22
CA PRO B 239 70.28 30.33 -19.70
C PRO B 239 71.30 30.51 -20.81
N PRO B 240 71.08 31.48 -21.72
CA PRO B 240 72.03 31.76 -22.80
C PRO B 240 73.48 31.89 -22.31
N HIS B 241 74.37 31.17 -22.99
CA HIS B 241 75.83 31.18 -22.74
C HIS B 241 76.27 30.74 -21.35
N HIS B 242 75.47 29.86 -20.74
CA HIS B 242 75.80 29.26 -19.45
C HIS B 242 77.08 28.41 -19.53
N ASP B 243 77.98 28.64 -18.57
CA ASP B 243 79.24 27.89 -18.45
C ASP B 243 79.15 26.87 -17.32
N GLY B 244 79.54 25.63 -17.60
CA GLY B 244 79.62 24.61 -16.58
C GLY B 244 78.29 24.03 -16.13
N ALA B 245 78.33 23.33 -15.00
CA ALA B 245 77.16 22.64 -14.45
C ALA B 245 75.94 23.55 -14.33
N LEU B 246 74.83 23.09 -14.90
CA LEU B 246 73.53 23.71 -14.65
C LEU B 246 72.93 23.09 -13.37
N ASN B 247 73.04 23.84 -12.28
CA ASN B 247 72.42 23.46 -11.02
C ASN B 247 70.92 23.74 -11.03
N PRO B 248 70.12 22.92 -10.30
CA PRO B 248 68.69 23.20 -10.12
C PRO B 248 68.46 24.58 -9.52
N ASP B 249 67.58 25.38 -10.12
CA ASP B 249 67.41 26.77 -9.68
C ASP B 249 66.17 27.49 -10.19
N TYR B 250 65.95 28.67 -9.60
CA TYR B 250 64.67 29.37 -9.73
C TYR B 250 64.14 29.60 -11.14
N TYR B 251 65.05 29.66 -12.12
CA TYR B 251 64.70 30.01 -13.51
C TYR B 251 64.32 28.82 -14.35
N ILE B 252 64.43 27.63 -13.77
CA ILE B 252 64.18 26.39 -14.49
C ILE B 252 62.78 25.90 -14.18
N PRO B 253 61.97 25.59 -15.21
CA PRO B 253 60.63 25.11 -14.95
C PRO B 253 60.66 23.67 -14.44
N MET B 254 59.51 23.22 -13.91
CA MET B 254 59.38 21.88 -13.38
C MET B 254 58.24 21.10 -14.04
N TYR B 255 57.76 20.07 -13.35
CA TYR B 255 56.69 19.21 -13.87
C TYR B 255 55.29 19.77 -13.60
N TYR B 256 55.17 20.58 -12.55
CA TYR B 256 53.87 21.11 -12.10
C TYR B 256 53.72 22.60 -12.38
N ALA B 257 52.69 22.98 -13.12
CA ALA B 257 52.39 24.40 -13.40
C ALA B 257 51.60 25.08 -12.25
N ALA B 258 52.30 25.93 -11.51
CA ALA B 258 51.74 26.67 -10.37
C ALA B 258 51.95 28.20 -10.47
N PRO B 259 51.19 28.90 -11.34
CA PRO B 259 51.25 30.37 -11.36
C PRO B 259 50.56 30.98 -10.14
N TRP B 260 51.19 30.83 -8.97
CA TRP B 260 50.52 31.06 -7.70
C TRP B 260 51.53 31.49 -6.67
N LEU B 261 51.32 32.69 -6.11
CA LEU B 261 52.17 33.20 -5.04
C LEU B 261 51.35 33.56 -3.81
N ILE B 262 51.99 33.46 -2.64
CA ILE B 262 51.43 33.97 -1.42
C ILE B 262 52.37 35.03 -0.90
N VAL B 263 51.88 36.28 -0.90
CA VAL B 263 52.59 37.41 -0.34
C VAL B 263 52.38 37.49 1.17
N ASN B 264 53.48 37.61 1.90
CA ASN B 264 53.40 37.74 3.34
C ASN B 264 54.20 38.95 3.78
N GLY B 265 53.59 39.81 4.57
CA GLY B 265 54.22 41.07 4.98
C GLY B 265 54.02 41.40 6.44
N CYS B 266 54.86 42.26 6.97
CA CYS B 266 54.86 42.57 8.40
C CYS B 266 54.72 41.27 9.20
N ALA B 267 55.51 40.26 8.83
CA ALA B 267 55.40 38.93 9.41
C ALA B 267 55.87 38.91 10.85
N GLY B 268 55.17 38.11 11.67
CA GLY B 268 55.51 37.94 13.10
C GLY B 268 54.85 38.95 14.04
N THR B 269 54.12 39.90 13.46
CA THR B 269 53.47 40.97 14.23
C THR B 269 51.95 40.89 14.06
N SER B 270 51.22 41.68 14.85
CA SER B 270 49.77 41.68 14.85
C SER B 270 49.17 42.44 13.66
N GLU B 271 49.99 43.22 12.97
CA GLU B 271 49.55 43.87 11.72
C GLU B 271 49.99 43.08 10.48
N GLN B 272 50.37 41.82 10.66
CA GLN B 272 50.72 40.91 9.56
C GLN B 272 49.61 40.83 8.52
N TYR B 273 49.98 40.82 7.24
CA TYR B 273 49.03 40.59 6.17
C TYR B 273 49.51 39.48 5.24
N SER B 274 48.57 38.87 4.52
CA SER B 274 48.84 37.77 3.64
C SER B 274 47.79 37.71 2.54
N TYR B 275 48.23 37.61 1.29
CA TYR B 275 47.32 37.44 0.18
C TYR B 275 47.94 36.57 -0.90
N GLY B 276 47.08 35.88 -1.63
CA GLY B 276 47.50 34.97 -2.68
C GLY B 276 47.14 35.54 -4.03
N TRP B 277 48.00 35.26 -5.01
CA TRP B 277 47.89 35.81 -6.35
C TRP B 277 47.94 34.66 -7.35
N PHE B 278 46.84 34.47 -8.07
CA PHE B 278 46.71 33.37 -9.00
C PHE B 278 46.41 33.90 -10.39
N MET B 279 47.30 33.62 -11.32
CA MET B 279 47.01 33.96 -12.69
C MET B 279 46.56 32.67 -13.34
N ASP B 280 45.26 32.57 -13.53
CA ASP B 280 44.70 31.38 -14.11
C ASP B 280 45.01 31.35 -15.60
N ASN B 281 46.19 30.86 -15.92
CA ASN B 281 46.65 30.73 -17.30
C ASN B 281 47.41 29.42 -17.51
N VAL B 282 47.04 28.72 -18.59
CA VAL B 282 47.63 27.42 -18.89
C VAL B 282 48.68 27.46 -20.01
N SER B 283 48.93 28.65 -20.57
CA SER B 283 50.09 28.79 -21.45
C SER B 283 51.32 28.91 -20.55
N GLN B 284 52.50 29.06 -21.15
CA GLN B 284 53.69 29.34 -20.39
C GLN B 284 53.44 30.63 -19.63
N SER B 285 53.69 30.60 -18.32
CA SER B 285 53.41 31.73 -17.47
C SER B 285 54.66 32.06 -16.68
N TYR B 286 54.70 33.26 -16.11
CA TYR B 286 55.88 33.76 -15.41
C TYR B 286 55.47 34.37 -14.09
N MET B 287 56.36 34.27 -13.12
CA MET B 287 56.18 34.95 -11.85
C MET B 287 57.50 35.57 -11.45
N ASN B 288 57.56 36.88 -11.54
CA ASN B 288 58.76 37.62 -11.23
C ASN B 288 58.57 38.37 -9.92
N THR B 289 59.30 37.96 -8.90
CA THR B 289 59.12 38.58 -7.59
C THR B 289 60.19 39.62 -7.28
N GLY B 290 60.63 40.31 -8.33
CA GLY B 290 61.58 41.40 -8.21
C GLY B 290 63.00 41.05 -8.57
N ASP B 291 63.17 40.41 -9.72
CA ASP B 291 64.48 39.92 -10.17
C ASP B 291 65.10 40.84 -11.22
N THR B 292 66.29 41.37 -10.93
CA THR B 292 67.03 42.23 -11.87
C THR B 292 67.90 41.44 -12.87
N THR B 293 68.15 40.18 -12.56
CA THR B 293 68.88 39.27 -13.44
C THR B 293 68.21 39.26 -14.82
N TRP B 294 69.04 39.34 -15.86
CA TRP B 294 68.63 39.45 -17.28
C TRP B 294 67.76 40.65 -17.62
N ASN B 295 67.60 41.57 -16.67
CA ASN B 295 66.64 42.67 -16.82
C ASN B 295 65.18 42.19 -16.96
N SER B 296 64.87 41.10 -16.28
CA SER B 296 63.52 40.54 -16.32
C SER B 296 62.53 41.36 -15.49
N GLY B 297 62.98 41.86 -14.33
CA GLY B 297 62.15 42.71 -13.47
C GLY B 297 62.86 43.91 -12.86
N GLN B 298 62.31 44.43 -11.77
CA GLN B 298 62.93 45.47 -10.92
C GLN B 298 62.72 45.09 -9.45
N GLU B 299 63.68 45.45 -8.59
CA GLU B 299 63.62 45.11 -7.15
C GLU B 299 62.30 45.48 -6.44
N ASP B 300 61.65 46.56 -6.89
CA ASP B 300 60.38 47.02 -6.28
C ASP B 300 59.10 46.76 -7.12
N LEU B 301 59.16 45.80 -8.02
CA LEU B 301 57.97 45.44 -8.81
C LEU B 301 57.78 43.92 -8.84
N ALA B 302 56.53 43.48 -8.92
CA ALA B 302 56.24 42.06 -9.08
C ALA B 302 55.23 41.91 -10.20
N TYR B 303 55.42 40.89 -11.03
CA TYR B 303 54.46 40.64 -12.08
C TYR B 303 54.20 39.17 -12.31
N MET B 304 53.13 38.90 -13.06
CA MET B 304 52.84 37.58 -13.53
C MET B 304 52.45 37.76 -14.98
N GLY B 305 52.83 36.81 -15.82
CA GLY B 305 52.61 36.97 -17.25
C GLY B 305 52.46 35.64 -17.93
N ALA B 306 52.08 35.68 -19.20
CA ALA B 306 51.89 34.44 -19.94
C ALA B 306 52.18 34.74 -21.37
N GLN B 307 52.54 33.72 -22.16
CA GLN B 307 52.85 33.92 -23.56
C GLN B 307 51.58 34.14 -24.36
N TYR B 308 50.45 33.76 -23.78
CA TYR B 308 49.16 33.82 -24.46
C TYR B 308 48.03 34.23 -23.53
N GLY B 309 46.97 34.81 -24.11
CA GLY B 309 45.77 35.18 -23.35
C GLY B 309 44.91 33.95 -23.05
N PRO B 310 43.80 34.13 -22.31
CA PRO B 310 43.25 35.40 -21.86
C PRO B 310 43.80 35.82 -20.50
N PHE B 311 43.34 36.97 -20.02
CA PHE B 311 43.76 37.52 -18.72
C PHE B 311 42.80 37.04 -17.65
N ASP B 312 43.32 36.43 -16.59
CA ASP B 312 42.45 35.98 -15.50
C ASP B 312 43.26 35.86 -14.22
N GLN B 313 42.99 36.73 -13.25
CA GLN B 313 43.71 36.61 -11.99
C GLN B 313 42.84 36.81 -10.76
N HIS B 314 43.27 36.19 -9.67
CA HIS B 314 42.57 36.23 -8.41
C HIS B 314 43.49 36.76 -7.33
N PHE B 315 42.94 37.65 -6.52
CA PHE B 315 43.55 38.11 -5.27
C PHE B 315 42.76 37.39 -4.21
N VAL B 316 43.47 36.76 -3.26
CA VAL B 316 42.86 35.89 -2.26
C VAL B 316 43.44 36.21 -0.88
N TYR B 317 42.77 37.11 -0.15
CA TYR B 317 43.29 37.55 1.17
C TYR B 317 43.00 36.55 2.28
N GLY B 318 41.85 35.88 2.18
CA GLY B 318 41.45 34.89 3.18
C GLY B 318 40.59 35.44 4.30
N ALA B 319 39.91 34.53 4.99
CA ALA B 319 38.98 34.88 6.04
C ALA B 319 39.70 35.34 7.30
N GLY B 320 40.56 34.46 7.83
CA GLY B 320 41.30 34.76 9.05
C GLY B 320 42.60 35.45 8.73
N GLY B 321 43.55 35.33 9.64
CA GLY B 321 44.90 35.86 9.46
C GLY B 321 45.92 34.74 9.29
N GLY B 322 47.02 35.06 8.62
CA GLY B 322 48.08 34.10 8.41
C GLY B 322 48.01 33.49 7.03
N MET B 323 49.14 32.96 6.59
CA MET B 323 49.26 32.33 5.29
C MET B 323 48.37 31.08 5.10
N GLU B 324 48.08 30.35 6.16
CA GLU B 324 47.29 29.15 6.01
C GLU B 324 45.88 29.44 5.51
N CSO B 325 45.31 30.60 5.89
CA CSO B 325 43.95 30.94 5.42
CB CSO B 325 43.13 31.83 6.37
SG CSO B 325 43.32 31.35 8.12
C CSO B 325 43.88 31.37 3.96
O CSO B 325 42.81 31.32 3.34
OD CSO B 325 42.24 29.98 8.53
N VAL B 326 45.02 31.74 3.40
CA VAL B 326 45.10 31.96 1.95
C VAL B 326 44.87 30.63 1.20
N VAL B 327 45.62 29.59 1.59
CA VAL B 327 45.50 28.27 0.98
C VAL B 327 44.05 27.78 1.10
N THR B 328 43.55 27.81 2.32
CA THR B 328 42.16 27.48 2.62
C THR B 328 41.17 28.19 1.66
N ALA B 329 41.30 29.51 1.53
CA ALA B 329 40.40 30.30 0.68
C ALA B 329 40.56 30.00 -0.81
N PHE B 330 41.81 29.91 -1.25
CA PHE B 330 42.13 29.45 -2.61
C PHE B 330 41.51 28.05 -2.87
N SER B 331 41.58 27.18 -1.87
CA SER B 331 41.03 25.83 -2.03
C SER B 331 39.50 25.86 -2.09
N LEU B 332 38.87 26.89 -1.53
CA LEU B 332 37.41 27.02 -1.63
C LEU B 332 37.00 27.44 -3.03
N LEU B 333 37.79 28.33 -3.63
CA LEU B 333 37.54 28.82 -4.99
C LEU B 333 37.57 27.66 -5.97
N GLN B 334 38.33 26.63 -5.61
CA GLN B 334 38.54 25.45 -6.45
C GLN B 334 37.59 24.33 -6.07
N GLY B 335 36.91 24.54 -4.93
CA GLY B 335 36.13 23.52 -4.24
C GLY B 335 35.00 22.84 -4.99
N LYS B 336 34.45 21.80 -4.38
CA LYS B 336 33.47 20.97 -5.06
C LYS B 336 32.15 20.89 -4.28
N GLU B 337 31.89 21.94 -3.50
CA GLU B 337 30.63 22.08 -2.78
C GLU B 337 29.43 22.19 -3.72
N PHE B 338 29.66 22.64 -4.96
CA PHE B 338 28.57 22.78 -5.94
C PHE B 338 28.06 21.45 -6.50
N GLU B 339 28.80 20.37 -6.25
CA GLU B 339 28.39 19.03 -6.61
C GLU B 339 27.76 18.31 -5.39
N ASN B 340 27.75 19.02 -4.26
CA ASN B 340 27.25 18.49 -2.98
C ASN B 340 28.14 17.39 -2.41
N GLN B 341 29.44 17.52 -2.60
CA GLN B 341 30.38 16.53 -2.10
C GLN B 341 30.25 16.44 -0.59
N VAL B 342 30.00 15.22 -0.11
CA VAL B 342 29.88 14.98 1.32
C VAL B 342 31.26 14.99 1.98
N LEU B 343 32.27 14.57 1.23
CA LEU B 343 33.65 14.48 1.75
C LEU B 343 34.70 15.17 0.90
N ASN B 344 34.68 14.91 -0.41
CA ASN B 344 35.72 15.45 -1.30
C ASN B 344 35.43 16.90 -1.76
N LYS B 345 35.32 17.80 -0.80
CA LYS B 345 35.04 19.20 -1.10
C LYS B 345 36.22 19.90 -1.73
N ARG B 346 37.39 19.72 -1.14
CA ARG B 346 38.59 20.47 -1.52
C ARG B 346 39.65 19.66 -2.29
N SER B 347 39.50 18.34 -2.32
CA SER B 347 40.48 17.41 -2.90
C SER B 347 39.85 16.05 -2.73
N VAL B 348 40.27 15.04 -3.49
CA VAL B 348 39.74 13.68 -3.31
C VAL B 348 40.56 12.90 -2.29
N MET B 349 39.86 12.17 -1.44
CA MET B 349 40.46 11.35 -0.38
C MET B 349 41.14 10.08 -0.94
N PRO B 350 42.34 9.76 -0.42
CA PRO B 350 42.98 8.56 -0.90
C PRO B 350 42.50 7.33 -0.10
N PRO B 351 42.77 6.11 -0.61
CA PRO B 351 42.71 4.95 0.26
C PRO B 351 43.73 5.12 1.39
N LYS B 352 43.47 4.50 2.53
CA LYS B 352 44.41 4.57 3.63
C LYS B 352 45.81 4.08 3.21
N TYR B 353 45.87 3.11 2.30
CA TYR B 353 47.15 2.48 1.96
C TYR B 353 48.20 3.45 1.35
N VAL B 354 47.72 4.53 0.75
CA VAL B 354 48.56 5.53 0.09
C VAL B 354 49.60 6.13 1.05
N PHE B 355 49.35 6.03 2.35
CA PHE B 355 50.26 6.59 3.34
C PHE B 355 51.30 5.60 3.86
N GLY B 356 51.29 4.38 3.32
CA GLY B 356 52.29 3.38 3.68
C GLY B 356 53.61 3.60 2.95
N PHE B 357 54.59 2.76 3.28
CA PHE B 357 55.90 2.78 2.63
C PHE B 357 55.95 1.89 1.36
N PHE B 358 56.13 2.55 0.21
CA PHE B 358 56.28 1.88 -1.06
C PHE B 358 57.75 1.80 -1.51
N GLN B 359 58.02 0.73 -2.26
CA GLN B 359 59.29 0.53 -2.96
C GLN B 359 59.05 0.39 -4.47
N GLY B 360 59.69 1.26 -5.24
CA GLY B 360 59.75 1.09 -6.68
C GLY B 360 61.17 0.84 -7.11
N VAL B 361 61.33 0.17 -8.24
CA VAL B 361 62.62 -0.06 -8.87
C VAL B 361 62.42 0.00 -10.38
N PHE B 362 63.15 0.90 -11.05
CA PHE B 362 63.24 0.86 -12.52
C PHE B 362 64.38 -0.07 -12.90
N GLY B 363 64.02 -1.21 -13.48
CA GLY B 363 64.96 -2.29 -13.74
C GLY B 363 64.72 -3.58 -12.95
N THR B 364 63.46 -4.01 -12.86
CA THR B 364 63.16 -5.35 -12.36
C THR B 364 62.91 -6.26 -13.54
N SER B 365 63.26 -7.52 -13.36
CA SER B 365 63.26 -8.43 -14.48
C SER B 365 62.12 -9.43 -14.50
N SER B 366 61.47 -9.64 -13.35
CA SER B 366 60.39 -10.60 -13.27
C SER B 366 59.71 -10.50 -11.94
N LEU B 367 58.59 -11.20 -11.82
CA LEU B 367 57.90 -11.32 -10.56
C LEU B 367 58.71 -12.25 -9.67
N LEU B 368 58.86 -13.49 -10.15
CA LEU B 368 59.47 -14.58 -9.41
C LEU B 368 60.94 -14.80 -9.76
N ARG B 369 61.75 -15.12 -8.74
CA ARG B 369 63.15 -15.51 -8.91
C ARG B 369 63.38 -16.62 -9.91
N ALA B 370 62.42 -17.54 -9.97
CA ALA B 370 62.51 -18.75 -10.76
C ALA B 370 62.10 -18.57 -12.26
N HIS B 371 61.62 -17.38 -12.61
CA HIS B 371 61.42 -17.05 -14.04
C HIS B 371 62.14 -15.77 -14.42
N MET B 372 63.08 -15.35 -13.56
CA MET B 372 63.90 -14.19 -13.81
C MET B 372 64.94 -14.54 -14.86
N PRO B 373 64.98 -13.80 -15.99
CA PRO B 373 66.08 -14.03 -16.94
C PRO B 373 67.43 -13.68 -16.29
N ALA B 374 68.48 -14.37 -16.70
CA ALA B 374 69.84 -14.06 -16.28
C ALA B 374 70.34 -12.71 -16.82
N GLY B 375 71.25 -12.09 -16.07
CA GLY B 375 71.79 -10.78 -16.42
C GLY B 375 72.42 -10.19 -15.19
N GLU B 376 73.47 -9.38 -15.37
CA GLU B 376 74.21 -8.80 -14.25
C GLU B 376 73.36 -7.83 -13.40
N ASN B 377 73.34 -8.10 -12.09
CA ASN B 377 72.58 -7.31 -11.13
C ASN B 377 71.06 -7.36 -11.34
N ASN B 378 70.57 -8.39 -12.01
CA ASN B 378 69.14 -8.56 -12.20
C ASN B 378 68.44 -8.88 -10.90
N ILE B 379 67.16 -8.54 -10.85
CA ILE B 379 66.34 -8.70 -9.65
C ILE B 379 64.88 -8.93 -10.02
N SER B 380 64.25 -9.80 -9.22
CA SER B 380 62.82 -10.07 -9.29
C SER B 380 62.08 -9.29 -8.21
N VAL B 381 60.80 -9.08 -8.45
CA VAL B 381 59.88 -8.51 -7.46
C VAL B 381 60.01 -9.30 -6.16
N GLU B 382 59.99 -10.63 -6.29
CA GLU B 382 60.06 -11.54 -5.16
C GLU B 382 61.20 -11.25 -4.16
N GLU B 383 62.42 -11.03 -4.63
CA GLU B 383 63.54 -10.73 -3.74
C GLU B 383 63.36 -9.42 -2.99
N ILE B 384 62.79 -8.43 -3.69
CA ILE B 384 62.49 -7.11 -3.11
C ILE B 384 61.52 -7.32 -1.95
N VAL B 385 60.43 -8.04 -2.23
CA VAL B 385 59.45 -8.34 -1.18
C VAL B 385 60.03 -9.13 0.00
N GLU B 386 60.86 -10.12 -0.33
CA GLU B 386 61.53 -10.94 0.69
C GLU B 386 62.42 -10.11 1.59
N GLY B 387 63.23 -9.25 0.99
CA GLY B 387 64.13 -8.40 1.74
C GLY B 387 63.37 -7.58 2.76
N TYR B 388 62.25 -7.01 2.33
CA TYR B 388 61.40 -6.22 3.24
C TYR B 388 60.68 -7.03 4.33
N GLN B 389 60.00 -8.11 3.96
CA GLN B 389 59.28 -8.91 4.96
C GLN B 389 60.21 -9.71 5.88
N ASN B 390 61.20 -10.39 5.29
CA ASN B 390 62.13 -11.18 6.10
C ASN B 390 62.79 -10.34 7.19
N ASN B 391 62.88 -9.03 6.94
CA ASN B 391 63.55 -8.13 7.89
C ASN B 391 62.59 -7.27 8.72
N ASN B 392 61.34 -7.70 8.84
CA ASN B 392 60.33 -7.02 9.66
C ASN B 392 60.18 -5.53 9.33
N PHE B 393 60.01 -5.23 8.05
CA PHE B 393 59.72 -3.87 7.65
C PHE B 393 58.22 -3.71 7.49
N PRO B 394 57.69 -2.57 7.97
CA PRO B 394 56.36 -2.18 7.54
C PRO B 394 56.51 -1.92 6.09
N PHE B 395 55.70 -2.57 5.27
CA PHE B 395 55.89 -2.48 3.86
C PHE B 395 54.56 -2.64 3.16
N GLU B 396 54.23 -1.65 2.31
CA GLU B 396 52.89 -1.53 1.76
C GLU B 396 52.80 -2.18 0.43
N GLY B 397 53.90 -2.15 -0.30
CA GLY B 397 53.90 -2.70 -1.63
C GLY B 397 54.92 -2.03 -2.51
N LEU B 398 54.65 -2.10 -3.80
CA LEU B 398 55.64 -1.88 -4.81
C LEU B 398 55.13 -0.92 -5.86
N ALA B 399 56.07 -0.24 -6.51
CA ALA B 399 55.75 0.52 -7.69
C ALA B 399 56.30 -0.26 -8.86
N VAL B 400 55.41 -0.91 -9.61
CA VAL B 400 55.84 -1.75 -10.71
C VAL B 400 55.94 -0.92 -12.01
N ASP B 401 57.14 -0.89 -12.60
CA ASP B 401 57.48 0.09 -13.63
C ASP B 401 57.13 -0.41 -15.03
N VAL B 402 57.60 0.28 -16.08
CA VAL B 402 57.35 -0.17 -17.48
C VAL B 402 58.09 -1.46 -17.85
N ASP B 403 58.95 -1.93 -16.93
CA ASP B 403 59.57 -3.24 -17.05
C ASP B 403 58.52 -4.34 -17.28
N MET B 404 57.39 -4.22 -16.59
CA MET B 404 56.33 -5.25 -16.61
C MET B 404 55.62 -5.34 -17.96
N GLN B 405 55.63 -4.25 -18.70
CA GLN B 405 54.86 -4.15 -19.93
C GLN B 405 55.47 -4.99 -21.03
N ASP B 406 54.61 -5.41 -21.94
CA ASP B 406 55.07 -6.09 -23.12
C ASP B 406 55.68 -5.04 -24.06
N ASN B 407 56.99 -4.87 -23.95
CA ASN B 407 57.77 -3.90 -24.72
C ASN B 407 57.12 -2.51 -24.88
N LEU B 408 56.93 -1.85 -23.74
CA LEU B 408 56.51 -0.43 -23.64
C LEU B 408 55.08 -0.14 -24.13
N ARG B 409 54.28 -1.18 -24.29
CA ARG B 409 52.86 -1.06 -24.60
C ARG B 409 52.06 -0.95 -23.32
N VAL B 410 51.66 0.27 -22.95
CA VAL B 410 50.90 0.51 -21.73
C VAL B 410 49.62 -0.36 -21.66
N PHE B 411 49.27 -0.82 -20.45
CA PHE B 411 48.09 -1.67 -20.17
C PHE B 411 48.27 -3.16 -20.48
N THR B 412 49.48 -3.54 -20.88
CA THR B 412 49.84 -4.94 -21.09
C THR B 412 50.84 -5.35 -20.02
N THR B 413 50.98 -6.67 -19.86
CA THR B 413 52.05 -7.28 -19.08
C THR B 413 52.72 -8.37 -19.93
N LYS B 414 53.86 -8.87 -19.45
CA LYS B 414 54.51 -10.03 -20.07
C LYS B 414 54.74 -11.22 -19.10
N GLY B 415 54.79 -12.41 -19.69
CA GLY B 415 54.93 -13.68 -18.94
C GLY B 415 55.74 -13.63 -17.64
N GLU B 416 56.89 -12.93 -17.66
CA GLU B 416 57.83 -12.98 -16.51
C GLU B 416 57.30 -12.38 -15.21
N PHE B 417 56.24 -11.58 -15.31
CA PHE B 417 55.68 -10.97 -14.11
C PHE B 417 54.43 -11.71 -13.63
N TRP B 418 54.30 -12.95 -14.10
CA TRP B 418 53.29 -13.90 -13.61
C TRP B 418 53.96 -15.14 -13.00
N THR B 419 53.25 -15.80 -12.08
CA THR B 419 53.82 -16.91 -11.30
C THR B 419 54.05 -18.14 -12.16
N ALA B 420 53.23 -18.30 -13.20
CA ALA B 420 53.35 -19.46 -14.07
C ALA B 420 54.05 -19.09 -15.39
N ASN B 421 54.68 -17.93 -15.39
CA ASN B 421 55.51 -17.44 -16.49
C ASN B 421 54.77 -17.28 -17.83
N ARG B 422 53.44 -17.19 -17.77
CA ARG B 422 52.62 -16.86 -18.94
C ARG B 422 51.50 -15.87 -18.55
N VAL B 423 50.98 -15.14 -19.55
CA VAL B 423 49.96 -14.10 -19.33
C VAL B 423 48.54 -14.66 -19.21
N GLY B 424 47.91 -14.43 -18.06
CA GLY B 424 46.53 -14.86 -17.83
C GLY B 424 45.54 -13.72 -17.97
N THR B 425 44.24 -14.02 -17.84
CA THR B 425 43.23 -12.95 -17.86
C THR B 425 42.70 -12.61 -16.46
N GLY B 426 43.25 -13.26 -15.42
CA GLY B 426 43.02 -12.83 -14.05
C GLY B 426 42.22 -13.81 -13.22
N GLY B 427 42.53 -13.87 -11.93
CA GLY B 427 41.82 -14.76 -11.01
C GLY B 427 42.07 -16.25 -11.19
N ASP B 428 43.27 -16.59 -11.64
CA ASP B 428 43.76 -17.97 -11.63
C ASP B 428 44.55 -18.23 -10.37
N PRO B 429 44.08 -19.17 -9.55
CA PRO B 429 44.81 -19.52 -8.32
C PRO B 429 46.18 -20.12 -8.67
N ASN B 430 46.31 -20.64 -9.90
CA ASN B 430 47.53 -21.30 -10.36
C ASN B 430 48.48 -20.45 -11.19
N ASN B 431 48.01 -19.27 -11.61
CA ASN B 431 48.82 -18.31 -12.35
C ASN B 431 48.46 -16.88 -11.95
N ARG B 432 49.09 -16.41 -10.89
CA ARG B 432 48.83 -15.07 -10.38
C ARG B 432 49.72 -14.02 -11.03
N SER B 433 49.10 -12.88 -11.39
CA SER B 433 49.85 -11.70 -11.80
C SER B 433 50.68 -11.18 -10.63
N VAL B 434 51.62 -10.29 -10.92
CA VAL B 434 52.40 -9.63 -9.87
C VAL B 434 51.45 -9.00 -8.84
N PHE B 435 50.32 -8.45 -9.32
CA PHE B 435 49.33 -7.83 -8.42
C PHE B 435 48.58 -8.83 -7.55
N GLU B 436 48.07 -9.89 -8.18
CA GLU B 436 47.38 -10.95 -7.40
C GLU B 436 48.31 -11.67 -6.43
N TRP B 437 49.55 -11.88 -6.86
CA TRP B 437 50.60 -12.43 -6.00
C TRP B 437 50.89 -11.50 -4.82
N ALA B 438 51.00 -10.19 -5.10
CA ALA B 438 51.32 -9.20 -4.06
C ALA B 438 50.21 -9.08 -3.00
N HIS B 439 48.96 -9.20 -3.45
CA HIS B 439 47.81 -9.24 -2.56
C HIS B 439 48.02 -10.32 -1.50
N ASP B 440 48.37 -11.53 -1.95
CA ASP B 440 48.62 -12.65 -1.07
C ASP B 440 49.83 -12.44 -0.13
N LYS B 441 50.66 -11.44 -0.40
CA LYS B 441 51.73 -11.08 0.54
C LYS B 441 51.33 -9.94 1.49
N GLY B 442 50.09 -9.46 1.36
CA GLY B 442 49.58 -8.36 2.17
C GLY B 442 49.88 -6.99 1.59
N LEU B 443 50.41 -6.95 0.37
CA LEU B 443 50.82 -5.70 -0.24
C LEU B 443 49.76 -5.22 -1.21
N VAL B 444 49.89 -3.93 -1.56
CA VAL B 444 49.10 -3.33 -2.64
C VAL B 444 50.09 -2.66 -3.60
N CYS B 445 49.71 -2.56 -4.88
CA CYS B 445 50.63 -2.02 -5.89
C CYS B 445 50.12 -0.84 -6.71
N GLN B 446 51.03 0.05 -7.08
CA GLN B 446 50.80 0.98 -8.21
C GLN B 446 51.73 0.53 -9.34
N THR B 447 51.28 0.72 -10.58
CA THR B 447 52.10 0.48 -11.76
C THR B 447 52.18 1.74 -12.62
N ASN B 448 53.21 1.81 -13.46
CA ASN B 448 53.47 3.00 -14.24
C ASN B 448 52.51 3.05 -15.42
N ILE B 449 51.75 4.14 -15.54
CA ILE B 449 50.85 4.34 -16.67
C ILE B 449 51.33 5.56 -17.44
N THR B 450 52.04 5.31 -18.51
CA THR B 450 52.45 6.38 -19.40
C THR B 450 51.29 6.65 -20.34
N CYS B 451 51.37 7.75 -21.06
CA CYS B 451 50.26 8.22 -21.85
C CYS B 451 50.47 8.11 -23.38
N PHE B 452 51.49 7.35 -23.79
CA PHE B 452 51.79 7.16 -25.21
C PHE B 452 51.40 5.76 -25.63
N LEU B 453 50.89 5.63 -26.85
CA LEU B 453 50.43 4.33 -27.35
C LEU B 453 51.33 3.80 -28.47
N ARG B 454 52.13 2.78 -28.14
CA ARG B 454 53.16 2.26 -29.05
C ARG B 454 52.60 2.03 -30.44
N ASN B 455 53.33 2.51 -31.43
CA ASN B 455 52.85 2.57 -32.80
C ASN B 455 53.61 1.65 -33.76
N ASP B 456 54.90 1.48 -33.52
CA ASP B 456 55.72 0.50 -34.27
C ASP B 456 55.62 -0.85 -33.55
N ASN B 457 54.64 -1.66 -33.93
CA ASN B 457 54.35 -2.89 -33.17
C ASN B 457 54.82 -4.21 -33.82
N GLU B 458 55.51 -4.10 -34.96
CA GLU B 458 56.27 -5.19 -35.56
C GLU B 458 55.41 -6.45 -35.74
N GLY B 459 54.33 -6.32 -36.50
CA GLY B 459 53.45 -7.47 -36.77
C GLY B 459 52.63 -8.01 -35.60
N GLN B 460 53.05 -7.70 -34.36
CA GLN B 460 52.28 -8.02 -33.14
C GLN B 460 51.03 -7.14 -33.03
N ASP B 461 49.95 -7.71 -32.51
CA ASP B 461 48.72 -6.95 -32.23
C ASP B 461 48.84 -6.19 -30.92
N TYR B 462 48.39 -4.94 -30.94
CA TYR B 462 48.31 -4.12 -29.74
C TYR B 462 46.96 -3.41 -29.75
N GLU B 463 46.01 -4.01 -29.05
CA GLU B 463 44.61 -3.60 -29.03
C GLU B 463 44.41 -2.11 -28.70
N VAL B 464 45.17 -1.62 -27.72
CA VAL B 464 45.07 -0.22 -27.28
C VAL B 464 45.33 0.73 -28.45
N ASN B 465 46.52 0.67 -29.05
CA ASN B 465 46.84 1.49 -30.22
C ASN B 465 45.86 1.27 -31.36
N GLN B 466 45.49 0.01 -31.59
CA GLN B 466 44.60 -0.36 -32.68
C GLN B 466 43.25 0.35 -32.61
N THR B 467 42.64 0.39 -31.43
CA THR B 467 41.33 1.05 -31.28
C THR B 467 41.45 2.57 -31.20
N LEU B 468 42.62 3.08 -30.83
CA LEU B 468 42.90 4.51 -30.89
C LEU B 468 42.85 4.94 -32.34
N ARG B 469 43.59 4.23 -33.20
CA ARG B 469 43.57 4.48 -34.65
C ARG B 469 42.15 4.41 -35.14
N GLU B 470 41.56 3.22 -34.96
CA GLU B 470 40.22 2.90 -35.44
C GLU B 470 39.20 4.03 -35.30
N ARG B 471 39.12 4.58 -34.09
CA ARG B 471 38.11 5.59 -33.77
C ARG B 471 38.54 7.03 -34.10
N GLN B 472 39.81 7.19 -34.49
CA GLN B 472 40.41 8.51 -34.75
C GLN B 472 40.42 9.40 -33.51
N LEU B 473 40.95 8.86 -32.42
CA LEU B 473 41.04 9.58 -31.15
C LEU B 473 42.48 10.03 -30.86
N TYR B 474 43.31 9.99 -31.90
CA TYR B 474 44.70 10.43 -31.82
C TYR B 474 44.82 11.89 -32.25
N THR B 475 45.80 12.59 -31.69
CA THR B 475 46.17 13.92 -32.15
C THR B 475 46.57 13.84 -33.61
N LYS B 476 46.04 14.75 -34.42
CA LYS B 476 46.44 14.84 -35.83
C LYS B 476 47.83 15.48 -35.95
N ASN B 477 48.33 15.60 -37.18
CA ASN B 477 49.61 16.26 -37.44
C ASN B 477 49.40 17.51 -38.29
N ASP B 478 48.38 18.28 -37.91
CA ASP B 478 48.02 19.52 -38.59
C ASP B 478 48.62 20.69 -37.84
N SER B 479 49.01 21.73 -38.58
CA SER B 479 49.47 22.97 -37.97
C SER B 479 49.00 24.16 -38.80
N LEU B 480 49.10 25.36 -38.22
CA LEU B 480 48.72 26.58 -38.91
C LEU B 480 49.85 27.11 -39.79
N THR B 481 51.05 26.59 -39.54
CA THR B 481 52.21 27.00 -40.33
C THR B 481 52.82 25.85 -41.14
N GLY B 482 51.98 24.87 -41.47
CA GLY B 482 52.37 23.76 -42.35
C GLY B 482 53.62 23.00 -41.97
N THR B 483 53.87 22.89 -40.67
CA THR B 483 55.02 22.17 -40.17
C THR B 483 54.85 20.65 -40.34
N ASP B 484 55.94 19.99 -40.72
CA ASP B 484 55.96 18.56 -40.96
C ASP B 484 56.59 17.82 -39.77
N PHE B 485 55.75 17.19 -38.95
CA PHE B 485 56.20 16.52 -37.72
C PHE B 485 56.76 15.12 -38.00
N GLY B 486 56.70 14.71 -39.26
CA GLY B 486 57.35 13.49 -39.69
C GLY B 486 56.35 12.37 -39.91
N MET B 487 56.85 11.23 -40.39
CA MET B 487 56.03 10.07 -40.66
C MET B 487 56.88 8.78 -40.60
N THR B 488 56.23 7.65 -40.29
CA THR B 488 56.80 6.31 -40.45
C THR B 488 55.80 5.48 -41.24
N ASP B 489 56.23 4.33 -41.76
CA ASP B 489 55.35 3.51 -42.61
C ASP B 489 54.13 2.94 -41.89
N ASP B 490 54.15 3.02 -40.55
CA ASP B 490 53.09 2.50 -39.69
C ASP B 490 51.77 3.26 -39.83
N GLY B 491 51.84 4.57 -40.02
CA GLY B 491 50.66 5.42 -40.12
C GLY B 491 50.02 5.72 -38.77
N PRO B 492 48.82 6.33 -38.77
CA PRO B 492 48.08 6.82 -39.93
C PRO B 492 48.68 8.11 -40.51
N SER B 493 48.35 8.41 -41.76
CA SER B 493 48.94 9.55 -42.49
C SER B 493 48.52 10.93 -41.96
N ASP B 494 47.50 10.95 -41.10
CA ASP B 494 47.00 12.21 -40.53
C ASP B 494 47.26 12.30 -39.03
N ALA B 495 48.33 11.65 -38.57
CA ALA B 495 48.59 11.49 -37.14
C ALA B 495 49.94 12.02 -36.67
N TYR B 496 49.93 12.65 -35.50
CA TYR B 496 51.17 12.98 -34.82
C TYR B 496 51.78 11.70 -34.26
N ILE B 497 53.03 11.46 -34.63
CA ILE B 497 53.80 10.34 -34.14
C ILE B 497 55.05 10.89 -33.51
N GLY B 498 55.15 10.75 -32.20
CA GLY B 498 56.34 11.11 -31.46
C GLY B 498 57.17 9.86 -31.19
N HIS B 499 58.38 10.06 -30.66
CA HIS B 499 59.24 8.95 -30.35
C HIS B 499 59.60 8.97 -28.88
N LEU B 500 59.77 7.78 -28.29
CA LEU B 500 60.26 7.67 -26.93
C LEU B 500 61.49 6.78 -26.86
N ASP B 501 62.44 7.20 -26.03
CA ASP B 501 63.75 6.61 -25.98
C ASP B 501 64.23 6.65 -24.54
N TYR B 502 64.14 5.49 -23.88
CA TYR B 502 64.46 5.32 -22.45
C TYR B 502 65.96 5.13 -22.16
N GLY B 503 66.78 5.12 -23.21
CA GLY B 503 68.23 4.89 -23.06
C GLY B 503 68.62 3.43 -22.96
N GLY B 504 69.46 2.98 -23.89
CA GLY B 504 69.93 1.59 -23.93
C GLY B 504 69.15 0.71 -24.88
N GLY B 505 68.76 1.27 -26.02
CA GLY B 505 68.03 0.55 -27.06
C GLY B 505 66.52 0.42 -26.89
N VAL B 506 66.02 0.64 -25.68
CA VAL B 506 64.57 0.54 -25.39
C VAL B 506 63.82 1.80 -25.86
N GLU B 507 63.32 1.73 -27.09
CA GLU B 507 62.69 2.88 -27.75
C GLU B 507 61.41 2.45 -28.47
N CYS B 508 60.52 3.42 -28.73
CA CYS B 508 59.38 3.17 -29.62
C CYS B 508 58.76 4.47 -30.14
N ASP B 509 58.06 4.35 -31.27
CA ASP B 509 57.16 5.40 -31.75
C ASP B 509 55.88 5.31 -30.95
N ALA B 510 55.11 6.38 -30.93
CA ALA B 510 53.83 6.37 -30.23
C ALA B 510 52.82 7.33 -30.83
N LEU B 511 51.55 6.95 -30.77
CA LEU B 511 50.45 7.89 -30.97
C LEU B 511 50.02 8.42 -29.61
N PHE B 512 49.38 9.59 -29.60
CA PHE B 512 48.97 10.21 -28.35
C PHE B 512 47.50 10.57 -28.41
N PRO B 513 46.80 10.52 -27.26
CA PRO B 513 45.39 10.87 -27.32
C PRO B 513 45.20 12.38 -27.31
N ASP B 514 44.24 12.82 -28.12
CA ASP B 514 43.88 14.24 -28.20
C ASP B 514 42.80 14.53 -27.15
N TRP B 515 43.24 14.78 -25.93
CA TRP B 515 42.36 14.85 -24.76
C TRP B 515 41.14 15.78 -24.87
N GLY B 516 41.25 16.85 -25.66
CA GLY B 516 40.20 17.86 -25.79
C GLY B 516 38.88 17.34 -26.32
N ARG B 517 38.95 16.22 -27.04
CA ARG B 517 37.77 15.55 -27.57
C ARG B 517 36.94 14.97 -26.41
N PRO B 518 35.61 15.25 -26.40
CA PRO B 518 34.66 14.76 -25.36
C PRO B 518 34.41 13.25 -25.47
N ASP B 519 35.42 12.52 -25.93
CA ASP B 519 35.27 11.26 -26.62
C ASP B 519 36.37 10.33 -26.16
N VAL B 520 37.54 10.91 -25.97
CA VAL B 520 38.75 10.24 -25.56
C VAL B 520 38.66 9.69 -24.13
N ALA B 521 38.07 10.48 -23.22
CA ALA B 521 38.12 10.16 -21.80
C ALA B 521 37.53 8.78 -21.46
N GLU B 522 36.41 8.45 -22.12
CA GLU B 522 35.77 7.15 -21.92
C GLU B 522 36.61 6.00 -22.50
N TRP B 523 37.15 6.21 -23.70
CA TRP B 523 38.02 5.21 -24.29
C TRP B 523 39.23 4.98 -23.39
N TRP B 524 39.86 6.06 -22.95
CA TRP B 524 41.01 5.98 -22.04
C TRP B 524 40.66 5.22 -20.76
N GLY B 525 39.50 5.51 -20.18
CA GLY B 525 39.08 4.89 -18.93
C GLY B 525 38.98 3.38 -18.98
N ASN B 526 38.37 2.89 -20.06
CA ASN B 526 38.14 1.47 -20.25
C ASN B 526 39.40 0.63 -20.28
N ASN B 527 40.48 1.25 -20.76
CA ASN B 527 41.80 0.62 -20.77
C ASN B 527 42.25 0.09 -19.43
N TYR B 528 41.90 0.82 -18.37
CA TYR B 528 42.31 0.47 -17.01
C TYR B 528 41.70 -0.84 -16.50
N LYS B 529 40.61 -1.26 -17.12
CA LYS B 529 39.97 -2.55 -16.82
C LYS B 529 40.95 -3.69 -17.03
N LYS B 530 41.83 -3.56 -18.02
CA LYS B 530 42.83 -4.59 -18.33
C LYS B 530 43.86 -4.80 -17.22
N LEU B 531 43.97 -3.84 -16.31
CA LEU B 531 44.94 -3.92 -15.24
C LEU B 531 44.23 -4.09 -13.89
N PHE B 532 43.09 -3.42 -13.75
CA PHE B 532 42.29 -3.64 -12.54
C PHE B 532 41.77 -5.09 -12.50
N SER B 533 41.41 -5.65 -13.65
CA SER B 533 40.89 -7.04 -13.70
C SER B 533 41.95 -8.09 -13.34
N ILE B 534 43.22 -7.71 -13.41
CA ILE B 534 44.30 -8.59 -13.02
C ILE B 534 44.94 -8.20 -11.66
N GLY B 535 44.25 -7.33 -10.93
CA GLY B 535 44.56 -7.10 -9.52
C GLY B 535 45.24 -5.79 -9.14
N LEU B 536 45.46 -4.90 -10.10
CA LEU B 536 46.15 -3.64 -9.82
C LEU B 536 45.30 -2.75 -8.93
N ASP B 537 45.96 -2.10 -7.97
CA ASP B 537 45.28 -1.32 -6.94
C ASP B 537 45.16 0.17 -7.28
N PHE B 538 46.28 0.80 -7.59
CA PHE B 538 46.27 2.21 -8.01
C PHE B 538 47.27 2.52 -9.11
N VAL B 539 47.35 3.79 -9.50
CA VAL B 539 48.10 4.11 -10.71
C VAL B 539 49.15 5.19 -10.44
N TRP B 540 50.12 5.24 -11.32
CA TRP B 540 51.08 6.31 -11.28
C TRP B 540 51.34 6.76 -12.69
N GLN B 541 50.93 8.00 -12.96
CA GLN B 541 51.07 8.62 -14.26
C GLN B 541 52.48 9.13 -14.44
N ASP B 542 53.04 8.89 -15.64
CA ASP B 542 54.40 9.30 -15.96
C ASP B 542 54.44 9.90 -17.36
N MET B 543 55.55 10.57 -17.68
CA MET B 543 55.73 11.23 -18.96
C MET B 543 54.47 12.03 -19.34
N THR B 544 53.97 12.86 -18.43
CA THR B 544 52.63 13.47 -18.58
C THR B 544 52.57 14.82 -19.32
N VAL B 545 53.71 15.31 -19.80
CA VAL B 545 53.75 16.61 -20.48
C VAL B 545 52.88 16.67 -21.77
N PRO B 546 52.91 15.64 -22.63
CA PRO B 546 53.56 14.33 -22.55
C PRO B 546 55.03 14.41 -22.90
N ALA B 547 55.85 13.64 -22.18
CA ALA B 547 57.28 13.62 -22.43
C ALA B 547 57.55 12.91 -23.76
N MET B 548 58.47 13.47 -24.54
CA MET B 548 58.90 12.88 -25.79
C MET B 548 60.42 13.01 -25.87
N MET B 549 61.03 12.16 -26.70
CA MET B 549 62.44 12.35 -27.06
C MET B 549 62.55 13.72 -27.74
N PRO B 550 63.61 14.50 -27.41
CA PRO B 550 63.86 15.76 -28.11
C PRO B 550 64.04 15.53 -29.62
N HIS B 551 63.38 16.34 -30.44
CA HIS B 551 63.36 16.12 -31.88
C HIS B 551 63.34 17.44 -32.64
N LYS B 552 64.22 17.55 -33.64
CA LYS B 552 64.26 18.70 -34.54
C LYS B 552 63.43 18.39 -35.77
N ILE B 553 62.62 19.35 -36.21
CA ILE B 553 61.82 19.22 -37.42
C ILE B 553 62.68 18.83 -38.62
N GLY B 554 62.15 17.92 -39.44
CA GLY B 554 62.85 17.53 -40.67
C GLY B 554 63.82 16.38 -40.48
N ASP B 555 64.14 16.06 -39.23
CA ASP B 555 64.91 14.88 -38.89
C ASP B 555 63.94 13.70 -38.83
N ASP B 556 64.48 12.49 -38.79
CA ASP B 556 63.65 11.30 -38.61
C ASP B 556 63.18 11.22 -37.16
N ILE B 557 62.00 10.64 -36.98
CA ILE B 557 61.31 10.64 -35.71
C ILE B 557 62.17 10.01 -34.59
N ASN B 558 62.97 8.99 -34.94
CA ASN B 558 63.87 8.33 -34.00
C ASN B 558 65.25 9.00 -33.89
N VAL B 559 65.37 10.24 -34.36
CA VAL B 559 66.66 10.92 -34.36
C VAL B 559 66.68 12.07 -33.36
N LYS B 560 67.55 11.98 -32.36
CA LYS B 560 67.77 13.09 -31.40
C LYS B 560 68.61 14.15 -32.11
N PRO B 561 68.40 15.43 -31.78
CA PRO B 561 69.45 16.38 -32.16
C PRO B 561 70.54 16.39 -31.09
N ASP B 562 71.64 17.06 -31.39
CA ASP B 562 72.74 17.24 -30.44
C ASP B 562 72.17 17.77 -29.13
N GLY B 563 72.67 17.26 -28.01
CA GLY B 563 72.25 17.73 -26.67
C GLY B 563 72.43 19.22 -26.48
N ASN B 564 73.53 19.76 -27.01
CA ASN B 564 73.85 21.18 -27.01
C ASN B 564 72.86 22.04 -27.80
N TRP B 565 72.08 21.41 -28.66
CA TRP B 565 71.10 22.12 -29.49
C TRP B 565 69.69 21.97 -28.93
N PRO B 566 68.93 23.08 -28.89
CA PRO B 566 69.32 24.42 -29.31
C PRO B 566 70.12 25.20 -28.25
N ASN B 567 70.74 26.29 -28.66
CA ASN B 567 71.36 27.21 -27.72
C ASN B 567 71.16 28.65 -28.17
N ALA B 568 71.80 29.58 -27.46
CA ALA B 568 71.69 31.01 -27.75
C ALA B 568 72.15 31.40 -29.16
N ASP B 569 73.26 30.81 -29.61
CA ASP B 569 73.84 31.14 -30.91
C ASP B 569 73.27 30.28 -32.02
N ASP B 570 72.59 29.21 -31.63
CA ASP B 570 71.87 28.35 -32.56
C ASP B 570 70.46 28.09 -32.00
N PRO B 571 69.54 29.07 -32.20
CA PRO B 571 68.25 28.98 -31.54
C PRO B 571 67.36 27.93 -32.22
N SER B 572 66.16 27.73 -31.71
CA SER B 572 65.28 26.70 -32.23
C SER B 572 64.58 27.09 -33.55
N ASN B 573 64.35 28.39 -33.75
CA ASN B 573 63.64 28.92 -34.93
C ASN B 573 62.37 28.15 -35.26
N GLY B 574 61.58 27.84 -34.23
CA GLY B 574 60.35 27.08 -34.38
C GLY B 574 60.51 25.63 -34.82
N GLN B 575 61.65 25.03 -34.48
CA GLN B 575 61.98 23.68 -34.95
C GLN B 575 62.17 22.61 -33.87
N TYR B 576 62.47 23.03 -32.65
CA TYR B 576 62.58 22.10 -31.51
C TYR B 576 61.19 21.75 -31.01
N ASN B 577 61.05 20.53 -30.47
CA ASN B 577 59.81 20.12 -29.82
C ASN B 577 59.82 20.32 -28.29
N TRP B 578 60.94 20.84 -27.77
CA TRP B 578 61.10 21.03 -26.30
C TRP B 578 60.61 19.81 -25.50
N LYS B 579 61.09 18.63 -25.91
CA LYS B 579 60.87 17.35 -25.23
C LYS B 579 59.40 17.03 -25.00
N THR B 580 58.60 17.37 -26.01
CA THR B 580 57.17 17.12 -26.01
C THR B 580 56.65 17.28 -27.44
N TYR B 581 55.32 17.39 -27.55
CA TYR B 581 54.67 17.74 -28.78
C TYR B 581 55.41 18.91 -29.40
N HIS B 582 55.59 18.88 -30.72
CA HIS B 582 56.01 20.09 -31.39
C HIS B 582 54.92 21.14 -31.14
N PRO B 583 55.31 22.30 -30.59
CA PRO B 583 54.35 23.27 -30.06
C PRO B 583 53.33 23.83 -31.08
N GLN B 584 53.52 23.56 -32.36
CA GLN B 584 52.65 24.09 -33.41
C GLN B 584 51.39 23.24 -33.62
N VAL B 585 51.44 22.00 -33.14
CA VAL B 585 50.40 21.01 -33.41
C VAL B 585 49.01 21.47 -32.96
N LEU B 586 48.01 21.27 -33.82
CA LEU B 586 46.64 21.62 -33.51
C LEU B 586 45.97 20.56 -32.62
N VAL B 587 45.81 20.90 -31.34
CA VAL B 587 45.13 20.03 -30.36
C VAL B 587 43.68 20.49 -30.18
N THR B 588 42.77 19.58 -29.83
CA THR B 588 41.39 19.94 -29.57
C THR B 588 41.34 20.68 -28.25
N ASP B 589 40.77 21.89 -28.26
CA ASP B 589 40.81 22.80 -27.11
C ASP B 589 40.46 22.08 -25.81
N MET B 590 41.35 22.19 -24.83
CA MET B 590 41.18 21.53 -23.52
C MET B 590 40.62 22.47 -22.44
N ARG B 591 40.70 23.77 -22.67
CA ARG B 591 40.09 24.75 -21.77
C ARG B 591 38.60 24.94 -22.08
N TYR B 592 38.23 24.88 -23.35
CA TYR B 592 36.85 25.12 -23.79
C TYR B 592 36.27 23.92 -24.52
N GLU B 593 35.41 23.18 -23.82
CA GLU B 593 34.79 21.96 -24.37
C GLU B 593 34.01 22.28 -25.64
N ASN B 594 34.11 21.37 -26.62
CA ASN B 594 33.50 21.51 -27.96
C ASN B 594 33.67 22.86 -28.63
N HIS B 595 34.84 23.47 -28.44
CA HIS B 595 35.10 24.80 -28.96
C HIS B 595 35.97 24.79 -30.22
N GLY B 596 36.63 23.67 -30.48
CA GLY B 596 37.47 23.54 -31.67
C GLY B 596 38.90 23.18 -31.36
N ARG B 597 39.80 23.54 -32.26
CA ARG B 597 41.22 23.21 -32.13
C ARG B 597 42.10 24.46 -32.04
N GLU B 598 43.15 24.35 -31.24
CA GLU B 598 44.10 25.44 -31.03
C GLU B 598 45.52 24.88 -31.03
N PRO B 599 46.52 25.71 -31.40
CA PRO B 599 47.91 25.30 -31.23
C PRO B 599 48.23 25.01 -29.76
N MET B 600 48.90 23.89 -29.53
CA MET B 600 49.24 23.39 -28.19
C MET B 600 49.94 24.42 -27.30
N VAL B 601 50.71 25.33 -27.91
CA VAL B 601 51.44 26.41 -27.20
C VAL B 601 50.57 27.23 -26.22
N THR B 602 49.28 27.30 -26.54
CA THR B 602 48.30 28.09 -25.78
C THR B 602 47.93 27.47 -24.44
N GLN B 603 48.10 26.15 -24.32
CA GLN B 603 47.54 25.37 -23.21
C GLN B 603 48.40 24.17 -22.82
N ARG B 604 49.71 24.28 -23.09
CA ARG B 604 50.68 23.23 -22.75
C ARG B 604 50.48 22.66 -21.35
N ASN B 605 50.26 23.56 -20.40
CA ASN B 605 50.21 23.18 -18.99
C ASN B 605 48.86 22.71 -18.44
N ILE B 606 47.90 22.48 -19.33
CA ILE B 606 46.62 21.84 -18.94
C ILE B 606 46.57 20.35 -19.35
N HIS B 607 47.61 19.86 -20.01
CA HIS B 607 47.62 18.49 -20.57
C HIS B 607 47.58 17.38 -19.52
N ALA B 608 48.56 17.39 -18.60
CA ALA B 608 48.67 16.39 -17.57
C ALA B 608 47.46 16.43 -16.66
N TYR B 609 46.95 17.64 -16.47
CA TYR B 609 45.76 17.92 -15.68
C TYR B 609 44.55 17.22 -16.32
N THR B 610 44.40 17.38 -17.63
CA THR B 610 43.26 16.83 -18.36
C THR B 610 43.34 15.32 -18.36
N LEU B 611 44.56 14.82 -18.52
CA LEU B 611 44.87 13.40 -18.45
C LEU B 611 44.41 12.86 -17.10
N CYS B 612 44.93 13.44 -16.02
CA CYS B 612 44.56 13.04 -14.66
C CYS B 612 43.06 13.09 -14.42
N GLU B 613 42.41 14.14 -14.93
CA GLU B 613 40.96 14.30 -14.84
C GLU B 613 40.22 13.13 -15.48
N SER B 614 40.68 12.71 -16.66
CA SER B 614 40.06 11.62 -17.39
C SER B 614 40.33 10.31 -16.67
N THR B 615 41.53 10.18 -16.11
CA THR B 615 41.93 8.97 -15.40
C THR B 615 41.11 8.79 -14.11
N ARG B 616 40.92 9.89 -13.39
CA ARG B 616 40.17 9.90 -12.14
C ARG B 616 38.70 9.55 -12.37
N LYS B 617 38.15 10.08 -13.46
CA LYS B 617 36.72 10.05 -13.74
C LYS B 617 36.29 8.74 -14.39
N GLU B 618 36.86 8.42 -15.54
CA GLU B 618 36.43 7.27 -16.33
C GLU B 618 37.33 6.06 -16.09
N GLY B 619 38.50 6.31 -15.50
CA GLY B 619 39.44 5.26 -15.15
C GLY B 619 39.18 4.68 -13.78
N ILE B 620 39.29 5.50 -12.74
CA ILE B 620 39.18 5.04 -11.35
C ILE B 620 37.73 4.97 -10.81
N VAL B 621 36.99 6.08 -10.93
CA VAL B 621 35.60 6.13 -10.44
C VAL B 621 34.65 5.20 -11.20
N GLU B 622 34.60 5.33 -12.54
CA GLU B 622 33.71 4.51 -13.38
C GLU B 622 34.02 3.02 -13.32
N ASN B 623 35.20 2.64 -12.84
CA ASN B 623 35.61 1.24 -12.80
C ASN B 623 35.87 0.71 -11.41
N ALA B 624 35.20 1.28 -10.42
CA ALA B 624 35.35 0.77 -9.05
C ALA B 624 34.91 -0.70 -8.96
N ASP B 625 33.95 -1.09 -9.79
CA ASP B 625 33.43 -2.46 -9.83
C ASP B 625 34.47 -3.48 -10.26
N THR B 626 35.45 -3.02 -11.04
CA THR B 626 36.52 -3.86 -11.58
C THR B 626 37.66 -4.02 -10.57
N LEU B 627 37.78 -3.08 -9.64
CA LEU B 627 38.82 -3.17 -8.58
C LEU B 627 38.57 -4.32 -7.61
N THR B 628 39.64 -5.00 -7.24
CA THR B 628 39.55 -6.25 -6.50
C THR B 628 39.49 -6.00 -5.00
N LYS B 629 40.61 -5.63 -4.40
CA LYS B 629 40.67 -5.53 -2.95
C LYS B 629 40.07 -4.24 -2.36
N PHE B 630 40.31 -3.11 -3.03
CA PHE B 630 39.88 -1.80 -2.55
C PHE B 630 39.23 -1.03 -3.68
N ARG B 631 37.94 -0.71 -3.52
CA ARG B 631 37.14 -0.08 -4.57
C ARG B 631 37.54 1.38 -4.75
N ARG B 632 38.13 1.95 -3.71
CA ARG B 632 38.74 3.25 -3.83
C ARG B 632 40.20 3.07 -4.24
N SER B 633 40.64 3.95 -5.13
CA SER B 633 41.96 3.94 -5.68
C SER B 633 42.51 5.37 -5.60
N TYR B 634 43.65 5.62 -6.23
CA TYR B 634 44.23 6.94 -6.23
C TYR B 634 45.16 7.09 -7.42
N ILE B 635 45.45 8.33 -7.78
CA ILE B 635 46.48 8.66 -8.77
C ILE B 635 47.65 9.38 -8.10
N ILE B 636 48.86 9.03 -8.52
CA ILE B 636 50.05 9.77 -8.13
C ILE B 636 50.66 10.26 -9.45
N SER B 637 50.52 11.54 -9.74
CA SER B 637 50.96 12.09 -11.03
C SER B 637 52.35 12.74 -10.97
N ARG B 638 53.02 12.77 -12.12
CA ARG B 638 54.29 13.45 -12.20
C ARG B 638 54.03 14.88 -12.62
N GLY B 639 52.95 15.06 -13.39
CA GLY B 639 52.65 16.34 -14.00
C GLY B 639 51.27 16.84 -13.66
N GLY B 640 51.11 18.17 -13.70
CA GLY B 640 49.82 18.77 -13.42
C GLY B 640 49.76 20.30 -13.45
N TYR B 641 48.61 20.80 -13.00
CA TYR B 641 48.31 22.21 -12.86
C TYR B 641 47.58 22.39 -11.52
N ILE B 642 47.41 23.64 -11.11
CA ILE B 642 46.62 24.00 -9.95
C ILE B 642 45.24 23.36 -10.12
N GLY B 643 44.87 22.55 -9.13
CA GLY B 643 43.57 21.87 -9.15
C GLY B 643 43.68 20.36 -9.15
N ASN B 644 44.83 19.85 -9.60
CA ASN B 644 45.11 18.41 -9.64
C ASN B 644 44.83 17.63 -8.36
N GLN B 645 44.67 18.32 -7.23
CA GLN B 645 44.40 17.63 -5.95
C GLN B 645 43.02 16.95 -5.98
N HIS B 646 42.20 17.31 -6.96
CA HIS B 646 40.90 16.68 -7.13
C HIS B 646 41.03 15.37 -7.87
N PHE B 647 42.24 15.09 -8.33
CA PHE B 647 42.50 13.84 -9.03
C PHE B 647 43.44 12.93 -8.26
N GLY B 648 44.34 13.50 -7.47
CA GLY B 648 45.21 12.69 -6.64
C GLY B 648 46.37 13.49 -6.14
N GLY B 649 47.48 12.80 -5.92
CA GLY B 649 48.70 13.41 -5.50
C GLY B 649 49.75 13.44 -6.60
N MET B 650 50.98 13.66 -6.17
CA MET B 650 52.09 13.82 -7.06
C MET B 650 53.35 13.32 -6.39
N TRP B 651 54.28 12.86 -7.20
CA TRP B 651 55.64 12.75 -6.74
C TRP B 651 56.47 13.71 -7.59
N VAL B 652 57.55 14.24 -7.03
CA VAL B 652 58.30 15.25 -7.77
C VAL B 652 59.39 14.67 -8.66
N GLY B 653 58.95 13.92 -9.66
CA GLY B 653 59.74 13.49 -10.79
C GLY B 653 61.03 12.77 -10.45
N ASP B 654 62.01 12.93 -11.33
CA ASP B 654 63.27 12.20 -11.22
C ASP B 654 64.26 13.06 -10.45
N ASN B 655 64.28 12.90 -9.13
CA ASN B 655 65.30 13.59 -8.33
C ASN B 655 66.63 12.79 -8.29
N SER B 656 67.50 13.08 -7.33
CA SER B 656 68.80 12.40 -7.27
C SER B 656 69.32 12.21 -5.86
N THR B 657 70.48 11.59 -5.72
CA THR B 657 70.93 11.09 -4.44
C THR B 657 71.98 12.00 -3.79
N THR B 658 71.56 13.18 -3.33
CA THR B 658 72.45 14.13 -2.59
C THR B 658 71.76 14.90 -1.45
N SER B 659 72.55 15.44 -0.52
CA SER B 659 72.05 16.35 0.52
C SER B 659 71.14 17.45 -0.04
N ASN B 660 71.52 18.03 -1.18
CA ASN B 660 70.73 19.10 -1.80
C ASN B 660 69.35 18.66 -2.30
N TYR B 661 69.22 17.40 -2.73
CA TYR B 661 67.92 16.89 -3.18
C TYR B 661 66.98 16.56 -2.00
N ILE B 662 67.55 16.35 -0.80
CA ILE B 662 66.72 16.21 0.38
C ILE B 662 66.11 17.58 0.69
N GLN B 663 66.92 18.62 0.57
CA GLN B 663 66.49 19.99 0.82
C GLN B 663 65.37 20.41 -0.15
N MET B 664 65.47 19.98 -1.39
CA MET B 664 64.49 20.31 -2.41
C MET B 664 63.18 19.54 -2.21
N MET B 665 63.29 18.34 -1.63
CA MET B 665 62.12 17.50 -1.32
C MET B 665 61.27 18.16 -0.23
N ILE B 666 61.96 18.65 0.81
CA ILE B 666 61.31 19.36 1.90
C ILE B 666 60.67 20.64 1.39
N ALA B 667 61.39 21.43 0.59
CA ALA B 667 60.85 22.70 0.07
C ALA B 667 59.72 22.48 -0.93
N ASN B 668 59.84 21.47 -1.79
CA ASN B 668 58.76 21.16 -2.72
C ASN B 668 57.49 20.75 -1.98
N ASN B 669 57.65 20.05 -0.86
CA ASN B 669 56.50 19.45 -0.22
C ASN B 669 55.72 20.51 0.50
N ILE B 670 56.47 21.42 1.13
CA ILE B 670 55.91 22.59 1.80
C ILE B 670 55.25 23.50 0.76
N ASN B 671 55.95 23.77 -0.34
CA ASN B 671 55.48 24.75 -1.30
C ASN B 671 54.31 24.20 -2.10
N MET B 672 54.34 22.91 -2.36
CA MET B 672 53.24 22.26 -3.09
C MET B 672 51.95 22.18 -2.25
N ASN B 673 52.10 21.88 -0.96
CA ASN B 673 51.01 22.02 0.00
C ASN B 673 50.38 23.41 -0.02
N MET B 674 51.19 24.47 -0.12
CA MET B 674 50.61 25.81 -0.14
C MET B 674 50.12 26.20 -1.55
N SER B 675 50.28 25.29 -2.50
CA SER B 675 49.73 25.47 -3.82
C SER B 675 48.51 24.57 -3.97
N CYS B 676 47.96 24.14 -2.84
CA CYS B 676 46.76 23.29 -2.80
C CYS B 676 46.93 21.85 -3.30
N LEU B 677 48.17 21.37 -3.32
CA LEU B 677 48.47 19.96 -3.64
C LEU B 677 49.08 19.28 -2.41
N PRO B 678 48.23 18.61 -1.62
CA PRO B 678 48.71 18.12 -0.33
C PRO B 678 49.44 16.77 -0.40
N LEU B 679 48.96 15.84 -1.23
CA LEU B 679 49.53 14.49 -1.24
C LEU B 679 50.69 14.38 -2.22
N VAL B 680 51.88 14.62 -1.68
CA VAL B 680 53.04 14.80 -2.52
C VAL B 680 54.29 14.31 -1.81
N GLY B 681 55.24 13.77 -2.57
CA GLY B 681 56.54 13.45 -2.03
C GLY B 681 57.56 13.32 -3.14
N SER B 682 58.82 13.13 -2.76
CA SER B 682 59.92 12.91 -3.70
C SER B 682 60.50 11.52 -3.47
N ASP B 683 61.22 10.99 -4.43
CA ASP B 683 61.77 9.65 -4.33
C ASP B 683 62.78 9.52 -3.19
N ILE B 684 62.47 8.67 -2.23
CA ILE B 684 63.30 8.55 -1.04
C ILE B 684 64.59 7.81 -1.37
N GLY B 685 65.74 8.43 -1.04
CA GLY B 685 67.05 7.98 -1.48
C GLY B 685 67.43 8.61 -2.82
N GLY B 686 66.43 9.15 -3.51
CA GLY B 686 66.67 9.81 -4.79
C GLY B 686 66.63 8.81 -5.92
N PHE B 687 66.16 9.25 -7.07
CA PHE B 687 65.95 8.33 -8.19
C PHE B 687 67.27 8.00 -8.90
N THR B 688 68.00 9.03 -9.34
CA THR B 688 69.09 8.85 -10.29
C THR B 688 70.43 8.62 -9.64
N SER B 689 71.38 8.18 -10.46
CA SER B 689 72.77 8.07 -10.07
C SER B 689 73.35 9.42 -9.66
N TYR B 690 74.34 9.41 -8.78
CA TYR B 690 74.88 10.67 -8.24
C TYR B 690 76.40 10.75 -8.32
N ASP B 691 77.08 9.60 -8.26
CA ASP B 691 78.54 9.48 -8.33
C ASP B 691 79.02 9.67 -9.78
N ASN B 692 79.80 10.71 -10.00
CA ASN B 692 80.31 11.06 -11.34
C ASN B 692 81.39 10.11 -11.86
N GLU B 693 82.08 9.44 -10.93
CA GLU B 693 83.14 8.47 -11.22
C GLU B 693 82.55 7.09 -11.54
N ASN B 694 81.74 6.57 -10.63
CA ASN B 694 81.02 5.32 -10.85
C ASN B 694 79.53 5.46 -10.52
N GLN B 695 78.74 5.57 -11.59
CA GLN B 695 77.31 5.79 -11.49
C GLN B 695 76.56 4.71 -10.68
N ARG B 696 77.12 3.51 -10.68
CA ARG B 696 76.52 2.37 -10.00
C ARG B 696 76.58 2.47 -8.47
N THR B 697 77.44 3.34 -7.95
CA THR B 697 77.58 3.49 -6.51
C THR B 697 76.24 3.84 -5.85
N PRO B 698 75.81 3.02 -4.87
CA PRO B 698 74.58 3.27 -4.13
C PRO B 698 74.65 4.47 -3.17
N CYS B 699 73.46 4.94 -2.77
CA CYS B 699 73.31 5.95 -1.75
C CYS B 699 74.02 5.50 -0.47
N THR B 700 74.77 6.40 0.17
CA THR B 700 75.43 6.03 1.43
C THR B 700 74.39 5.74 2.52
N GLY B 701 74.83 5.00 3.55
CA GLY B 701 73.97 4.65 4.65
C GLY B 701 73.42 5.89 5.33
N ASP B 702 74.29 6.86 5.55
CA ASP B 702 73.93 8.08 6.25
C ASP B 702 72.95 8.93 5.44
N LEU B 703 73.21 9.14 4.16
CA LEU B 703 72.31 9.89 3.31
C LEU B 703 70.93 9.25 3.13
N MET B 704 70.86 7.92 3.21
CA MET B 704 69.56 7.23 3.14
C MET B 704 68.81 7.38 4.47
N VAL B 705 69.54 7.32 5.60
CA VAL B 705 68.94 7.57 6.91
C VAL B 705 68.30 8.96 6.94
N ARG B 706 69.05 9.97 6.53
CA ARG B 706 68.53 11.34 6.57
C ARG B 706 67.39 11.57 5.57
N TYR B 707 67.40 10.86 4.45
CA TYR B 707 66.32 10.94 3.45
C TYR B 707 65.01 10.38 4.04
N VAL B 708 65.13 9.22 4.69
CA VAL B 708 64.01 8.52 5.32
C VAL B 708 63.46 9.29 6.52
N GLN B 709 64.35 9.79 7.37
CA GLN B 709 63.95 10.62 8.49
C GLN B 709 63.21 11.88 8.01
N ALA B 710 63.62 12.45 6.88
CA ALA B 710 63.00 13.68 6.42
C ALA B 710 61.71 13.45 5.60
N GLY B 711 61.62 12.29 4.94
CA GLY B 711 60.40 11.95 4.21
C GLY B 711 59.37 11.17 5.01
N CYS B 712 59.65 10.88 6.29
CA CYS B 712 58.83 9.88 6.99
C CYS B 712 57.49 10.39 7.50
N LEU B 713 57.29 11.72 7.47
CA LEU B 713 55.99 12.27 7.85
C LEU B 713 55.43 13.12 6.72
N LEU B 714 56.06 13.03 5.56
CA LEU B 714 55.57 13.68 4.37
C LEU B 714 54.48 12.82 3.74
N PRO B 715 53.49 13.46 3.10
CA PRO B 715 52.32 12.71 2.58
C PRO B 715 52.68 11.46 1.81
N TRP B 716 53.58 11.58 0.83
CA TRP B 716 53.90 10.47 -0.08
C TRP B 716 55.33 9.94 0.14
N PHE B 717 55.40 8.66 0.53
CA PHE B 717 56.60 8.06 1.08
C PHE B 717 56.98 6.80 0.32
N ARG B 718 57.81 6.96 -0.71
CA ARG B 718 58.19 5.87 -1.60
C ARG B 718 59.64 5.94 -2.00
N ASN B 719 60.38 4.87 -1.68
CA ASN B 719 61.77 4.69 -2.08
C ASN B 719 61.71 4.12 -3.48
N HIS B 720 62.20 4.87 -4.45
CA HIS B 720 62.16 4.45 -5.85
C HIS B 720 63.45 4.92 -6.52
N TYR B 721 63.96 4.12 -7.46
CA TYR B 721 65.28 4.42 -8.05
C TYR B 721 65.54 3.76 -9.38
N ASP B 722 66.58 4.26 -10.03
CA ASP B 722 67.09 3.75 -11.28
C ASP B 722 68.07 2.63 -10.95
N ARG B 723 67.72 1.38 -11.26
CA ARG B 723 68.65 0.24 -11.06
C ARG B 723 69.43 -0.15 -12.31
N TRP B 724 70.76 -0.05 -12.22
CA TRP B 724 71.66 -0.61 -13.23
C TRP B 724 71.46 -2.11 -13.34
N ILE B 725 71.04 -2.54 -14.54
CA ILE B 725 71.04 -3.97 -14.93
C ILE B 725 71.68 -4.09 -16.31
N GLU B 726 72.17 -5.29 -16.62
CA GLU B 726 72.73 -5.62 -17.94
C GLU B 726 71.94 -5.04 -19.12
N SER B 727 70.63 -5.23 -19.13
CA SER B 727 69.79 -4.78 -20.25
C SER B 727 69.42 -3.30 -20.14
N LYS B 728 69.98 -2.61 -19.15
CA LYS B 728 69.77 -1.17 -18.98
C LYS B 728 70.91 -0.62 -18.12
N ASP B 729 72.01 -0.35 -18.79
CA ASP B 729 73.30 -0.02 -18.22
C ASP B 729 73.41 1.38 -17.61
N HIS B 730 72.36 1.82 -16.93
CA HIS B 730 72.39 3.06 -16.15
C HIS B 730 71.58 2.94 -14.87
N GLY B 731 72.08 3.59 -13.83
CA GLY B 731 71.46 3.55 -12.52
C GLY B 731 72.40 3.09 -11.45
N LYS B 732 71.83 2.89 -10.25
CA LYS B 732 72.57 2.40 -9.09
C LYS B 732 72.38 0.89 -8.89
N ASP B 733 73.26 0.29 -8.09
CA ASP B 733 73.29 -1.16 -7.88
C ASP B 733 72.08 -1.62 -7.07
N TYR B 734 71.79 -0.87 -5.99
CA TYR B 734 70.68 -1.16 -5.08
C TYR B 734 70.32 0.12 -4.29
N GLN B 735 69.15 0.14 -3.65
CA GLN B 735 68.71 1.26 -2.80
C GLN B 735 67.71 0.88 -1.70
N GLU B 736 67.20 -0.36 -1.75
CA GLU B 736 66.25 -0.88 -0.76
C GLU B 736 66.75 -0.72 0.68
N LEU B 737 65.84 -0.51 1.62
CA LEU B 737 66.26 -0.20 3.00
C LEU B 737 66.93 -1.37 3.69
N TYR B 738 66.46 -2.58 3.40
CA TYR B 738 67.00 -3.81 3.97
C TYR B 738 68.43 -4.14 3.48
N MET B 739 68.93 -3.37 2.53
CA MET B 739 70.28 -3.53 1.97
C MET B 739 71.28 -2.63 2.68
N TYR B 740 70.91 -2.10 3.85
CA TYR B 740 71.80 -1.26 4.65
C TYR B 740 71.92 -1.82 6.04
N PRO B 741 72.80 -2.81 6.22
CA PRO B 741 72.91 -3.59 7.46
C PRO B 741 73.19 -2.73 8.69
N ASN B 742 74.17 -1.83 8.58
CA ASN B 742 74.57 -0.93 9.68
C ASN B 742 73.46 0.03 10.11
N GLU B 743 72.55 0.33 9.18
CA GLU B 743 71.55 1.39 9.38
C GLU B 743 70.16 0.84 9.55
N MET B 744 70.02 -0.48 9.42
CA MET B 744 68.72 -1.15 9.38
C MET B 744 67.84 -0.84 10.59
N ASP B 745 68.38 -0.96 11.81
CA ASP B 745 67.58 -0.64 13.01
C ASP B 745 66.88 0.73 12.93
N THR B 746 67.68 1.80 12.84
CA THR B 746 67.19 3.15 12.56
C THR B 746 66.19 3.22 11.36
N LEU B 747 66.56 2.64 10.23
CA LEU B 747 65.70 2.76 9.05
C LEU B 747 64.32 2.19 9.36
N ARG B 748 64.27 0.94 9.82
CA ARG B 748 62.99 0.23 10.02
C ARG B 748 62.08 0.97 11.01
N LYS B 749 62.66 1.45 12.11
CA LYS B 749 61.88 2.12 13.15
C LYS B 749 61.21 3.45 12.74
N PHE B 750 61.84 4.25 11.87
CA PHE B 750 61.21 5.45 11.30
C PHE B 750 60.07 5.13 10.35
N VAL B 751 60.05 3.91 9.83
CA VAL B 751 58.85 3.46 9.13
C VAL B 751 57.83 2.97 10.19
N GLU B 752 58.30 2.48 11.33
CA GLU B 752 57.41 2.05 12.41
C GLU B 752 56.70 3.29 12.96
N PHE B 753 57.49 4.28 13.37
CA PHE B 753 57.04 5.64 13.74
C PHE B 753 55.94 6.12 12.77
N ARG B 754 56.22 6.19 11.48
CA ARG B 754 55.23 6.66 10.50
C ARG B 754 53.93 5.88 10.59
N TYR B 755 54.04 4.55 10.62
CA TYR B 755 52.90 3.67 10.72
C TYR B 755 52.07 3.89 12.00
N ARG B 756 52.74 4.07 13.14
CA ARG B 756 52.04 4.39 14.39
C ARG B 756 51.20 5.68 14.27
N TRP B 757 51.72 6.65 13.53
CA TRP B 757 51.03 7.90 13.25
C TRP B 757 50.27 7.91 11.92
N GLN B 758 49.74 6.77 11.50
CA GLN B 758 49.01 6.67 10.25
C GLN B 758 47.68 7.47 10.21
N GLU B 759 47.00 7.54 11.36
CA GLU B 759 45.73 8.26 11.45
C GLU B 759 45.94 9.79 11.47
N VAL B 760 47.05 10.24 12.06
CA VAL B 760 47.50 11.62 11.92
C VAL B 760 47.47 12.04 10.43
N LEU B 761 48.21 11.32 9.59
CA LEU B 761 48.25 11.64 8.17
C LEU B 761 46.88 11.48 7.49
N TYR B 762 46.15 10.42 7.84
CA TYR B 762 44.80 10.19 7.31
C TYR B 762 43.83 11.30 7.74
N THR B 763 43.94 11.73 8.99
CA THR B 763 43.08 12.78 9.48
C THR B 763 43.43 14.10 8.78
N ALA B 764 44.69 14.51 8.90
CA ALA B 764 45.19 15.67 8.15
C ALA B 764 44.72 15.72 6.69
N MET B 765 44.49 14.57 6.07
CA MET B 765 44.10 14.56 4.66
C MET B 765 42.58 14.67 4.45
N TYR B 766 41.81 14.19 5.42
CA TYR B 766 40.42 14.59 5.57
C TYR B 766 40.33 16.10 5.85
N GLN B 767 41.19 16.58 6.76
CA GLN B 767 41.20 18.00 7.10
C GLN B 767 41.40 18.81 5.86
N ASN B 768 42.21 18.31 4.94
CA ASN B 768 42.36 18.89 3.61
C ASN B 768 41.15 18.59 2.71
N ALA B 769 40.68 17.36 2.69
CA ALA B 769 39.49 17.02 1.89
C ALA B 769 38.33 17.97 2.17
N ALA B 770 38.06 18.20 3.46
CA ALA B 770 36.87 18.91 3.86
C ALA B 770 37.08 20.41 4.07
N PHE B 771 38.26 20.82 4.53
CA PHE B 771 38.52 22.23 4.84
C PHE B 771 39.62 22.91 4.01
N GLY B 772 40.29 22.15 3.14
CA GLY B 772 41.44 22.66 2.36
C GLY B 772 42.70 23.01 3.15
N LYS B 773 42.76 22.62 4.42
CA LYS B 773 43.95 22.86 5.24
C LYS B 773 45.12 22.06 4.67
N PRO B 774 46.24 22.74 4.32
CA PRO B 774 47.41 21.99 3.87
C PRO B 774 47.89 21.01 4.96
N ILE B 775 48.36 19.83 4.57
CA ILE B 775 48.94 18.87 5.54
C ILE B 775 50.21 19.41 6.18
N ILE B 776 51.18 19.74 5.32
CA ILE B 776 52.47 20.25 5.79
C ILE B 776 52.36 21.77 5.80
N LYS B 777 52.70 22.36 6.94
CA LYS B 777 52.60 23.81 7.14
C LYS B 777 53.98 24.42 7.08
N ALA B 778 54.09 25.51 6.32
CA ALA B 778 55.29 26.34 6.30
C ALA B 778 55.55 26.87 7.69
N ALA B 779 56.80 27.08 8.06
CA ALA B 779 57.06 27.69 9.37
C ALA B 779 56.51 29.12 9.48
N SER B 780 56.38 29.81 8.35
CA SER B 780 55.77 31.13 8.27
C SER B 780 54.23 31.10 8.48
N MET B 781 53.64 29.91 8.53
CA MET B 781 52.21 29.79 8.82
C MET B 781 51.91 29.82 10.32
N TYR B 782 52.91 29.50 11.13
CA TYR B 782 52.80 29.72 12.57
C TYR B 782 52.80 31.23 12.81
N ASN B 783 51.72 31.74 13.40
CA ASN B 783 51.55 33.20 13.52
C ASN B 783 52.17 33.78 14.78
N ASN B 784 52.40 35.10 14.74
CA ASN B 784 52.93 35.87 15.85
C ASN B 784 54.30 35.38 16.34
N ASP B 785 55.08 34.87 15.40
CA ASP B 785 56.46 34.45 15.67
C ASP B 785 57.38 35.17 14.69
N SER B 786 58.35 35.91 15.23
CA SER B 786 59.26 36.69 14.38
C SER B 786 60.57 35.93 13.98
N ASN B 787 60.70 34.69 14.42
CA ASN B 787 61.83 33.85 14.04
C ASN B 787 61.55 32.74 13.01
N VAL B 788 60.30 32.25 12.93
CA VAL B 788 59.96 31.15 12.01
C VAL B 788 60.36 31.37 10.56
N ARG B 789 60.50 32.64 10.15
CA ARG B 789 60.89 32.98 8.78
C ARG B 789 62.35 32.56 8.53
N ARG B 790 63.19 32.74 9.54
CA ARG B 790 64.57 32.35 9.46
C ARG B 790 64.74 30.81 9.52
N ALA B 791 63.73 30.12 10.06
CA ALA B 791 63.77 28.66 10.16
C ALA B 791 62.89 27.93 9.12
N GLN B 792 62.31 28.67 8.18
CA GLN B 792 61.34 28.11 7.23
C GLN B 792 61.90 27.16 6.14
N ASN B 793 63.21 27.12 5.97
CA ASN B 793 63.81 26.19 5.01
C ASN B 793 63.66 24.72 5.37
N ASP B 794 63.92 24.40 6.65
CA ASP B 794 63.96 23.02 7.10
C ASP B 794 63.03 22.69 8.29
N HIS B 795 62.36 23.69 8.86
CA HIS B 795 61.33 23.45 9.88
C HIS B 795 59.94 23.44 9.24
N PHE B 796 59.15 22.40 9.50
CA PHE B 796 57.72 22.36 9.07
C PHE B 796 56.78 21.74 10.10
N LEU B 797 55.48 21.97 9.95
CA LEU B 797 54.49 21.49 10.92
C LEU B 797 53.38 20.69 10.29
N LEU B 798 52.78 19.83 11.09
CA LEU B 798 51.63 19.03 10.66
C LEU B 798 50.93 18.49 11.90
N GLY B 799 49.74 17.94 11.72
CA GLY B 799 49.13 17.06 12.73
C GLY B 799 48.23 17.63 13.81
N GLY B 800 47.33 16.79 14.32
CA GLY B 800 46.44 17.16 15.40
C GLY B 800 45.20 17.91 14.96
N HIS B 801 44.53 18.51 15.94
CA HIS B 801 43.22 19.14 15.74
C HIS B 801 43.26 20.36 14.82
N ASP B 802 44.32 21.15 14.96
CA ASP B 802 44.51 22.37 14.18
C ASP B 802 45.59 22.24 13.10
N GLY B 803 46.38 21.17 13.14
CA GLY B 803 47.42 20.92 12.14
C GLY B 803 48.79 21.48 12.45
N TYR B 804 49.02 21.83 13.72
CA TYR B 804 50.25 22.48 14.18
C TYR B 804 50.73 21.79 15.44
N ARG B 805 50.46 20.50 15.55
CA ARG B 805 50.76 19.78 16.77
C ARG B 805 52.15 19.14 16.73
N ILE B 806 52.66 18.91 15.52
CA ILE B 806 53.98 18.31 15.35
C ILE B 806 54.94 19.20 14.58
N LEU B 807 56.12 19.44 15.15
CA LEU B 807 57.18 20.22 14.51
C LEU B 807 58.30 19.29 14.03
N CYS B 808 58.67 19.40 12.75
CA CYS B 808 59.78 18.62 12.20
C CYS B 808 60.88 19.52 11.69
N ALA B 809 62.09 19.30 12.20
CA ALA B 809 63.29 19.98 11.70
C ALA B 809 64.42 18.98 11.37
N PRO B 810 64.26 18.22 10.27
CA PRO B 810 65.23 17.17 9.90
C PRO B 810 66.59 17.72 9.50
N VAL B 811 67.66 16.99 9.88
CA VAL B 811 69.01 17.24 9.38
C VAL B 811 69.03 17.07 7.85
N VAL B 812 69.63 18.02 7.13
CA VAL B 812 69.59 18.00 5.67
C VAL B 812 70.97 17.96 5.02
N TRP B 813 71.99 17.65 5.82
CA TRP B 813 73.37 17.45 5.32
C TRP B 813 73.94 16.09 5.70
N GLU B 814 74.62 15.46 4.75
CA GLU B 814 75.26 14.18 4.98
C GLU B 814 76.37 14.31 6.02
N ASN B 815 76.56 13.24 6.80
CA ASN B 815 77.62 13.16 7.81
C ASN B 815 77.66 14.37 8.75
N SER B 816 76.48 14.67 9.29
CA SER B 816 76.25 15.79 10.17
C SER B 816 75.49 15.28 11.40
N THR B 817 75.97 15.65 12.58
CA THR B 817 75.36 15.23 13.84
C THR B 817 74.81 16.39 14.70
N GLU B 818 74.48 17.49 14.03
CA GLU B 818 73.93 18.70 14.68
C GLU B 818 73.29 19.63 13.65
N ARG B 819 72.46 20.56 14.12
CA ARG B 819 71.75 21.50 13.26
C ARG B 819 71.14 22.63 14.08
N GLU B 820 70.90 23.77 13.46
CA GLU B 820 70.24 24.86 14.16
C GLU B 820 68.75 24.61 14.29
N LEU B 821 68.28 24.64 15.54
CA LEU B 821 66.87 24.41 15.87
C LEU B 821 66.17 25.67 16.38
N TYR B 822 65.02 25.98 15.78
CA TYR B 822 64.11 26.96 16.36
C TYR B 822 62.74 26.36 16.72
N LEU B 823 62.34 26.52 17.98
CA LEU B 823 61.01 26.11 18.43
C LEU B 823 60.08 27.33 18.45
N PRO B 824 58.93 27.26 17.74
CA PRO B 824 58.00 28.39 17.74
C PRO B 824 57.53 28.84 19.12
N VAL B 825 57.27 30.15 19.23
CA VAL B 825 57.01 30.84 20.48
C VAL B 825 55.58 30.67 21.02
N LEU B 826 55.41 30.97 22.31
CA LEU B 826 54.13 30.91 23.03
C LEU B 826 53.44 29.54 23.09
N THR B 827 54.25 28.49 23.09
CA THR B 827 53.78 27.14 23.39
C THR B 827 54.92 26.29 23.97
N GLN B 828 54.61 25.07 24.39
CA GLN B 828 55.64 24.15 24.90
C GLN B 828 55.80 22.95 23.98
N TRP B 829 57.00 22.39 23.97
CA TRP B 829 57.38 21.35 23.02
C TRP B 829 57.98 20.17 23.72
N TYR B 830 57.62 18.98 23.27
CA TYR B 830 58.16 17.74 23.83
C TYR B 830 58.95 16.98 22.78
N LYS B 831 60.19 16.66 23.11
CA LYS B 831 61.05 15.88 22.22
C LYS B 831 60.37 14.52 21.95
N PHE B 832 60.28 14.15 20.68
CA PHE B 832 59.58 12.92 20.32
C PHE B 832 60.28 12.19 19.18
N GLY B 833 59.80 10.99 18.87
CA GLY B 833 60.34 10.21 17.77
C GLY B 833 60.07 8.73 17.98
N PRO B 834 60.68 7.87 17.12
CA PRO B 834 60.51 6.42 17.19
C PRO B 834 60.72 5.79 18.57
N ASP B 835 61.60 6.36 19.39
CA ASP B 835 61.92 5.77 20.70
C ASP B 835 60.90 6.06 21.78
N PHE B 836 60.29 7.24 21.72
CA PHE B 836 59.50 7.76 22.84
C PHE B 836 58.18 7.02 23.05
N ASP B 837 57.82 6.13 22.13
CA ASP B 837 56.67 5.26 22.31
C ASP B 837 56.84 4.31 23.52
N THR B 838 58.05 3.82 23.73
CA THR B 838 58.28 2.85 24.78
C THR B 838 59.12 3.39 25.94
N LYS B 839 59.19 4.70 26.07
CA LYS B 839 59.89 5.32 27.21
C LYS B 839 59.19 6.61 27.69
N PRO B 840 59.45 7.03 28.96
CA PRO B 840 58.82 8.27 29.44
C PRO B 840 59.20 9.48 28.58
N LEU B 841 58.35 10.50 28.56
CA LEU B 841 58.71 11.74 27.89
C LEU B 841 59.79 12.48 28.66
N GLU B 842 60.42 13.45 28.00
CA GLU B 842 61.39 14.29 28.63
C GLU B 842 60.76 15.62 29.08
N GLY B 843 61.58 16.47 29.70
CA GLY B 843 61.17 17.78 30.17
C GLY B 843 60.62 18.66 29.07
N ALA B 844 59.66 19.52 29.44
CA ALA B 844 59.08 20.46 28.51
C ALA B 844 60.16 21.39 27.97
N MET B 845 60.19 21.55 26.65
CA MET B 845 61.13 22.46 26.00
C MET B 845 60.40 23.76 25.67
N ASN B 846 61.00 24.88 26.03
CA ASN B 846 60.35 26.17 25.90
C ASN B 846 60.24 26.69 24.47
N GLY B 847 59.07 27.22 24.14
CA GLY B 847 58.85 27.82 22.84
C GLY B 847 59.59 29.13 22.72
N GLY B 848 59.93 29.48 21.49
CA GLY B 848 60.69 30.70 21.23
C GLY B 848 62.18 30.52 21.39
N ASP B 849 62.59 29.29 21.75
CA ASP B 849 64.00 28.93 21.91
C ASP B 849 64.69 28.57 20.60
N ARG B 850 65.89 29.11 20.43
CA ARG B 850 66.78 28.77 19.33
C ARG B 850 68.06 28.17 19.90
N ILE B 851 68.26 26.89 19.62
CA ILE B 851 69.41 26.16 20.17
C ILE B 851 70.41 25.82 19.07
N TYR B 852 71.58 26.44 19.15
CA TYR B 852 72.64 26.23 18.18
C TYR B 852 73.27 24.87 18.40
N ASN B 853 73.77 24.28 17.32
CA ASN B 853 74.40 22.97 17.41
C ASN B 853 73.57 22.00 18.26
N TYR B 854 72.31 21.79 17.87
CA TYR B 854 71.44 20.89 18.61
C TYR B 854 71.74 19.44 18.19
N PRO B 855 72.17 18.60 19.16
CA PRO B 855 72.68 17.27 18.83
C PRO B 855 71.66 16.37 18.14
N VAL B 856 71.96 15.93 16.92
CA VAL B 856 71.16 14.93 16.20
C VAL B 856 72.05 13.76 15.76
N PRO B 857 72.19 12.73 16.63
CA PRO B 857 72.87 11.51 16.22
C PRO B 857 72.22 10.95 14.97
N GLN B 858 72.94 10.06 14.25
CA GLN B 858 72.40 9.44 13.05
C GLN B 858 71.06 8.77 13.33
N SER B 859 70.93 8.13 14.49
CA SER B 859 69.72 7.38 14.84
C SER B 859 68.52 8.27 15.16
N GLU B 860 68.74 9.58 15.21
CA GLU B 860 67.73 10.51 15.72
C GLU B 860 67.33 11.51 14.64
N SER B 861 66.27 12.26 14.91
CA SER B 861 65.76 13.31 14.04
C SER B 861 64.89 14.28 14.84
N PRO B 862 65.13 15.60 14.74
CA PRO B 862 64.32 16.56 15.52
C PRO B 862 62.84 16.58 15.11
N ILE B 863 62.02 15.92 15.93
CA ILE B 863 60.58 15.90 15.79
C ILE B 863 60.01 16.18 17.17
N PHE B 864 59.08 17.12 17.25
CA PHE B 864 58.53 17.54 18.53
C PHE B 864 57.01 17.52 18.47
N VAL B 865 56.41 17.22 19.62
CA VAL B 865 54.96 17.24 19.75
C VAL B 865 54.63 18.38 20.68
N ARG B 866 53.70 19.22 20.24
CA ARG B 866 53.24 20.39 21.00
C ARG B 866 52.38 19.97 22.19
N GLU B 867 52.50 20.69 23.30
CA GLU B 867 51.63 20.49 24.45
C GLU B 867 50.17 20.65 24.03
N GLY B 868 49.26 20.04 24.77
CA GLY B 868 47.85 20.17 24.47
C GLY B 868 47.45 19.41 23.22
N ALA B 869 48.22 18.37 22.90
CA ALA B 869 47.90 17.51 21.78
C ALA B 869 47.45 16.12 22.23
N ILE B 870 46.41 15.63 21.57
CA ILE B 870 45.95 14.25 21.64
C ILE B 870 46.04 13.74 20.20
N LEU B 871 46.77 12.65 20.00
CA LEU B 871 46.99 12.16 18.64
C LEU B 871 46.46 10.74 18.52
N PRO B 872 45.67 10.47 17.49
CA PRO B 872 45.20 9.11 17.23
C PRO B 872 46.39 8.24 16.80
N THR B 873 46.58 7.10 17.46
CA THR B 873 47.73 6.23 17.23
C THR B 873 47.22 4.82 16.89
N ARG B 874 48.03 4.02 16.17
CA ARG B 874 47.65 2.66 15.81
C ARG B 874 48.75 1.66 16.13
N TYR B 875 48.34 0.49 16.60
CA TYR B 875 49.24 -0.63 16.80
C TYR B 875 48.57 -1.85 16.19
N THR B 876 49.36 -2.86 15.86
CA THR B 876 48.81 -4.17 15.48
C THR B 876 48.49 -4.99 16.73
N LEU B 877 47.45 -5.82 16.65
CA LEU B 877 47.06 -6.69 17.76
C LEU B 877 48.19 -7.62 18.23
N ASN B 878 49.12 -7.97 17.34
CA ASN B 878 50.14 -8.99 17.66
C ASN B 878 51.58 -8.48 17.80
N GLY B 879 51.84 -7.23 17.41
CA GLY B 879 53.19 -6.66 17.41
C GLY B 879 54.01 -7.02 16.17
N GLU B 880 53.35 -7.51 15.13
CA GLU B 880 53.98 -7.69 13.83
C GLU B 880 53.82 -6.42 13.01
N ASN B 881 54.84 -6.09 12.21
CA ASN B 881 54.73 -4.95 11.32
C ASN B 881 53.98 -5.37 10.08
N LYS B 882 52.75 -4.90 9.92
CA LYS B 882 52.06 -5.18 8.67
C LYS B 882 51.72 -3.94 7.87
N SER B 883 51.49 -4.17 6.58
CA SER B 883 51.01 -3.14 5.70
C SER B 883 49.74 -2.52 6.28
N LEU B 884 49.57 -1.22 6.01
CA LEU B 884 48.39 -0.48 6.45
C LEU B 884 47.14 -1.18 5.99
N ASN B 885 47.21 -1.71 4.77
CA ASN B 885 46.02 -2.21 4.11
C ASN B 885 45.49 -3.49 4.73
N THR B 886 46.24 -4.07 5.67
CA THR B 886 45.84 -5.31 6.37
C THR B 886 45.62 -5.09 7.89
N TYR B 887 45.51 -3.83 8.28
CA TYR B 887 44.89 -3.48 9.55
C TYR B 887 43.38 -3.74 9.47
N THR B 888 42.81 -4.05 10.62
CA THR B 888 41.36 -4.07 10.76
C THR B 888 41.12 -3.29 12.04
N ASP B 889 39.85 -3.11 12.39
CA ASP B 889 39.50 -2.36 13.59
C ASP B 889 39.85 -3.09 14.89
N GLU B 890 40.22 -4.37 14.77
CA GLU B 890 40.78 -5.17 15.86
C GLU B 890 42.19 -4.72 16.24
N ASP B 891 42.82 -3.95 15.36
CA ASP B 891 44.14 -3.39 15.63
C ASP B 891 43.96 -2.08 16.35
N PRO B 892 44.48 -1.98 17.60
CA PRO B 892 44.19 -0.94 18.59
C PRO B 892 44.28 0.47 18.06
N LEU B 893 43.20 1.24 18.25
CA LEU B 893 43.20 2.69 18.05
C LEU B 893 43.35 3.36 19.40
N VAL B 894 44.37 4.20 19.53
CA VAL B 894 44.72 4.77 20.83
C VAL B 894 44.80 6.29 20.73
N PHE B 895 44.20 6.98 21.68
CA PHE B 895 44.31 8.43 21.76
C PHE B 895 45.34 8.81 22.80
N GLU B 896 46.49 9.25 22.30
CA GLU B 896 47.59 9.64 23.15
C GLU B 896 47.50 11.10 23.54
N VAL B 897 47.24 11.31 24.83
CA VAL B 897 47.15 12.62 25.42
C VAL B 897 48.53 12.97 25.90
N PHE B 898 49.13 13.98 25.27
CA PHE B 898 50.39 14.54 25.73
C PHE B 898 50.15 15.55 26.81
N PRO B 899 51.21 15.98 27.54
CA PRO B 899 50.98 16.97 28.58
C PRO B 899 50.10 18.13 28.10
N LEU B 900 49.28 18.62 29.01
CA LEU B 900 48.26 19.60 28.66
C LEU B 900 48.88 20.99 28.48
N GLY B 901 48.34 21.72 27.51
CA GLY B 901 48.67 23.11 27.30
C GLY B 901 47.58 23.99 27.89
N ASN B 902 47.95 24.81 28.87
CA ASN B 902 46.99 25.65 29.59
C ASN B 902 45.85 24.79 30.14
N ASN B 903 46.23 23.74 30.86
CA ASN B 903 45.32 22.78 31.51
C ASN B 903 44.30 22.08 30.59
N ARG B 904 44.56 22.06 29.29
CA ARG B 904 43.72 21.31 28.33
C ARG B 904 44.51 20.62 27.22
N ALA B 905 43.84 19.72 26.49
CA ALA B 905 44.38 19.09 25.27
C ALA B 905 43.23 18.79 24.33
N ASP B 906 43.53 18.71 23.03
CA ASP B 906 42.52 18.47 21.97
C ASP B 906 43.00 17.49 20.90
N GLY B 907 42.08 16.67 20.41
CA GLY B 907 42.39 15.71 19.36
C GLY B 907 41.28 15.61 18.33
N MET B 908 41.65 15.12 17.16
CA MET B 908 40.67 14.81 16.13
C MET B 908 41.16 13.56 15.37
N CYS B 909 40.22 12.66 15.06
CA CYS B 909 40.52 11.45 14.33
C CYS B 909 39.42 11.12 13.31
N TYR B 910 39.81 11.06 12.03
CA TYR B 910 38.91 10.65 10.97
C TYR B 910 38.93 9.13 10.90
N LEU B 911 37.77 8.49 10.65
CA LEU B 911 37.65 7.03 10.53
C LEU B 911 36.69 6.61 9.41
N ASP B 912 37.16 5.74 8.51
CA ASP B 912 36.29 4.99 7.61
C ASP B 912 36.85 3.56 7.43
N ASP B 913 36.44 2.90 6.34
CA ASP B 913 36.86 1.52 6.08
C ASP B 913 38.11 1.45 5.20
N GLY B 914 38.95 2.49 5.25
CA GLY B 914 40.23 2.54 4.51
C GLY B 914 40.07 2.62 2.98
N GLY B 915 38.85 2.51 2.50
CA GLY B 915 38.61 2.60 1.08
C GLY B 915 38.43 1.25 0.45
N VAL B 916 37.87 0.31 1.23
CA VAL B 916 37.42 -0.98 0.74
C VAL B 916 36.20 -0.73 -0.13
N THR B 917 35.41 0.26 0.28
CA THR B 917 34.22 0.72 -0.42
C THR B 917 34.39 2.23 -0.64
N THR B 918 33.61 2.78 -1.58
CA THR B 918 33.56 4.22 -1.83
C THR B 918 32.43 4.90 -1.06
N ASN B 919 31.87 4.21 -0.07
CA ASN B 919 30.75 4.73 0.69
C ASN B 919 31.03 5.99 1.53
N ALA B 920 32.26 6.16 2.02
CA ALA B 920 32.65 7.36 2.76
C ALA B 920 32.43 8.63 1.94
N GLU B 921 32.78 8.58 0.66
CA GLU B 921 32.69 9.75 -0.24
C GLU B 921 31.41 9.80 -1.06
N ASP B 922 30.80 8.63 -1.30
CA ASP B 922 29.55 8.55 -2.07
C ASP B 922 28.33 8.75 -1.18
N ASN B 923 28.23 7.95 -0.13
CA ASN B 923 27.06 7.92 0.74
C ASN B 923 27.38 8.46 2.13
N GLY B 924 28.52 9.14 2.25
CA GLY B 924 28.94 9.74 3.50
C GLY B 924 29.12 8.83 4.70
N LYS B 925 29.56 7.60 4.48
CA LYS B 925 29.78 6.66 5.57
C LYS B 925 31.16 6.86 6.23
N PHE B 926 31.27 7.90 7.03
CA PHE B 926 32.52 8.14 7.76
C PHE B 926 32.28 8.73 9.15
N SER B 927 33.33 8.83 9.95
CA SER B 927 33.26 9.33 11.30
C SER B 927 34.34 10.38 11.51
N VAL B 928 34.01 11.39 12.30
CA VAL B 928 34.96 12.41 12.69
C VAL B 928 34.89 12.50 14.22
N VAL B 929 35.67 11.65 14.87
CA VAL B 929 35.71 11.66 16.35
C VAL B 929 36.42 12.94 16.81
N LYS B 930 35.88 13.55 17.85
CA LYS B 930 36.51 14.71 18.45
C LYS B 930 36.75 14.36 19.89
N VAL B 931 37.89 14.80 20.42
CA VAL B 931 38.22 14.54 21.82
C VAL B 931 38.83 15.78 22.46
N ALA B 932 38.39 16.08 23.68
CA ALA B 932 38.94 17.18 24.46
C ALA B 932 39.23 16.67 25.87
N ALA B 933 40.25 17.24 26.49
CA ALA B 933 40.66 16.86 27.83
C ALA B 933 40.91 18.11 28.67
N GLU B 934 40.43 18.12 29.90
CA GLU B 934 40.53 19.31 30.74
C GLU B 934 40.94 18.96 32.16
N GLN B 935 41.96 19.64 32.65
CA GLN B 935 42.36 19.51 34.05
C GLN B 935 41.76 20.66 34.88
N ASP B 936 41.05 20.26 35.94
CA ASP B 936 40.44 21.18 36.87
C ASP B 936 40.71 20.65 38.28
N GLY B 937 41.61 21.32 39.00
CA GLY B 937 42.07 20.83 40.30
C GLY B 937 42.63 19.42 40.22
N GLY B 938 41.91 18.46 40.79
CA GLY B 938 42.32 17.06 40.80
C GLY B 938 41.42 16.17 39.97
N THR B 939 40.64 16.79 39.06
CA THR B 939 39.76 16.07 38.15
C THR B 939 40.17 16.31 36.71
N GLU B 940 40.42 15.24 35.99
CA GLU B 940 40.64 15.32 34.56
C GLU B 940 39.43 14.72 33.82
N THR B 941 38.80 15.53 32.97
CA THR B 941 37.63 15.09 32.21
C THR B 941 37.96 14.96 30.75
N ILE B 942 37.86 13.73 30.23
CA ILE B 942 38.16 13.46 28.82
C ILE B 942 36.87 13.19 28.03
N THR B 943 36.58 14.07 27.08
CA THR B 943 35.26 14.08 26.44
C THR B 943 35.32 13.72 24.98
N PHE B 944 34.64 12.63 24.63
CA PHE B 944 34.51 12.26 23.23
C PHE B 944 33.24 12.83 22.67
N THR B 945 33.35 13.42 21.49
CA THR B 945 32.19 13.84 20.73
C THR B 945 32.47 13.49 19.26
N ASN B 946 31.60 13.92 18.35
CA ASN B 946 31.83 13.69 16.94
C ASN B 946 31.08 14.70 16.09
N ASP B 947 31.60 15.01 14.89
CA ASP B 947 30.88 15.87 13.94
C ASP B 947 29.95 15.02 13.10
N CYS B 948 30.18 13.71 13.14
CA CYS B 948 29.27 12.70 12.60
C CYS B 948 29.81 11.32 12.99
N TYR B 949 28.92 10.33 12.97
CA TYR B 949 29.31 8.97 13.24
C TYR B 949 28.52 8.01 12.33
N GLU B 950 28.98 7.89 11.10
CA GLU B 950 28.34 6.98 10.15
C GLU B 950 29.22 5.76 9.87
N TYR B 951 30.41 5.75 10.46
CA TYR B 951 31.26 4.58 10.40
C TYR B 951 31.48 4.06 11.82
N VAL B 952 31.09 2.81 12.05
CA VAL B 952 31.25 2.20 13.36
C VAL B 952 32.59 1.50 13.45
N PHE B 953 33.44 1.99 14.34
CA PHE B 953 34.73 1.39 14.61
C PHE B 953 34.48 0.09 15.35
N GLY B 954 34.88 -1.01 14.73
CA GLY B 954 34.49 -2.34 15.19
C GLY B 954 35.48 -3.03 16.10
N GLY B 955 36.06 -2.27 17.02
CA GLY B 955 36.95 -2.85 18.02
C GLY B 955 37.14 -1.89 19.18
N PRO B 956 37.82 -2.34 20.25
CA PRO B 956 38.16 -1.44 21.35
C PRO B 956 38.98 -0.22 20.91
N PHE B 957 38.90 0.86 21.68
CA PHE B 957 39.82 1.97 21.52
C PHE B 957 40.42 2.29 22.86
N TYR B 958 41.53 3.01 22.88
CA TYR B 958 42.20 3.26 24.14
C TYR B 958 42.44 4.73 24.28
N VAL B 959 42.74 5.13 25.51
CA VAL B 959 43.26 6.44 25.79
C VAL B 959 44.54 6.22 26.60
N ARG B 960 45.61 6.83 26.12
CA ARG B 960 46.87 6.79 26.82
C ARG B 960 47.10 8.19 27.30
N VAL B 961 47.35 8.34 28.60
CA VAL B 961 47.50 9.64 29.24
C VAL B 961 48.93 9.80 29.75
N ARG B 962 49.72 10.57 29.01
CA ARG B 962 51.11 10.86 29.38
C ARG B 962 51.19 11.71 30.63
N GLY B 963 51.91 11.20 31.63
CA GLY B 963 52.17 11.96 32.84
C GLY B 963 51.36 11.48 34.05
N ALA B 964 50.34 10.67 33.80
CA ALA B 964 49.50 10.13 34.89
C ALA B 964 50.11 8.88 35.53
N GLN B 965 49.90 8.42 36.64
CA GLN B 965 50.06 7.05 37.16
C GLN B 965 48.75 6.55 37.82
N SER B 966 48.80 6.26 39.08
CA SER B 966 47.58 5.58 39.49
C SER B 966 46.52 6.58 39.96
N PRO B 967 45.26 6.39 39.51
CA PRO B 967 44.16 7.24 39.93
C PRO B 967 43.38 6.61 41.09
N SER B 968 42.61 7.43 41.81
CA SER B 968 41.73 6.90 42.84
C SER B 968 40.49 6.23 42.26
N ASN B 969 40.08 6.67 41.07
CA ASN B 969 38.90 6.14 40.40
C ASN B 969 38.71 6.79 39.03
N ILE B 970 38.30 5.99 38.04
CA ILE B 970 37.97 6.52 36.72
C ILE B 970 36.52 6.16 36.36
N HIS B 971 35.75 7.16 35.94
CA HIS B 971 34.34 6.93 35.61
C HIS B 971 34.04 7.22 34.14
N VAL B 972 33.22 6.37 33.54
CA VAL B 972 32.91 6.44 32.12
C VAL B 972 31.41 6.49 31.86
N SER B 973 30.99 7.56 31.21
CA SER B 973 29.59 7.88 31.10
C SER B 973 29.20 7.95 29.62
N SER B 974 28.19 7.16 29.24
CA SER B 974 27.73 7.15 27.86
C SER B 974 26.24 6.85 27.75
N GLY B 975 25.66 7.20 26.59
CA GLY B 975 24.30 6.83 26.25
C GLY B 975 24.17 5.36 25.93
N ALA B 976 25.30 4.69 25.81
CA ALA B 976 25.35 3.23 25.66
C ALA B 976 25.54 2.55 27.02
N GLY B 977 25.64 3.36 28.07
CA GLY B 977 25.79 2.83 29.42
C GLY B 977 26.98 3.43 30.14
N SER B 978 26.85 3.57 31.46
CA SER B 978 27.93 4.10 32.29
C SER B 978 28.60 2.98 33.07
N GLN B 979 29.80 3.26 33.57
CA GLN B 979 30.57 2.28 34.33
C GLN B 979 31.70 2.97 35.09
N ASP B 980 32.08 2.39 36.21
CA ASP B 980 33.34 2.71 36.87
C ASP B 980 34.39 1.75 36.35
N MET B 981 35.55 2.29 35.98
CA MET B 981 36.65 1.48 35.44
C MET B 981 37.36 0.69 36.52
N LYS B 982 38.00 -0.41 36.12
CA LYS B 982 38.75 -1.26 37.06
C LYS B 982 40.18 -1.47 36.59
N VAL B 983 41.10 -1.62 37.56
CA VAL B 983 42.50 -1.95 37.24
C VAL B 983 42.56 -3.31 36.50
N SER B 984 43.41 -3.39 35.48
CA SER B 984 43.53 -4.62 34.70
C SER B 984 44.43 -5.62 35.40
N SER B 985 44.12 -6.91 35.26
CA SER B 985 45.01 -7.94 35.76
C SER B 985 46.21 -8.11 34.80
N ALA B 986 46.02 -7.66 33.56
CA ALA B 986 47.10 -7.58 32.55
C ALA B 986 48.13 -6.52 32.93
N THR B 987 49.42 -6.83 32.78
CA THR B 987 50.51 -5.97 33.27
C THR B 987 51.57 -5.63 32.21
N SER B 988 51.24 -5.84 30.95
CA SER B 988 52.05 -5.33 29.86
C SER B 988 51.09 -4.81 28.80
N ARG B 989 51.61 -4.03 27.86
CA ARG B 989 50.78 -3.44 26.83
C ARG B 989 50.21 -4.51 25.93
N ALA B 990 51.04 -5.49 25.57
CA ALA B 990 50.62 -6.62 24.75
C ALA B 990 49.44 -7.36 25.39
N ALA B 991 49.54 -7.57 26.70
CA ALA B 991 48.53 -8.29 27.49
C ALA B 991 47.21 -7.52 27.54
N LEU B 992 47.31 -6.20 27.68
CA LEU B 992 46.14 -5.35 27.68
C LEU B 992 45.38 -5.46 26.35
N PHE B 993 46.12 -5.37 25.25
CA PHE B 993 45.50 -5.44 23.93
C PHE B 993 44.77 -6.75 23.71
N ASN B 994 45.40 -7.85 24.11
CA ASN B 994 44.89 -9.20 23.81
C ASN B 994 43.94 -9.80 24.85
N ASP B 995 44.24 -9.58 26.14
CA ASP B 995 43.51 -10.22 27.24
C ASP B 995 42.73 -9.28 28.17
N GLY B 996 43.03 -7.98 28.09
CA GLY B 996 42.36 -6.99 28.92
C GLY B 996 40.88 -6.86 28.55
N GLU B 997 40.05 -6.58 29.55
CA GLU B 997 38.62 -6.39 29.31
C GLU B 997 38.32 -4.93 29.05
N ASN B 998 37.25 -4.68 28.31
CA ASN B 998 36.69 -3.35 28.22
C ASN B 998 36.34 -2.87 29.62
N GLY B 999 36.76 -1.65 29.95
CA GLY B 999 36.59 -1.13 31.31
C GLY B 999 37.86 -1.17 32.15
N ASP B 1000 38.91 -1.81 31.63
CA ASP B 1000 40.20 -1.92 32.33
C ASP B 1000 41.07 -0.68 32.16
N PHE B 1001 41.87 -0.38 33.18
CA PHE B 1001 42.97 0.58 33.02
C PHE B 1001 44.30 -0.05 33.42
N TRP B 1002 45.38 0.33 32.71
CA TRP B 1002 46.72 -0.17 33.02
C TRP B 1002 47.73 0.94 33.36
N VAL B 1003 48.31 0.84 34.54
CA VAL B 1003 49.31 1.81 35.00
C VAL B 1003 50.69 1.46 34.42
N ASP B 1004 50.96 2.09 33.29
CA ASP B 1004 52.17 1.85 32.50
C ASP B 1004 53.32 2.64 33.10
N GLN B 1005 54.03 2.01 34.05
CA GLN B 1005 55.12 2.65 34.79
C GLN B 1005 56.29 3.01 33.85
N GLU B 1006 56.63 2.06 32.98
CA GLU B 1006 57.81 2.13 32.12
C GLU B 1006 57.73 3.24 31.05
N THR B 1007 56.55 3.83 30.87
CA THR B 1007 56.41 4.95 29.93
C THR B 1007 55.68 6.15 30.53
N ASP B 1008 55.56 6.17 31.87
CA ASP B 1008 54.82 7.21 32.60
C ASP B 1008 53.46 7.50 31.91
N SER B 1009 52.73 6.44 31.60
CA SER B 1009 51.43 6.58 30.95
C SER B 1009 50.30 5.99 31.79
N LEU B 1010 49.09 6.04 31.24
CA LEU B 1010 47.92 5.45 31.87
C LEU B 1010 46.97 5.03 30.76
N TRP B 1011 46.73 3.73 30.65
CA TRP B 1011 46.01 3.23 29.50
C TRP B 1011 44.60 2.82 29.91
N LEU B 1012 43.62 3.31 29.16
CA LEU B 1012 42.22 3.01 29.41
C LEU B 1012 41.69 2.19 28.24
N LYS B 1013 41.18 1.00 28.54
CA LYS B 1013 40.56 0.17 27.51
C LYS B 1013 39.06 0.34 27.55
N LEU B 1014 38.49 0.78 26.45
CA LEU B 1014 37.09 1.13 26.39
C LEU B 1014 36.40 0.43 25.23
N PRO B 1015 35.12 0.07 25.43
CA PRO B 1015 34.33 -0.58 24.36
C PRO B 1015 34.00 0.41 23.25
N ASN B 1016 33.85 -0.10 22.04
CA ASN B 1016 33.59 0.74 20.87
C ASN B 1016 32.29 1.54 20.94
N VAL B 1017 31.25 0.96 21.52
CA VAL B 1017 29.92 1.59 21.65
C VAL B 1017 29.97 2.98 22.30
N VAL B 1018 31.01 3.23 23.09
CA VAL B 1018 31.15 4.49 23.82
C VAL B 1018 32.07 5.52 23.15
N LEU B 1019 32.56 5.21 21.96
CA LEU B 1019 33.43 6.13 21.22
C LEU B 1019 32.78 7.47 20.82
N PRO B 1020 31.49 7.45 20.39
CA PRO B 1020 30.90 8.72 19.93
C PRO B 1020 30.61 9.79 21.00
N ASP B 1021 30.35 9.38 22.25
CA ASP B 1021 29.84 10.32 23.27
C ASP B 1021 30.48 10.19 24.67
N ALA B 1022 31.51 9.36 24.80
CA ALA B 1022 32.04 9.00 26.11
C ALA B 1022 32.50 10.20 26.89
N VAL B 1023 32.00 10.34 28.11
CA VAL B 1023 32.57 11.31 29.03
C VAL B 1023 33.31 10.49 30.06
N ILE B 1024 34.62 10.73 30.15
CA ILE B 1024 35.49 10.03 31.06
C ILE B 1024 35.94 11.01 32.13
N THR B 1025 35.85 10.58 33.39
CA THR B 1025 36.23 11.42 34.53
C THR B 1025 37.31 10.73 35.34
N ILE B 1026 38.49 11.35 35.38
CA ILE B 1026 39.62 10.79 36.10
C ILE B 1026 39.84 11.54 37.40
N THR B 1027 40.12 10.80 38.46
CA THR B 1027 40.10 11.37 39.77
C THR B 1027 41.15 10.70 40.68
N THR C 3 -39.11 -22.95 37.90
CA THR C 3 -38.73 -23.07 36.46
C THR C 3 -39.41 -24.31 35.87
N ASP C 4 -38.94 -25.48 36.31
CA ASP C 4 -39.48 -26.75 35.81
C ASP C 4 -40.92 -26.93 36.24
N ASN C 5 -41.79 -27.20 35.26
CA ASN C 5 -43.23 -27.34 35.45
C ASN C 5 -43.85 -26.21 36.31
N PRO C 6 -44.08 -25.04 35.70
CA PRO C 6 -44.54 -23.84 36.39
C PRO C 6 -45.95 -23.98 36.98
N ASP C 7 -46.92 -24.35 36.15
CA ASP C 7 -48.32 -24.49 36.59
C ASP C 7 -48.53 -25.72 37.49
N GLY C 8 -47.63 -26.69 37.40
CA GLY C 8 -47.71 -27.92 38.19
C GLY C 8 -48.64 -28.97 37.60
N ILE C 9 -48.91 -28.83 36.30
CA ILE C 9 -49.77 -29.75 35.56
C ILE C 9 -49.24 -31.19 35.61
N ASP C 10 -50.15 -32.15 35.69
CA ASP C 10 -49.78 -33.56 35.55
C ASP C 10 -50.07 -34.03 34.14
N TYR C 11 -49.01 -34.40 33.43
CA TYR C 11 -49.09 -34.79 32.02
C TYR C 11 -49.46 -36.27 31.90
N LYS C 12 -50.68 -36.52 31.43
CA LYS C 12 -51.21 -37.86 31.43
C LYS C 12 -51.17 -38.55 30.07
N THR C 13 -50.74 -37.84 29.03
CA THR C 13 -50.59 -38.46 27.71
C THR C 13 -49.37 -37.93 26.96
N TYR C 14 -48.52 -38.85 26.52
CA TYR C 14 -47.34 -38.49 25.77
C TYR C 14 -47.38 -39.02 24.33
N ASP C 15 -48.02 -40.16 24.14
CA ASP C 15 -48.05 -40.76 22.80
C ASP C 15 -48.91 -39.99 21.83
N TYR C 16 -48.69 -40.20 20.55
CA TYR C 16 -49.62 -39.80 19.51
C TYR C 16 -51.00 -40.40 19.77
N VAL C 17 -52.03 -39.56 19.71
CA VAL C 17 -53.39 -40.05 19.73
C VAL C 17 -54.05 -39.75 18.37
N GLY C 18 -54.40 -40.78 17.63
CA GLY C 18 -55.05 -40.60 16.34
C GLY C 18 -56.43 -40.03 16.54
N VAL C 19 -57.10 -39.68 15.44
CA VAL C 19 -58.48 -39.18 15.47
C VAL C 19 -59.46 -40.22 15.99
N TRP C 20 -59.04 -41.49 15.94
CA TRP C 20 -59.84 -42.61 16.41
C TRP C 20 -59.84 -42.73 17.93
N GLY C 21 -58.93 -42.02 18.60
CA GLY C 21 -58.81 -42.05 20.05
C GLY C 21 -59.09 -40.70 20.68
N PHE C 22 -59.65 -39.80 19.89
CA PHE C 22 -60.05 -38.48 20.37
C PHE C 22 -61.55 -38.31 20.14
N SER C 23 -62.31 -38.31 21.23
CA SER C 23 -63.76 -38.40 21.13
C SER C 23 -64.40 -37.55 22.22
N PRO C 24 -64.42 -36.22 22.00
CA PRO C 24 -65.03 -35.31 22.95
C PRO C 24 -66.53 -35.54 23.06
N LEU C 25 -67.15 -35.96 21.96
CA LEU C 25 -68.60 -36.17 21.94
C LEU C 25 -69.06 -37.39 22.77
N SER C 26 -68.12 -38.13 23.35
CA SER C 26 -68.43 -39.23 24.28
C SER C 26 -68.69 -38.73 25.69
N ASN C 27 -68.43 -37.45 25.93
CA ASN C 27 -68.84 -36.75 27.17
C ASN C 27 -68.16 -37.18 28.45
N THR C 28 -68.01 -38.49 28.66
CA THR C 28 -67.48 -39.02 29.93
C THR C 28 -66.14 -38.39 30.31
N ASN C 29 -66.03 -37.94 31.56
CA ASN C 29 -64.84 -37.30 32.11
C ASN C 29 -64.50 -35.92 31.57
N TRP C 30 -65.38 -35.39 30.70
CA TRP C 30 -65.25 -34.05 30.15
C TRP C 30 -66.12 -33.03 30.90
N PHE C 31 -65.51 -31.90 31.27
CA PHE C 31 -66.24 -30.74 31.76
C PHE C 31 -66.78 -29.97 30.56
N ALA C 32 -67.94 -29.36 30.74
CA ALA C 32 -68.44 -28.37 29.78
C ALA C 32 -69.03 -27.22 30.58
N ALA C 33 -69.25 -26.08 29.93
CA ALA C 33 -69.80 -24.91 30.62
C ALA C 33 -71.27 -25.13 30.97
N GLY C 34 -71.64 -24.78 32.20
CA GLY C 34 -73.00 -25.01 32.70
C GLY C 34 -73.71 -23.77 33.23
N SER C 35 -72.95 -22.74 33.57
CA SER C 35 -73.47 -21.46 34.10
C SER C 35 -72.34 -20.44 34.29
N SER C 36 -72.70 -19.17 34.43
CA SER C 36 -71.72 -18.12 34.67
C SER C 36 -72.24 -16.93 35.46
N THR C 37 -71.31 -16.08 35.91
CA THR C 37 -71.61 -14.75 36.44
C THR C 37 -70.71 -13.75 35.72
N PRO C 38 -71.22 -12.55 35.44
CA PRO C 38 -70.41 -11.50 34.82
C PRO C 38 -69.17 -11.16 35.66
N GLY C 39 -68.08 -10.76 34.99
CA GLY C 39 -66.79 -10.57 35.65
C GLY C 39 -65.95 -9.37 35.20
N GLY C 40 -66.62 -8.34 34.67
CA GLY C 40 -65.96 -7.07 34.34
C GLY C 40 -65.38 -6.99 32.94
N ILE C 41 -65.69 -5.91 32.24
CA ILE C 41 -65.23 -5.67 30.87
C ILE C 41 -64.09 -4.64 30.87
N THR C 42 -62.96 -5.00 30.27
CA THR C 42 -61.79 -4.09 30.14
C THR C 42 -61.38 -3.97 28.68
N ASP C 43 -61.26 -2.72 28.21
CA ASP C 43 -61.03 -2.41 26.80
C ASP C 43 -62.09 -3.19 25.97
N TRP C 44 -61.64 -4.11 25.12
CA TRP C 44 -62.57 -4.95 24.36
C TRP C 44 -62.57 -6.41 24.82
N THR C 45 -62.28 -6.66 26.09
CA THR C 45 -62.23 -8.01 26.64
C THR C 45 -63.15 -8.15 27.87
N ALA C 46 -64.20 -8.94 27.71
CA ALA C 46 -65.13 -9.24 28.80
C ALA C 46 -64.75 -10.58 29.43
N THR C 47 -64.91 -10.69 30.75
CA THR C 47 -64.62 -11.92 31.48
C THR C 47 -65.93 -12.51 31.99
N MET C 48 -66.03 -13.83 31.97
CA MET C 48 -67.16 -14.54 32.56
C MET C 48 -66.61 -15.63 33.45
N ASN C 49 -66.96 -15.58 34.74
CA ASN C 49 -66.59 -16.65 35.65
C ASN C 49 -67.44 -17.85 35.31
N VAL C 50 -66.89 -18.74 34.50
CA VAL C 50 -67.65 -19.87 34.00
C VAL C 50 -67.60 -21.07 34.95
N ASN C 51 -68.77 -21.62 35.25
CA ASN C 51 -68.90 -22.82 36.05
C ASN C 51 -68.94 -24.04 35.16
N PHE C 52 -67.90 -24.86 35.27
CA PHE C 52 -67.78 -26.06 34.44
C PHE C 52 -68.28 -27.29 35.18
N ASP C 53 -69.15 -28.04 34.51
CA ASP C 53 -69.78 -29.21 35.12
C ASP C 53 -69.41 -30.46 34.34
N ARG C 54 -69.06 -31.54 35.06
CA ARG C 54 -68.82 -32.84 34.43
C ARG C 54 -70.12 -33.35 33.80
N ILE C 55 -70.12 -33.55 32.49
CA ILE C 55 -71.36 -33.90 31.76
C ILE C 55 -71.96 -35.21 32.29
N ASP C 56 -71.10 -36.12 32.73
CA ASP C 56 -71.51 -37.43 33.20
C ASP C 56 -71.87 -37.43 34.69
N ASN C 57 -71.45 -36.38 35.40
CA ASN C 57 -71.70 -36.19 36.84
C ASN C 57 -71.68 -34.69 37.17
N PRO C 58 -72.80 -33.98 36.92
CA PRO C 58 -72.79 -32.52 37.00
C PRO C 58 -72.66 -31.95 38.41
N SER C 59 -72.71 -32.82 39.42
CA SER C 59 -72.46 -32.42 40.81
C SER C 59 -70.97 -32.13 41.06
N ILE C 60 -70.10 -32.60 40.18
CA ILE C 60 -68.69 -32.20 40.24
C ILE C 60 -68.52 -30.94 39.42
N THR C 61 -68.11 -29.86 40.08
CA THR C 61 -68.04 -28.56 39.42
C THR C 61 -66.80 -27.76 39.80
N VAL C 62 -66.25 -27.08 38.79
CA VAL C 62 -65.10 -26.20 38.98
C VAL C 62 -65.32 -24.90 38.18
N GLN C 63 -64.66 -23.83 38.58
CA GLN C 63 -64.85 -22.53 37.94
C GLN C 63 -63.54 -21.93 37.42
N HIS C 64 -63.58 -21.45 36.18
CA HIS C 64 -62.45 -20.77 35.57
C HIS C 64 -62.93 -19.49 34.87
N PRO C 65 -62.07 -18.45 34.83
CA PRO C 65 -62.41 -17.26 34.06
C PRO C 65 -62.28 -17.53 32.55
N VAL C 66 -63.24 -17.07 31.76
CA VAL C 66 -63.20 -17.24 30.30
C VAL C 66 -63.30 -15.87 29.62
N GLN C 67 -62.28 -15.51 28.83
CA GLN C 67 -62.24 -14.20 28.19
C GLN C 67 -62.88 -14.21 26.81
N VAL C 68 -63.62 -13.14 26.50
CA VAL C 68 -64.22 -12.97 25.19
C VAL C 68 -63.80 -11.61 24.68
N GLN C 69 -63.03 -11.62 23.60
CA GLN C 69 -62.40 -10.40 23.10
C GLN C 69 -62.82 -10.16 21.66
N VAL C 70 -63.30 -8.95 21.38
CA VAL C 70 -63.38 -8.49 20.01
C VAL C 70 -61.95 -8.15 19.58
N THR C 71 -61.52 -8.69 18.45
CA THR C 71 -60.14 -8.51 18.04
C THR C 71 -60.05 -7.48 16.94
N SER C 72 -61.06 -7.49 16.08
CA SER C 72 -61.24 -6.43 15.11
C SER C 72 -62.74 -6.21 14.96
N TYR C 73 -63.14 -4.95 15.11
CA TYR C 73 -64.50 -4.53 14.83
C TYR C 73 -64.78 -4.48 13.33
N ASN C 74 -63.89 -3.84 12.58
CA ASN C 74 -64.07 -3.69 11.13
C ASN C 74 -64.00 -5.00 10.36
N ASN C 75 -63.30 -5.97 10.92
CA ASN C 75 -63.05 -7.22 10.25
C ASN C 75 -63.83 -8.38 10.86
N ASN C 76 -64.70 -8.05 11.81
CA ASN C 76 -65.69 -8.99 12.31
C ASN C 76 -65.03 -10.23 12.89
N SER C 77 -64.24 -10.04 13.94
CA SER C 77 -63.54 -11.12 14.52
C SER C 77 -63.49 -10.94 16.02
N TYR C 78 -63.67 -12.04 16.73
CA TYR C 78 -63.48 -12.06 18.17
C TYR C 78 -62.72 -13.32 18.54
N ARG C 79 -62.31 -13.43 19.81
CA ARG C 79 -61.63 -14.62 20.31
C ARG C 79 -62.23 -15.09 21.65
N VAL C 80 -62.02 -16.36 21.98
CA VAL C 80 -62.48 -16.90 23.26
C VAL C 80 -61.32 -17.68 23.85
N ARG C 81 -60.97 -17.35 25.08
CA ARG C 81 -59.74 -17.86 25.66
C ARG C 81 -59.94 -18.18 27.15
N PHE C 82 -59.47 -19.35 27.57
CA PHE C 82 -59.35 -19.66 29.00
C PHE C 82 -58.22 -20.65 29.27
N ASN C 83 -57.82 -20.75 30.53
CA ASN C 83 -56.81 -21.70 30.95
C ASN C 83 -57.20 -22.46 32.23
N PRO C 84 -57.56 -23.76 32.09
CA PRO C 84 -57.95 -24.59 33.23
C PRO C 84 -56.79 -24.86 34.19
N ASP C 85 -55.57 -24.76 33.68
CA ASP C 85 -54.40 -25.21 34.43
C ASP C 85 -53.69 -24.11 35.19
N GLY C 86 -53.98 -22.86 34.85
CA GLY C 86 -53.43 -21.73 35.60
C GLY C 86 -53.89 -20.37 35.15
N PRO C 87 -53.13 -19.31 35.52
CA PRO C 87 -53.45 -17.97 35.06
C PRO C 87 -53.41 -17.90 33.54
N ILE C 88 -54.42 -17.29 32.94
CA ILE C 88 -54.45 -17.03 31.50
C ILE C 88 -53.27 -16.14 31.09
N ARG C 89 -52.46 -16.63 30.16
CA ARG C 89 -51.26 -15.91 29.75
C ARG C 89 -51.11 -15.76 28.24
N ASP C 90 -50.57 -14.61 27.86
CA ASP C 90 -50.23 -14.28 26.48
C ASP C 90 -48.98 -15.01 26.05
N VAL C 91 -49.04 -15.66 24.89
CA VAL C 91 -47.85 -16.21 24.24
C VAL C 91 -46.89 -15.08 23.87
N THR C 92 -45.60 -15.36 23.96
CA THR C 92 -44.58 -14.39 23.56
C THR C 92 -44.12 -14.75 22.16
N ARG C 93 -44.48 -15.95 21.72
CA ARG C 93 -44.21 -16.42 20.37
C ARG C 93 -45.44 -17.14 19.82
N GLY C 94 -45.74 -16.90 18.55
CA GLY C 94 -46.87 -17.53 17.87
C GLY C 94 -47.40 -16.54 16.85
N PRO C 95 -48.34 -16.98 15.98
CA PRO C 95 -48.90 -16.11 14.94
C PRO C 95 -49.71 -14.93 15.48
N ILE C 96 -50.24 -15.06 16.70
CA ILE C 96 -51.10 -14.03 17.32
C ILE C 96 -50.47 -13.52 18.61
N LEU C 97 -50.10 -12.24 18.57
CA LEU C 97 -49.42 -11.58 19.67
C LEU C 97 -50.24 -10.40 20.16
N LYS C 98 -50.21 -10.20 21.48
CA LYS C 98 -50.85 -9.06 22.13
C LYS C 98 -50.62 -7.75 21.37
N GLN C 99 -49.36 -7.45 21.04
CA GLN C 99 -48.99 -6.15 20.47
C GLN C 99 -49.72 -5.85 19.18
N GLN C 100 -49.97 -6.87 18.37
CA GLN C 100 -50.68 -6.66 17.10
C GLN C 100 -52.17 -6.47 17.39
N LEU C 101 -52.68 -7.22 18.36
CA LEU C 101 -54.08 -7.07 18.78
C LEU C 101 -54.34 -5.69 19.37
N ASP C 102 -53.36 -5.19 20.12
CA ASP C 102 -53.35 -3.85 20.68
C ASP C 102 -53.36 -2.77 19.60
N TRP C 103 -52.45 -2.91 18.63
CA TRP C 103 -52.35 -1.98 17.53
C TRP C 103 -53.66 -1.93 16.74
N ILE C 104 -54.28 -3.08 16.48
CA ILE C 104 -55.54 -3.10 15.73
C ILE C 104 -56.65 -2.35 16.45
N ARG C 105 -56.78 -2.61 17.76
CA ARG C 105 -57.85 -2.01 18.56
C ARG C 105 -57.64 -0.49 18.65
N THR C 106 -56.40 -0.08 18.91
CA THR C 106 -56.02 1.34 18.90
C THR C 106 -56.43 2.03 17.58
N GLN C 107 -56.10 1.44 16.44
CA GLN C 107 -56.50 1.97 15.13
C GLN C 107 -58.00 2.15 15.00
N GLU C 108 -58.74 1.12 15.44
CA GLU C 108 -60.18 1.11 15.31
C GLU C 108 -60.88 2.04 16.29
N LEU C 109 -60.29 2.21 17.47
CA LEU C 109 -60.80 3.17 18.45
C LEU C 109 -60.74 4.60 17.91
N SER C 110 -59.61 4.97 17.31
CA SER C 110 -59.48 6.31 16.75
C SER C 110 -60.34 6.54 15.49
N GLU C 111 -60.82 5.44 14.89
CA GLU C 111 -61.81 5.53 13.80
C GLU C 111 -63.25 5.65 14.33
N GLY C 112 -63.45 5.39 15.62
CA GLY C 112 -64.77 5.49 16.23
C GLY C 112 -65.49 4.17 16.48
N CYS C 113 -64.84 3.07 16.17
CA CYS C 113 -65.40 1.73 16.35
C CYS C 113 -65.78 1.45 17.81
N ASP C 114 -67.03 1.02 18.01
CA ASP C 114 -67.57 0.73 19.33
C ASP C 114 -68.36 -0.58 19.26
N PRO C 115 -67.77 -1.68 19.78
CA PRO C 115 -68.45 -2.98 19.82
C PRO C 115 -69.62 -3.05 20.80
N GLY C 116 -69.69 -2.10 21.73
CA GLY C 116 -70.82 -1.98 22.64
C GLY C 116 -70.96 -3.21 23.53
N MET C 117 -69.82 -3.71 24.00
CA MET C 117 -69.77 -4.87 24.89
C MET C 117 -70.51 -4.54 26.18
N THR C 118 -71.48 -5.38 26.51
CA THR C 118 -72.21 -5.22 27.75
C THR C 118 -72.78 -6.53 28.27
N PHE C 119 -72.88 -6.60 29.60
CA PHE C 119 -73.62 -7.67 30.27
C PHE C 119 -75.07 -7.24 30.52
N THR C 120 -76.00 -8.10 30.09
CA THR C 120 -77.43 -7.89 30.31
C THR C 120 -77.81 -8.27 31.74
N SER C 121 -79.01 -7.89 32.18
CA SER C 121 -79.44 -8.12 33.55
C SER C 121 -79.48 -9.60 33.92
N GLU C 122 -79.77 -10.45 32.92
CA GLU C 122 -79.80 -11.90 33.10
C GLU C 122 -78.39 -12.52 33.18
N GLY C 123 -77.35 -11.73 32.92
CA GLY C 123 -75.97 -12.20 33.02
C GLY C 123 -75.30 -12.48 31.69
N PHE C 124 -76.05 -12.37 30.60
CA PHE C 124 -75.59 -12.65 29.23
C PHE C 124 -74.55 -11.63 28.72
N LEU C 125 -73.69 -12.06 27.79
CA LEU C 125 -72.75 -11.16 27.15
C LEU C 125 -73.19 -10.82 25.74
N THR C 126 -73.18 -9.52 25.46
CA THR C 126 -73.66 -8.99 24.21
C THR C 126 -72.62 -8.04 23.61
N PHE C 127 -72.38 -8.16 22.31
CA PHE C 127 -71.58 -7.19 21.60
C PHE C 127 -71.89 -7.18 20.13
N GLU C 128 -71.36 -6.18 19.44
CA GLU C 128 -71.49 -6.06 18.00
C GLU C 128 -70.12 -5.89 17.35
N THR C 129 -70.02 -6.27 16.09
CA THR C 129 -68.95 -5.81 15.22
C THR C 129 -69.63 -5.10 14.04
N LYS C 130 -68.85 -4.66 13.04
CA LYS C 130 -69.38 -3.88 11.90
C LYS C 130 -70.60 -4.53 11.23
N ASP C 131 -70.57 -5.85 11.06
CA ASP C 131 -71.59 -6.57 10.32
C ASP C 131 -72.37 -7.59 11.16
N LEU C 132 -71.93 -7.83 12.39
CA LEU C 132 -72.50 -8.90 13.21
C LEU C 132 -72.88 -8.48 14.62
N SER C 133 -73.86 -9.16 15.19
CA SER C 133 -74.14 -9.02 16.62
C SER C 133 -74.06 -10.40 17.30
N VAL C 134 -73.53 -10.41 18.51
CA VAL C 134 -73.23 -11.66 19.19
C VAL C 134 -73.89 -11.74 20.55
N ILE C 135 -74.50 -12.88 20.83
CA ILE C 135 -75.06 -13.12 22.16
C ILE C 135 -74.41 -14.36 22.79
N ILE C 136 -73.87 -14.21 24.00
CA ILE C 136 -73.38 -15.34 24.77
C ILE C 136 -74.24 -15.48 26.04
N TYR C 137 -74.95 -16.60 26.17
CA TYR C 137 -75.82 -16.85 27.32
C TYR C 137 -75.07 -17.29 28.60
N GLY C 138 -75.83 -17.71 29.61
CA GLY C 138 -75.28 -18.04 30.93
C GLY C 138 -74.36 -19.23 30.94
N ASN C 139 -74.72 -20.27 30.17
CA ASN C 139 -73.89 -21.47 29.99
C ASN C 139 -72.95 -21.36 28.80
N PHE C 140 -72.84 -20.15 28.24
CA PHE C 140 -71.96 -19.86 27.11
C PHE C 140 -72.51 -20.27 25.73
N LYS C 141 -73.77 -20.71 25.66
CA LYS C 141 -74.39 -20.97 24.36
C LYS C 141 -74.29 -19.68 23.56
N THR C 142 -73.72 -19.77 22.36
CA THR C 142 -73.40 -18.59 21.58
C THR C 142 -74.13 -18.60 20.25
N ARG C 143 -74.70 -17.45 19.92
CA ARG C 143 -75.27 -17.21 18.61
C ARG C 143 -74.64 -15.95 18.02
N VAL C 144 -74.07 -16.10 16.81
CA VAL C 144 -73.57 -15.00 16.03
C VAL C 144 -74.59 -14.76 14.91
N THR C 145 -75.05 -13.52 14.79
CA THR C 145 -76.08 -13.17 13.82
C THR C 145 -75.56 -12.08 12.88
N ARG C 146 -75.91 -12.20 11.61
CA ARG C 146 -75.57 -11.17 10.62
C ARG C 146 -76.65 -10.08 10.57
N LYS C 147 -76.20 -8.84 10.74
CA LYS C 147 -77.09 -7.68 10.87
C LYS C 147 -78.01 -7.43 9.68
N SER C 148 -77.46 -7.42 8.47
CA SER C 148 -78.22 -7.04 7.28
C SER C 148 -79.48 -7.90 7.01
N ASP C 149 -79.41 -9.19 7.27
CA ASP C 149 -80.54 -10.08 6.95
C ASP C 149 -81.06 -10.90 8.13
N GLY C 150 -80.38 -10.82 9.26
CA GLY C 150 -80.81 -11.51 10.47
C GLY C 150 -80.53 -13.01 10.51
N LYS C 151 -79.72 -13.51 9.57
CA LYS C 151 -79.38 -14.94 9.53
C LYS C 151 -78.35 -15.32 10.60
N VAL C 152 -78.61 -16.44 11.27
CA VAL C 152 -77.69 -17.02 12.23
C VAL C 152 -76.59 -17.73 11.45
N ILE C 153 -75.38 -17.23 11.59
CA ILE C 153 -74.25 -17.70 10.81
C ILE C 153 -73.60 -18.89 11.53
N MET C 154 -73.33 -18.71 12.82
CA MET C 154 -72.69 -19.72 13.65
C MET C 154 -73.46 -19.91 14.96
N GLU C 155 -73.52 -21.17 15.42
CA GLU C 155 -74.07 -21.52 16.71
C GLU C 155 -73.15 -22.57 17.29
N ASN C 156 -72.81 -22.48 18.58
CA ASN C 156 -72.12 -23.60 19.24
C ASN C 156 -73.10 -24.67 19.76
N ASP C 157 -72.55 -25.70 20.38
CA ASP C 157 -73.33 -26.89 20.69
C ASP C 157 -73.70 -27.01 22.16
N GLU C 158 -74.94 -27.48 22.40
CA GLU C 158 -75.40 -27.85 23.73
C GLU C 158 -75.73 -29.33 23.81
N VAL C 159 -75.42 -29.95 24.95
CA VAL C 159 -75.88 -31.32 25.24
C VAL C 159 -76.69 -31.39 26.54
N GLY C 160 -77.81 -32.10 26.47
CA GLY C 160 -78.67 -32.27 27.64
C GLY C 160 -78.11 -33.26 28.63
N THR C 161 -78.37 -32.99 29.92
CA THR C 161 -78.22 -33.98 30.99
C THR C 161 -79.63 -34.30 31.51
N ALA C 162 -79.74 -35.31 32.38
CA ALA C 162 -81.03 -35.67 32.97
C ALA C 162 -81.29 -34.89 34.26
N SER C 163 -80.22 -34.50 34.94
CA SER C 163 -80.32 -33.83 36.23
C SER C 163 -80.17 -32.31 36.15
N SER C 164 -79.22 -31.82 35.36
CA SER C 164 -78.69 -30.48 35.57
C SER C 164 -78.68 -29.57 34.36
N GLY C 165 -79.68 -29.71 33.50
CA GLY C 165 -79.85 -28.81 32.36
C GLY C 165 -78.84 -28.98 31.25
N ASN C 166 -78.77 -27.98 30.38
CA ASN C 166 -77.89 -28.04 29.21
C ASN C 166 -76.46 -27.55 29.48
N LYS C 167 -75.49 -28.34 29.05
CA LYS C 167 -74.08 -27.93 29.13
C LYS C 167 -73.59 -27.62 27.72
N CYS C 168 -72.88 -26.50 27.59
CA CYS C 168 -72.42 -26.05 26.28
C CYS C 168 -71.07 -26.63 25.92
N ARG C 169 -71.05 -27.47 24.89
CA ARG C 169 -69.85 -28.14 24.44
C ARG C 169 -68.94 -27.23 23.62
N GLY C 170 -69.36 -25.97 23.46
CA GLY C 170 -68.51 -24.93 22.88
C GLY C 170 -67.28 -24.68 23.73
N LEU C 171 -67.31 -25.14 24.97
CA LEU C 171 -66.17 -25.02 25.88
C LEU C 171 -66.00 -26.31 26.68
N MET C 172 -65.03 -27.14 26.28
CA MET C 172 -64.81 -28.42 26.95
C MET C 172 -63.40 -28.57 27.45
N PHE C 173 -63.23 -29.36 28.51
CA PHE C 173 -61.92 -29.89 28.87
C PHE C 173 -62.03 -31.14 29.71
N VAL C 174 -61.08 -32.05 29.54
CA VAL C 174 -61.01 -33.26 30.33
C VAL C 174 -60.65 -32.93 31.79
N ASP C 175 -61.37 -33.55 32.72
CA ASP C 175 -61.06 -33.45 34.16
C ASP C 175 -59.59 -33.80 34.34
N ARG C 176 -58.83 -32.92 34.98
CA ARG C 176 -57.39 -33.10 35.13
C ARG C 176 -56.99 -34.26 36.07
N LEU C 177 -57.99 -35.02 36.51
CA LEU C 177 -57.72 -36.28 37.21
C LEU C 177 -57.57 -37.40 36.19
N TYR C 178 -58.03 -37.15 34.96
CA TYR C 178 -58.02 -38.16 33.89
C TYR C 178 -57.26 -37.73 32.64
N GLY C 179 -56.96 -36.43 32.51
CA GLY C 179 -56.26 -35.94 31.34
C GLY C 179 -56.09 -34.43 31.22
N ASN C 180 -55.81 -33.99 30.01
CA ASN C 180 -55.40 -32.61 29.73
C ASN C 180 -56.06 -32.01 28.49
N ALA C 181 -56.73 -32.84 27.70
CA ALA C 181 -57.38 -32.40 26.46
C ALA C 181 -58.35 -31.23 26.60
N ILE C 182 -58.49 -30.46 25.53
CA ILE C 182 -59.50 -29.42 25.43
C ILE C 182 -60.30 -29.63 24.16
N ALA C 183 -61.49 -29.06 24.05
CA ALA C 183 -62.28 -29.12 22.81
C ALA C 183 -63.38 -28.06 22.73
N SER C 184 -63.81 -27.77 21.51
CA SER C 184 -64.89 -26.82 21.29
C SER C 184 -65.79 -27.38 20.22
N VAL C 185 -67.11 -27.39 20.45
CA VAL C 185 -68.06 -28.01 19.52
C VAL C 185 -69.10 -27.00 19.00
N ASN C 186 -69.23 -26.91 17.68
CA ASN C 186 -70.18 -26.01 17.03
C ASN C 186 -71.24 -26.82 16.33
N LYS C 187 -72.37 -26.18 16.04
CA LYS C 187 -73.36 -26.76 15.18
C LYS C 187 -72.79 -26.77 13.77
N ASN C 188 -73.09 -27.83 13.03
CA ASN C 188 -72.54 -28.08 11.71
C ASN C 188 -73.71 -28.30 10.79
N PHE C 189 -73.86 -27.42 9.82
CA PHE C 189 -75.01 -27.39 8.92
C PHE C 189 -74.69 -27.98 7.56
N ARG C 190 -73.80 -28.97 7.54
CA ARG C 190 -73.36 -29.61 6.29
C ARG C 190 -74.48 -30.36 5.56
N ASN C 191 -75.44 -30.89 6.32
CA ASN C 191 -76.57 -31.66 5.77
C ASN C 191 -77.81 -30.83 5.43
N ASP C 192 -77.87 -29.63 6.01
CA ASP C 192 -78.91 -28.64 5.71
C ASP C 192 -79.01 -28.36 4.20
N ALA C 193 -80.22 -28.48 3.66
CA ALA C 193 -80.46 -28.32 2.23
C ALA C 193 -80.13 -26.93 1.70
N VAL C 194 -80.47 -25.89 2.45
CA VAL C 194 -80.20 -24.52 2.01
C VAL C 194 -78.73 -24.11 2.25
N LYS C 195 -78.21 -24.39 3.45
CA LYS C 195 -76.86 -23.96 3.79
C LYS C 195 -75.78 -24.78 3.09
N GLN C 196 -75.87 -26.11 3.21
CA GLN C 196 -74.87 -27.04 2.68
C GLN C 196 -73.45 -26.64 3.09
N GLU C 197 -73.26 -26.38 4.38
CA GLU C 197 -71.96 -25.95 4.91
C GLU C 197 -70.79 -26.77 4.35
N GLY C 198 -69.73 -26.06 3.97
CA GLY C 198 -68.49 -26.67 3.53
C GLY C 198 -67.37 -26.19 4.40
N PHE C 199 -66.39 -27.05 4.63
CA PHE C 199 -65.20 -26.71 5.41
C PHE C 199 -63.97 -26.80 4.51
N TYR C 200 -63.15 -25.74 4.54
CA TYR C 200 -61.96 -25.62 3.71
C TYR C 200 -60.76 -25.27 4.57
N GLY C 201 -59.56 -25.61 4.11
CA GLY C 201 -58.31 -25.19 4.80
C GLY C 201 -57.42 -26.31 5.32
N ALA C 202 -57.17 -26.28 6.63
CA ALA C 202 -56.39 -27.30 7.35
C ALA C 202 -55.03 -27.69 6.69
N GLY C 203 -54.37 -26.70 6.07
CA GLY C 203 -53.03 -26.85 5.50
C GLY C 203 -52.81 -27.92 4.44
N GLU C 204 -52.03 -28.94 4.81
CA GLU C 204 -51.51 -29.93 3.86
C GLU C 204 -52.26 -31.26 3.85
N VAL C 205 -53.28 -31.39 4.70
CA VAL C 205 -54.04 -32.62 4.81
C VAL C 205 -54.54 -33.06 3.44
N ASN C 206 -54.43 -34.36 3.17
CA ASN C 206 -54.86 -34.95 1.92
C ASN C 206 -56.18 -35.68 2.09
N CYS C 207 -57.09 -35.58 1.13
CA CYS C 207 -58.35 -36.31 1.28
C CYS C 207 -58.77 -36.88 -0.03
N LYS C 208 -58.91 -38.21 -0.04
CA LYS C 208 -59.29 -38.94 -1.21
C LYS C 208 -60.78 -39.17 -1.21
N TYR C 209 -61.39 -39.02 -2.39
CA TYR C 209 -62.78 -39.38 -2.60
C TYR C 209 -62.83 -40.18 -3.89
N GLN C 210 -63.40 -41.38 -3.82
CA GLN C 210 -63.35 -42.36 -4.92
C GLN C 210 -61.91 -42.54 -5.42
N ASP C 211 -61.63 -42.16 -6.67
CA ASP C 211 -60.26 -42.28 -7.21
C ASP C 211 -59.42 -41.00 -7.17
N THR C 212 -60.03 -39.92 -6.68
CA THR C 212 -59.49 -38.56 -6.80
C THR C 212 -59.15 -37.99 -5.43
N TYR C 213 -58.13 -37.15 -5.37
CA TYR C 213 -57.88 -36.34 -4.17
C TYR C 213 -58.53 -34.97 -4.34
N ILE C 214 -59.23 -34.55 -3.30
CA ILE C 214 -60.10 -33.38 -3.40
C ILE C 214 -59.64 -32.21 -2.51
N LEU C 215 -60.24 -31.04 -2.77
CA LEU C 215 -59.93 -29.80 -2.03
C LEU C 215 -60.62 -29.71 -0.67
N GLU C 216 -61.95 -29.88 -0.68
CA GLU C 216 -62.83 -29.68 0.49
C GLU C 216 -62.59 -30.64 1.66
N ARG C 217 -62.78 -30.15 2.88
CA ARG C 217 -62.42 -30.89 4.09
C ARG C 217 -63.62 -31.07 5.04
N THR C 218 -64.76 -31.42 4.46
CA THR C 218 -66.00 -31.58 5.23
C THR C 218 -66.31 -33.05 5.51
N GLY C 219 -66.88 -33.31 6.68
CA GLY C 219 -67.29 -34.67 7.05
C GLY C 219 -66.14 -35.60 7.35
N ILE C 220 -65.01 -35.04 7.80
CA ILE C 220 -63.79 -35.78 8.00
C ILE C 220 -63.11 -35.45 9.33
N ALA C 221 -62.35 -36.40 9.88
CA ALA C 221 -61.66 -36.23 11.15
C ALA C 221 -60.17 -36.08 10.92
N MET C 222 -59.63 -34.91 11.28
CA MET C 222 -58.25 -34.53 11.01
C MET C 222 -57.44 -34.30 12.28
N THR C 223 -56.11 -34.36 12.14
CA THR C 223 -55.23 -34.01 13.24
C THR C 223 -54.02 -33.21 12.74
N ASN C 224 -53.47 -32.40 13.63
CA ASN C 224 -52.22 -31.71 13.38
C ASN C 224 -51.21 -32.31 14.31
N TYR C 225 -50.20 -32.91 13.72
CA TYR C 225 -49.22 -33.67 14.45
C TYR C 225 -48.02 -33.81 13.53
N ASN C 226 -47.28 -32.72 13.40
CA ASN C 226 -46.13 -32.60 12.51
C ASN C 226 -45.26 -33.85 12.53
N TYR C 227 -45.15 -34.50 11.38
CA TYR C 227 -44.52 -35.82 11.29
C TYR C 227 -43.57 -35.94 10.08
N ASP C 228 -42.47 -36.67 10.25
CA ASP C 228 -41.54 -37.01 9.16
C ASP C 228 -42.26 -37.97 8.20
N ASN C 229 -43.19 -37.43 7.45
CA ASN C 229 -44.17 -38.25 6.75
C ASN C 229 -43.93 -38.45 5.26
N LEU C 230 -42.84 -39.16 4.94
CA LEU C 230 -42.48 -39.47 3.56
C LEU C 230 -43.64 -40.17 2.83
N ASN C 231 -43.96 -39.66 1.64
CA ASN C 231 -45.04 -40.20 0.79
C ASN C 231 -46.44 -39.87 1.32
N TYR C 232 -46.47 -39.20 2.48
CA TYR C 232 -47.72 -38.75 3.12
C TYR C 232 -48.50 -39.90 3.79
N ASN C 233 -47.88 -41.08 3.89
CA ASN C 233 -48.57 -42.29 4.30
C ASN C 233 -47.73 -43.22 5.16
N GLN C 234 -46.90 -42.66 6.03
CA GLN C 234 -46.04 -43.46 6.88
C GLN C 234 -46.81 -44.52 7.65
N TRP C 235 -46.27 -45.73 7.65
CA TRP C 235 -46.98 -46.92 8.15
C TRP C 235 -47.40 -46.79 9.60
N ASP C 236 -46.55 -46.18 10.43
CA ASP C 236 -46.87 -45.99 11.86
C ASP C 236 -48.03 -45.03 12.13
N LEU C 237 -48.58 -44.43 11.06
CA LEU C 237 -49.74 -43.55 11.16
C LEU C 237 -51.04 -44.23 10.74
N ARG C 238 -50.99 -45.55 10.57
CA ARG C 238 -52.17 -46.31 10.18
C ARG C 238 -53.25 -46.36 11.29
N PRO C 239 -54.53 -46.46 10.89
CA PRO C 239 -55.60 -46.74 11.87
C PRO C 239 -55.44 -48.15 12.44
N PRO C 240 -55.80 -48.35 13.74
CA PRO C 240 -55.77 -49.67 14.37
C PRO C 240 -56.33 -50.77 13.46
N HIS C 241 -55.55 -51.83 13.31
CA HIS C 241 -55.92 -53.04 12.55
C HIS C 241 -56.10 -52.81 11.05
N HIS C 242 -55.49 -51.74 10.54
CA HIS C 242 -55.49 -51.45 9.10
C HIS C 242 -54.78 -52.57 8.31
N ASP C 243 -55.45 -53.00 7.24
CA ASP C 243 -54.90 -53.96 6.29
C ASP C 243 -54.75 -53.31 4.92
N GLY C 244 -53.81 -53.84 4.14
CA GLY C 244 -53.57 -53.32 2.80
C GLY C 244 -52.75 -52.05 2.84
N ALA C 245 -52.49 -51.49 1.66
CA ALA C 245 -51.70 -50.28 1.58
C ALA C 245 -52.39 -49.14 2.33
N LEU C 246 -51.60 -48.38 3.08
CA LEU C 246 -52.07 -47.14 3.65
C LEU C 246 -51.95 -46.04 2.59
N ASN C 247 -53.09 -45.56 2.12
CA ASN C 247 -53.11 -44.45 1.18
C ASN C 247 -53.03 -43.13 1.92
N PRO C 248 -52.45 -42.07 1.30
CA PRO C 248 -52.59 -40.75 1.89
C PRO C 248 -54.07 -40.36 2.02
N ASP C 249 -54.44 -39.79 3.17
CA ASP C 249 -55.85 -39.49 3.45
C ASP C 249 -56.00 -38.66 4.72
N TYR C 250 -57.26 -38.29 5.02
CA TYR C 250 -57.56 -37.20 5.96
C TYR C 250 -57.14 -37.37 7.41
N TYR C 251 -56.98 -38.62 7.84
CA TYR C 251 -56.71 -38.92 9.23
C TYR C 251 -55.21 -38.97 9.50
N ILE C 252 -54.44 -38.71 8.46
CA ILE C 252 -52.99 -38.78 8.54
C ILE C 252 -52.43 -37.35 8.64
N PRO C 253 -51.65 -37.07 9.70
CA PRO C 253 -51.08 -35.74 9.89
C PRO C 253 -49.99 -35.47 8.88
N MET C 254 -49.64 -34.21 8.68
CA MET C 254 -48.62 -33.85 7.71
C MET C 254 -47.44 -33.11 8.36
N TYR C 255 -46.81 -32.24 7.59
CA TYR C 255 -45.62 -31.50 8.01
C TYR C 255 -45.92 -30.17 8.67
N TYR C 256 -47.06 -29.59 8.29
CA TYR C 256 -47.44 -28.24 8.69
C TYR C 256 -48.65 -28.31 9.63
N ALA C 257 -48.59 -27.61 10.77
CA ALA C 257 -49.72 -27.55 11.73
C ALA C 257 -50.67 -26.40 11.41
N ALA C 258 -51.88 -26.77 10.96
CA ALA C 258 -52.90 -25.79 10.60
C ALA C 258 -54.26 -26.13 11.20
N PRO C 259 -54.46 -25.84 12.51
CA PRO C 259 -55.78 -25.96 13.12
C PRO C 259 -56.66 -24.79 12.66
N TRP C 260 -57.07 -24.83 11.41
CA TRP C 260 -57.68 -23.69 10.79
C TRP C 260 -58.66 -24.14 9.73
N LEU C 261 -59.91 -23.73 9.87
CA LEU C 261 -60.94 -24.06 8.88
C LEU C 261 -61.66 -22.83 8.39
N ILE C 262 -62.05 -22.85 7.12
CA ILE C 262 -62.93 -21.82 6.62
C ILE C 262 -64.28 -22.44 6.29
N VAL C 263 -65.30 -22.01 7.05
CA VAL C 263 -66.67 -22.47 6.88
C VAL C 263 -67.34 -21.60 5.81
N ASN C 264 -67.91 -22.25 4.82
CA ASN C 264 -68.61 -21.56 3.76
C ASN C 264 -69.99 -22.18 3.58
N GLY C 265 -71.02 -21.34 3.58
CA GLY C 265 -72.41 -21.82 3.51
C GLY C 265 -73.24 -20.89 2.66
N CYS C 266 -74.30 -21.43 2.06
CA CYS C 266 -75.13 -20.69 1.09
C CYS C 266 -74.26 -20.19 -0.06
N ALA C 267 -73.32 -21.02 -0.47
CA ALA C 267 -72.36 -20.70 -1.49
C ALA C 267 -73.02 -20.33 -2.82
N GLY C 268 -72.54 -19.24 -3.42
CA GLY C 268 -72.97 -18.83 -4.75
C GLY C 268 -74.23 -17.98 -4.80
N THR C 269 -74.82 -17.74 -3.62
CA THR C 269 -76.02 -16.92 -3.48
C THR C 269 -75.65 -15.63 -2.76
N SER C 270 -76.55 -14.64 -2.82
CA SER C 270 -76.29 -13.35 -2.20
C SER C 270 -76.31 -13.40 -0.66
N GLU C 271 -76.83 -14.48 -0.10
CA GLU C 271 -76.79 -14.69 1.36
C GLU C 271 -75.64 -15.58 1.80
N GLN C 272 -74.66 -15.78 0.91
CA GLN C 272 -73.49 -16.56 1.21
C GLN C 272 -72.86 -16.05 2.50
N TYR C 273 -72.35 -16.97 3.30
CA TYR C 273 -71.62 -16.60 4.51
C TYR C 273 -70.34 -17.42 4.61
N SER C 274 -69.32 -16.83 5.21
CA SER C 274 -68.02 -17.42 5.31
C SER C 274 -67.40 -16.95 6.61
N TYR C 275 -66.73 -17.86 7.30
CA TYR C 275 -65.97 -17.48 8.50
C TYR C 275 -64.86 -18.47 8.83
N GLY C 276 -63.87 -17.97 9.57
CA GLY C 276 -62.69 -18.73 9.89
C GLY C 276 -62.61 -19.14 11.34
N TRP C 277 -62.17 -20.38 11.55
CA TRP C 277 -62.10 -20.96 12.87
C TRP C 277 -60.67 -21.35 13.20
N PHE C 278 -60.09 -20.71 14.21
CA PHE C 278 -58.69 -20.92 14.57
C PHE C 278 -58.51 -21.27 16.05
N MET C 279 -58.00 -22.47 16.31
CA MET C 279 -57.68 -22.85 17.67
C MET C 279 -56.18 -22.69 17.84
N ASP C 280 -55.78 -21.61 18.48
CA ASP C 280 -54.38 -21.29 18.63
C ASP C 280 -53.74 -22.18 19.68
N ASN C 281 -53.23 -23.33 19.23
CA ASN C 281 -52.71 -24.37 20.10
C ASN C 281 -51.65 -25.17 19.37
N VAL C 282 -50.56 -25.43 20.09
CA VAL C 282 -49.37 -26.06 19.51
C VAL C 282 -49.08 -27.47 20.01
N SER C 283 -50.06 -28.08 20.68
CA SER C 283 -49.98 -29.50 20.95
C SER C 283 -50.76 -30.21 19.85
N GLN C 284 -50.89 -31.52 19.94
CA GLN C 284 -51.65 -32.24 18.93
C GLN C 284 -53.08 -31.74 18.90
N SER C 285 -53.51 -31.26 17.74
CA SER C 285 -54.79 -30.61 17.61
C SER C 285 -55.65 -31.39 16.63
N TYR C 286 -56.97 -31.16 16.70
CA TYR C 286 -57.92 -31.92 15.90
C TYR C 286 -58.94 -31.02 15.22
N MET C 287 -59.47 -31.47 14.10
CA MET C 287 -60.51 -30.76 13.39
C MET C 287 -61.43 -31.81 12.79
N ASN C 288 -62.59 -31.98 13.41
CA ASN C 288 -63.54 -32.97 12.97
C ASN C 288 -64.74 -32.29 12.35
N THR C 289 -64.87 -32.36 11.04
CA THR C 289 -65.92 -31.63 10.35
C THR C 289 -67.19 -32.43 10.09
N GLY C 290 -67.49 -33.38 10.97
CA GLY C 290 -68.72 -34.18 10.87
C GLY C 290 -68.54 -35.62 10.43
N ASP C 291 -67.50 -36.27 10.96
CA ASP C 291 -67.16 -37.64 10.57
C ASP C 291 -67.59 -38.60 11.66
N THR C 292 -68.33 -39.64 11.30
CA THR C 292 -68.79 -40.63 12.29
C THR C 292 -67.85 -41.81 12.44
N THR C 293 -66.82 -41.85 11.60
CA THR C 293 -65.84 -42.94 11.61
C THR C 293 -65.15 -43.00 12.98
N TRP C 294 -64.95 -44.23 13.47
CA TRP C 294 -64.40 -44.53 14.80
C TRP C 294 -65.17 -43.89 15.96
N ASN C 295 -66.42 -43.49 15.70
CA ASN C 295 -67.19 -42.59 16.58
C ASN C 295 -66.39 -41.33 17.00
N SER C 296 -65.64 -40.76 16.07
CA SER C 296 -64.84 -39.57 16.37
C SER C 296 -65.73 -38.34 16.47
N GLY C 297 -66.76 -38.28 15.63
CA GLY C 297 -67.76 -37.21 15.70
C GLY C 297 -69.16 -37.64 15.29
N GLN C 298 -70.01 -36.63 15.06
CA GLN C 298 -71.38 -36.81 14.61
C GLN C 298 -71.58 -35.97 13.37
N GLU C 299 -72.43 -36.44 12.45
CA GLU C 299 -72.67 -35.75 11.18
C GLU C 299 -73.08 -34.28 11.28
N ASP C 300 -73.69 -33.89 12.39
CA ASP C 300 -74.22 -32.53 12.52
C ASP C 300 -73.55 -31.67 13.59
N LEU C 301 -72.32 -32.04 13.96
CA LEU C 301 -71.48 -31.21 14.81
C LEU C 301 -70.12 -31.06 14.16
N ALA C 302 -69.43 -29.98 14.49
CA ALA C 302 -68.04 -29.78 14.07
C ALA C 302 -67.26 -29.46 15.32
N TYR C 303 -66.02 -29.91 15.41
CA TYR C 303 -65.21 -29.57 16.58
C TYR C 303 -63.73 -29.38 16.33
N MET C 304 -63.10 -28.66 17.26
CA MET C 304 -61.67 -28.54 17.29
C MET C 304 -61.21 -28.91 18.68
N GLY C 305 -60.04 -29.51 18.78
CA GLY C 305 -59.55 -29.92 20.09
C GLY C 305 -58.05 -30.06 20.11
N ALA C 306 -57.51 -30.31 21.30
CA ALA C 306 -56.09 -30.49 21.48
C ALA C 306 -55.85 -31.39 22.67
N GLN C 307 -54.71 -32.06 22.68
CA GLN C 307 -54.30 -32.89 23.80
C GLN C 307 -54.01 -32.07 25.06
N TYR C 308 -53.61 -30.81 24.92
CA TYR C 308 -53.21 -29.99 26.05
C TYR C 308 -53.73 -28.55 26.01
N GLY C 309 -53.81 -27.90 27.17
CA GLY C 309 -54.20 -26.50 27.26
C GLY C 309 -53.07 -25.58 26.83
N PRO C 310 -53.34 -24.26 26.70
CA PRO C 310 -54.59 -23.57 26.99
C PRO C 310 -55.60 -23.55 25.85
N PHE C 311 -56.80 -23.05 26.15
CA PHE C 311 -57.88 -22.81 25.19
C PHE C 311 -57.72 -21.39 24.63
N ASP C 312 -57.74 -21.25 23.30
CA ASP C 312 -57.61 -19.96 22.64
C ASP C 312 -58.11 -20.04 21.20
N GLN C 313 -59.21 -19.37 20.92
CA GLN C 313 -59.97 -19.60 19.71
C GLN C 313 -60.35 -18.30 19.00
N HIS C 314 -60.23 -18.26 17.68
CA HIS C 314 -60.61 -17.07 16.93
C HIS C 314 -61.71 -17.36 15.91
N PHE C 315 -62.75 -16.55 15.93
CA PHE C 315 -63.78 -16.57 14.90
C PHE C 315 -63.47 -15.37 14.02
N VAL C 316 -63.34 -15.61 12.73
CA VAL C 316 -62.90 -14.58 11.78
C VAL C 316 -63.86 -14.55 10.60
N TYR C 317 -64.82 -13.62 10.62
CA TYR C 317 -65.82 -13.53 9.54
C TYR C 317 -65.31 -12.72 8.35
N GLY C 318 -64.38 -11.80 8.62
CA GLY C 318 -63.83 -10.93 7.58
C GLY C 318 -64.64 -9.68 7.31
N ALA C 319 -64.02 -8.70 6.64
CA ALA C 319 -64.64 -7.40 6.37
C ALA C 319 -65.71 -7.40 5.27
N GLY C 320 -65.46 -8.16 4.20
CA GLY C 320 -66.42 -8.26 3.10
C GLY C 320 -67.04 -9.64 3.00
N GLY C 321 -67.56 -9.98 1.82
CA GLY C 321 -68.16 -11.30 1.57
C GLY C 321 -67.24 -12.25 0.83
N GLY C 322 -67.33 -13.53 1.14
CA GLY C 322 -66.53 -14.54 0.45
C GLY C 322 -65.33 -14.99 1.26
N MET C 323 -64.80 -16.15 0.88
CA MET C 323 -63.74 -16.80 1.63
C MET C 323 -62.40 -16.05 1.64
N GLU C 324 -62.03 -15.40 0.53
CA GLU C 324 -60.75 -14.66 0.47
C GLU C 324 -60.64 -13.62 1.58
N CSO C 325 -61.75 -12.94 1.87
CA CSO C 325 -61.82 -11.96 2.95
CB CSO C 325 -63.12 -11.15 2.85
SG CSO C 325 -63.12 -10.03 1.42
C CSO C 325 -61.61 -12.55 4.35
O CSO C 325 -61.24 -11.84 5.28
OD CSO C 325 -61.58 -10.05 0.49
N VAL C 326 -61.83 -13.85 4.49
CA VAL C 326 -61.50 -14.55 5.74
C VAL C 326 -59.98 -14.66 5.90
N VAL C 327 -59.33 -15.07 4.82
CA VAL C 327 -57.86 -15.19 4.77
C VAL C 327 -57.20 -13.84 5.04
N THR C 328 -57.66 -12.83 4.33
CA THR C 328 -57.21 -11.44 4.49
C THR C 328 -57.28 -10.95 5.96
N ALA C 329 -58.40 -11.21 6.62
CA ALA C 329 -58.61 -10.78 8.00
C ALA C 329 -57.78 -11.59 9.01
N PHE C 330 -57.66 -12.89 8.76
CA PHE C 330 -56.77 -13.76 9.52
C PHE C 330 -55.30 -13.28 9.44
N SER C 331 -54.89 -12.86 8.25
CA SER C 331 -53.54 -12.35 8.04
C SER C 331 -53.28 -11.02 8.80
N LEU C 332 -54.31 -10.21 9.01
CA LEU C 332 -54.12 -8.96 9.77
C LEU C 332 -53.93 -9.25 11.25
N LEU C 333 -54.69 -10.23 11.77
CA LEU C 333 -54.55 -10.66 13.17
C LEU C 333 -53.13 -11.15 13.43
N GLN C 334 -52.53 -11.75 12.40
CA GLN C 334 -51.16 -12.23 12.41
C GLN C 334 -50.16 -11.15 11.97
N GLY C 335 -50.68 -10.00 11.53
CA GLY C 335 -49.90 -8.97 10.83
C GLY C 335 -48.81 -8.30 11.65
N LYS C 336 -47.99 -7.48 10.98
CA LYS C 336 -46.85 -6.83 11.61
C LYS C 336 -46.88 -5.30 11.55
N GLU C 337 -48.07 -4.74 11.31
CA GLU C 337 -48.29 -3.29 11.37
C GLU C 337 -47.81 -2.66 12.69
N PHE C 338 -47.91 -3.42 13.79
CA PHE C 338 -47.44 -2.96 15.09
C PHE C 338 -45.93 -2.63 15.11
N GLU C 339 -45.18 -3.28 14.22
CA GLU C 339 -43.74 -3.02 14.08
C GLU C 339 -43.43 -1.86 13.14
N ASN C 340 -44.46 -1.38 12.44
CA ASN C 340 -44.38 -0.29 11.46
C ASN C 340 -43.77 -0.75 10.15
N GLN C 341 -43.88 -2.04 9.85
CA GLN C 341 -43.34 -2.60 8.61
C GLN C 341 -43.88 -1.84 7.41
N VAL C 342 -43.00 -1.37 6.53
CA VAL C 342 -43.44 -0.61 5.35
C VAL C 342 -43.91 -1.49 4.23
N LEU C 343 -43.42 -2.74 4.21
CA LEU C 343 -43.71 -3.72 3.15
C LEU C 343 -44.18 -5.06 3.70
N ASN C 344 -43.41 -5.60 4.64
CA ASN C 344 -43.64 -6.95 5.17
C ASN C 344 -44.70 -6.99 6.28
N LYS C 345 -45.90 -6.51 5.95
CA LYS C 345 -46.98 -6.46 6.92
C LYS C 345 -47.60 -7.83 7.18
N ARG C 346 -47.91 -8.57 6.12
CA ARG C 346 -48.66 -9.84 6.23
C ARG C 346 -47.88 -11.13 5.99
N SER C 347 -46.67 -10.98 5.46
CA SER C 347 -45.75 -12.07 5.14
C SER C 347 -44.49 -11.40 4.64
N VAL C 348 -43.39 -12.13 4.55
CA VAL C 348 -42.16 -11.51 4.08
C VAL C 348 -42.00 -11.72 2.60
N MET C 349 -41.63 -10.64 1.91
CA MET C 349 -41.27 -10.67 0.50
C MET C 349 -39.98 -11.46 0.25
N PRO C 350 -40.01 -12.35 -0.75
CA PRO C 350 -38.80 -13.04 -1.17
C PRO C 350 -37.97 -12.20 -2.14
N PRO C 351 -36.77 -12.69 -2.51
CA PRO C 351 -36.13 -12.11 -3.67
C PRO C 351 -36.87 -12.57 -4.93
N LYS C 352 -36.72 -11.84 -6.02
CA LYS C 352 -37.39 -12.22 -7.26
C LYS C 352 -37.04 -13.67 -7.65
N TYR C 353 -35.81 -14.11 -7.32
CA TYR C 353 -35.31 -15.40 -7.82
C TYR C 353 -36.10 -16.63 -7.35
N VAL C 354 -36.79 -16.49 -6.23
CA VAL C 354 -37.55 -17.58 -5.61
C VAL C 354 -38.68 -18.11 -6.52
N PHE C 355 -39.06 -17.30 -7.52
CA PHE C 355 -40.05 -17.70 -8.52
C PHE C 355 -39.44 -18.31 -9.76
N GLY C 356 -38.12 -18.52 -9.73
CA GLY C 356 -37.42 -19.24 -10.78
C GLY C 356 -37.69 -20.74 -10.75
N PHE C 357 -37.30 -21.42 -11.82
CA PHE C 357 -37.32 -22.87 -11.83
C PHE C 357 -36.03 -23.47 -11.26
N PHE C 358 -36.15 -24.23 -10.18
CA PHE C 358 -34.98 -24.82 -9.52
C PHE C 358 -34.94 -26.32 -9.77
N GLN C 359 -33.73 -26.89 -9.75
CA GLN C 359 -33.48 -28.33 -9.70
C GLN C 359 -32.77 -28.74 -8.41
N GLY C 360 -33.31 -29.78 -7.77
CA GLY C 360 -32.63 -30.41 -6.66
C GLY C 360 -32.39 -31.86 -7.04
N VAL C 361 -31.33 -32.43 -6.49
CA VAL C 361 -31.10 -33.85 -6.66
C VAL C 361 -30.56 -34.39 -5.35
N PHE C 362 -31.27 -35.34 -4.75
CA PHE C 362 -30.70 -36.10 -3.65
C PHE C 362 -29.89 -37.27 -4.23
N GLY C 363 -28.57 -37.11 -4.20
CA GLY C 363 -27.65 -38.05 -4.80
C GLY C 363 -26.78 -37.46 -5.91
N THR C 364 -26.21 -36.28 -5.66
CA THR C 364 -25.12 -35.74 -6.50
C THR C 364 -23.83 -35.96 -5.76
N SER C 365 -22.72 -36.11 -6.50
CA SER C 365 -21.46 -36.57 -5.92
C SER C 365 -20.31 -35.57 -5.94
N SER C 366 -20.46 -34.53 -6.76
CA SER C 366 -19.42 -33.53 -6.92
C SER C 366 -20.00 -32.32 -7.61
N LEU C 367 -19.19 -31.26 -7.65
CA LEU C 367 -19.53 -30.06 -8.39
C LEU C 367 -19.20 -30.32 -9.85
N LEU C 368 -17.94 -30.58 -10.14
CA LEU C 368 -17.40 -30.76 -11.49
C LEU C 368 -17.32 -32.24 -11.87
N ARG C 369 -17.55 -32.54 -13.15
CA ARG C 369 -17.35 -33.89 -13.69
C ARG C 369 -15.93 -34.41 -13.43
N ALA C 370 -14.96 -33.52 -13.59
CA ALA C 370 -13.54 -33.83 -13.42
C ALA C 370 -13.14 -34.26 -12.00
N HIS C 371 -14.02 -34.03 -11.02
CA HIS C 371 -13.76 -34.48 -9.64
C HIS C 371 -14.82 -35.42 -9.08
N MET C 372 -15.72 -35.89 -9.94
CA MET C 372 -16.75 -36.83 -9.55
C MET C 372 -16.13 -38.21 -9.31
N PRO C 373 -16.39 -38.82 -8.14
CA PRO C 373 -15.96 -40.21 -7.95
C PRO C 373 -16.75 -41.15 -8.83
N ALA C 374 -16.16 -42.28 -9.19
CA ALA C 374 -16.83 -43.33 -9.96
C ALA C 374 -17.96 -44.01 -9.16
N GLY C 375 -18.98 -44.47 -9.89
CA GLY C 375 -20.14 -45.08 -9.26
C GLY C 375 -21.28 -45.13 -10.25
N GLU C 376 -22.08 -46.18 -10.14
CA GLU C 376 -23.14 -46.39 -11.12
C GLU C 376 -24.20 -45.29 -11.02
N ASN C 377 -24.46 -44.65 -12.16
CA ASN C 377 -25.43 -43.57 -12.29
C ASN C 377 -25.06 -42.26 -11.57
N ASN C 378 -23.85 -42.18 -11.03
CA ASN C 378 -23.33 -40.96 -10.41
C ASN C 378 -23.44 -39.75 -11.33
N ILE C 379 -23.77 -38.60 -10.74
CA ILE C 379 -23.88 -37.34 -11.48
C ILE C 379 -23.27 -36.18 -10.70
N SER C 380 -22.76 -35.20 -11.44
CA SER C 380 -22.23 -33.98 -10.85
C SER C 380 -23.19 -32.82 -11.06
N VAL C 381 -23.05 -31.82 -10.21
CA VAL C 381 -23.72 -30.54 -10.39
C VAL C 381 -23.53 -30.03 -11.82
N GLU C 382 -22.26 -29.99 -12.26
CA GLU C 382 -21.92 -29.50 -13.60
C GLU C 382 -22.77 -30.13 -14.72
N GLU C 383 -22.98 -31.44 -14.69
CA GLU C 383 -23.79 -32.12 -15.73
C GLU C 383 -25.24 -31.64 -15.74
N ILE C 384 -25.79 -31.41 -14.54
CA ILE C 384 -27.15 -30.91 -14.37
C ILE C 384 -27.28 -29.51 -14.96
N VAL C 385 -26.33 -28.65 -14.61
CA VAL C 385 -26.32 -27.28 -15.13
C VAL C 385 -26.16 -27.27 -16.65
N GLU C 386 -25.33 -28.15 -17.18
CA GLU C 386 -25.09 -28.21 -18.61
C GLU C 386 -26.32 -28.68 -19.37
N GLY C 387 -26.96 -29.73 -18.87
CA GLY C 387 -28.19 -30.23 -19.47
C GLY C 387 -29.17 -29.10 -19.64
N TYR C 388 -29.40 -28.34 -18.56
CA TYR C 388 -30.36 -27.24 -18.60
C TYR C 388 -29.97 -26.07 -19.49
N GLN C 389 -28.72 -25.63 -19.41
CA GLN C 389 -28.30 -24.47 -20.19
C GLN C 389 -28.08 -24.77 -21.66
N ASN C 390 -27.48 -25.93 -21.97
CA ASN C 390 -27.19 -26.32 -23.35
C ASN C 390 -28.50 -26.53 -24.13
N ASN C 391 -29.57 -26.77 -23.38
CA ASN C 391 -30.87 -27.04 -23.96
C ASN C 391 -31.81 -25.83 -23.90
N ASN C 392 -31.25 -24.72 -23.43
CA ASN C 392 -31.91 -23.41 -23.41
C ASN C 392 -33.18 -23.41 -22.56
N PHE C 393 -33.11 -24.02 -21.39
CA PHE C 393 -34.14 -23.87 -20.38
C PHE C 393 -33.95 -22.59 -19.58
N PRO C 394 -35.06 -21.89 -19.29
CA PRO C 394 -34.98 -20.89 -18.23
C PRO C 394 -34.65 -21.66 -16.97
N PHE C 395 -33.57 -21.31 -16.29
CA PHE C 395 -33.13 -22.12 -15.17
C PHE C 395 -32.49 -21.24 -14.12
N GLU C 396 -32.99 -21.35 -12.90
CA GLU C 396 -32.66 -20.42 -11.85
C GLU C 396 -31.46 -20.85 -11.02
N GLY C 397 -31.35 -22.15 -10.78
CA GLY C 397 -30.27 -22.69 -9.97
C GLY C 397 -30.62 -24.01 -9.33
N LEU C 398 -29.97 -24.27 -8.21
CA LEU C 398 -29.91 -25.60 -7.65
C LEU C 398 -30.33 -25.69 -6.20
N ALA C 399 -30.89 -26.84 -5.87
CA ALA C 399 -31.10 -27.23 -4.50
C ALA C 399 -30.03 -28.27 -4.19
N VAL C 400 -28.99 -27.81 -3.51
CA VAL C 400 -27.83 -28.65 -3.22
C VAL C 400 -28.13 -29.35 -1.91
N ASP C 401 -28.14 -30.68 -1.94
CA ASP C 401 -28.59 -31.44 -0.79
C ASP C 401 -27.51 -31.74 0.24
N VAL C 402 -27.89 -32.54 1.22
CA VAL C 402 -27.10 -32.92 2.37
C VAL C 402 -25.81 -33.67 1.94
N ASP C 403 -25.75 -34.10 0.67
CA ASP C 403 -24.56 -34.74 0.13
C ASP C 403 -23.40 -33.80 -0.14
N MET C 404 -23.67 -32.51 -0.11
CA MET C 404 -22.64 -31.51 -0.16
C MET C 404 -21.78 -31.53 1.09
N GLN C 405 -22.41 -31.82 2.22
CA GLN C 405 -21.78 -31.69 3.54
C GLN C 405 -20.67 -32.69 3.77
N ASP C 406 -19.82 -32.39 4.75
CA ASP C 406 -18.82 -33.34 5.20
C ASP C 406 -19.47 -34.31 6.19
N ASN C 407 -19.96 -35.42 5.64
CA ASN C 407 -20.50 -36.51 6.43
C ASN C 407 -21.64 -36.08 7.37
N LEU C 408 -22.62 -35.39 6.79
CA LEU C 408 -23.85 -34.98 7.49
C LEU C 408 -23.61 -33.97 8.62
N ARG C 409 -22.49 -33.23 8.54
CA ARG C 409 -22.25 -32.10 9.42
C ARG C 409 -22.83 -30.84 8.78
N VAL C 410 -23.89 -30.30 9.39
CA VAL C 410 -24.55 -29.13 8.82
C VAL C 410 -23.63 -27.92 8.89
N PHE C 411 -23.68 -27.08 7.84
CA PHE C 411 -22.86 -25.87 7.70
C PHE C 411 -21.42 -26.15 7.26
N THR C 412 -21.14 -27.38 6.84
CA THR C 412 -19.86 -27.72 6.21
C THR C 412 -20.09 -28.12 4.76
N THR C 413 -19.00 -28.18 4.01
CA THR C 413 -18.99 -28.76 2.66
C THR C 413 -17.80 -29.72 2.58
N LYS C 414 -17.77 -30.56 1.56
CA LYS C 414 -16.57 -31.38 1.31
C LYS C 414 -15.88 -31.06 -0.03
N GLY C 415 -14.60 -31.42 -0.10
CA GLY C 415 -13.73 -31.11 -1.24
C GLY C 415 -14.33 -31.23 -2.63
N GLU C 416 -15.09 -32.31 -2.85
CA GLU C 416 -15.69 -32.60 -4.17
C GLU C 416 -16.62 -31.52 -4.67
N PHE C 417 -17.06 -30.63 -3.78
CA PHE C 417 -18.02 -29.59 -4.17
C PHE C 417 -17.37 -28.23 -4.37
N TRP C 418 -16.06 -28.28 -4.60
CA TRP C 418 -15.24 -27.12 -4.93
C TRP C 418 -14.47 -27.40 -6.22
N THR C 419 -14.25 -26.35 -7.01
CA THR C 419 -13.60 -26.47 -8.33
C THR C 419 -12.19 -27.04 -8.25
N ALA C 420 -11.49 -26.76 -7.15
CA ALA C 420 -10.13 -27.26 -6.97
C ALA C 420 -10.05 -28.51 -6.06
N ASN C 421 -11.19 -29.17 -5.89
CA ASN C 421 -11.30 -30.39 -5.10
C ASN C 421 -10.75 -30.34 -3.66
N ARG C 422 -10.83 -29.16 -3.03
CA ARG C 422 -10.50 -28.98 -1.61
C ARG C 422 -11.33 -27.81 -1.03
N VAL C 423 -11.48 -27.77 0.29
CA VAL C 423 -12.34 -26.76 0.94
C VAL C 423 -11.60 -25.43 1.14
N GLY C 424 -12.10 -24.36 0.52
CA GLY C 424 -11.56 -23.01 0.71
C GLY C 424 -12.37 -22.18 1.69
N THR C 425 -11.89 -20.97 2.03
CA THR C 425 -12.70 -20.07 2.86
C THR C 425 -13.60 -19.09 2.09
N GLY C 426 -13.51 -19.07 0.76
CA GLY C 426 -14.37 -18.20 -0.05
C GLY C 426 -13.61 -17.04 -0.69
N GLY C 427 -14.02 -16.62 -1.89
CA GLY C 427 -13.37 -15.49 -2.57
C GLY C 427 -12.18 -15.80 -3.47
N ASP C 428 -11.66 -17.02 -3.36
CA ASP C 428 -10.54 -17.50 -4.19
C ASP C 428 -10.98 -17.73 -5.64
N PRO C 429 -10.46 -16.91 -6.58
CA PRO C 429 -10.85 -17.09 -8.00
C PRO C 429 -10.39 -18.44 -8.58
N ASN C 430 -9.43 -19.07 -7.90
CA ASN C 430 -8.84 -20.33 -8.35
C ASN C 430 -9.39 -21.58 -7.64
N ASN C 431 -10.41 -21.41 -6.81
CA ASN C 431 -11.07 -22.51 -6.09
C ASN C 431 -12.45 -22.07 -5.66
N ARG C 432 -13.40 -22.15 -6.57
CA ARG C 432 -14.78 -21.77 -6.28
C ARG C 432 -15.61 -22.90 -5.66
N SER C 433 -16.48 -22.54 -4.72
CA SER C 433 -17.43 -23.48 -4.16
C SER C 433 -18.50 -23.67 -5.20
N VAL C 434 -19.34 -24.69 -4.98
CA VAL C 434 -20.50 -24.92 -5.83
C VAL C 434 -21.27 -23.61 -6.04
N PHE C 435 -21.41 -22.83 -4.97
CA PHE C 435 -22.20 -21.61 -4.97
C PHE C 435 -21.56 -20.51 -5.80
N GLU C 436 -20.29 -20.22 -5.53
CA GLU C 436 -19.52 -19.25 -6.32
C GLU C 436 -19.47 -19.60 -7.80
N TRP C 437 -19.25 -20.89 -8.06
CA TRP C 437 -19.28 -21.43 -9.41
C TRP C 437 -20.66 -21.24 -10.05
N ALA C 438 -21.71 -21.45 -9.26
CA ALA C 438 -23.08 -21.28 -9.73
C ALA C 438 -23.40 -19.83 -10.10
N HIS C 439 -22.87 -18.89 -9.33
CA HIS C 439 -22.98 -17.46 -9.64
C HIS C 439 -22.45 -17.18 -11.02
N ASP C 440 -21.30 -17.77 -11.35
CA ASP C 440 -20.64 -17.51 -12.62
C ASP C 440 -21.40 -18.13 -13.78
N LYS C 441 -22.32 -19.04 -13.46
CA LYS C 441 -23.22 -19.62 -14.46
C LYS C 441 -24.55 -18.85 -14.52
N GLY C 442 -24.63 -17.79 -13.71
CA GLY C 442 -25.82 -16.96 -13.63
C GLY C 442 -26.89 -17.50 -12.70
N LEU C 443 -26.51 -18.37 -11.76
CA LEU C 443 -27.52 -19.06 -10.96
C LEU C 443 -27.41 -18.68 -9.50
N VAL C 444 -28.45 -19.05 -8.75
CA VAL C 444 -28.46 -18.92 -7.28
C VAL C 444 -28.84 -20.26 -6.69
N CYS C 445 -28.51 -20.49 -5.43
CA CYS C 445 -28.72 -21.79 -4.82
C CYS C 445 -29.25 -21.73 -3.40
N GLN C 446 -30.09 -22.70 -3.06
CA GLN C 446 -30.40 -23.03 -1.68
C GLN C 446 -29.67 -24.34 -1.36
N THR C 447 -29.35 -24.55 -0.08
CA THR C 447 -28.75 -25.79 0.38
C THR C 447 -29.53 -26.30 1.60
N ASN C 448 -29.46 -27.61 1.84
CA ASN C 448 -30.18 -28.22 2.94
C ASN C 448 -29.58 -27.86 4.30
N ILE C 449 -30.39 -27.25 5.15
CA ILE C 449 -29.98 -26.98 6.52
C ILE C 449 -30.88 -27.80 7.43
N THR C 450 -30.28 -28.79 8.06
CA THR C 450 -30.96 -29.60 9.05
C THR C 450 -30.74 -28.97 10.42
N CYS C 451 -31.52 -29.41 11.39
CA CYS C 451 -31.45 -28.89 12.75
C CYS C 451 -30.74 -29.86 13.69
N PHE C 452 -30.13 -30.89 13.13
CA PHE C 452 -29.34 -31.82 13.95
C PHE C 452 -27.86 -31.60 13.78
N LEU C 453 -27.15 -31.57 14.90
CA LEU C 453 -25.70 -31.39 14.91
C LEU C 453 -25.03 -32.71 15.29
N ARG C 454 -24.30 -33.28 14.33
CA ARG C 454 -23.63 -34.56 14.48
C ARG C 454 -22.84 -34.59 15.76
N ASN C 455 -23.05 -35.66 16.54
CA ASN C 455 -22.39 -35.82 17.83
C ASN C 455 -21.25 -36.84 17.79
N ASP C 456 -21.34 -37.82 16.88
CA ASP C 456 -20.32 -38.86 16.72
C ASP C 456 -19.31 -38.52 15.61
N ASN C 457 -18.24 -37.80 15.98
CA ASN C 457 -17.36 -37.20 14.98
C ASN C 457 -16.03 -37.91 14.73
N GLU C 458 -15.80 -38.99 15.49
CA GLU C 458 -14.69 -39.93 15.25
C GLU C 458 -13.33 -39.21 15.29
N GLY C 459 -13.08 -38.50 16.37
CA GLY C 459 -11.83 -37.76 16.58
C GLY C 459 -11.61 -36.56 15.65
N GLN C 460 -12.67 -36.10 15.01
CA GLN C 460 -12.60 -34.98 14.06
C GLN C 460 -13.31 -33.73 14.57
N ASP C 461 -12.70 -32.57 14.36
CA ASP C 461 -13.25 -31.31 14.87
C ASP C 461 -14.47 -30.83 14.11
N TYR C 462 -15.52 -30.53 14.87
CA TYR C 462 -16.74 -29.98 14.34
C TYR C 462 -17.18 -28.84 15.26
N GLU C 463 -16.62 -27.66 15.00
CA GLU C 463 -16.93 -26.40 15.69
C GLU C 463 -18.41 -26.23 16.07
N VAL C 464 -19.33 -26.54 15.15
CA VAL C 464 -20.76 -26.30 15.38
C VAL C 464 -21.28 -27.09 16.59
N ASN C 465 -21.03 -28.39 16.61
CA ASN C 465 -21.37 -29.23 17.76
C ASN C 465 -20.58 -28.82 19.01
N GLN C 466 -19.30 -28.53 18.83
CA GLN C 466 -18.46 -28.18 19.97
C GLN C 466 -18.93 -26.92 20.70
N THR C 467 -19.32 -25.89 19.94
CA THR C 467 -19.78 -24.62 20.53
C THR C 467 -21.18 -24.75 21.12
N LEU C 468 -21.97 -25.67 20.60
CA LEU C 468 -23.27 -25.99 21.19
C LEU C 468 -23.04 -26.58 22.58
N ARG C 469 -22.03 -27.44 22.69
CA ARG C 469 -21.73 -28.17 23.91
C ARG C 469 -21.28 -27.27 25.05
N GLU C 470 -20.19 -26.52 24.85
CA GLU C 470 -19.63 -25.71 25.94
C GLU C 470 -20.54 -24.56 26.37
N ARG C 471 -21.29 -24.01 25.42
CA ARG C 471 -22.30 -22.97 25.70
C ARG C 471 -23.61 -23.55 26.27
N GLN C 472 -23.73 -24.88 26.29
CA GLN C 472 -24.90 -25.60 26.82
C GLN C 472 -26.24 -25.18 26.22
N LEU C 473 -26.32 -25.22 24.89
CA LEU C 473 -27.51 -24.78 24.19
C LEU C 473 -28.34 -25.96 23.68
N TYR C 474 -27.88 -27.16 23.98
CA TYR C 474 -28.55 -28.38 23.57
C TYR C 474 -29.74 -28.70 24.48
N THR C 475 -30.70 -29.42 23.93
CA THR C 475 -31.79 -29.96 24.70
C THR C 475 -31.22 -31.01 25.65
N LYS C 476 -31.62 -30.94 26.92
CA LYS C 476 -31.14 -31.88 27.93
C LYS C 476 -31.90 -33.21 27.83
N ASN C 477 -31.51 -34.17 28.66
CA ASN C 477 -32.14 -35.50 28.69
C ASN C 477 -33.09 -35.64 29.89
N ASP C 478 -33.62 -34.53 30.39
CA ASP C 478 -34.48 -34.52 31.56
C ASP C 478 -35.93 -34.83 31.22
N SER C 479 -36.66 -35.35 32.20
CA SER C 479 -38.10 -35.59 32.07
C SER C 479 -38.76 -35.59 33.44
N LEU C 480 -40.09 -35.52 33.46
CA LEU C 480 -40.83 -35.63 34.71
C LEU C 480 -41.21 -37.10 34.93
N THR C 481 -41.09 -37.89 33.87
CA THR C 481 -41.42 -39.31 33.88
C THR C 481 -40.25 -40.17 34.36
N GLY C 482 -39.05 -39.60 34.34
CA GLY C 482 -37.84 -40.34 34.69
C GLY C 482 -37.37 -41.23 33.55
N THR C 483 -37.79 -40.89 32.34
CA THR C 483 -37.41 -41.63 31.15
C THR C 483 -35.91 -41.52 30.84
N ASP C 484 -35.30 -42.67 30.54
CA ASP C 484 -33.92 -42.77 30.02
C ASP C 484 -33.95 -42.78 28.46
N PHE C 485 -33.57 -41.65 27.88
CA PHE C 485 -33.67 -41.46 26.44
C PHE C 485 -32.53 -42.13 25.67
N GLY C 486 -31.49 -42.54 26.40
CA GLY C 486 -30.30 -43.11 25.79
C GLY C 486 -29.08 -42.23 26.04
N MET C 487 -27.91 -42.87 26.07
CA MET C 487 -26.63 -42.19 26.23
C MET C 487 -25.58 -42.85 25.34
N THR C 488 -24.63 -42.05 24.83
CA THR C 488 -23.42 -42.58 24.15
C THR C 488 -22.17 -42.22 24.93
N ASP C 489 -21.02 -42.71 24.48
CA ASP C 489 -19.74 -42.37 25.10
C ASP C 489 -19.30 -40.95 24.74
N ASP C 490 -19.93 -40.37 23.71
CA ASP C 490 -19.64 -38.99 23.29
C ASP C 490 -20.18 -37.96 24.29
N GLY C 491 -21.38 -38.21 24.79
CA GLY C 491 -22.03 -37.30 25.72
C GLY C 491 -22.60 -36.05 25.05
N PRO C 492 -22.78 -34.96 25.82
CA PRO C 492 -22.53 -34.88 27.26
C PRO C 492 -23.48 -35.75 28.08
N SER C 493 -23.15 -35.96 29.36
CA SER C 493 -23.96 -36.77 30.27
C SER C 493 -25.41 -36.30 30.40
N ASP C 494 -25.65 -35.01 30.18
CA ASP C 494 -27.00 -34.45 30.34
C ASP C 494 -27.67 -34.08 29.02
N ALA C 495 -27.30 -34.74 27.93
CA ALA C 495 -27.86 -34.39 26.63
C ALA C 495 -28.85 -35.41 26.08
N TYR C 496 -29.87 -34.91 25.40
CA TYR C 496 -30.70 -35.73 24.54
C TYR C 496 -29.85 -36.03 23.32
N ILE C 497 -29.74 -37.32 23.00
CA ILE C 497 -29.02 -37.75 21.82
C ILE C 497 -29.98 -38.59 20.99
N GLY C 498 -30.34 -38.05 19.83
CA GLY C 498 -31.16 -38.76 18.87
C GLY C 498 -30.31 -39.32 17.76
N HIS C 499 -30.95 -39.95 16.78
CA HIS C 499 -30.23 -40.59 15.69
C HIS C 499 -30.92 -40.31 14.37
N LEU C 500 -30.11 -40.17 13.32
CA LEU C 500 -30.62 -39.96 11.98
C LEU C 500 -30.06 -41.05 11.10
N ASP C 501 -30.87 -41.55 10.18
CA ASP C 501 -30.49 -42.70 9.39
C ASP C 501 -31.09 -42.60 8.00
N TYR C 502 -30.23 -42.30 7.03
CA TYR C 502 -30.63 -42.10 5.63
C TYR C 502 -30.59 -43.38 4.81
N GLY C 503 -30.01 -44.45 5.38
CA GLY C 503 -29.95 -45.76 4.72
C GLY C 503 -28.58 -46.18 4.19
N GLY C 504 -28.13 -47.36 4.61
CA GLY C 504 -26.87 -47.93 4.15
C GLY C 504 -25.63 -47.35 4.80
N GLY C 505 -25.66 -47.23 6.12
CA GLY C 505 -24.52 -46.71 6.88
C GLY C 505 -24.49 -45.20 6.99
N VAL C 506 -25.31 -44.53 6.18
CA VAL C 506 -25.42 -43.06 6.18
C VAL C 506 -26.30 -42.65 7.37
N GLU C 507 -25.67 -42.58 8.54
CA GLU C 507 -26.38 -42.38 9.79
C GLU C 507 -25.46 -41.62 10.74
N CYS C 508 -26.04 -41.04 11.80
CA CYS C 508 -25.25 -40.42 12.85
C CYS C 508 -26.07 -40.11 14.09
N ASP C 509 -25.39 -40.04 15.24
CA ASP C 509 -25.94 -39.45 16.47
C ASP C 509 -26.03 -37.95 16.29
N ALA C 510 -26.90 -37.29 17.04
CA ALA C 510 -26.98 -35.83 17.00
C ALA C 510 -27.48 -35.19 18.30
N LEU C 511 -27.05 -33.95 18.53
CA LEU C 511 -27.64 -33.09 19.55
C LEU C 511 -28.57 -32.10 18.86
N PHE C 512 -29.52 -31.56 19.63
CA PHE C 512 -30.47 -30.61 19.07
C PHE C 512 -30.54 -29.32 19.90
N PRO C 513 -30.73 -28.16 19.22
CA PRO C 513 -30.82 -26.87 19.90
C PRO C 513 -32.09 -26.78 20.73
N ASP C 514 -31.94 -26.35 21.97
CA ASP C 514 -33.08 -26.10 22.84
C ASP C 514 -33.67 -24.73 22.54
N TRP C 515 -34.48 -24.65 21.49
CA TRP C 515 -34.95 -23.39 20.89
C TRP C 515 -35.61 -22.35 21.80
N GLY C 516 -36.34 -22.82 22.81
CA GLY C 516 -36.99 -21.93 23.78
C GLY C 516 -36.02 -21.03 24.53
N ARG C 517 -34.75 -21.41 24.55
CA ARG C 517 -33.70 -20.62 25.19
C ARG C 517 -33.41 -19.31 24.44
N PRO C 518 -33.36 -18.19 25.18
CA PRO C 518 -33.09 -16.86 24.60
C PRO C 518 -31.68 -16.65 23.99
N ASP C 519 -30.78 -17.62 24.15
CA ASP C 519 -29.41 -17.49 23.61
C ASP C 519 -29.16 -18.37 22.38
N VAL C 520 -30.04 -19.32 22.14
CA VAL C 520 -29.90 -20.25 21.03
C VAL C 520 -29.91 -19.55 19.66
N ALA C 521 -30.90 -18.68 19.43
CA ALA C 521 -31.13 -18.09 18.10
C ALA C 521 -29.92 -17.36 17.52
N GLU C 522 -29.24 -16.59 18.36
CA GLU C 522 -28.06 -15.84 17.93
C GLU C 522 -26.89 -16.75 17.62
N TRP C 523 -26.75 -17.82 18.39
CA TRP C 523 -25.69 -18.79 18.14
C TRP C 523 -25.98 -19.53 16.85
N TRP C 524 -27.26 -19.81 16.62
CA TRP C 524 -27.69 -20.55 15.45
C TRP C 524 -27.55 -19.74 14.16
N GLY C 525 -28.04 -18.51 14.18
CA GLY C 525 -28.04 -17.68 12.97
C GLY C 525 -26.63 -17.43 12.47
N ASN C 526 -25.71 -17.31 13.40
CA ASN C 526 -24.32 -17.08 13.12
C ASN C 526 -23.67 -18.15 12.22
N ASN C 527 -24.01 -19.41 12.46
CA ASN C 527 -23.53 -20.52 11.63
C ASN C 527 -23.77 -20.37 10.13
N TYR C 528 -24.80 -19.61 9.78
CA TYR C 528 -25.11 -19.35 8.37
C TYR C 528 -24.03 -18.56 7.63
N LYS C 529 -23.14 -17.92 8.39
CA LYS C 529 -22.00 -17.18 7.84
C LYS C 529 -21.10 -18.12 7.03
N LYS C 530 -20.87 -19.31 7.59
CA LYS C 530 -20.01 -20.31 6.97
C LYS C 530 -20.47 -20.71 5.57
N LEU C 531 -21.77 -20.59 5.33
CA LEU C 531 -22.33 -20.88 4.02
C LEU C 531 -22.52 -19.62 3.20
N PHE C 532 -22.96 -18.55 3.85
CA PHE C 532 -23.18 -17.32 3.12
C PHE C 532 -21.84 -16.75 2.62
N SER C 533 -20.79 -16.81 3.44
CA SER C 533 -19.48 -16.27 3.01
C SER C 533 -18.84 -17.09 1.88
N ILE C 534 -19.37 -18.28 1.64
CA ILE C 534 -18.90 -19.04 0.47
C ILE C 534 -19.92 -18.99 -0.68
N GLY C 535 -20.86 -18.05 -0.61
CA GLY C 535 -21.69 -17.69 -1.76
C GLY C 535 -23.11 -18.22 -1.80
N LEU C 536 -23.58 -18.81 -0.71
CA LEU C 536 -24.92 -19.40 -0.67
C LEU C 536 -25.99 -18.29 -0.69
N ASP C 537 -27.03 -18.49 -1.50
CA ASP C 537 -28.04 -17.46 -1.72
C ASP C 537 -29.24 -17.54 -0.78
N PHE C 538 -29.76 -18.75 -0.57
CA PHE C 538 -30.81 -18.95 0.42
C PHE C 538 -30.81 -20.33 1.01
N VAL C 539 -31.86 -20.68 1.73
CA VAL C 539 -31.82 -21.90 2.54
C VAL C 539 -33.05 -22.76 2.37
N TRP C 540 -32.87 -24.04 2.66
CA TRP C 540 -34.04 -24.87 2.83
C TRP C 540 -33.91 -25.72 4.09
N GLN C 541 -34.82 -25.49 5.02
CA GLN C 541 -34.88 -26.19 6.30
C GLN C 541 -35.60 -27.51 6.10
N ASP C 542 -34.92 -28.59 6.46
CA ASP C 542 -35.47 -29.92 6.32
C ASP C 542 -35.45 -30.59 7.69
N MET C 543 -36.21 -31.69 7.82
CA MET C 543 -36.22 -32.51 9.04
C MET C 543 -36.62 -31.69 10.26
N THR C 544 -37.64 -30.85 10.12
CA THR C 544 -37.89 -29.76 11.08
C THR C 544 -38.75 -30.11 12.29
N VAL C 545 -39.32 -31.32 12.30
CA VAL C 545 -40.16 -31.78 13.40
C VAL C 545 -39.61 -31.52 14.83
N PRO C 546 -38.31 -31.81 15.10
CA PRO C 546 -37.21 -32.34 14.28
C PRO C 546 -37.39 -33.83 13.97
N ALA C 547 -37.10 -34.21 12.74
CA ALA C 547 -37.27 -35.58 12.29
C ALA C 547 -36.12 -36.44 12.82
N MET C 548 -36.47 -37.58 13.40
CA MET C 548 -35.49 -38.52 13.93
C MET C 548 -35.85 -39.93 13.52
N MET C 549 -34.84 -40.81 13.53
CA MET C 549 -35.07 -42.24 13.31
C MET C 549 -36.00 -42.75 14.40
N PRO C 550 -37.02 -43.52 14.01
CA PRO C 550 -37.87 -44.19 15.02
C PRO C 550 -37.01 -44.93 16.05
N HIS C 551 -37.40 -44.84 17.32
CA HIS C 551 -36.62 -45.43 18.42
C HIS C 551 -37.55 -45.81 19.58
N LYS C 552 -37.19 -46.88 20.29
CA LYS C 552 -37.90 -47.34 21.47
C LYS C 552 -37.03 -47.19 22.71
N ILE C 553 -37.54 -46.50 23.73
CA ILE C 553 -36.86 -46.43 25.01
C ILE C 553 -36.36 -47.82 25.40
N GLY C 554 -35.09 -47.90 25.80
CA GLY C 554 -34.50 -49.18 26.25
C GLY C 554 -33.56 -49.76 25.21
N ASP C 555 -33.86 -49.47 23.95
CA ASP C 555 -32.98 -49.84 22.83
C ASP C 555 -31.76 -48.91 22.79
N ASP C 556 -30.72 -49.35 22.09
CA ASP C 556 -29.59 -48.48 21.79
C ASP C 556 -29.98 -47.40 20.78
N ILE C 557 -29.30 -46.27 20.87
CA ILE C 557 -29.68 -45.08 20.10
C ILE C 557 -29.67 -45.30 18.59
N ASN C 558 -28.80 -46.20 18.13
CA ASN C 558 -28.71 -46.53 16.70
C ASN C 558 -29.65 -47.65 16.21
N VAL C 559 -30.49 -48.17 17.09
CA VAL C 559 -31.43 -49.23 16.68
C VAL C 559 -32.89 -48.78 16.61
N LYS C 560 -33.47 -48.92 15.41
CA LYS C 560 -34.89 -48.69 15.20
C LYS C 560 -35.69 -49.94 15.56
N PRO C 561 -36.98 -49.77 15.90
CA PRO C 561 -37.75 -50.97 16.18
C PRO C 561 -38.36 -51.53 14.89
N ASP C 562 -38.98 -52.71 14.99
CA ASP C 562 -39.76 -53.28 13.91
C ASP C 562 -40.67 -52.18 13.33
N GLY C 563 -40.70 -52.09 12.00
CA GLY C 563 -41.51 -51.11 11.28
C GLY C 563 -43.00 -51.16 11.59
N ASN C 564 -43.45 -52.34 12.04
CA ASN C 564 -44.85 -52.60 12.40
C ASN C 564 -45.19 -52.19 13.82
N TRP C 565 -44.16 -51.89 14.60
CA TRP C 565 -44.34 -51.41 15.96
C TRP C 565 -44.22 -49.87 15.96
N PRO C 566 -45.08 -49.20 16.75
CA PRO C 566 -46.16 -49.75 17.56
C PRO C 566 -47.39 -50.05 16.71
N ASN C 567 -48.33 -50.80 17.28
CA ASN C 567 -49.65 -50.97 16.68
C ASN C 567 -50.72 -51.16 17.76
N ALA C 568 -51.94 -51.46 17.34
CA ALA C 568 -53.08 -51.57 18.25
C ALA C 568 -52.87 -52.63 19.35
N ASP C 569 -52.37 -53.79 18.95
CA ASP C 569 -52.21 -54.93 19.86
C ASP C 569 -50.87 -54.93 20.59
N ASP C 570 -49.99 -54.03 20.16
CA ASP C 570 -48.70 -53.84 20.81
C ASP C 570 -48.44 -52.34 20.89
N PRO C 571 -49.23 -51.62 21.71
CA PRO C 571 -49.17 -50.14 21.72
C PRO C 571 -47.81 -49.62 22.19
N SER C 572 -47.58 -48.32 22.05
CA SER C 572 -46.33 -47.69 22.46
C SER C 572 -46.11 -47.70 23.96
N ASN C 573 -47.18 -47.54 24.73
CA ASN C 573 -47.09 -47.44 26.19
C ASN C 573 -46.00 -46.47 26.65
N GLY C 574 -45.89 -45.36 25.92
CA GLY C 574 -44.97 -44.27 26.25
C GLY C 574 -43.50 -44.54 26.01
N GLN C 575 -43.19 -45.38 25.01
CA GLN C 575 -41.83 -45.80 24.75
C GLN C 575 -41.29 -45.42 23.37
N TYR C 576 -42.19 -45.09 22.45
CA TYR C 576 -41.86 -44.71 21.09
C TYR C 576 -41.70 -43.21 20.96
N ASN C 577 -40.78 -42.79 20.09
CA ASN C 577 -40.53 -41.37 19.85
C ASN C 577 -41.35 -40.73 18.71
N TRP C 578 -42.13 -41.53 17.99
CA TRP C 578 -42.97 -41.01 16.89
C TRP C 578 -42.16 -40.17 15.92
N LYS C 579 -41.01 -40.74 15.53
CA LYS C 579 -40.07 -40.20 14.55
C LYS C 579 -39.60 -38.77 14.84
N THR C 580 -39.45 -38.50 16.13
CA THR C 580 -38.99 -37.22 16.62
C THR C 580 -38.44 -37.38 18.04
N TYR C 581 -38.31 -36.27 18.77
CA TYR C 581 -38.05 -36.29 20.20
C TYR C 581 -39.03 -37.24 20.89
N HIS C 582 -38.54 -37.95 21.90
CA HIS C 582 -39.42 -38.68 22.78
C HIS C 582 -40.23 -37.62 23.55
N PRO C 583 -41.57 -37.71 23.50
CA PRO C 583 -42.43 -36.60 23.95
C PRO C 583 -42.29 -36.21 25.44
N GLN C 584 -41.63 -37.06 26.24
CA GLN C 584 -41.41 -36.80 27.65
C GLN C 584 -40.35 -35.75 27.93
N VAL C 585 -39.51 -35.48 26.93
CA VAL C 585 -38.34 -34.60 27.08
C VAL C 585 -38.67 -33.15 27.46
N LEU C 586 -37.99 -32.66 28.48
CA LEU C 586 -38.22 -31.32 29.01
C LEU C 586 -37.52 -30.24 28.18
N VAL C 587 -38.29 -29.59 27.31
CA VAL C 587 -37.80 -28.47 26.50
C VAL C 587 -38.04 -27.14 27.22
N THR C 588 -37.17 -26.17 26.97
CA THR C 588 -37.46 -24.81 27.36
C THR C 588 -38.71 -24.37 26.58
N ASP C 589 -39.68 -23.80 27.30
CA ASP C 589 -40.97 -23.41 26.72
C ASP C 589 -40.80 -22.43 25.56
N MET C 590 -41.29 -22.81 24.39
CA MET C 590 -41.24 -21.97 23.21
C MET C 590 -42.43 -21.03 23.09
N ARG C 591 -43.43 -21.23 23.95
CA ARG C 591 -44.62 -20.37 23.93
C ARG C 591 -44.42 -19.10 24.74
N TYR C 592 -43.76 -19.26 25.89
CA TYR C 592 -43.53 -18.17 26.86
C TYR C 592 -42.06 -18.03 27.21
N GLU C 593 -41.46 -16.94 26.75
CA GLU C 593 -40.05 -16.63 26.98
C GLU C 593 -39.76 -16.52 28.48
N ASN C 594 -38.65 -17.12 28.91
CA ASN C 594 -38.19 -17.10 30.30
C ASN C 594 -39.21 -17.64 31.30
N HIS C 595 -39.93 -18.68 30.91
CA HIS C 595 -41.00 -19.25 31.71
C HIS C 595 -40.60 -20.57 32.40
N GLY C 596 -39.68 -21.31 31.81
CA GLY C 596 -39.29 -22.62 32.34
C GLY C 596 -39.37 -23.71 31.29
N ARG C 597 -39.48 -24.96 31.74
CA ARG C 597 -39.48 -26.11 30.81
C ARG C 597 -40.76 -26.94 30.83
N GLU C 598 -41.18 -27.40 29.67
CA GLU C 598 -42.37 -28.25 29.56
C GLU C 598 -42.08 -29.48 28.71
N PRO C 599 -42.79 -30.59 28.97
CA PRO C 599 -42.72 -31.72 28.06
C PRO C 599 -43.09 -31.32 26.64
N MET C 600 -42.20 -31.61 25.70
CA MET C 600 -42.35 -31.35 24.28
C MET C 600 -43.78 -31.57 23.79
N VAL C 601 -44.47 -32.56 24.36
CA VAL C 601 -45.83 -32.98 23.97
C VAL C 601 -46.88 -31.85 23.98
N THR C 602 -46.57 -30.81 24.75
CA THR C 602 -47.46 -29.66 24.87
C THR C 602 -47.28 -28.71 23.68
N GLN C 603 -46.14 -28.82 23.01
CA GLN C 603 -45.72 -27.82 22.04
C GLN C 603 -44.94 -28.39 20.87
N ARG C 604 -45.25 -29.63 20.51
CA ARG C 604 -44.63 -30.30 19.38
C ARG C 604 -44.77 -29.46 18.10
N ASN C 605 -45.97 -28.92 17.87
CA ASN C 605 -46.26 -28.24 16.61
C ASN C 605 -45.72 -26.80 16.47
N ILE C 606 -44.92 -26.35 17.44
CA ILE C 606 -44.25 -25.04 17.36
C ILE C 606 -42.73 -25.13 17.09
N HIS C 607 -42.20 -26.34 16.91
CA HIS C 607 -40.74 -26.52 16.80
C HIS C 607 -40.16 -25.92 15.52
N ALA C 608 -40.70 -26.36 14.38
CA ALA C 608 -40.26 -25.86 13.07
C ALA C 608 -40.48 -24.36 12.96
N TYR C 609 -41.69 -23.93 13.35
CA TYR C 609 -42.00 -22.52 13.49
C TYR C 609 -40.85 -21.78 14.24
N THR C 610 -40.44 -22.29 15.39
CA THR C 610 -39.43 -21.60 16.23
C THR C 610 -38.06 -21.60 15.59
N LEU C 611 -37.73 -22.72 14.94
CA LEU C 611 -36.51 -22.83 14.15
C LEU C 611 -36.47 -21.78 13.04
N CYS C 612 -37.55 -21.72 12.26
CA CYS C 612 -37.69 -20.76 11.14
C CYS C 612 -37.66 -19.32 11.59
N GLU C 613 -38.33 -19.04 12.71
CA GLU C 613 -38.24 -17.74 13.35
C GLU C 613 -36.79 -17.29 13.56
N SER C 614 -35.94 -18.23 13.97
CA SER C 614 -34.57 -17.89 14.39
C SER C 614 -33.65 -17.78 13.18
N THR C 615 -33.91 -18.63 12.21
CA THR C 615 -33.20 -18.60 10.93
C THR C 615 -33.48 -17.28 10.21
N ARG C 616 -34.71 -16.80 10.31
CA ARG C 616 -35.11 -15.57 9.64
C ARG C 616 -34.46 -14.34 10.26
N LYS C 617 -34.58 -14.20 11.58
CA LYS C 617 -34.07 -12.99 12.25
C LYS C 617 -32.55 -13.01 12.44
N GLU C 618 -32.03 -14.11 12.99
CA GLU C 618 -30.61 -14.19 13.29
C GLU C 618 -29.82 -14.82 12.14
N GLY C 619 -30.49 -15.66 11.36
CA GLY C 619 -29.85 -16.32 10.23
C GLY C 619 -29.69 -15.38 9.05
N ILE C 620 -30.81 -14.81 8.62
CA ILE C 620 -30.90 -14.10 7.35
C ILE C 620 -30.80 -12.57 7.45
N VAL C 621 -31.52 -11.97 8.41
CA VAL C 621 -31.54 -10.53 8.58
C VAL C 621 -30.24 -10.02 9.24
N GLU C 622 -29.84 -10.63 10.36
CA GLU C 622 -28.61 -10.19 11.05
C GLU C 622 -27.33 -10.35 10.21
N ASN C 623 -27.35 -11.28 9.26
CA ASN C 623 -26.17 -11.55 8.42
C ASN C 623 -26.34 -11.12 6.96
N ALA C 624 -27.22 -10.17 6.71
CA ALA C 624 -27.31 -9.53 5.40
C ALA C 624 -25.95 -9.11 4.82
N ASP C 625 -25.07 -8.57 5.68
CA ASP C 625 -23.72 -8.15 5.26
C ASP C 625 -22.89 -9.28 4.63
N THR C 626 -23.07 -10.50 5.13
CA THR C 626 -22.31 -11.65 4.65
C THR C 626 -22.85 -12.22 3.31
N LEU C 627 -24.11 -11.98 3.02
CA LEU C 627 -24.65 -12.41 1.71
C LEU C 627 -23.88 -11.75 0.56
N THR C 628 -23.74 -12.47 -0.55
CA THR C 628 -22.83 -12.02 -1.62
C THR C 628 -23.57 -11.32 -2.76
N LYS C 629 -24.25 -12.06 -3.62
CA LYS C 629 -24.91 -11.42 -4.76
C LYS C 629 -26.21 -10.68 -4.35
N PHE C 630 -26.93 -11.23 -3.38
CA PHE C 630 -28.25 -10.70 -2.94
C PHE C 630 -28.37 -10.58 -1.43
N ARG C 631 -28.69 -9.38 -0.94
CA ARG C 631 -28.77 -9.16 0.50
C ARG C 631 -30.09 -9.66 1.08
N ARG C 632 -31.12 -9.75 0.24
CA ARG C 632 -32.37 -10.35 0.63
C ARG C 632 -32.29 -11.85 0.39
N SER C 633 -32.69 -12.64 1.38
CA SER C 633 -32.73 -14.09 1.27
C SER C 633 -34.16 -14.61 1.54
N TYR C 634 -34.32 -15.92 1.68
CA TYR C 634 -35.62 -16.55 1.88
C TYR C 634 -35.44 -17.94 2.42
N ILE C 635 -36.43 -18.40 3.18
CA ILE C 635 -36.42 -19.75 3.67
C ILE C 635 -37.49 -20.54 2.94
N ILE C 636 -37.20 -21.80 2.64
CA ILE C 636 -38.23 -22.74 2.25
C ILE C 636 -38.18 -23.84 3.30
N SER C 637 -39.24 -23.95 4.09
CA SER C 637 -39.26 -24.90 5.19
C SER C 637 -40.09 -26.11 4.83
N ARG C 638 -39.77 -27.23 5.47
CA ARG C 638 -40.57 -28.41 5.34
C ARG C 638 -41.65 -28.41 6.39
N GLY C 639 -41.34 -27.83 7.55
CA GLY C 639 -42.26 -27.86 8.69
C GLY C 639 -42.59 -26.47 9.20
N GLY C 640 -43.63 -26.40 10.03
CA GLY C 640 -44.11 -25.13 10.57
C GLY C 640 -45.54 -25.15 11.11
N TYR C 641 -46.08 -23.95 11.29
CA TYR C 641 -47.32 -23.70 12.01
C TYR C 641 -47.90 -22.43 11.38
N ILE C 642 -49.14 -22.09 11.73
CA ILE C 642 -49.79 -20.86 11.27
C ILE C 642 -48.90 -19.66 11.61
N GLY C 643 -48.63 -18.81 10.62
CA GLY C 643 -47.76 -17.64 10.82
C GLY C 643 -46.31 -17.79 10.36
N ASN C 644 -46.05 -18.89 9.65
CA ASN C 644 -44.74 -19.22 9.08
C ASN C 644 -44.43 -18.36 7.86
N GLN C 645 -45.49 -17.83 7.24
CA GLN C 645 -45.36 -16.94 6.08
C GLN C 645 -44.52 -15.70 6.41
N HIS C 646 -44.26 -15.46 7.69
CA HIS C 646 -43.41 -14.35 8.13
C HIS C 646 -41.94 -14.67 8.09
N PHE C 647 -41.61 -15.95 8.06
CA PHE C 647 -40.24 -16.42 7.95
C PHE C 647 -39.85 -16.82 6.55
N GLY C 648 -40.83 -17.29 5.76
CA GLY C 648 -40.62 -17.67 4.38
C GLY C 648 -41.76 -18.49 3.80
N GLY C 649 -41.40 -19.48 2.99
CA GLY C 649 -42.39 -20.37 2.41
C GLY C 649 -42.15 -21.83 2.77
N MET C 650 -42.74 -22.70 1.96
CA MET C 650 -42.78 -24.12 2.25
C MET C 650 -42.73 -24.93 0.99
N TRP C 651 -42.19 -26.14 1.14
CA TRP C 651 -42.45 -27.16 0.15
C TRP C 651 -43.08 -28.34 0.88
N VAL C 652 -43.94 -29.10 0.21
CA VAL C 652 -44.72 -30.15 0.86
C VAL C 652 -43.98 -31.50 0.95
N GLY C 653 -42.80 -31.45 1.58
CA GLY C 653 -42.04 -32.64 1.94
C GLY C 653 -41.84 -33.65 0.84
N ASP C 654 -41.83 -34.93 1.22
CA ASP C 654 -41.47 -35.98 0.30
C ASP C 654 -42.73 -36.56 -0.33
N ASN C 655 -43.13 -36.02 -1.48
CA ASN C 655 -44.20 -36.62 -2.31
C ASN C 655 -43.64 -37.70 -3.26
N SER C 656 -44.48 -38.19 -4.16
CA SER C 656 -44.08 -39.25 -5.08
C SER C 656 -44.56 -38.98 -6.50
N THR C 657 -44.43 -39.97 -7.37
CA THR C 657 -44.56 -39.76 -8.80
C THR C 657 -45.79 -40.49 -9.38
N THR C 658 -46.97 -39.96 -9.06
CA THR C 658 -48.26 -40.46 -9.60
C THR C 658 -49.21 -39.31 -9.95
N SER C 659 -50.25 -39.60 -10.76
CA SER C 659 -51.35 -38.66 -11.01
C SER C 659 -51.99 -38.12 -9.72
N ASN C 660 -52.12 -38.97 -8.70
CA ASN C 660 -52.72 -38.61 -7.40
C ASN C 660 -51.86 -37.61 -6.63
N TYR C 661 -50.56 -37.63 -6.89
CA TYR C 661 -49.69 -36.67 -6.25
C TYR C 661 -49.70 -35.30 -6.94
N ILE C 662 -50.20 -35.24 -8.18
CA ILE C 662 -50.43 -33.96 -8.86
C ILE C 662 -51.69 -33.31 -8.26
N GLN C 663 -52.75 -34.10 -8.12
CA GLN C 663 -53.98 -33.70 -7.44
C GLN C 663 -53.68 -33.18 -6.03
N MET C 664 -52.82 -33.88 -5.31
CA MET C 664 -52.49 -33.48 -3.95
C MET C 664 -51.67 -32.20 -3.88
N MET C 665 -50.76 -32.01 -4.85
CA MET C 665 -49.97 -30.78 -4.97
C MET C 665 -50.85 -29.54 -5.17
N ILE C 666 -51.81 -29.66 -6.09
CA ILE C 666 -52.74 -28.57 -6.38
C ILE C 666 -53.62 -28.26 -5.17
N ALA C 667 -54.13 -29.30 -4.51
CA ALA C 667 -55.03 -29.13 -3.37
C ALA C 667 -54.27 -28.55 -2.19
N ASN C 668 -53.04 -29.01 -1.96
CA ASN C 668 -52.23 -28.49 -0.88
C ASN C 668 -51.88 -27.01 -1.13
N ASN C 669 -51.71 -26.66 -2.41
CA ASN C 669 -51.30 -25.30 -2.73
C ASN C 669 -52.45 -24.32 -2.49
N ILE C 670 -53.62 -24.67 -3.00
CA ILE C 670 -54.85 -23.93 -2.76
C ILE C 670 -55.16 -23.88 -1.25
N ASN C 671 -55.07 -25.03 -0.59
CA ASN C 671 -55.47 -25.12 0.83
C ASN C 671 -54.46 -24.43 1.74
N MET C 672 -53.19 -24.45 1.34
CA MET C 672 -52.11 -23.83 2.14
C MET C 672 -52.11 -22.29 2.00
N ASN C 673 -52.46 -21.81 0.81
CA ASN C 673 -52.66 -20.37 0.61
C ASN C 673 -53.78 -19.78 1.44
N MET C 674 -54.89 -20.51 1.56
CA MET C 674 -56.01 -20.03 2.39
C MET C 674 -55.75 -20.21 3.88
N SER C 675 -54.66 -20.91 4.21
CA SER C 675 -54.21 -21.03 5.60
C SER C 675 -53.10 -20.01 5.85
N CYS C 676 -53.02 -19.02 4.94
CA CYS C 676 -52.05 -17.93 5.03
C CYS C 676 -50.60 -18.36 4.83
N LEU C 677 -50.39 -19.39 4.02
CA LEU C 677 -49.06 -19.76 3.57
C LEU C 677 -49.00 -19.71 2.04
N PRO C 678 -48.56 -18.58 1.49
CA PRO C 678 -48.72 -18.40 0.05
C PRO C 678 -47.57 -18.97 -0.79
N LEU C 679 -46.35 -18.89 -0.27
CA LEU C 679 -45.21 -19.35 -1.04
C LEU C 679 -44.88 -20.81 -0.75
N VAL C 680 -45.56 -21.64 -1.51
CA VAL C 680 -45.61 -23.06 -1.25
C VAL C 680 -45.59 -23.76 -2.59
N GLY C 681 -44.99 -24.95 -2.61
CA GLY C 681 -45.10 -25.87 -3.74
C GLY C 681 -44.74 -27.28 -3.33
N SER C 682 -44.88 -28.20 -4.28
CA SER C 682 -44.48 -29.61 -4.12
C SER C 682 -43.48 -29.98 -5.23
N ASP C 683 -42.57 -30.92 -4.95
CA ASP C 683 -41.49 -31.29 -5.87
C ASP C 683 -42.05 -31.71 -7.22
N ILE C 684 -41.59 -31.05 -8.29
CA ILE C 684 -42.14 -31.31 -9.63
C ILE C 684 -41.61 -32.63 -10.20
N GLY C 685 -42.53 -33.53 -10.52
CA GLY C 685 -42.18 -34.89 -10.96
C GLY C 685 -42.22 -35.88 -9.80
N GLY C 686 -42.41 -35.36 -8.59
CA GLY C 686 -42.49 -36.22 -7.42
C GLY C 686 -41.11 -36.60 -6.97
N PHE C 687 -40.94 -36.63 -5.66
CA PHE C 687 -39.64 -36.93 -5.07
C PHE C 687 -39.28 -38.40 -5.21
N THR C 688 -40.07 -39.28 -4.58
CA THR C 688 -39.73 -40.70 -4.38
C THR C 688 -40.02 -41.57 -5.57
N SER C 689 -39.49 -42.80 -5.53
CA SER C 689 -39.81 -43.85 -6.50
C SER C 689 -41.29 -44.22 -6.47
N TYR C 690 -41.80 -44.69 -7.60
CA TYR C 690 -43.22 -45.02 -7.70
C TYR C 690 -43.48 -46.45 -8.20
N ASP C 691 -42.53 -46.99 -8.95
CA ASP C 691 -42.65 -48.32 -9.59
C ASP C 691 -42.38 -49.42 -8.55
N ASN C 692 -43.40 -50.23 -8.29
CA ASN C 692 -43.28 -51.31 -7.31
C ASN C 692 -42.39 -52.45 -7.80
N GLU C 693 -42.26 -52.55 -9.13
CA GLU C 693 -41.50 -53.59 -9.82
C GLU C 693 -40.04 -53.20 -10.07
N ASN C 694 -39.78 -51.91 -10.24
CA ASN C 694 -38.42 -51.39 -10.38
C ASN C 694 -38.30 -49.92 -9.94
N GLN C 695 -37.80 -49.74 -8.72
CA GLN C 695 -37.78 -48.44 -8.05
C GLN C 695 -37.05 -47.35 -8.85
N ARG C 696 -36.17 -47.76 -9.74
CA ARG C 696 -35.32 -46.84 -10.49
C ARG C 696 -36.03 -46.22 -11.68
N THR C 697 -37.16 -46.80 -12.09
CA THR C 697 -37.93 -46.31 -13.24
C THR C 697 -38.25 -44.82 -13.05
N PRO C 698 -37.71 -43.95 -13.92
CA PRO C 698 -37.97 -42.51 -13.82
C PRO C 698 -39.42 -42.12 -14.10
N CYS C 699 -39.80 -40.93 -13.68
CA CYS C 699 -41.06 -40.34 -14.09
C CYS C 699 -41.28 -40.54 -15.59
N THR C 700 -42.47 -40.97 -15.97
CA THR C 700 -42.83 -41.09 -17.37
C THR C 700 -42.84 -39.69 -18.00
N GLY C 701 -42.71 -39.62 -19.31
CA GLY C 701 -42.70 -38.33 -19.98
C GLY C 701 -44.00 -37.55 -19.86
N ASP C 702 -45.13 -38.25 -20.02
CA ASP C 702 -46.45 -37.62 -19.93
C ASP C 702 -46.72 -37.08 -18.52
N LEU C 703 -46.52 -37.93 -17.52
CA LEU C 703 -46.67 -37.51 -16.14
C LEU C 703 -45.74 -36.35 -15.73
N MET C 704 -44.59 -36.22 -16.41
CA MET C 704 -43.76 -35.05 -16.17
C MET C 704 -44.34 -33.79 -16.83
N VAL C 705 -44.90 -33.89 -18.03
CA VAL C 705 -45.57 -32.75 -18.65
C VAL C 705 -46.66 -32.18 -17.74
N ARG C 706 -47.58 -33.05 -17.32
CA ARG C 706 -48.73 -32.66 -16.50
C ARG C 706 -48.25 -32.07 -15.17
N TYR C 707 -47.21 -32.64 -14.61
CA TYR C 707 -46.67 -32.15 -13.36
C TYR C 707 -46.15 -30.71 -13.53
N VAL C 708 -45.50 -30.46 -14.67
CA VAL C 708 -44.87 -29.17 -14.96
C VAL C 708 -45.92 -28.11 -15.31
N GLN C 709 -46.94 -28.52 -16.05
CA GLN C 709 -48.05 -27.63 -16.32
C GLN C 709 -48.78 -27.22 -15.03
N ALA C 710 -49.15 -28.23 -14.23
CA ALA C 710 -49.86 -28.00 -12.99
C ALA C 710 -49.07 -27.17 -11.98
N GLY C 711 -47.75 -27.16 -12.11
CA GLY C 711 -46.89 -26.46 -11.18
C GLY C 711 -46.33 -25.16 -11.70
N CYS C 712 -46.56 -24.85 -12.99
CA CYS C 712 -45.80 -23.79 -13.68
C CYS C 712 -46.19 -22.39 -13.26
N LEU C 713 -47.33 -22.28 -12.58
CA LEU C 713 -47.80 -21.00 -12.11
C LEU C 713 -48.15 -21.08 -10.64
N LEU C 714 -47.59 -22.08 -9.94
CA LEU C 714 -47.68 -22.12 -8.48
C LEU C 714 -46.45 -21.44 -7.89
N PRO C 715 -46.58 -20.91 -6.65
CA PRO C 715 -45.57 -20.00 -6.12
C PRO C 715 -44.15 -20.56 -6.10
N TRP C 716 -44.02 -21.85 -5.78
CA TRP C 716 -42.71 -22.50 -5.66
C TRP C 716 -42.58 -23.65 -6.63
N PHE C 717 -41.58 -23.53 -7.51
CA PHE C 717 -41.47 -24.38 -8.70
C PHE C 717 -40.09 -24.99 -8.78
N ARG C 718 -39.95 -26.17 -8.17
CA ARG C 718 -38.74 -26.91 -8.20
C ARG C 718 -38.97 -28.38 -8.54
N ASN C 719 -38.17 -28.88 -9.48
CA ASN C 719 -38.05 -30.32 -9.77
C ASN C 719 -37.03 -30.87 -8.81
N HIS C 720 -37.38 -31.86 -8.01
CA HIS C 720 -36.42 -32.38 -7.04
C HIS C 720 -36.71 -33.83 -6.78
N TYR C 721 -35.66 -34.64 -6.66
CA TYR C 721 -35.89 -36.09 -6.56
C TYR C 721 -34.80 -36.85 -5.86
N ASP C 722 -35.17 -38.06 -5.44
CA ASP C 722 -34.25 -39.04 -4.89
C ASP C 722 -33.62 -39.78 -6.05
N ARG C 723 -32.33 -39.54 -6.29
CA ARG C 723 -31.61 -40.20 -7.38
C ARG C 723 -30.93 -41.49 -6.89
N TRP C 724 -31.26 -42.60 -7.54
CA TRP C 724 -30.53 -43.85 -7.36
C TRP C 724 -29.07 -43.70 -7.81
N ILE C 725 -28.15 -43.88 -6.86
CA ILE C 725 -26.70 -43.96 -7.13
C ILE C 725 -26.05 -45.09 -6.32
N GLU C 726 -24.91 -45.59 -6.78
CA GLU C 726 -24.28 -46.76 -6.18
C GLU C 726 -24.20 -46.69 -4.65
N SER C 727 -23.69 -45.60 -4.10
CA SER C 727 -23.54 -45.48 -2.65
C SER C 727 -24.85 -45.09 -1.94
N LYS C 728 -25.95 -45.02 -2.70
CA LYS C 728 -27.30 -44.80 -2.15
C LYS C 728 -28.34 -45.42 -3.08
N ASP C 729 -28.49 -46.72 -2.91
CA ASP C 729 -29.23 -47.59 -3.82
C ASP C 729 -30.76 -47.49 -3.66
N HIS C 730 -31.28 -46.27 -3.63
CA HIS C 730 -32.73 -46.02 -3.68
C HIS C 730 -33.00 -44.72 -4.41
N GLY C 731 -34.06 -44.72 -5.22
CA GLY C 731 -34.44 -43.55 -5.98
C GLY C 731 -34.63 -43.84 -7.46
N LYS C 732 -34.81 -42.80 -8.24
CA LYS C 732 -34.97 -42.93 -9.70
C LYS C 732 -33.66 -42.68 -10.46
N ASP C 733 -33.60 -43.13 -11.72
CA ASP C 733 -32.39 -42.98 -12.56
C ASP C 733 -32.10 -41.50 -12.84
N TYR C 734 -33.12 -40.78 -13.30
CA TYR C 734 -33.04 -39.35 -13.59
C TYR C 734 -34.44 -38.75 -13.44
N GLN C 735 -34.51 -37.41 -13.44
CA GLN C 735 -35.80 -36.70 -13.43
C GLN C 735 -35.71 -35.30 -14.03
N GLU C 736 -34.50 -34.88 -14.42
CA GLU C 736 -34.27 -33.58 -15.01
C GLU C 736 -35.09 -33.39 -16.28
N LEU C 737 -35.59 -32.17 -16.47
CA LEU C 737 -36.49 -31.88 -17.58
C LEU C 737 -35.83 -32.04 -18.93
N TYR C 738 -34.52 -31.77 -18.98
CA TYR C 738 -33.75 -31.90 -20.20
C TYR C 738 -33.53 -33.36 -20.63
N MET C 739 -33.91 -34.31 -19.77
CA MET C 739 -33.74 -35.75 -20.05
C MET C 739 -34.96 -36.35 -20.75
N TYR C 740 -35.88 -35.48 -21.19
CA TYR C 740 -37.11 -35.94 -21.81
C TYR C 740 -37.18 -35.41 -23.23
N PRO C 741 -36.48 -36.08 -24.17
CA PRO C 741 -36.27 -35.58 -25.53
C PRO C 741 -37.56 -35.35 -26.33
N ASN C 742 -38.53 -36.26 -26.19
CA ASN C 742 -39.78 -36.15 -26.96
C ASN C 742 -40.66 -35.02 -26.46
N GLU C 743 -40.51 -34.67 -25.19
CA GLU C 743 -41.37 -33.71 -24.53
C GLU C 743 -40.61 -32.45 -24.12
N MET C 744 -39.36 -32.34 -24.55
CA MET C 744 -38.51 -31.19 -24.20
C MET C 744 -39.08 -29.86 -24.74
N ASP C 745 -39.58 -29.85 -25.98
CA ASP C 745 -40.22 -28.65 -26.55
C ASP C 745 -41.27 -28.11 -25.57
N THR C 746 -42.28 -28.94 -25.29
CA THR C 746 -43.33 -28.61 -24.33
C THR C 746 -42.78 -28.20 -22.96
N LEU C 747 -41.87 -28.99 -22.39
CA LEU C 747 -41.35 -28.73 -21.04
C LEU C 747 -40.68 -27.37 -20.94
N ARG C 748 -39.89 -27.03 -21.96
CA ARG C 748 -39.13 -25.79 -21.97
C ARG C 748 -40.08 -24.60 -22.03
N LYS C 749 -41.06 -24.67 -22.93
CA LYS C 749 -41.98 -23.55 -23.16
C LYS C 749 -42.86 -23.17 -21.94
N PHE C 750 -43.26 -24.15 -21.13
CA PHE C 750 -43.98 -23.86 -19.88
C PHE C 750 -43.12 -23.27 -18.76
N VAL C 751 -41.80 -23.44 -18.87
CA VAL C 751 -40.93 -22.71 -17.96
C VAL C 751 -40.76 -21.27 -18.48
N GLU C 752 -40.72 -21.13 -19.81
CA GLU C 752 -40.66 -19.84 -20.50
C GLU C 752 -41.89 -19.01 -20.09
N PHE C 753 -43.06 -19.62 -20.29
CA PHE C 753 -44.37 -19.11 -19.83
C PHE C 753 -44.33 -18.57 -18.39
N ARG C 754 -43.79 -19.35 -17.45
CA ARG C 754 -43.69 -18.91 -16.06
C ARG C 754 -42.83 -17.65 -15.98
N TYR C 755 -41.77 -17.63 -16.77
CA TYR C 755 -40.79 -16.56 -16.74
C TYR C 755 -41.30 -15.28 -17.37
N ARG C 756 -42.10 -15.38 -18.44
CA ARG C 756 -42.80 -14.23 -18.99
C ARG C 756 -43.74 -13.57 -17.97
N TRP C 757 -44.40 -14.38 -17.15
CA TRP C 757 -45.29 -13.88 -16.12
C TRP C 757 -44.66 -13.79 -14.75
N GLN C 758 -43.35 -13.58 -14.71
CA GLN C 758 -42.61 -13.43 -13.46
C GLN C 758 -43.12 -12.29 -12.57
N GLU C 759 -43.55 -11.18 -13.19
CA GLU C 759 -44.00 -10.01 -12.41
C GLU C 759 -45.40 -10.21 -11.85
N VAL C 760 -46.21 -10.99 -12.55
CA VAL C 760 -47.50 -11.45 -12.03
C VAL C 760 -47.30 -12.17 -10.71
N LEU C 761 -46.39 -13.12 -10.66
CA LEU C 761 -46.13 -13.83 -9.42
C LEU C 761 -45.51 -12.91 -8.38
N TYR C 762 -44.55 -12.08 -8.82
CA TYR C 762 -43.92 -11.14 -7.91
C TYR C 762 -44.95 -10.16 -7.34
N THR C 763 -45.84 -9.64 -8.20
CA THR C 763 -46.88 -8.69 -7.78
C THR C 763 -47.90 -9.34 -6.81
N ALA C 764 -48.36 -10.54 -7.12
CA ALA C 764 -49.24 -11.28 -6.22
C ALA C 764 -48.62 -11.44 -4.84
N MET C 765 -47.33 -11.73 -4.81
CA MET C 765 -46.65 -11.91 -3.54
C MET C 765 -46.58 -10.60 -2.77
N TYR C 766 -46.46 -9.47 -3.48
CA TYR C 766 -46.57 -8.16 -2.82
C TYR C 766 -47.99 -7.99 -2.29
N GLN C 767 -48.97 -8.30 -3.14
CA GLN C 767 -50.36 -8.26 -2.73
C GLN C 767 -50.61 -9.06 -1.44
N ASN C 768 -49.80 -10.09 -1.21
CA ASN C 768 -49.87 -10.90 0.00
C ASN C 768 -49.14 -10.27 1.18
N ALA C 769 -47.93 -9.78 0.96
CA ALA C 769 -47.17 -9.07 2.01
C ALA C 769 -47.89 -7.79 2.50
N ALA C 770 -48.58 -7.12 1.58
CA ALA C 770 -49.19 -5.84 1.88
C ALA C 770 -50.59 -5.99 2.44
N PHE C 771 -51.41 -6.82 1.80
CA PHE C 771 -52.82 -6.95 2.17
C PHE C 771 -53.20 -8.33 2.70
N GLY C 772 -52.39 -9.35 2.41
CA GLY C 772 -52.66 -10.71 2.87
C GLY C 772 -53.49 -11.54 1.92
N LYS C 773 -53.65 -11.07 0.69
CA LYS C 773 -54.38 -11.83 -0.31
C LYS C 773 -53.61 -13.10 -0.65
N PRO C 774 -54.31 -14.27 -0.64
CA PRO C 774 -53.75 -15.51 -1.17
C PRO C 774 -53.34 -15.30 -2.61
N ILE C 775 -52.24 -15.94 -3.02
CA ILE C 775 -51.80 -15.86 -4.43
C ILE C 775 -52.69 -16.77 -5.24
N ILE C 776 -52.83 -17.99 -4.73
CA ILE C 776 -53.64 -19.01 -5.34
C ILE C 776 -55.01 -18.98 -4.71
N LYS C 777 -56.06 -18.78 -5.52
CA LYS C 777 -57.41 -18.67 -4.96
C LYS C 777 -58.17 -19.94 -5.25
N ALA C 778 -58.75 -20.53 -4.20
CA ALA C 778 -59.76 -21.60 -4.34
C ALA C 778 -60.87 -21.13 -5.26
N ALA C 779 -61.45 -22.03 -6.05
CA ALA C 779 -62.50 -21.61 -6.98
C ALA C 779 -63.75 -21.10 -6.25
N SER C 780 -63.96 -21.58 -5.01
CA SER C 780 -65.03 -21.15 -4.11
C SER C 780 -64.86 -19.71 -3.61
N MET C 781 -63.68 -19.14 -3.84
CA MET C 781 -63.38 -17.75 -3.53
C MET C 781 -63.95 -16.79 -4.58
N TYR C 782 -64.24 -17.31 -5.77
CA TYR C 782 -64.95 -16.56 -6.78
C TYR C 782 -66.40 -16.52 -6.33
N ASN C 783 -66.94 -15.32 -6.19
CA ASN C 783 -68.26 -15.12 -5.58
C ASN C 783 -69.38 -15.17 -6.59
N ASN C 784 -70.58 -15.41 -6.06
CA ASN C 784 -71.83 -15.35 -6.82
C ASN C 784 -71.88 -16.34 -7.96
N ASP C 785 -71.13 -17.44 -7.79
CA ASP C 785 -71.11 -18.54 -8.73
C ASP C 785 -71.41 -19.83 -7.97
N SER C 786 -72.39 -20.57 -8.49
CA SER C 786 -72.90 -21.78 -7.83
C SER C 786 -72.38 -23.11 -8.44
N ASN C 787 -71.51 -22.99 -9.44
CA ASN C 787 -70.88 -24.16 -10.05
C ASN C 787 -69.42 -24.34 -9.65
N VAL C 788 -68.78 -23.27 -9.18
CA VAL C 788 -67.35 -23.34 -8.82
C VAL C 788 -67.04 -24.39 -7.76
N ARG C 789 -68.01 -24.68 -6.90
CA ARG C 789 -67.83 -25.69 -5.85
C ARG C 789 -67.60 -27.07 -6.45
N ARG C 790 -68.32 -27.36 -7.54
CA ARG C 790 -68.11 -28.61 -8.26
C ARG C 790 -66.70 -28.65 -8.87
N ALA C 791 -66.22 -27.49 -9.31
CA ALA C 791 -64.93 -27.40 -10.01
C ALA C 791 -63.71 -27.18 -9.11
N GLN C 792 -63.90 -27.11 -7.81
CA GLN C 792 -62.81 -26.67 -6.92
C GLN C 792 -61.58 -27.58 -6.73
N ASN C 793 -61.64 -28.83 -7.16
CA ASN C 793 -60.50 -29.75 -6.95
C ASN C 793 -59.27 -29.43 -7.80
N ASP C 794 -59.50 -28.93 -9.01
CA ASP C 794 -58.44 -28.73 -9.99
C ASP C 794 -58.40 -27.33 -10.62
N HIS C 795 -59.52 -26.61 -10.59
CA HIS C 795 -59.54 -25.22 -11.05
C HIS C 795 -59.08 -24.26 -9.95
N PHE C 796 -58.25 -23.29 -10.31
CA PHE C 796 -57.79 -22.25 -9.36
C PHE C 796 -57.49 -20.93 -10.07
N LEU C 797 -57.31 -19.87 -9.28
CA LEU C 797 -57.18 -18.52 -9.84
C LEU C 797 -56.02 -17.76 -9.24
N LEU C 798 -55.44 -16.87 -10.03
CA LEU C 798 -54.39 -15.99 -9.55
C LEU C 798 -54.24 -14.73 -10.38
N GLY C 799 -53.45 -13.80 -9.85
CA GLY C 799 -52.86 -12.69 -10.62
C GLY C 799 -53.77 -11.57 -11.11
N GLY C 800 -53.15 -10.49 -11.55
CA GLY C 800 -53.87 -9.30 -11.97
C GLY C 800 -53.98 -8.34 -10.81
N HIS C 801 -54.77 -7.30 -11.02
CA HIS C 801 -54.99 -6.23 -10.05
C HIS C 801 -55.81 -6.75 -8.85
N ASP C 802 -56.74 -7.67 -9.10
CA ASP C 802 -57.59 -8.23 -8.05
C ASP C 802 -57.21 -9.65 -7.57
N GLY C 803 -56.49 -10.38 -8.40
CA GLY C 803 -55.99 -11.71 -8.03
C GLY C 803 -56.79 -12.82 -8.66
N TYR C 804 -57.62 -12.45 -9.64
CA TYR C 804 -58.58 -13.33 -10.27
C TYR C 804 -58.53 -13.17 -11.77
N ARG C 805 -57.39 -12.72 -12.30
CA ARG C 805 -57.30 -12.43 -13.73
C ARG C 805 -56.95 -13.63 -14.59
N ILE C 806 -56.47 -14.70 -13.95
CA ILE C 806 -55.99 -15.90 -14.65
C ILE C 806 -56.65 -17.17 -14.09
N LEU C 807 -57.29 -17.96 -14.95
CA LEU C 807 -57.83 -19.24 -14.54
C LEU C 807 -56.98 -20.41 -15.05
N CYS C 808 -56.71 -21.38 -14.16
CA CYS C 808 -55.98 -22.60 -14.48
C CYS C 808 -56.77 -23.82 -14.09
N ALA C 809 -57.00 -24.70 -15.06
CA ALA C 809 -57.61 -26.00 -14.80
C ALA C 809 -56.78 -27.13 -15.42
N PRO C 810 -55.60 -27.43 -14.83
CA PRO C 810 -54.67 -28.41 -15.40
C PRO C 810 -55.24 -29.81 -15.42
N VAL C 811 -54.84 -30.62 -16.38
CA VAL C 811 -55.20 -32.03 -16.48
C VAL C 811 -54.47 -32.80 -15.39
N VAL C 812 -55.20 -33.63 -14.62
CA VAL C 812 -54.62 -34.27 -13.43
C VAL C 812 -54.51 -35.79 -13.49
N TRP C 813 -54.69 -36.36 -14.69
CA TRP C 813 -54.41 -37.77 -14.88
C TRP C 813 -53.32 -37.98 -15.93
N GLU C 814 -52.59 -39.08 -15.81
CA GLU C 814 -51.65 -39.51 -16.86
C GLU C 814 -52.46 -39.99 -18.07
N ASN C 815 -51.88 -39.85 -19.26
CA ASN C 815 -52.45 -40.37 -20.50
C ASN C 815 -53.85 -39.86 -20.84
N SER C 816 -54.02 -38.55 -20.73
CA SER C 816 -55.33 -37.95 -20.92
C SER C 816 -55.19 -36.71 -21.78
N THR C 817 -55.98 -36.65 -22.84
CA THR C 817 -55.99 -35.51 -23.75
C THR C 817 -57.28 -34.68 -23.68
N GLU C 818 -57.99 -34.79 -22.56
CA GLU C 818 -59.19 -33.98 -22.28
C GLU C 818 -59.57 -33.93 -20.78
N ARG C 819 -60.47 -33.01 -20.44
CA ARG C 819 -60.93 -32.81 -19.06
C ARG C 819 -62.21 -31.98 -18.98
N GLU C 820 -62.90 -32.07 -17.84
CA GLU C 820 -64.05 -31.23 -17.57
C GLU C 820 -63.62 -29.82 -17.17
N LEU C 821 -64.04 -28.84 -17.97
CA LEU C 821 -63.68 -27.44 -17.74
C LEU C 821 -64.91 -26.60 -17.36
N TYR C 822 -64.76 -25.82 -16.30
CA TYR C 822 -65.77 -24.84 -15.95
C TYR C 822 -65.22 -23.42 -15.91
N LEU C 823 -65.85 -22.53 -16.67
CA LEU C 823 -65.49 -21.13 -16.70
C LEU C 823 -66.41 -20.34 -15.77
N PRO C 824 -65.83 -19.68 -14.74
CA PRO C 824 -66.64 -18.88 -13.82
C PRO C 824 -67.50 -17.82 -14.52
N VAL C 825 -68.68 -17.58 -13.96
CA VAL C 825 -69.75 -16.82 -14.61
C VAL C 825 -69.60 -15.30 -14.52
N LEU C 826 -70.32 -14.60 -15.40
CA LEU C 826 -70.43 -13.13 -15.44
C LEU C 826 -69.12 -12.39 -15.75
N THR C 827 -68.24 -13.06 -16.50
CA THR C 827 -67.07 -12.44 -17.10
C THR C 827 -66.73 -13.20 -18.37
N GLN C 828 -65.76 -12.68 -19.13
CA GLN C 828 -65.32 -13.33 -20.36
C GLN C 828 -63.95 -13.90 -20.14
N TRP C 829 -63.65 -15.00 -20.84
CA TRP C 829 -62.35 -15.68 -20.75
C TRP C 829 -61.65 -15.81 -22.09
N TYR C 830 -60.32 -15.75 -22.05
CA TYR C 830 -59.50 -15.96 -23.24
C TYR C 830 -58.51 -17.10 -23.06
N LYS C 831 -58.61 -18.10 -23.94
CA LYS C 831 -57.65 -19.20 -23.97
C LYS C 831 -56.26 -18.62 -24.09
N PHE C 832 -55.36 -19.08 -23.23
CA PHE C 832 -54.00 -18.59 -23.21
C PHE C 832 -53.03 -19.76 -23.01
N GLY C 833 -51.76 -19.44 -22.74
CA GLY C 833 -50.72 -20.45 -22.64
C GLY C 833 -49.44 -20.00 -23.32
N PRO C 834 -48.41 -20.88 -23.34
CA PRO C 834 -47.10 -20.53 -23.90
C PRO C 834 -47.16 -20.20 -25.39
N ASP C 835 -48.10 -20.83 -26.10
CA ASP C 835 -48.28 -20.66 -27.54
C ASP C 835 -48.77 -19.27 -27.95
N PHE C 836 -49.39 -18.56 -27.02
CA PHE C 836 -50.19 -17.39 -27.34
C PHE C 836 -49.46 -16.05 -27.28
N ASP C 837 -48.25 -16.03 -26.73
CA ASP C 837 -47.42 -14.82 -26.78
C ASP C 837 -47.05 -14.43 -28.22
N THR C 838 -47.06 -15.41 -29.12
CA THR C 838 -46.50 -15.26 -30.46
C THR C 838 -47.54 -15.37 -31.60
N LYS C 839 -48.83 -15.43 -31.23
CA LYS C 839 -49.95 -15.50 -32.18
C LYS C 839 -51.16 -14.68 -31.68
N PRO C 840 -52.13 -14.38 -32.58
CA PRO C 840 -53.30 -13.63 -32.12
C PRO C 840 -54.16 -14.46 -31.18
N LEU C 841 -54.83 -13.79 -30.24
CA LEU C 841 -55.77 -14.43 -29.31
C LEU C 841 -56.93 -15.07 -30.05
N GLU C 842 -57.61 -15.98 -29.37
CA GLU C 842 -58.79 -16.62 -29.94
C GLU C 842 -60.04 -15.81 -29.59
N GLY C 843 -61.19 -16.26 -30.11
CA GLY C 843 -62.48 -15.67 -29.73
C GLY C 843 -62.71 -15.71 -28.23
N ALA C 844 -63.54 -14.79 -27.74
CA ALA C 844 -63.89 -14.72 -26.32
C ALA C 844 -64.74 -15.90 -25.92
N MET C 845 -64.42 -16.49 -24.78
CA MET C 845 -65.17 -17.61 -24.22
C MET C 845 -66.05 -17.12 -23.07
N ASN C 846 -67.36 -17.32 -23.21
CA ASN C 846 -68.32 -16.81 -22.24
C ASN C 846 -68.24 -17.52 -20.90
N GLY C 847 -68.25 -16.72 -19.83
CA GLY C 847 -68.27 -17.23 -18.47
C GLY C 847 -69.54 -18.01 -18.17
N GLY C 848 -69.46 -18.90 -17.20
CA GLY C 848 -70.59 -19.74 -16.83
C GLY C 848 -70.67 -21.00 -17.66
N ASP C 849 -69.81 -21.09 -18.67
CA ASP C 849 -69.78 -22.25 -19.55
C ASP C 849 -69.11 -23.47 -18.94
N ARG C 850 -69.78 -24.61 -19.10
CA ARG C 850 -69.28 -25.90 -18.69
C ARG C 850 -69.07 -26.72 -19.94
N ILE C 851 -67.82 -27.11 -20.17
CA ILE C 851 -67.46 -27.85 -21.38
C ILE C 851 -66.98 -29.26 -21.00
N TYR C 852 -67.72 -30.25 -21.46
CA TYR C 852 -67.34 -31.64 -21.28
C TYR C 852 -66.36 -32.04 -22.37
N ASN C 853 -65.33 -32.80 -21.97
CA ASN C 853 -64.31 -33.29 -22.89
C ASN C 853 -63.55 -32.17 -23.61
N TYR C 854 -63.15 -31.14 -22.86
CA TYR C 854 -62.39 -30.03 -23.43
C TYR C 854 -61.03 -30.54 -23.88
N PRO C 855 -60.76 -30.50 -25.21
CA PRO C 855 -59.50 -31.03 -25.76
C PRO C 855 -58.27 -30.42 -25.10
N VAL C 856 -57.45 -31.27 -24.50
CA VAL C 856 -56.16 -30.85 -23.96
C VAL C 856 -55.05 -31.80 -24.43
N PRO C 857 -54.43 -31.50 -25.60
CA PRO C 857 -53.30 -32.33 -26.03
C PRO C 857 -52.17 -32.26 -24.99
N GLN C 858 -51.20 -33.16 -25.10
CA GLN C 858 -50.07 -33.20 -24.18
C GLN C 858 -49.28 -31.90 -24.14
N SER C 859 -49.17 -31.24 -25.29
CA SER C 859 -48.43 -29.97 -25.40
C SER C 859 -49.21 -28.79 -24.82
N GLU C 860 -50.43 -29.04 -24.35
CA GLU C 860 -51.30 -27.99 -23.82
C GLU C 860 -51.72 -28.21 -22.36
N SER C 861 -52.37 -27.19 -21.82
CA SER C 861 -52.90 -27.17 -20.45
C SER C 861 -53.95 -26.05 -20.43
N PRO C 862 -55.15 -26.29 -19.84
CA PRO C 862 -56.18 -25.24 -19.83
C PRO C 862 -55.87 -24.03 -18.93
N ILE C 863 -55.48 -22.92 -19.54
CA ILE C 863 -55.12 -21.68 -18.83
C ILE C 863 -55.77 -20.48 -19.54
N PHE C 864 -56.44 -19.62 -18.78
CA PHE C 864 -57.28 -18.57 -19.36
C PHE C 864 -57.05 -17.24 -18.68
N VAL C 865 -56.98 -16.18 -19.47
CA VAL C 865 -56.84 -14.82 -18.92
C VAL C 865 -58.17 -14.10 -19.02
N ARG C 866 -58.53 -13.42 -17.93
CA ARG C 866 -59.82 -12.74 -17.82
C ARG C 866 -59.80 -11.41 -18.55
N GLU C 867 -60.91 -11.10 -19.25
CA GLU C 867 -61.08 -9.79 -19.85
C GLU C 867 -60.83 -8.69 -18.81
N GLY C 868 -60.31 -7.55 -19.27
CA GLY C 868 -60.08 -6.43 -18.39
C GLY C 868 -58.80 -6.61 -17.61
N ALA C 869 -57.96 -7.55 -18.03
CA ALA C 869 -56.66 -7.72 -17.40
C ALA C 869 -55.55 -6.98 -18.13
N ILE C 870 -54.72 -6.32 -17.33
CA ILE C 870 -53.44 -5.83 -17.76
C ILE C 870 -52.44 -6.57 -16.88
N LEU C 871 -51.51 -7.28 -17.52
CA LEU C 871 -50.55 -8.09 -16.80
C LEU C 871 -49.15 -7.65 -17.18
N PRO C 872 -48.32 -7.39 -16.18
CA PRO C 872 -46.91 -7.05 -16.38
C PRO C 872 -46.11 -8.24 -16.92
N THR C 873 -45.55 -8.11 -18.13
CA THR C 873 -44.83 -9.20 -18.80
C THR C 873 -43.35 -8.84 -18.93
N ARG C 874 -42.48 -9.86 -18.90
CA ARG C 874 -41.03 -9.68 -19.02
C ARG C 874 -40.47 -10.50 -20.15
N TYR C 875 -39.46 -9.94 -20.81
CA TYR C 875 -38.73 -10.62 -21.85
C TYR C 875 -37.27 -10.27 -21.67
N THR C 876 -36.38 -11.06 -22.27
CA THR C 876 -34.97 -10.70 -22.34
C THR C 876 -34.72 -9.83 -23.57
N LEU C 877 -33.74 -8.92 -23.48
CA LEU C 877 -33.36 -8.06 -24.59
C LEU C 877 -32.82 -8.84 -25.78
N ASN C 878 -32.15 -9.96 -25.50
CA ASN C 878 -31.38 -10.70 -26.50
C ASN C 878 -32.03 -12.01 -26.96
N GLY C 879 -33.25 -12.27 -26.48
CA GLY C 879 -34.01 -13.45 -26.90
C GLY C 879 -33.57 -14.80 -26.33
N GLU C 880 -32.53 -14.80 -25.50
CA GLU C 880 -32.13 -16.01 -24.79
C GLU C 880 -32.98 -16.25 -23.58
N ASN C 881 -33.15 -17.51 -23.19
CA ASN C 881 -33.70 -17.79 -21.87
C ASN C 881 -32.62 -17.60 -20.83
N LYS C 882 -32.88 -16.76 -19.85
CA LYS C 882 -31.95 -16.62 -18.73
C LYS C 882 -32.68 -16.68 -17.39
N SER C 883 -31.88 -16.76 -16.33
CA SER C 883 -32.36 -16.77 -14.97
C SER C 883 -32.90 -15.41 -14.56
N LEU C 884 -33.97 -15.42 -13.76
CA LEU C 884 -34.57 -14.18 -13.23
C LEU C 884 -33.55 -13.30 -12.51
N ASN C 885 -32.60 -13.93 -11.84
CA ASN C 885 -31.68 -13.19 -11.01
C ASN C 885 -30.66 -12.38 -11.79
N THR C 886 -30.61 -12.62 -13.11
CA THR C 886 -29.72 -11.87 -14.03
C THR C 886 -30.47 -11.00 -15.06
N TYR C 887 -31.78 -10.83 -14.90
CA TYR C 887 -32.50 -9.77 -15.61
C TYR C 887 -32.07 -8.43 -15.05
N THR C 888 -32.05 -7.42 -15.90
CA THR C 888 -31.96 -6.04 -15.42
C THR C 888 -33.12 -5.26 -16.01
N ASP C 889 -33.18 -3.98 -15.65
CA ASP C 889 -34.24 -3.09 -16.14
C ASP C 889 -34.17 -2.84 -17.66
N GLU C 890 -33.10 -3.29 -18.30
CA GLU C 890 -32.96 -3.22 -19.75
C GLU C 890 -33.72 -4.35 -20.44
N ASP C 891 -34.08 -5.38 -19.66
CA ASP C 891 -34.91 -6.47 -20.16
C ASP C 891 -36.37 -6.02 -20.10
N PRO C 892 -36.99 -5.85 -21.27
CA PRO C 892 -38.30 -5.19 -21.43
C PRO C 892 -39.37 -5.59 -20.41
N LEU C 893 -40.01 -4.58 -19.82
CA LEU C 893 -41.21 -4.75 -19.03
C LEU C 893 -42.38 -4.24 -19.87
N VAL C 894 -43.33 -5.13 -20.13
CA VAL C 894 -44.45 -4.86 -21.01
C VAL C 894 -45.76 -5.05 -20.24
N PHE C 895 -46.51 -3.97 -20.06
CA PHE C 895 -47.89 -4.08 -19.57
C PHE C 895 -48.75 -4.51 -20.75
N GLU C 896 -49.21 -5.76 -20.71
CA GLU C 896 -50.06 -6.31 -21.75
C GLU C 896 -51.52 -6.08 -21.42
N VAL C 897 -52.18 -5.33 -22.30
CA VAL C 897 -53.59 -5.01 -22.16
C VAL C 897 -54.42 -6.02 -22.93
N PHE C 898 -55.03 -6.93 -22.18
CA PHE C 898 -55.95 -7.92 -22.76
C PHE C 898 -57.27 -7.28 -23.16
N PRO C 899 -58.08 -7.95 -24.00
CA PRO C 899 -59.36 -7.32 -24.35
C PRO C 899 -60.11 -6.78 -23.14
N LEU C 900 -60.80 -5.67 -23.33
CA LEU C 900 -61.39 -4.91 -22.23
C LEU C 900 -62.69 -5.52 -21.71
N GLY C 901 -62.89 -5.45 -20.40
CA GLY C 901 -64.13 -5.85 -19.76
C GLY C 901 -64.89 -4.63 -19.34
N ASN C 902 -66.11 -4.49 -19.86
CA ASN C 902 -66.93 -3.28 -19.65
C ASN C 902 -66.27 -2.02 -20.18
N ASN C 903 -65.59 -2.14 -21.32
CA ASN C 903 -64.83 -1.03 -21.90
C ASN C 903 -63.72 -0.51 -20.99
N ARG C 904 -63.19 -1.39 -20.13
CA ARG C 904 -62.02 -1.06 -19.31
C ARG C 904 -61.13 -2.25 -18.99
N ALA C 905 -59.87 -1.96 -18.68
CA ALA C 905 -58.96 -2.97 -18.15
C ALA C 905 -58.16 -2.36 -17.03
N ASP C 906 -57.62 -3.23 -16.18
CA ASP C 906 -56.92 -2.83 -14.97
C ASP C 906 -55.72 -3.73 -14.71
N GLY C 907 -54.66 -3.14 -14.16
CA GLY C 907 -53.43 -3.85 -13.92
C GLY C 907 -52.61 -3.22 -12.83
N MET C 908 -51.67 -4.02 -12.33
CA MET C 908 -50.82 -3.62 -11.22
C MET C 908 -49.46 -4.31 -11.39
N CYS C 909 -48.40 -3.60 -11.00
CA CYS C 909 -47.04 -4.15 -10.97
C CYS C 909 -46.21 -3.68 -9.77
N TYR C 910 -45.77 -4.62 -8.93
CA TYR C 910 -44.80 -4.31 -7.89
C TYR C 910 -43.41 -4.26 -8.53
N LEU C 911 -42.58 -3.29 -8.12
CA LEU C 911 -41.19 -3.15 -8.64
C LEU C 911 -40.19 -2.83 -7.55
N ASP C 912 -39.09 -3.57 -7.54
CA ASP C 912 -37.93 -3.22 -6.71
C ASP C 912 -36.65 -3.74 -7.37
N ASP C 913 -35.53 -3.67 -6.65
CA ASP C 913 -34.25 -4.15 -7.17
C ASP C 913 -34.07 -5.66 -7.05
N GLY C 914 -35.20 -6.39 -7.02
CA GLY C 914 -35.20 -7.86 -6.99
C GLY C 914 -34.66 -8.49 -5.71
N GLY C 915 -34.20 -7.65 -4.80
CA GLY C 915 -33.64 -8.15 -3.56
C GLY C 915 -32.14 -8.10 -3.56
N VAL C 916 -31.57 -7.27 -4.43
CA VAL C 916 -30.13 -7.02 -4.45
C VAL C 916 -29.76 -6.35 -3.12
N THR C 917 -30.71 -5.54 -2.60
CA THR C 917 -30.59 -4.89 -1.30
C THR C 917 -31.84 -5.18 -0.47
N THR C 918 -31.80 -4.83 0.81
CA THR C 918 -32.99 -4.93 1.66
C THR C 918 -33.74 -3.59 1.79
N ASN C 919 -33.51 -2.67 0.84
CA ASN C 919 -34.05 -1.30 0.91
C ASN C 919 -35.57 -1.17 0.66
N ALA C 920 -36.15 -2.08 -0.11
CA ALA C 920 -37.61 -2.09 -0.32
C ALA C 920 -38.33 -2.24 1.02
N GLU C 921 -37.93 -3.25 1.77
CA GLU C 921 -38.62 -3.63 3.00
C GLU C 921 -38.08 -2.91 4.22
N ASP C 922 -36.86 -2.39 4.12
CA ASP C 922 -36.24 -1.66 5.25
C ASP C 922 -36.50 -0.16 5.17
N ASN C 923 -36.67 0.35 3.95
CA ASN C 923 -36.70 1.79 3.67
C ASN C 923 -37.76 2.18 2.62
N GLY C 924 -38.61 1.23 2.27
CA GLY C 924 -39.70 1.48 1.34
C GLY C 924 -39.21 1.86 -0.04
N LYS C 925 -38.07 1.30 -0.46
CA LYS C 925 -37.56 1.59 -1.79
C LYS C 925 -38.20 0.67 -2.83
N PHE C 926 -39.51 0.82 -3.00
CA PHE C 926 -40.25 0.07 -4.00
C PHE C 926 -41.25 0.95 -4.75
N SER C 927 -41.80 0.42 -5.83
CA SER C 927 -42.84 1.07 -6.59
C SER C 927 -44.04 0.16 -6.73
N VAL C 928 -45.22 0.76 -6.73
CA VAL C 928 -46.41 0.01 -7.10
C VAL C 928 -47.06 0.77 -8.24
N VAL C 929 -46.91 0.25 -9.44
CA VAL C 929 -47.48 0.88 -10.62
C VAL C 929 -48.92 0.44 -10.79
N LYS C 930 -49.82 1.40 -10.97
CA LYS C 930 -51.21 1.10 -11.29
C LYS C 930 -51.43 1.56 -12.72
N VAL C 931 -52.26 0.83 -13.45
CA VAL C 931 -52.59 1.17 -14.83
C VAL C 931 -54.06 0.87 -15.11
N ALA C 932 -54.74 1.80 -15.77
CA ALA C 932 -56.12 1.58 -16.18
C ALA C 932 -56.27 1.89 -17.66
N ALA C 933 -57.01 1.05 -18.36
CA ALA C 933 -57.42 1.34 -19.71
C ALA C 933 -58.91 1.66 -19.70
N GLU C 934 -59.30 2.69 -20.43
CA GLU C 934 -60.71 3.05 -20.58
C GLU C 934 -60.99 3.29 -22.05
N GLN C 935 -61.97 2.59 -22.59
CA GLN C 935 -62.42 2.83 -23.96
C GLN C 935 -63.66 3.72 -23.91
N ASP C 936 -63.77 4.63 -24.88
CA ASP C 936 -64.90 5.54 -24.96
C ASP C 936 -65.26 5.85 -26.41
N GLY C 937 -65.97 4.93 -27.05
CA GLY C 937 -66.49 5.14 -28.41
C GLY C 937 -65.48 5.28 -29.56
N GLY C 938 -64.26 5.72 -29.25
CA GLY C 938 -63.27 5.97 -30.29
C GLY C 938 -61.92 6.40 -29.74
N THR C 939 -61.90 6.75 -28.46
CA THR C 939 -60.67 7.10 -27.76
C THR C 939 -60.41 6.13 -26.62
N GLU C 940 -59.25 5.49 -26.67
CA GLU C 940 -58.78 4.70 -25.56
C GLU C 940 -57.76 5.50 -24.76
N THR C 941 -58.00 5.58 -23.46
CA THR C 941 -57.08 6.26 -22.55
C THR C 941 -56.48 5.26 -21.55
N ILE C 942 -55.16 5.14 -21.60
CA ILE C 942 -54.40 4.32 -20.67
C ILE C 942 -53.63 5.21 -19.69
N THR C 943 -53.84 4.99 -18.39
CA THR C 943 -53.34 5.91 -17.37
C THR C 943 -52.46 5.19 -16.36
N PHE C 944 -51.25 5.70 -16.21
CA PHE C 944 -50.36 5.19 -15.19
C PHE C 944 -50.45 6.05 -13.95
N THR C 945 -50.57 5.40 -12.81
CA THR C 945 -50.43 6.09 -11.53
C THR C 945 -49.56 5.21 -10.64
N ASN C 946 -49.39 5.60 -9.38
CA ASN C 946 -48.64 4.79 -8.43
C ASN C 946 -49.03 5.07 -7.00
N ASP C 947 -49.02 4.03 -6.17
CA ASP C 947 -49.26 4.20 -4.73
C ASP C 947 -48.00 4.82 -4.13
N CYS C 948 -46.85 4.31 -4.57
CA CYS C 948 -45.58 4.97 -4.33
C CYS C 948 -44.66 4.72 -5.54
N TYR C 949 -43.63 5.54 -5.67
CA TYR C 949 -42.61 5.35 -6.68
C TYR C 949 -41.28 5.71 -6.03
N GLU C 950 -40.76 4.75 -5.26
CA GLU C 950 -39.48 4.91 -4.56
C GLU C 950 -38.39 4.06 -5.17
N TYR C 951 -38.76 3.29 -6.19
CA TYR C 951 -37.80 2.57 -6.99
C TYR C 951 -38.03 2.99 -8.43
N VAL C 952 -36.95 3.44 -9.08
CA VAL C 952 -36.99 3.92 -10.45
C VAL C 952 -36.59 2.80 -11.41
N PHE C 953 -37.58 2.29 -12.16
CA PHE C 953 -37.31 1.32 -13.22
C PHE C 953 -36.38 1.99 -14.22
N GLY C 954 -35.23 1.37 -14.45
CA GLY C 954 -34.14 2.02 -15.16
C GLY C 954 -34.05 1.80 -16.66
N GLY C 955 -35.08 1.19 -17.25
CA GLY C 955 -35.09 1.00 -18.70
C GLY C 955 -36.42 1.43 -19.29
N PRO C 956 -36.54 1.40 -20.63
CA PRO C 956 -37.86 1.64 -21.23
C PRO C 956 -38.92 0.61 -20.79
N PHE C 957 -40.18 1.01 -20.80
CA PHE C 957 -41.29 0.08 -20.57
C PHE C 957 -42.23 0.10 -21.77
N TYR C 958 -43.08 -0.92 -21.89
CA TYR C 958 -43.96 -1.03 -23.05
C TYR C 958 -45.42 -1.24 -22.68
N VAL C 959 -46.30 -0.84 -23.59
CA VAL C 959 -47.70 -1.22 -23.52
C VAL C 959 -48.02 -2.00 -24.79
N ARG C 960 -48.63 -3.16 -24.62
CA ARG C 960 -49.03 -4.01 -25.73
C ARG C 960 -50.54 -4.15 -25.67
N VAL C 961 -51.22 -3.60 -26.67
CA VAL C 961 -52.67 -3.63 -26.71
C VAL C 961 -53.14 -4.69 -27.69
N ARG C 962 -53.80 -5.71 -27.17
CA ARG C 962 -54.37 -6.80 -27.96
C ARG C 962 -55.66 -6.36 -28.67
N GLY C 963 -55.85 -6.81 -29.91
CA GLY C 963 -57.08 -6.53 -30.66
C GLY C 963 -57.14 -5.16 -31.34
N ALA C 964 -56.19 -4.28 -30.99
CA ALA C 964 -56.03 -3.00 -31.66
C ALA C 964 -54.92 -3.10 -32.69
N GLN C 965 -55.14 -2.49 -33.84
CA GLN C 965 -54.11 -2.41 -34.88
C GLN C 965 -53.66 -0.97 -35.11
N SER C 966 -53.68 -0.51 -36.35
CA SER C 966 -53.15 0.81 -36.70
C SER C 966 -54.01 1.98 -36.19
N PRO C 967 -53.39 2.93 -35.46
CA PRO C 967 -54.04 4.16 -35.01
C PRO C 967 -53.91 5.31 -36.02
N SER C 968 -54.50 6.46 -35.72
CA SER C 968 -54.20 7.70 -36.47
C SER C 968 -53.33 8.68 -35.67
N ASN C 969 -53.34 8.55 -34.34
CA ASN C 969 -52.42 9.27 -33.45
C ASN C 969 -52.42 8.66 -32.05
N ILE C 970 -51.27 8.73 -31.37
CA ILE C 970 -51.18 8.38 -29.96
C ILE C 970 -50.49 9.52 -29.22
N HIS C 971 -51.12 10.00 -28.15
CA HIS C 971 -50.56 11.09 -27.37
C HIS C 971 -50.15 10.65 -25.98
N VAL C 972 -48.99 11.15 -25.54
CA VAL C 972 -48.50 10.80 -24.22
C VAL C 972 -48.28 12.06 -23.39
N SER C 973 -48.97 12.12 -22.26
CA SER C 973 -48.94 13.27 -21.38
C SER C 973 -48.17 12.97 -20.10
N SER C 974 -47.18 13.82 -19.77
CA SER C 974 -46.42 13.57 -18.56
C SER C 974 -45.86 14.82 -17.89
N GLY C 975 -45.80 14.74 -16.56
CA GLY C 975 -45.13 15.76 -15.74
C GLY C 975 -43.66 15.89 -16.08
N ALA C 976 -43.10 14.83 -16.65
CA ALA C 976 -41.71 14.82 -17.11
C ALA C 976 -41.60 15.28 -18.57
N GLY C 977 -42.74 15.60 -19.19
CA GLY C 977 -42.77 16.12 -20.56
C GLY C 977 -43.74 15.38 -21.46
N SER C 978 -44.38 16.12 -22.36
CA SER C 978 -45.41 15.57 -23.25
C SER C 978 -44.98 15.45 -24.70
N GLN C 979 -45.51 14.45 -25.40
CA GLN C 979 -45.15 14.16 -26.79
C GLN C 979 -46.25 13.42 -27.55
N ASP C 980 -46.19 13.49 -28.88
CA ASP C 980 -46.94 12.60 -29.75
C ASP C 980 -46.01 11.46 -30.15
N MET C 981 -46.57 10.28 -30.34
CA MET C 981 -45.79 9.11 -30.74
C MET C 981 -45.73 8.96 -32.26
N LYS C 982 -44.74 8.22 -32.75
CA LYS C 982 -44.59 7.97 -34.19
C LYS C 982 -44.35 6.49 -34.52
N VAL C 983 -44.74 6.08 -35.73
CA VAL C 983 -44.54 4.71 -36.20
C VAL C 983 -43.03 4.37 -36.30
N SER C 984 -42.58 3.37 -35.53
CA SER C 984 -41.17 2.98 -35.46
C SER C 984 -40.62 2.53 -36.82
N SER C 985 -39.32 2.73 -37.03
CA SER C 985 -38.70 2.21 -38.24
C SER C 985 -38.43 0.70 -38.11
N ALA C 986 -38.54 0.19 -36.89
CA ALA C 986 -38.40 -1.24 -36.59
C ALA C 986 -39.68 -2.02 -36.87
N THR C 987 -39.55 -3.20 -37.49
CA THR C 987 -40.71 -3.99 -37.94
C THR C 987 -40.74 -5.45 -37.41
N SER C 988 -40.03 -5.71 -36.32
CA SER C 988 -40.26 -6.92 -35.52
C SER C 988 -40.16 -6.56 -34.05
N ARG C 989 -40.41 -7.53 -33.18
CA ARG C 989 -40.41 -7.29 -31.74
C ARG C 989 -38.99 -7.10 -31.25
N ALA C 990 -38.08 -7.92 -31.77
CA ALA C 990 -36.67 -7.87 -31.40
C ALA C 990 -36.08 -6.54 -31.85
N ALA C 991 -36.41 -6.12 -33.08
CA ALA C 991 -36.02 -4.83 -33.65
C ALA C 991 -36.49 -3.64 -32.79
N LEU C 992 -37.74 -3.69 -32.35
CA LEU C 992 -38.29 -2.67 -31.47
C LEU C 992 -37.66 -2.68 -30.07
N PHE C 993 -37.33 -3.87 -29.56
CA PHE C 993 -36.66 -3.97 -28.25
C PHE C 993 -35.26 -3.37 -28.28
N ASN C 994 -34.49 -3.70 -29.31
CA ASN C 994 -33.08 -3.29 -29.44
C ASN C 994 -32.82 -1.96 -30.14
N ASP C 995 -33.53 -1.70 -31.26
CA ASP C 995 -33.24 -0.54 -32.12
C ASP C 995 -34.31 0.57 -32.16
N GLY C 996 -35.53 0.27 -31.71
CA GLY C 996 -36.59 1.26 -31.70
C GLY C 996 -36.30 2.30 -30.63
N GLU C 997 -36.69 3.55 -30.87
CA GLU C 997 -36.49 4.61 -29.87
C GLU C 997 -37.74 4.86 -29.03
N ASN C 998 -37.54 5.56 -27.93
CA ASN C 998 -38.63 5.99 -27.05
C ASN C 998 -39.61 6.93 -27.78
N GLY C 999 -40.91 6.70 -27.56
CA GLY C 999 -41.94 7.39 -28.32
C GLY C 999 -42.36 6.66 -29.58
N ASP C 1000 -41.74 5.51 -29.83
CA ASP C 1000 -42.07 4.67 -30.99
C ASP C 1000 -43.22 3.71 -30.71
N PHE C 1001 -44.03 3.46 -31.74
CA PHE C 1001 -45.04 2.38 -31.68
C PHE C 1001 -44.93 1.42 -32.87
N TRP C 1002 -45.33 0.17 -32.64
CA TRP C 1002 -45.26 -0.89 -33.66
C TRP C 1002 -46.59 -1.60 -33.86
N VAL C 1003 -47.06 -1.66 -35.10
CA VAL C 1003 -48.27 -2.41 -35.43
C VAL C 1003 -47.91 -3.87 -35.69
N ASP C 1004 -48.04 -4.66 -34.64
CA ASP C 1004 -47.71 -6.10 -34.65
C ASP C 1004 -48.85 -6.88 -35.28
N GLN C 1005 -48.74 -7.14 -36.57
CA GLN C 1005 -49.75 -7.91 -37.29
C GLN C 1005 -49.83 -9.37 -36.82
N GLU C 1006 -48.67 -9.97 -36.55
CA GLU C 1006 -48.58 -11.40 -36.24
C GLU C 1006 -49.38 -11.83 -35.01
N THR C 1007 -49.46 -10.95 -34.01
CA THR C 1007 -50.20 -11.25 -32.77
C THR C 1007 -51.36 -10.27 -32.53
N ASP C 1008 -51.75 -9.55 -33.59
CA ASP C 1008 -52.82 -8.55 -33.53
C ASP C 1008 -52.63 -7.62 -32.31
N SER C 1009 -51.48 -6.94 -32.28
CA SER C 1009 -51.07 -6.12 -31.13
C SER C 1009 -50.50 -4.77 -31.55
N LEU C 1010 -50.64 -3.77 -30.70
CA LEU C 1010 -49.98 -2.49 -30.91
C LEU C 1010 -49.05 -2.23 -29.72
N TRP C 1011 -47.75 -2.08 -30.00
CA TRP C 1011 -46.76 -1.94 -28.94
C TRP C 1011 -46.30 -0.49 -28.80
N LEU C 1012 -46.31 0.02 -27.58
CA LEU C 1012 -45.84 1.38 -27.32
C LEU C 1012 -44.54 1.33 -26.52
N LYS C 1013 -43.54 2.07 -26.98
CA LYS C 1013 -42.24 2.14 -26.31
C LYS C 1013 -42.10 3.50 -25.63
N LEU C 1014 -42.01 3.48 -24.31
CA LEU C 1014 -42.03 4.70 -23.52
C LEU C 1014 -40.84 4.79 -22.59
N PRO C 1015 -40.27 6.00 -22.40
CA PRO C 1015 -39.09 6.13 -21.54
C PRO C 1015 -39.45 5.98 -20.06
N ASN C 1016 -38.48 5.58 -19.26
CA ASN C 1016 -38.70 5.31 -17.83
C ASN C 1016 -39.26 6.50 -17.03
N VAL C 1017 -39.04 7.71 -17.54
CA VAL C 1017 -39.50 8.95 -16.90
C VAL C 1017 -41.02 9.13 -16.89
N VAL C 1018 -41.74 8.48 -17.81
CA VAL C 1018 -43.20 8.63 -17.86
C VAL C 1018 -43.99 7.52 -17.13
N LEU C 1019 -43.28 6.53 -16.60
CA LEU C 1019 -43.90 5.40 -15.88
C LEU C 1019 -44.77 5.81 -14.69
N PRO C 1020 -44.33 6.79 -13.86
CA PRO C 1020 -45.16 7.15 -12.71
C PRO C 1020 -46.50 7.84 -13.01
N ASP C 1021 -46.64 8.51 -14.15
CA ASP C 1021 -47.84 9.35 -14.38
C ASP C 1021 -48.40 9.40 -15.81
N ALA C 1022 -47.90 8.55 -16.70
CA ALA C 1022 -48.25 8.64 -18.13
C ALA C 1022 -49.75 8.62 -18.38
N VAL C 1023 -50.22 9.54 -19.21
CA VAL C 1023 -51.60 9.49 -19.69
C VAL C 1023 -51.56 9.29 -21.19
N ILE C 1024 -51.85 8.07 -21.61
CA ILE C 1024 -51.74 7.70 -23.00
C ILE C 1024 -53.11 7.72 -23.63
N THR C 1025 -53.26 8.50 -24.68
CA THR C 1025 -54.54 8.55 -25.36
C THR C 1025 -54.37 8.16 -26.83
N ILE C 1026 -55.16 7.18 -27.25
CA ILE C 1026 -55.02 6.54 -28.55
C ILE C 1026 -56.23 6.83 -29.44
N THR C 1027 -55.99 7.30 -30.66
CA THR C 1027 -57.08 7.70 -31.54
C THR C 1027 -56.96 7.10 -32.95
N THR D 3 10.58 7.05 72.03
CA THR D 3 10.17 8.24 71.23
C THR D 3 10.21 7.87 69.74
N ASP D 4 11.39 7.96 69.13
CA ASP D 4 11.59 7.52 67.74
C ASP D 4 11.34 6.02 67.63
N ASN D 5 10.62 5.59 66.59
CA ASN D 5 10.21 4.20 66.41
C ASN D 5 9.68 3.55 67.72
N PRO D 6 8.46 3.95 68.14
CA PRO D 6 7.85 3.50 69.39
C PRO D 6 7.59 1.99 69.43
N ASP D 7 7.17 1.44 68.29
CA ASP D 7 6.80 0.02 68.17
C ASP D 7 7.98 -0.90 67.82
N GLY D 8 9.20 -0.40 68.01
CA GLY D 8 10.44 -1.16 67.78
C GLY D 8 10.48 -1.96 66.49
N ILE D 9 9.89 -1.43 65.42
CA ILE D 9 9.95 -2.04 64.10
C ILE D 9 11.41 -2.05 63.59
N ASP D 10 11.76 -3.09 62.85
CA ASP D 10 13.02 -3.13 62.11
C ASP D 10 12.68 -2.85 60.64
N TYR D 11 13.15 -1.72 60.11
CA TYR D 11 12.80 -1.33 58.72
C TYR D 11 13.82 -1.94 57.78
N LYS D 12 13.35 -2.83 56.92
CA LYS D 12 14.25 -3.66 56.14
C LYS D 12 14.30 -3.25 54.67
N THR D 13 13.46 -2.29 54.30
CA THR D 13 13.43 -1.79 52.94
C THR D 13 13.35 -0.26 52.93
N TYR D 14 14.34 0.35 52.27
CA TYR D 14 14.39 1.80 52.15
C TYR D 14 14.23 2.31 50.72
N ASP D 15 14.65 1.52 49.73
CA ASP D 15 14.64 1.94 48.33
C ASP D 15 13.29 1.82 47.66
N TYR D 16 13.07 2.59 46.61
CA TYR D 16 11.95 2.36 45.67
C TYR D 16 11.90 0.88 45.31
N VAL D 17 10.69 0.31 45.33
CA VAL D 17 10.49 -1.07 44.90
C VAL D 17 9.40 -1.07 43.83
N GLY D 18 9.78 -1.19 42.56
CA GLY D 18 8.82 -1.07 41.45
C GLY D 18 7.84 -2.21 41.43
N VAL D 19 6.85 -2.14 40.54
CA VAL D 19 5.82 -3.17 40.48
C VAL D 19 6.44 -4.55 40.27
N TRP D 20 7.56 -4.59 39.53
CA TRP D 20 8.34 -5.80 39.28
C TRP D 20 8.98 -6.46 40.52
N GLY D 21 9.13 -5.71 41.62
CA GLY D 21 9.71 -6.25 42.86
C GLY D 21 8.66 -6.43 43.94
N PHE D 22 7.39 -6.35 43.55
CA PHE D 22 6.30 -6.54 44.52
C PHE D 22 5.46 -7.74 44.15
N SER D 23 5.52 -8.79 44.97
CA SER D 23 4.95 -10.06 44.51
C SER D 23 4.31 -10.91 45.61
N PRO D 24 3.19 -10.45 46.16
CA PRO D 24 2.46 -11.21 47.17
C PRO D 24 1.98 -12.58 46.70
N LEU D 25 1.62 -12.72 45.42
CA LEU D 25 1.07 -14.00 44.94
C LEU D 25 2.15 -15.08 44.90
N SER D 26 3.40 -14.67 45.14
CA SER D 26 4.52 -15.60 45.31
C SER D 26 4.35 -16.46 46.55
N ASN D 27 3.79 -15.87 47.61
CA ASN D 27 3.49 -16.56 48.88
C ASN D 27 4.65 -16.76 49.85
N THR D 28 5.88 -16.83 49.35
CA THR D 28 6.98 -17.23 50.21
C THR D 28 7.40 -16.11 51.20
N ASN D 29 7.53 -16.48 52.47
CA ASN D 29 7.75 -15.52 53.58
C ASN D 29 6.54 -14.63 53.96
N TRP D 30 5.43 -14.85 53.27
CA TRP D 30 4.17 -14.17 53.59
C TRP D 30 3.26 -14.95 54.56
N PHE D 31 2.71 -14.24 55.54
CA PHE D 31 1.55 -14.73 56.29
C PHE D 31 0.25 -14.46 55.54
N ALA D 32 -0.71 -15.39 55.65
CA ALA D 32 -2.07 -15.13 55.22
C ALA D 32 -3.01 -15.68 56.28
N ALA D 33 -4.27 -15.21 56.26
CA ALA D 33 -5.24 -15.58 57.28
C ALA D 33 -5.61 -17.06 57.22
N GLY D 34 -5.43 -17.76 58.34
CA GLY D 34 -5.61 -19.21 58.38
C GLY D 34 -6.82 -19.66 59.15
N SER D 35 -7.07 -19.01 60.29
CA SER D 35 -8.14 -19.34 61.22
C SER D 35 -8.44 -18.19 62.20
N SER D 36 -9.58 -18.27 62.90
CA SER D 36 -9.96 -17.24 63.87
C SER D 36 -10.94 -17.75 64.92
N THR D 37 -11.07 -16.97 65.99
CA THR D 37 -12.19 -17.05 66.95
C THR D 37 -12.79 -15.63 67.09
N PRO D 38 -14.08 -15.52 67.51
CA PRO D 38 -14.67 -14.19 67.75
C PRO D 38 -14.05 -13.41 68.91
N GLY D 39 -14.02 -12.08 68.74
CA GLY D 39 -13.41 -11.18 69.71
C GLY D 39 -14.32 -10.02 70.09
N GLY D 40 -15.62 -10.27 70.08
CA GLY D 40 -16.61 -9.27 70.53
C GLY D 40 -16.90 -8.13 69.55
N ILE D 41 -18.02 -7.47 69.78
CA ILE D 41 -18.46 -6.33 68.98
C ILE D 41 -18.76 -5.11 69.85
N THR D 42 -18.13 -3.99 69.53
CA THR D 42 -18.40 -2.72 70.16
C THR D 42 -18.78 -1.73 69.06
N ASP D 43 -19.91 -1.05 69.25
CA ASP D 43 -20.47 -0.10 68.30
C ASP D 43 -20.71 -0.86 67.00
N TRP D 44 -20.20 -0.35 65.87
CA TRP D 44 -20.24 -1.08 64.60
C TRP D 44 -18.91 -1.78 64.25
N THR D 45 -18.08 -2.04 65.27
CA THR D 45 -16.74 -2.62 65.06
C THR D 45 -16.57 -4.01 65.69
N ALA D 46 -16.56 -5.03 64.84
CA ALA D 46 -16.25 -6.40 65.28
C ALA D 46 -14.76 -6.67 65.20
N THR D 47 -14.23 -7.28 66.26
CA THR D 47 -12.88 -7.81 66.31
C THR D 47 -12.90 -9.32 66.07
N MET D 48 -12.00 -9.79 65.20
CA MET D 48 -11.75 -11.22 65.00
C MET D 48 -10.31 -11.51 65.35
N ASN D 49 -10.10 -12.40 66.31
CA ASN D 49 -8.76 -12.81 66.69
C ASN D 49 -8.18 -13.84 65.69
N VAL D 50 -7.34 -13.34 64.81
CA VAL D 50 -6.98 -14.10 63.62
C VAL D 50 -5.60 -14.74 63.76
N ASN D 51 -5.52 -16.04 63.46
CA ASN D 51 -4.26 -16.75 63.28
C ASN D 51 -3.79 -16.67 61.83
N PHE D 52 -2.65 -16.03 61.66
CA PHE D 52 -1.96 -15.93 60.39
C PHE D 52 -0.95 -17.06 60.30
N ASP D 53 -0.95 -17.75 59.15
CA ASP D 53 -0.09 -18.89 58.90
C ASP D 53 0.83 -18.55 57.72
N ARG D 54 2.12 -18.89 57.83
CA ARG D 54 3.04 -18.72 56.69
C ARG D 54 2.57 -19.63 55.55
N ILE D 55 2.22 -19.06 54.40
CA ILE D 55 1.67 -19.87 53.29
C ILE D 55 2.58 -21.06 52.89
N ASP D 56 3.89 -20.81 52.88
CA ASP D 56 4.86 -21.83 52.48
C ASP D 56 5.25 -22.81 53.61
N ASN D 57 4.93 -22.45 54.86
CA ASN D 57 5.13 -23.34 56.02
C ASN D 57 4.05 -23.08 57.09
N PRO D 58 2.84 -23.64 56.90
CA PRO D 58 1.64 -23.25 57.64
C PRO D 58 1.65 -23.52 59.15
N SER D 59 2.67 -24.23 59.65
CA SER D 59 2.81 -24.42 61.09
C SER D 59 3.59 -23.26 61.78
N ILE D 60 4.05 -22.30 60.98
CA ILE D 60 4.56 -21.04 61.56
C ILE D 60 3.36 -20.10 61.60
N THR D 61 3.00 -19.69 62.82
CA THR D 61 1.73 -19.03 63.10
C THR D 61 1.86 -17.89 64.13
N VAL D 62 1.13 -16.81 63.89
CA VAL D 62 1.09 -15.65 64.77
C VAL D 62 -0.35 -15.09 64.83
N GLN D 63 -0.73 -14.59 66.01
CA GLN D 63 -2.08 -14.06 66.28
C GLN D 63 -2.12 -12.52 66.20
N HIS D 64 -3.07 -11.99 65.45
CA HIS D 64 -3.32 -10.54 65.43
C HIS D 64 -4.83 -10.25 65.42
N PRO D 65 -5.26 -9.25 66.21
CA PRO D 65 -6.65 -8.82 66.14
C PRO D 65 -6.95 -8.06 64.84
N VAL D 66 -8.07 -8.39 64.20
CA VAL D 66 -8.54 -7.75 62.97
C VAL D 66 -9.92 -7.12 63.21
N GLN D 67 -10.06 -5.85 62.84
CA GLN D 67 -11.33 -5.14 63.00
C GLN D 67 -12.15 -5.11 61.71
N VAL D 68 -13.45 -5.33 61.86
CA VAL D 68 -14.38 -5.18 60.76
C VAL D 68 -15.42 -4.18 61.21
N GLN D 69 -15.46 -3.05 60.51
CA GLN D 69 -16.31 -1.96 60.89
C GLN D 69 -17.25 -1.59 59.76
N VAL D 70 -18.54 -1.54 60.03
CA VAL D 70 -19.47 -0.92 59.12
C VAL D 70 -19.22 0.59 59.29
N THR D 71 -18.99 1.26 58.16
CA THR D 71 -18.73 2.69 58.13
C THR D 71 -19.97 3.45 57.67
N SER D 72 -20.74 2.89 56.73
CA SER D 72 -22.05 3.46 56.47
C SER D 72 -23.04 2.40 56.02
N TYR D 73 -24.12 2.27 56.77
CA TYR D 73 -25.24 1.41 56.43
C TYR D 73 -25.91 1.87 55.13
N ASN D 74 -26.28 3.15 55.04
CA ASN D 74 -26.97 3.68 53.84
C ASN D 74 -26.10 3.79 52.60
N ASN D 75 -24.81 4.02 52.80
CA ASN D 75 -23.88 4.15 51.68
C ASN D 75 -23.11 2.86 51.36
N ASN D 76 -23.27 1.88 52.27
CA ASN D 76 -22.94 0.50 51.96
C ASN D 76 -21.43 0.38 51.97
N SER D 77 -20.82 0.68 53.12
CA SER D 77 -19.38 0.68 53.23
C SER D 77 -18.92 0.14 54.57
N TYR D 78 -17.85 -0.63 54.51
CA TYR D 78 -17.21 -1.14 55.72
C TYR D 78 -15.73 -1.09 55.53
N ARG D 79 -15.03 -1.39 56.61
CA ARG D 79 -13.61 -1.23 56.67
C ARG D 79 -13.05 -2.44 57.39
N VAL D 80 -11.90 -2.93 56.92
CA VAL D 80 -11.12 -3.97 57.60
C VAL D 80 -9.76 -3.39 57.98
N ARG D 81 -9.31 -3.63 59.22
CA ARG D 81 -8.07 -3.03 59.65
C ARG D 81 -7.30 -3.87 60.70
N PHE D 82 -5.96 -3.83 60.66
CA PHE D 82 -5.12 -4.40 61.72
C PHE D 82 -3.66 -3.96 61.63
N ASN D 83 -2.93 -4.22 62.69
CA ASN D 83 -1.56 -3.82 62.76
C ASN D 83 -0.62 -4.94 63.23
N PRO D 84 0.13 -5.54 62.28
CA PRO D 84 1.09 -6.60 62.61
C PRO D 84 2.22 -6.17 63.55
N ASP D 85 2.39 -4.88 63.78
CA ASP D 85 3.60 -4.35 64.42
C ASP D 85 3.42 -3.72 65.80
N GLY D 86 2.21 -3.81 66.32
CA GLY D 86 1.82 -3.08 67.52
C GLY D 86 0.30 -2.91 67.53
N PRO D 87 -0.21 -2.09 68.48
CA PRO D 87 -1.68 -1.94 68.58
C PRO D 87 -2.29 -1.19 67.40
N ILE D 88 -3.59 -1.33 67.22
CA ILE D 88 -4.32 -0.65 66.15
C ILE D 88 -4.50 0.82 66.49
N ARG D 89 -4.28 1.72 65.53
CA ARG D 89 -4.24 3.14 65.86
C ARG D 89 -5.07 3.99 64.92
N ASP D 90 -5.84 4.91 65.49
CA ASP D 90 -6.54 5.94 64.71
C ASP D 90 -5.49 7.01 64.36
N VAL D 91 -5.34 7.24 63.06
CA VAL D 91 -4.48 8.33 62.56
C VAL D 91 -5.02 9.70 63.02
N THR D 92 -4.13 10.63 63.40
CA THR D 92 -4.59 12.00 63.70
C THR D 92 -4.77 12.85 62.43
N ARG D 93 -4.30 12.34 61.29
CA ARG D 93 -4.25 13.10 60.03
C ARG D 93 -4.45 12.17 58.86
N GLY D 94 -5.18 12.62 57.86
CA GLY D 94 -5.38 11.82 56.69
C GLY D 94 -6.82 11.87 56.27
N PRO D 95 -7.12 11.40 55.04
CA PRO D 95 -8.47 11.51 54.48
C PRO D 95 -9.62 10.93 55.33
N ILE D 96 -9.35 9.84 56.07
CA ILE D 96 -10.36 9.22 56.93
C ILE D 96 -10.04 9.41 58.40
N LEU D 97 -10.91 10.15 59.08
CA LEU D 97 -10.70 10.48 60.49
C LEU D 97 -11.78 9.82 61.32
N LYS D 98 -11.43 9.44 62.55
CA LYS D 98 -12.37 8.78 63.45
C LYS D 98 -13.61 9.65 63.71
N GLN D 99 -13.37 10.95 63.91
CA GLN D 99 -14.41 11.93 64.19
C GLN D 99 -15.51 11.95 63.12
N GLN D 100 -15.14 11.86 61.85
CA GLN D 100 -16.12 11.84 60.77
C GLN D 100 -16.79 10.48 60.72
N LEU D 101 -16.05 9.41 61.01
CA LEU D 101 -16.63 8.08 61.07
C LEU D 101 -17.72 8.02 62.18
N ASP D 102 -17.37 8.53 63.35
CA ASP D 102 -18.27 8.65 64.49
C ASP D 102 -19.52 9.46 64.20
N TRP D 103 -19.39 10.51 63.40
CA TRP D 103 -20.53 11.37 63.04
C TRP D 103 -21.53 10.60 62.17
N ILE D 104 -21.01 9.91 61.18
CA ILE D 104 -21.82 9.14 60.26
C ILE D 104 -22.61 8.06 60.98
N ARG D 105 -21.93 7.25 61.78
CA ARG D 105 -22.56 6.17 62.52
C ARG D 105 -23.69 6.72 63.41
N THR D 106 -23.42 7.85 64.07
CA THR D 106 -24.37 8.52 64.95
C THR D 106 -25.65 8.99 64.25
N GLN D 107 -25.51 9.63 63.09
CA GLN D 107 -26.67 10.07 62.32
C GLN D 107 -27.44 8.83 61.91
N GLU D 108 -26.71 7.81 61.46
CA GLU D 108 -27.33 6.58 61.00
C GLU D 108 -28.07 5.83 62.13
N LEU D 109 -27.45 5.76 63.31
CA LEU D 109 -28.07 5.14 64.46
C LEU D 109 -29.36 5.85 64.87
N SER D 110 -29.35 7.18 64.84
CA SER D 110 -30.56 7.94 65.12
C SER D 110 -31.67 7.70 64.08
N GLU D 111 -31.31 7.21 62.89
CA GLU D 111 -32.31 6.90 61.86
C GLU D 111 -32.83 5.46 61.94
N GLY D 112 -32.33 4.72 62.94
CA GLY D 112 -32.71 3.30 63.09
C GLY D 112 -31.95 2.30 62.22
N CYS D 113 -30.88 2.75 61.54
CA CYS D 113 -30.06 1.84 60.75
C CYS D 113 -29.49 0.71 61.61
N ASP D 114 -29.72 -0.54 61.21
CA ASP D 114 -29.26 -1.69 61.99
C ASP D 114 -28.52 -2.70 61.12
N PRO D 115 -27.18 -2.67 61.18
CA PRO D 115 -26.38 -3.62 60.40
C PRO D 115 -26.51 -5.05 60.92
N GLY D 116 -27.00 -5.21 62.15
CA GLY D 116 -27.20 -6.52 62.75
C GLY D 116 -25.92 -7.34 62.73
N MET D 117 -24.81 -6.69 63.07
CA MET D 117 -23.52 -7.36 63.24
C MET D 117 -23.65 -8.42 64.32
N THR D 118 -23.22 -9.63 63.99
CA THR D 118 -23.38 -10.78 64.87
C THR D 118 -22.36 -11.87 64.51
N PHE D 119 -21.83 -12.55 65.52
CA PHE D 119 -21.10 -13.78 65.26
C PHE D 119 -22.07 -14.95 65.28
N THR D 120 -22.02 -15.79 64.25
CA THR D 120 -22.83 -17.03 64.23
C THR D 120 -22.30 -18.01 65.26
N SER D 121 -23.07 -19.07 65.50
CA SER D 121 -22.66 -20.18 66.35
C SER D 121 -21.24 -20.66 66.01
N GLU D 122 -20.95 -20.76 64.71
CA GLU D 122 -19.64 -21.19 64.17
C GLU D 122 -18.47 -20.20 64.34
N GLY D 123 -18.79 -18.96 64.70
CA GLY D 123 -17.76 -17.93 64.79
C GLY D 123 -17.64 -17.11 63.53
N PHE D 124 -18.56 -17.35 62.59
CA PHE D 124 -18.62 -16.57 61.36
C PHE D 124 -19.14 -15.18 61.69
N LEU D 125 -18.47 -14.16 61.16
CA LEU D 125 -18.96 -12.81 61.30
C LEU D 125 -19.95 -12.47 60.18
N THR D 126 -21.10 -11.93 60.56
CA THR D 126 -22.11 -11.59 59.57
C THR D 126 -22.70 -10.21 59.86
N PHE D 127 -22.97 -9.46 58.80
CA PHE D 127 -23.61 -8.13 58.88
C PHE D 127 -24.30 -7.75 57.57
N GLU D 128 -25.02 -6.64 57.61
CA GLU D 128 -25.59 -6.08 56.40
C GLU D 128 -25.57 -4.58 56.42
N THR D 129 -25.63 -4.02 55.23
CA THR D 129 -25.82 -2.60 55.06
C THR D 129 -27.17 -2.49 54.33
N LYS D 130 -27.46 -1.32 53.74
CA LYS D 130 -28.76 -1.12 53.14
C LYS D 130 -29.07 -2.13 52.03
N ASP D 131 -28.11 -2.37 51.14
CA ASP D 131 -28.37 -3.15 49.93
C ASP D 131 -27.59 -4.45 49.89
N LEU D 132 -26.71 -4.63 50.86
CA LEU D 132 -25.75 -5.70 50.84
C LEU D 132 -25.84 -6.57 52.07
N SER D 133 -25.43 -7.82 51.93
CA SER D 133 -25.25 -8.68 53.09
C SER D 133 -23.90 -9.38 52.98
N VAL D 134 -23.18 -9.41 54.10
CA VAL D 134 -21.79 -9.84 54.14
C VAL D 134 -21.60 -11.02 55.10
N ILE D 135 -20.85 -12.03 54.67
CA ILE D 135 -20.37 -13.05 55.59
C ILE D 135 -18.85 -13.19 55.49
N ILE D 136 -18.22 -13.37 56.64
CA ILE D 136 -16.79 -13.64 56.67
C ILE D 136 -16.56 -14.90 57.49
N TYR D 137 -15.95 -15.90 56.86
CA TYR D 137 -15.76 -17.20 57.49
C TYR D 137 -14.50 -17.18 58.37
N GLY D 138 -14.17 -18.32 58.98
CA GLY D 138 -13.16 -18.38 60.06
C GLY D 138 -11.73 -17.98 59.68
N ASN D 139 -11.37 -18.22 58.42
CA ASN D 139 -10.03 -17.88 57.91
C ASN D 139 -10.00 -16.52 57.24
N PHE D 140 -11.09 -15.79 57.43
CA PHE D 140 -11.38 -14.50 56.77
C PHE D 140 -11.90 -14.53 55.32
N LYS D 141 -12.15 -15.70 54.77
CA LYS D 141 -12.83 -15.77 53.47
C LYS D 141 -14.10 -14.91 53.48
N THR D 142 -14.20 -13.94 52.57
CA THR D 142 -15.28 -12.94 52.61
C THR D 142 -16.17 -13.02 51.35
N ARG D 143 -17.48 -12.96 51.56
CA ARG D 143 -18.43 -12.89 50.47
C ARG D 143 -19.41 -11.76 50.72
N VAL D 144 -19.47 -10.83 49.77
CA VAL D 144 -20.38 -9.69 49.80
C VAL D 144 -21.46 -9.96 48.73
N THR D 145 -22.71 -10.03 49.20
CA THR D 145 -23.89 -10.34 48.37
C THR D 145 -24.85 -9.16 48.30
N ARG D 146 -25.31 -8.86 47.10
CA ARG D 146 -26.33 -7.84 46.89
C ARG D 146 -27.69 -8.41 47.22
N LYS D 147 -28.40 -7.80 48.16
CA LYS D 147 -29.68 -8.33 48.62
C LYS D 147 -30.77 -8.42 47.55
N SER D 148 -30.86 -7.40 46.69
CA SER D 148 -31.90 -7.34 45.64
C SER D 148 -31.96 -8.60 44.74
N ASP D 149 -30.82 -9.04 44.21
CA ASP D 149 -30.77 -10.21 43.33
C ASP D 149 -29.92 -11.38 43.86
N GLY D 150 -29.45 -11.29 45.09
CA GLY D 150 -28.62 -12.35 45.67
C GLY D 150 -27.34 -12.60 44.89
N LYS D 151 -26.79 -11.55 44.29
CA LYS D 151 -25.61 -11.66 43.45
C LYS D 151 -24.37 -11.40 44.26
N VAL D 152 -23.39 -12.29 44.13
CA VAL D 152 -22.10 -12.09 44.78
C VAL D 152 -21.35 -11.00 44.04
N ILE D 153 -20.99 -9.96 44.76
CA ILE D 153 -20.40 -8.78 44.17
C ILE D 153 -18.89 -8.70 44.45
N MET D 154 -18.46 -9.21 45.60
CA MET D 154 -17.05 -9.23 45.93
C MET D 154 -16.62 -10.43 46.80
N GLU D 155 -15.60 -11.13 46.32
CA GLU D 155 -14.97 -12.22 47.05
C GLU D 155 -13.48 -11.96 47.18
N ASN D 156 -12.94 -12.11 48.37
CA ASN D 156 -11.49 -12.12 48.48
C ASN D 156 -10.87 -13.47 48.08
N ASP D 157 -9.55 -13.52 48.10
CA ASP D 157 -8.80 -14.67 47.61
C ASP D 157 -8.31 -15.62 48.70
N GLU D 158 -8.49 -16.92 48.42
CA GLU D 158 -7.92 -18.03 49.20
C GLU D 158 -6.88 -18.78 48.39
N VAL D 159 -5.78 -19.14 49.03
CA VAL D 159 -4.81 -20.02 48.41
C VAL D 159 -4.70 -21.34 49.21
N GLY D 160 -4.78 -22.46 48.49
CA GLY D 160 -4.65 -23.78 49.09
C GLY D 160 -3.23 -24.09 49.50
N THR D 161 -3.06 -24.84 50.59
CA THR D 161 -1.75 -25.39 50.93
C THR D 161 -1.82 -26.91 50.78
N ALA D 162 -0.70 -27.59 51.07
CA ALA D 162 -0.63 -29.05 50.91
C ALA D 162 -1.70 -29.79 51.70
N SER D 163 -1.79 -29.52 53.00
CA SER D 163 -2.66 -30.31 53.88
C SER D 163 -3.09 -29.52 55.11
N SER D 164 -2.85 -28.22 55.07
CA SER D 164 -3.14 -27.38 56.22
C SER D 164 -4.40 -26.51 56.04
N GLY D 165 -5.14 -26.74 54.95
CA GLY D 165 -6.35 -25.99 54.67
C GLY D 165 -6.07 -24.69 53.94
N ASN D 166 -7.13 -24.04 53.46
CA ASN D 166 -6.97 -22.81 52.69
C ASN D 166 -6.63 -21.60 53.55
N LYS D 167 -5.75 -20.75 53.02
CA LYS D 167 -5.40 -19.50 53.67
C LYS D 167 -5.90 -18.33 52.86
N CYS D 168 -6.49 -17.35 53.55
CA CYS D 168 -7.08 -16.17 52.93
C CYS D 168 -6.06 -15.06 52.68
N ARG D 169 -5.86 -14.80 51.40
CA ARG D 169 -4.95 -13.77 50.94
C ARG D 169 -5.68 -12.43 50.88
N GLY D 170 -6.83 -12.36 51.56
CA GLY D 170 -7.52 -11.11 51.78
C GLY D 170 -6.76 -10.37 52.87
N LEU D 171 -6.09 -11.14 53.72
CA LEU D 171 -5.24 -10.56 54.77
C LEU D 171 -3.81 -11.10 54.65
N MET D 172 -2.87 -10.24 54.25
CA MET D 172 -1.48 -10.69 54.10
C MET D 172 -0.44 -9.73 54.69
N PHE D 173 0.60 -10.28 55.28
CA PHE D 173 1.78 -9.49 55.63
C PHE D 173 3.01 -10.37 55.57
N VAL D 174 4.15 -9.75 55.28
CA VAL D 174 5.44 -10.44 55.22
C VAL D 174 5.90 -10.68 56.63
N ASP D 175 6.48 -11.86 56.85
CA ASP D 175 7.12 -12.20 58.10
C ASP D 175 8.06 -11.07 58.47
N ARG D 176 7.91 -10.56 59.69
CA ARG D 176 8.74 -9.46 60.20
C ARG D 176 10.21 -9.82 60.44
N LEU D 177 10.57 -11.10 60.27
CA LEU D 177 11.98 -11.49 60.28
C LEU D 177 12.65 -11.09 58.96
N TYR D 178 11.84 -10.95 57.91
CA TYR D 178 12.30 -10.68 56.54
C TYR D 178 11.82 -9.35 55.93
N GLY D 179 10.64 -8.86 56.33
CA GLY D 179 10.03 -7.71 55.66
C GLY D 179 9.10 -6.86 56.51
N ASN D 180 8.41 -5.95 55.84
CA ASN D 180 7.44 -5.09 56.51
C ASN D 180 6.20 -4.90 55.65
N ALA D 181 6.16 -5.55 54.51
CA ALA D 181 5.04 -5.32 53.60
C ALA D 181 3.77 -5.97 54.14
N ILE D 182 2.66 -5.56 53.52
CA ILE D 182 1.31 -6.00 53.80
C ILE D 182 0.65 -6.04 52.41
N ALA D 183 -0.51 -6.67 52.25
CA ALA D 183 -1.21 -6.73 50.97
C ALA D 183 -2.57 -7.37 51.14
N SER D 184 -3.45 -7.29 50.12
CA SER D 184 -4.78 -7.85 50.24
C SER D 184 -5.33 -8.21 48.87
N VAL D 185 -5.87 -9.43 48.74
CA VAL D 185 -6.19 -9.98 47.43
C VAL D 185 -7.65 -10.39 47.31
N ASN D 186 -8.26 -10.00 46.19
CA ASN D 186 -9.65 -10.30 45.83
C ASN D 186 -9.68 -11.11 44.55
N LYS D 187 -10.77 -11.84 44.34
CA LYS D 187 -11.05 -12.39 43.02
C LYS D 187 -11.39 -11.24 42.10
N ASN D 188 -10.88 -11.36 40.87
CA ASN D 188 -10.92 -10.35 39.86
C ASN D 188 -11.57 -11.01 38.69
N PHE D 189 -12.74 -10.52 38.32
CA PHE D 189 -13.59 -11.16 37.32
C PHE D 189 -13.45 -10.44 36.00
N ARG D 190 -12.30 -9.78 35.83
CA ARG D 190 -11.99 -9.09 34.58
C ARG D 190 -12.35 -9.98 33.38
N ASN D 191 -12.11 -11.29 33.51
CA ASN D 191 -12.22 -12.22 32.39
C ASN D 191 -13.55 -12.98 32.27
N ASP D 192 -14.49 -12.75 33.18
CA ASP D 192 -15.81 -13.39 33.09
C ASP D 192 -16.64 -12.89 31.88
N ALA D 193 -17.24 -13.81 31.14
CA ALA D 193 -17.97 -13.45 29.90
C ALA D 193 -19.04 -12.37 30.12
N VAL D 194 -19.66 -12.39 31.31
CA VAL D 194 -20.78 -11.53 31.65
C VAL D 194 -20.30 -10.33 32.51
N LYS D 195 -19.58 -10.62 33.59
CA LYS D 195 -19.13 -9.57 34.49
C LYS D 195 -18.21 -8.55 33.82
N GLN D 196 -17.16 -9.02 33.15
CA GLN D 196 -16.19 -8.15 32.44
C GLN D 196 -15.68 -7.00 33.33
N GLU D 197 -15.35 -7.34 34.57
CA GLU D 197 -14.89 -6.35 35.56
C GLU D 197 -13.85 -5.37 35.06
N GLY D 198 -14.19 -4.09 35.12
CA GLY D 198 -13.30 -3.02 34.71
C GLY D 198 -12.86 -2.37 35.99
N PHE D 199 -11.62 -1.91 36.01
CA PHE D 199 -11.06 -1.21 37.17
C PHE D 199 -10.76 0.22 36.74
N TYR D 200 -11.03 1.19 37.63
CA TYR D 200 -10.91 2.63 37.34
C TYR D 200 -10.33 3.43 38.50
N GLY D 201 -9.86 4.63 38.22
CA GLY D 201 -9.38 5.51 39.31
C GLY D 201 -7.88 5.65 39.35
N ALA D 202 -7.30 5.50 40.54
CA ALA D 202 -5.83 5.49 40.71
C ALA D 202 -5.11 6.79 40.37
N GLY D 203 -5.72 7.92 40.71
CA GLY D 203 -5.07 9.23 40.55
C GLY D 203 -4.61 9.55 39.13
N GLU D 204 -3.31 9.57 38.92
CA GLU D 204 -2.72 10.21 37.73
C GLU D 204 -1.96 9.27 36.80
N VAL D 205 -2.12 7.97 36.98
CA VAL D 205 -1.34 7.00 36.28
C VAL D 205 -1.73 7.13 34.82
N ASN D 206 -0.75 7.00 33.92
CA ASN D 206 -0.97 6.92 32.48
C ASN D 206 -0.84 5.48 31.99
N CYS D 207 -1.55 5.10 30.95
CA CYS D 207 -1.46 3.76 30.43
C CYS D 207 -1.66 3.88 28.93
N LYS D 208 -0.66 3.43 28.17
CA LYS D 208 -0.71 3.39 26.69
C LYS D 208 -1.31 2.07 26.20
N TYR D 209 -2.14 2.12 25.17
CA TYR D 209 -2.57 0.92 24.48
C TYR D 209 -2.38 1.15 22.99
N GLN D 210 -1.34 0.49 22.47
CA GLN D 210 -0.84 0.72 21.12
C GLN D 210 -0.35 2.16 20.97
N ASP D 211 -1.09 2.99 20.24
CA ASP D 211 -0.67 4.37 20.06
C ASP D 211 -1.35 5.35 21.00
N THR D 212 -2.37 4.89 21.71
CA THR D 212 -3.32 5.76 22.39
C THR D 212 -3.31 5.56 23.90
N TYR D 213 -3.30 6.67 24.64
CA TYR D 213 -3.41 6.62 26.10
C TYR D 213 -4.88 6.45 26.52
N ILE D 214 -5.09 5.73 27.61
CA ILE D 214 -6.44 5.23 27.91
C ILE D 214 -6.89 5.56 29.30
N LEU D 215 -8.21 5.47 29.46
CA LEU D 215 -8.85 5.68 30.75
C LEU D 215 -8.76 4.47 31.68
N GLU D 216 -9.24 3.32 31.19
CA GLU D 216 -9.40 2.13 32.06
C GLU D 216 -8.09 1.69 32.70
N ARG D 217 -8.18 1.00 33.81
CA ARG D 217 -6.96 0.69 34.54
C ARG D 217 -6.88 -0.80 34.92
N THR D 218 -7.28 -1.67 33.99
CA THR D 218 -7.29 -3.10 34.30
C THR D 218 -6.21 -3.94 33.62
N GLY D 219 -5.76 -4.96 34.33
CA GLY D 219 -4.70 -5.85 33.84
C GLY D 219 -3.31 -5.21 33.87
N ILE D 220 -3.00 -4.49 34.97
CA ILE D 220 -1.76 -3.69 35.08
C ILE D 220 -1.25 -3.57 36.55
N ALA D 221 0.06 -3.40 36.74
CA ALA D 221 0.62 -3.22 38.07
C ALA D 221 1.04 -1.75 38.27
N MET D 222 0.35 -1.08 39.18
CA MET D 222 0.51 0.33 39.42
C MET D 222 1.13 0.44 40.81
N THR D 223 1.73 1.58 41.09
CA THR D 223 2.30 1.85 42.39
C THR D 223 2.10 3.35 42.62
N ASN D 224 1.95 3.74 43.89
CA ASN D 224 1.88 5.12 44.26
C ASN D 224 3.17 5.41 44.98
N TYR D 225 4.00 6.24 44.35
CA TYR D 225 5.31 6.57 44.91
C TYR D 225 5.58 7.98 44.44
N ASN D 226 4.96 8.94 45.11
CA ASN D 226 5.02 10.35 44.71
C ASN D 226 6.39 10.73 44.18
N TYR D 227 6.44 11.07 42.90
CA TYR D 227 7.71 11.32 42.26
C TYR D 227 7.78 12.65 41.52
N ASP D 228 8.96 13.27 41.57
CA ASP D 228 9.32 14.42 40.74
C ASP D 228 9.47 13.95 39.29
N ASN D 229 8.35 13.58 38.69
CA ASN D 229 8.38 12.82 37.48
C ASN D 229 8.13 13.67 36.24
N LEU D 230 9.13 14.51 35.89
CA LEU D 230 9.05 15.37 34.71
C LEU D 230 8.81 14.58 33.42
N ASN D 231 7.85 15.03 32.62
CA ASN D 231 7.42 14.36 31.37
C ASN D 231 6.66 13.03 31.56
N TYR D 232 6.56 12.63 32.82
CA TYR D 232 5.86 11.43 33.33
C TYR D 232 6.65 10.11 33.12
N ASN D 233 7.90 10.22 32.65
CA ASN D 233 8.64 9.08 32.14
C ASN D 233 10.11 9.11 32.54
N GLN D 234 10.39 9.60 33.75
CA GLN D 234 11.78 9.80 34.17
C GLN D 234 12.60 8.52 34.08
N TRP D 235 13.90 8.72 33.84
CA TRP D 235 14.82 7.65 33.53
C TRP D 235 15.04 6.71 34.72
N ASP D 236 15.36 7.26 35.89
CA ASP D 236 15.56 6.40 37.06
C ASP D 236 14.34 5.56 37.45
N LEU D 237 13.23 5.71 36.73
CA LEU D 237 12.01 4.93 36.96
C LEU D 237 11.75 3.81 35.94
N ARG D 238 12.78 3.44 35.19
CA ARG D 238 12.67 2.40 34.17
C ARG D 238 12.66 1.00 34.81
N PRO D 239 11.95 0.04 34.18
CA PRO D 239 11.99 -1.36 34.60
C PRO D 239 13.40 -1.94 34.48
N PRO D 240 13.71 -3.02 35.24
CA PRO D 240 15.03 -3.63 35.15
C PRO D 240 15.44 -3.93 33.72
N HIS D 241 16.66 -3.51 33.36
CA HIS D 241 17.31 -3.79 32.08
C HIS D 241 16.56 -3.23 30.90
N HIS D 242 15.90 -2.10 31.10
CA HIS D 242 15.08 -1.49 30.07
C HIS D 242 15.97 -0.77 29.06
N ASP D 243 15.73 -1.04 27.78
CA ASP D 243 16.53 -0.46 26.72
C ASP D 243 15.70 0.48 25.84
N GLY D 244 16.31 1.61 25.50
CA GLY D 244 15.66 2.61 24.66
C GLY D 244 14.75 3.53 25.45
N ALA D 245 13.92 4.29 24.72
CA ALA D 245 12.99 5.24 25.31
C ALA D 245 12.11 4.60 26.38
N LEU D 246 11.92 5.33 27.48
CA LEU D 246 10.90 5.02 28.45
C LEU D 246 9.74 5.95 28.14
N ASN D 247 8.65 5.37 27.64
CA ASN D 247 7.40 6.09 27.49
C ASN D 247 6.68 6.17 28.85
N PRO D 248 5.87 7.23 29.07
CA PRO D 248 5.03 7.21 30.28
C PRO D 248 4.02 6.05 30.16
N ASP D 249 3.81 5.33 31.25
CA ASP D 249 2.98 4.11 31.21
C ASP D 249 2.64 3.66 32.62
N TYR D 250 1.79 2.62 32.67
CA TYR D 250 1.09 2.25 33.88
C TYR D 250 1.96 1.90 35.10
N TYR D 251 3.22 1.51 34.85
CA TYR D 251 4.13 1.02 35.90
C TYR D 251 5.02 2.12 36.42
N ILE D 252 4.73 3.36 36.03
CA ILE D 252 5.46 4.54 36.49
C ILE D 252 4.58 5.38 37.42
N PRO D 253 5.07 5.65 38.64
CA PRO D 253 4.28 6.43 39.58
C PRO D 253 4.20 7.89 39.12
N MET D 254 3.21 8.62 39.64
CA MET D 254 3.07 10.06 39.38
C MET D 254 3.26 10.91 40.64
N TYR D 255 2.68 12.12 40.68
CA TYR D 255 2.90 13.06 41.81
C TYR D 255 1.80 12.92 42.87
N TYR D 256 0.68 12.31 42.48
CA TYR D 256 -0.46 12.07 43.38
C TYR D 256 -0.53 10.62 43.83
N ALA D 257 -0.73 10.41 45.14
CA ALA D 257 -0.84 9.07 45.69
C ALA D 257 -2.32 8.74 45.89
N ALA D 258 -2.86 7.85 45.04
CA ALA D 258 -4.26 7.45 45.03
C ALA D 258 -4.42 5.92 45.00
N PRO D 259 -4.24 5.25 46.15
CA PRO D 259 -4.43 3.80 46.21
C PRO D 259 -5.92 3.52 46.30
N TRP D 260 -6.58 3.58 45.14
CA TRP D 260 -7.98 3.74 45.05
C TRP D 260 -8.42 3.28 43.68
N LEU D 261 -9.27 2.25 43.66
CA LEU D 261 -9.86 1.81 42.41
C LEU D 261 -11.34 1.65 42.59
N ILE D 262 -12.08 1.81 41.48
CA ILE D 262 -13.50 1.55 41.43
C ILE D 262 -13.77 0.42 40.45
N VAL D 263 -14.34 -0.68 40.96
CA VAL D 263 -14.64 -1.82 40.16
C VAL D 263 -16.03 -1.65 39.63
N ASN D 264 -16.23 -1.92 38.34
CA ASN D 264 -17.50 -1.82 37.64
C ASN D 264 -17.69 -3.09 36.84
N GLY D 265 -18.80 -3.79 37.10
CA GLY D 265 -19.08 -5.07 36.50
C GLY D 265 -20.47 -5.08 35.89
N CYS D 266 -20.69 -6.00 34.98
CA CYS D 266 -21.95 -6.08 34.26
C CYS D 266 -22.35 -4.67 33.80
N ALA D 267 -21.40 -3.96 33.20
CA ALA D 267 -21.59 -2.55 32.84
C ALA D 267 -22.69 -2.39 31.80
N GLY D 268 -23.54 -1.39 32.01
CA GLY D 268 -24.61 -1.05 31.09
C GLY D 268 -25.84 -1.92 31.15
N THR D 269 -25.88 -2.85 32.10
CA THR D 269 -27.07 -3.70 32.30
C THR D 269 -27.75 -3.29 33.59
N SER D 270 -28.99 -3.75 33.75
CA SER D 270 -29.71 -3.55 35.00
C SER D 270 -28.99 -4.18 36.21
N GLU D 271 -28.18 -5.22 35.97
CA GLU D 271 -27.51 -5.95 37.04
C GLU D 271 -26.14 -5.37 37.38
N GLN D 272 -25.85 -4.18 36.85
CA GLN D 272 -24.58 -3.49 37.04
C GLN D 272 -24.24 -3.34 38.52
N TYR D 273 -22.96 -3.47 38.84
CA TYR D 273 -22.51 -3.29 40.20
C TYR D 273 -21.23 -2.50 40.19
N SER D 274 -21.06 -1.66 41.19
CA SER D 274 -19.86 -0.84 41.28
C SER D 274 -19.47 -0.76 42.71
N TYR D 275 -18.16 -0.79 42.97
CA TYR D 275 -17.61 -0.50 44.30
C TYR D 275 -16.18 -0.03 44.23
N GLY D 276 -15.81 0.82 45.16
CA GLY D 276 -14.47 1.37 45.22
C GLY D 276 -13.70 0.60 46.27
N TRP D 277 -12.38 0.64 46.19
CA TRP D 277 -11.48 -0.09 47.08
C TRP D 277 -10.40 0.91 47.44
N PHE D 278 -10.28 1.22 48.71
CA PHE D 278 -9.28 2.16 49.19
C PHE D 278 -8.41 1.48 50.22
N MET D 279 -7.11 1.43 49.95
CA MET D 279 -6.18 1.04 50.97
C MET D 279 -5.55 2.32 51.46
N ASP D 280 -5.87 2.65 52.71
CA ASP D 280 -5.41 3.86 53.32
C ASP D 280 -4.02 3.62 53.86
N ASN D 281 -3.03 3.83 53.01
CA ASN D 281 -1.61 3.66 53.37
C ASN D 281 -0.78 4.77 52.72
N VAL D 282 0.10 5.37 53.50
CA VAL D 282 0.96 6.46 52.99
C VAL D 282 2.43 6.08 52.73
N SER D 283 2.79 4.83 52.97
CA SER D 283 4.06 4.31 52.46
C SER D 283 3.87 3.98 50.97
N GLN D 284 4.94 3.58 50.29
CA GLN D 284 4.80 3.12 48.93
C GLN D 284 3.77 1.99 48.92
N SER D 285 2.78 2.12 48.03
CA SER D 285 1.59 1.27 47.94
C SER D 285 1.41 0.85 46.48
N TYR D 286 0.60 -0.18 46.23
CA TYR D 286 0.53 -0.87 44.92
C TYR D 286 -0.90 -1.25 44.56
N MET D 287 -1.21 -1.26 43.26
CA MET D 287 -2.48 -1.79 42.78
C MET D 287 -2.25 -2.61 41.53
N ASN D 288 -2.59 -3.89 41.63
CA ASN D 288 -2.44 -4.84 40.55
C ASN D 288 -3.82 -5.36 40.18
N THR D 289 -4.21 -5.10 38.94
CA THR D 289 -5.54 -5.45 38.45
C THR D 289 -5.51 -6.61 37.44
N GLY D 290 -4.60 -7.55 37.68
CA GLY D 290 -4.52 -8.80 36.94
C GLY D 290 -3.47 -8.82 35.84
N ASP D 291 -2.29 -8.25 36.15
CA ASP D 291 -1.20 -8.16 35.17
C ASP D 291 -0.13 -9.22 35.48
N THR D 292 0.12 -10.09 34.49
CA THR D 292 1.10 -11.16 34.64
C THR D 292 2.54 -10.69 34.33
N THR D 293 2.67 -9.53 33.69
CA THR D 293 3.98 -8.93 33.37
C THR D 293 4.84 -8.99 34.63
N TRP D 294 6.10 -9.43 34.49
CA TRP D 294 7.05 -9.63 35.63
C TRP D 294 6.57 -10.64 36.65
N ASN D 295 5.57 -11.41 36.27
CA ASN D 295 4.87 -12.30 37.18
C ASN D 295 4.41 -11.56 38.47
N SER D 296 4.01 -10.29 38.31
CA SER D 296 3.56 -9.44 39.43
C SER D 296 2.17 -9.82 39.95
N GLY D 297 1.31 -10.27 39.04
CA GLY D 297 -0.03 -10.72 39.42
C GLY D 297 -0.59 -11.77 38.47
N GLN D 298 -1.84 -12.14 38.69
CA GLN D 298 -2.48 -13.17 37.87
C GLN D 298 -3.74 -12.60 37.24
N GLU D 299 -4.02 -12.99 36.00
CA GLU D 299 -5.17 -12.50 35.24
C GLU D 299 -6.46 -12.42 36.05
N ASP D 300 -6.77 -13.48 36.79
CA ASP D 300 -8.01 -13.57 37.55
C ASP D 300 -7.90 -13.14 39.04
N LEU D 301 -6.87 -12.38 39.38
CA LEU D 301 -6.81 -11.79 40.72
C LEU D 301 -6.49 -10.28 40.66
N ALA D 302 -6.80 -9.56 41.73
CA ALA D 302 -6.45 -8.16 41.87
C ALA D 302 -6.01 -7.96 43.30
N TYR D 303 -5.04 -7.06 43.53
CA TYR D 303 -4.59 -6.80 44.85
C TYR D 303 -4.14 -5.36 45.11
N MET D 304 -4.13 -5.01 46.38
CA MET D 304 -3.49 -3.82 46.83
C MET D 304 -2.49 -4.21 47.92
N GLY D 305 -1.47 -3.39 48.09
CA GLY D 305 -0.47 -3.68 49.11
C GLY D 305 0.42 -2.49 49.26
N ALA D 306 1.36 -2.58 50.19
CA ALA D 306 2.23 -1.48 50.48
C ALA D 306 3.48 -1.96 51.19
N GLN D 307 4.55 -1.20 51.09
CA GLN D 307 5.86 -1.60 51.62
C GLN D 307 5.85 -1.69 53.13
N TYR D 308 4.93 -0.97 53.75
CA TYR D 308 4.90 -0.85 55.21
C TYR D 308 3.47 -0.85 55.73
N GLY D 309 3.35 -1.19 57.02
CA GLY D 309 2.06 -1.16 57.69
C GLY D 309 1.66 0.25 58.03
N PRO D 310 0.42 0.43 58.52
CA PRO D 310 -0.43 -0.67 58.93
C PRO D 310 -1.42 -1.00 57.85
N PHE D 311 -2.30 -1.96 58.16
CA PHE D 311 -3.29 -2.49 57.21
C PHE D 311 -4.59 -1.80 57.54
N ASP D 312 -5.06 -0.98 56.61
CA ASP D 312 -6.30 -0.28 56.79
C ASP D 312 -6.93 -0.11 55.45
N GLN D 313 -8.13 -0.66 55.30
CA GLN D 313 -8.73 -0.78 54.01
C GLN D 313 -10.25 -0.65 54.11
N HIS D 314 -10.87 -0.10 53.04
CA HIS D 314 -12.28 0.30 53.02
C HIS D 314 -12.88 -0.20 51.73
N PHE D 315 -14.09 -0.70 51.79
CA PHE D 315 -14.84 -1.02 50.56
C PHE D 315 -16.12 -0.22 50.60
N VAL D 316 -16.51 0.31 49.44
CA VAL D 316 -17.47 1.42 49.37
C VAL D 316 -18.32 1.18 48.12
N TYR D 317 -19.56 0.70 48.32
CA TYR D 317 -20.39 0.29 47.20
CA TYR D 317 -20.42 0.29 47.20
C TYR D 317 -21.31 1.42 46.69
N GLY D 318 -21.55 2.41 47.55
CA GLY D 318 -22.37 3.58 47.20
C GLY D 318 -23.80 3.40 47.66
N ALA D 319 -24.54 4.50 47.69
CA ALA D 319 -25.95 4.43 48.05
C ALA D 319 -26.80 3.97 46.87
N GLY D 320 -26.46 4.44 45.68
CA GLY D 320 -27.33 4.21 44.52
C GLY D 320 -26.72 3.23 43.54
N GLY D 321 -27.12 3.32 42.28
CA GLY D 321 -26.49 2.53 41.23
C GLY D 321 -25.51 3.38 40.43
N GLY D 322 -24.45 2.76 39.90
CA GLY D 322 -23.51 3.47 39.02
C GLY D 322 -22.26 3.93 39.74
N MET D 323 -21.21 4.22 38.96
CA MET D 323 -19.88 4.55 39.45
C MET D 323 -19.76 5.84 40.25
N GLU D 324 -20.49 6.87 39.85
CA GLU D 324 -20.50 8.15 40.60
C GLU D 324 -20.91 8.00 42.06
N CSO D 325 -21.92 7.15 42.29
CA CSO D 325 -22.36 6.84 43.67
CB CSO D 325 -23.57 5.89 43.65
SG CSO D 325 -25.00 6.73 42.89
C CSO D 325 -21.23 6.34 44.58
O CSO D 325 -21.28 6.53 45.78
OD CSO D 325 -24.81 8.53 42.92
N VAL D 326 -20.20 5.76 43.98
CA VAL D 326 -19.01 5.33 44.70
C VAL D 326 -18.13 6.53 45.12
N VAL D 327 -17.97 7.48 44.21
CA VAL D 327 -17.17 8.68 44.46
C VAL D 327 -17.82 9.50 45.56
N THR D 328 -19.13 9.74 45.43
CA THR D 328 -19.87 10.49 46.48
C THR D 328 -19.81 9.84 47.87
N ALA D 329 -19.98 8.52 47.91
CA ALA D 329 -19.86 7.76 49.14
C ALA D 329 -18.45 7.79 49.73
N PHE D 330 -17.42 7.71 48.88
CA PHE D 330 -16.02 7.87 49.34
C PHE D 330 -15.80 9.28 49.91
N SER D 331 -16.33 10.25 49.18
CA SER D 331 -16.24 11.66 49.56
C SER D 331 -16.86 11.91 50.94
N LEU D 332 -17.98 11.24 51.22
CA LEU D 332 -18.64 11.31 52.55
C LEU D 332 -17.79 10.78 53.71
N LEU D 333 -17.06 9.69 53.47
CA LEU D 333 -16.16 9.09 54.47
C LEU D 333 -15.02 10.02 54.86
N GLN D 334 -14.64 10.87 53.91
CA GLN D 334 -13.58 11.86 54.10
C GLN D 334 -14.19 13.20 54.50
N GLY D 335 -15.53 13.23 54.50
CA GLY D 335 -16.30 14.45 54.72
C GLY D 335 -15.98 15.28 55.94
N LYS D 336 -16.54 16.49 55.96
CA LYS D 336 -16.29 17.44 57.04
C LYS D 336 -17.56 17.81 57.81
N GLU D 337 -18.64 17.06 57.57
CA GLU D 337 -19.88 17.16 58.34
C GLU D 337 -19.67 17.18 59.87
N PHE D 338 -18.74 16.40 60.41
CA PHE D 338 -18.47 16.42 61.87
C PHE D 338 -18.13 17.85 62.35
N GLU D 339 -17.65 18.68 61.43
CA GLU D 339 -17.28 20.06 61.77
C GLU D 339 -18.40 21.07 61.53
N ASN D 340 -19.53 20.59 61.05
CA ASN D 340 -20.68 21.44 60.76
C ASN D 340 -20.32 22.51 59.74
N GLN D 341 -19.56 22.12 58.72
CA GLN D 341 -19.33 22.96 57.56
C GLN D 341 -20.69 23.24 56.92
N VAL D 342 -21.03 24.52 56.75
CA VAL D 342 -22.27 24.86 56.07
C VAL D 342 -22.12 24.66 54.58
N LEU D 343 -20.88 24.74 54.08
CA LEU D 343 -20.62 24.71 52.65
C LEU D 343 -19.58 23.67 52.22
N ASN D 344 -18.42 23.73 52.85
CA ASN D 344 -17.30 22.90 52.46
C ASN D 344 -17.40 21.51 53.05
N LYS D 345 -18.39 20.73 52.58
CA LYS D 345 -18.64 19.45 53.21
C LYS D 345 -17.61 18.44 52.76
N ARG D 346 -17.55 18.25 51.44
CA ARG D 346 -16.74 17.23 50.80
C ARG D 346 -15.41 17.77 50.28
N SER D 347 -15.29 19.09 50.17
CA SER D 347 -14.11 19.75 49.62
C SER D 347 -14.26 21.26 49.84
N VAL D 348 -13.19 22.02 49.63
CA VAL D 348 -13.24 23.47 49.77
C VAL D 348 -13.57 24.13 48.44
N MET D 349 -14.51 25.07 48.50
CA MET D 349 -14.85 25.90 47.36
C MET D 349 -13.74 26.88 47.08
N PRO D 350 -13.42 27.09 45.79
CA PRO D 350 -12.40 28.07 45.43
C PRO D 350 -13.07 29.42 45.21
N PRO D 351 -12.28 30.50 45.02
CA PRO D 351 -12.84 31.70 44.44
C PRO D 351 -13.31 31.42 43.01
N LYS D 352 -14.38 32.08 42.57
CA LYS D 352 -14.81 32.00 41.17
C LYS D 352 -13.62 32.14 40.20
N TYR D 353 -12.67 33.01 40.54
CA TYR D 353 -11.58 33.36 39.63
C TYR D 353 -10.66 32.18 39.29
N VAL D 354 -10.60 31.19 40.19
CA VAL D 354 -9.83 29.96 39.93
C VAL D 354 -10.29 29.28 38.62
N PHE D 355 -11.50 29.59 38.20
CA PHE D 355 -11.99 29.00 36.95
C PHE D 355 -11.65 29.86 35.74
N GLY D 356 -10.74 30.81 35.92
CA GLY D 356 -10.30 31.66 34.85
C GLY D 356 -9.15 31.05 34.08
N PHE D 357 -8.82 31.65 32.96
CA PHE D 357 -7.68 31.26 32.16
C PHE D 357 -6.43 31.96 32.65
N PHE D 358 -5.45 31.17 33.09
CA PHE D 358 -4.19 31.73 33.57
C PHE D 358 -3.07 31.48 32.56
N GLN D 359 -2.15 32.42 32.45
CA GLN D 359 -0.89 32.23 31.75
C GLN D 359 0.22 32.12 32.80
N GLY D 360 0.99 31.04 32.75
CA GLY D 360 2.23 30.96 33.52
C GLY D 360 3.43 30.89 32.58
N VAL D 361 4.59 31.30 33.09
CA VAL D 361 5.84 31.29 32.34
C VAL D 361 7.03 31.07 33.31
N PHE D 362 7.79 30.01 33.07
CA PHE D 362 9.09 29.87 33.71
C PHE D 362 10.13 30.50 32.77
N GLY D 363 10.45 31.77 33.02
CA GLY D 363 11.37 32.52 32.17
C GLY D 363 11.00 33.98 31.96
N THR D 364 10.40 34.60 32.97
CA THR D 364 10.11 36.03 32.96
C THR D 364 11.25 36.68 33.71
N SER D 365 11.59 37.92 33.36
CA SER D 365 12.75 38.61 33.94
C SER D 365 12.40 39.89 34.70
N SER D 366 11.19 40.39 34.44
CA SER D 366 10.69 41.57 35.12
C SER D 366 9.17 41.72 35.09
N LEU D 367 8.70 42.69 35.85
CA LEU D 367 7.35 43.17 35.77
C LEU D 367 7.17 43.97 34.47
N LEU D 368 7.83 45.11 34.38
CA LEU D 368 7.65 46.03 33.26
C LEU D 368 8.75 45.87 32.24
N ARG D 369 8.45 46.17 30.98
CA ARG D 369 9.47 46.20 29.94
C ARG D 369 10.62 47.16 30.28
N ALA D 370 10.28 48.31 30.86
CA ALA D 370 11.27 49.35 31.10
C ALA D 370 12.24 48.99 32.24
N HIS D 371 12.04 47.84 32.87
CA HIS D 371 13.04 47.32 33.82
C HIS D 371 13.52 45.91 33.51
N MET D 372 13.22 45.44 32.30
CA MET D 372 13.63 44.11 31.87
C MET D 372 15.09 44.13 31.45
N PRO D 373 15.95 43.34 32.14
CA PRO D 373 17.32 43.19 31.65
C PRO D 373 17.39 42.71 30.19
N ALA D 374 18.42 43.14 29.46
CA ALA D 374 18.72 42.64 28.14
C ALA D 374 19.02 41.14 28.20
N GLY D 375 18.49 40.39 27.24
CA GLY D 375 18.76 38.95 27.13
C GLY D 375 18.01 38.31 25.97
N GLU D 376 18.62 37.34 25.31
CA GLU D 376 17.93 36.75 24.16
C GLU D 376 16.61 36.11 24.61
N ASN D 377 15.53 36.50 23.93
CA ASN D 377 14.16 36.00 24.18
C ASN D 377 13.53 36.41 25.50
N ASN D 378 14.21 37.24 26.30
CA ASN D 378 13.65 37.71 27.57
C ASN D 378 12.28 38.34 27.39
N ILE D 379 11.48 38.26 28.45
CA ILE D 379 10.09 38.74 28.45
C ILE D 379 9.75 39.32 29.82
N SER D 380 8.90 40.35 29.81
CA SER D 380 8.36 40.97 31.01
C SER D 380 6.93 40.48 31.16
N VAL D 381 6.46 40.47 32.40
CA VAL D 381 5.05 40.19 32.71
C VAL D 381 4.16 41.14 31.91
N GLU D 382 4.57 42.42 31.91
CA GLU D 382 3.85 43.46 31.17
C GLU D 382 3.55 43.04 29.74
N GLU D 383 4.56 42.54 29.01
CA GLU D 383 4.38 42.11 27.62
C GLU D 383 3.31 41.04 27.47
N ILE D 384 3.23 40.13 28.44
CA ILE D 384 2.25 39.02 28.42
C ILE D 384 0.82 39.56 28.58
N VAL D 385 0.63 40.37 29.62
CA VAL D 385 -0.64 41.02 29.89
C VAL D 385 -1.13 41.80 28.66
N GLU D 386 -0.21 42.59 28.10
CA GLU D 386 -0.47 43.35 26.87
C GLU D 386 -0.96 42.45 25.76
N GLY D 387 -0.26 41.33 25.56
CA GLY D 387 -0.56 40.40 24.49
C GLY D 387 -1.98 39.88 24.57
N TYR D 388 -2.37 39.46 25.76
CA TYR D 388 -3.69 38.93 26.02
C TYR D 388 -4.75 40.04 25.96
N GLN D 389 -4.50 41.13 26.69
CA GLN D 389 -5.50 42.21 26.80
C GLN D 389 -5.70 43.01 25.52
N ASN D 390 -4.62 43.48 24.88
CA ASN D 390 -4.76 44.20 23.60
C ASN D 390 -5.47 43.36 22.55
N ASN D 391 -5.47 42.04 22.74
CA ASN D 391 -6.11 41.12 21.78
C ASN D 391 -7.50 40.60 22.15
N ASN D 392 -8.06 41.14 23.23
CA ASN D 392 -9.40 40.79 23.71
C ASN D 392 -9.54 39.30 24.07
N PHE D 393 -8.58 38.79 24.82
CA PHE D 393 -8.70 37.45 25.38
C PHE D 393 -9.34 37.56 26.74
N PRO D 394 -10.36 36.71 27.02
CA PRO D 394 -10.77 36.56 28.40
C PRO D 394 -9.51 36.16 29.17
N PHE D 395 -9.04 36.96 30.11
CA PHE D 395 -7.76 36.60 30.72
C PHE D 395 -7.75 36.89 32.20
N GLU D 396 -7.41 35.87 32.99
CA GLU D 396 -7.66 35.95 34.40
C GLU D 396 -6.49 36.50 35.16
N GLY D 397 -5.28 36.19 34.70
CA GLY D 397 -4.06 36.61 35.37
C GLY D 397 -2.92 35.62 35.23
N LEU D 398 -2.02 35.64 36.20
CA LEU D 398 -0.72 35.05 35.98
C LEU D 398 -0.33 34.02 37.02
N ALA D 399 0.48 33.06 36.57
CA ALA D 399 1.24 32.22 37.47
C ALA D 399 2.68 32.72 37.48
N VAL D 400 3.01 33.54 38.46
CA VAL D 400 4.38 34.06 38.59
C VAL D 400 5.24 32.96 39.19
N ASP D 401 6.39 32.67 38.58
CA ASP D 401 7.24 31.54 38.97
C ASP D 401 8.35 31.95 39.93
N VAL D 402 9.21 30.99 40.26
CA VAL D 402 10.39 31.25 41.10
C VAL D 402 11.35 32.31 40.56
N ASP D 403 11.22 32.72 39.30
CA ASP D 403 12.12 33.78 38.82
C ASP D 403 11.80 35.20 39.39
N MET D 404 10.70 35.29 40.12
CA MET D 404 10.33 36.51 40.82
C MET D 404 11.10 36.65 42.15
N GLN D 405 11.58 35.54 42.68
CA GLN D 405 12.15 35.48 44.00
C GLN D 405 13.59 35.98 44.03
N ASP D 406 14.04 36.48 45.19
CA ASP D 406 15.45 36.81 45.34
C ASP D 406 16.26 35.53 45.50
N ASN D 407 16.82 35.07 44.38
CA ASN D 407 17.74 33.94 44.36
C ASN D 407 17.22 32.69 45.09
N LEU D 408 16.05 32.23 44.66
CA LEU D 408 15.38 31.00 45.14
C LEU D 408 14.95 31.01 46.62
N ARG D 409 15.02 32.17 47.27
CA ARG D 409 14.50 32.36 48.62
C ARG D 409 12.98 32.49 48.57
N VAL D 410 12.28 31.43 48.98
CA VAL D 410 10.81 31.42 48.92
C VAL D 410 10.25 32.50 49.85
N PHE D 411 9.19 33.17 49.38
CA PHE D 411 8.51 34.28 50.09
C PHE D 411 9.17 35.66 49.90
N THR D 412 10.18 35.72 49.05
CA THR D 412 10.80 36.99 48.67
C THR D 412 10.44 37.36 47.22
N THR D 413 10.76 38.60 46.85
CA THR D 413 10.70 39.08 45.48
C THR D 413 11.99 39.87 45.25
N LYS D 414 12.26 40.22 44.00
CA LYS D 414 13.39 41.08 43.69
C LYS D 414 12.92 42.36 42.99
N GLY D 415 13.75 43.39 43.06
CA GLY D 415 13.45 44.71 42.47
C GLY D 415 12.75 44.70 41.11
N GLU D 416 13.13 43.79 40.23
CA GLU D 416 12.67 43.83 38.84
C GLU D 416 11.18 43.50 38.66
N PHE D 417 10.58 42.96 39.71
CA PHE D 417 9.16 42.61 39.68
C PHE D 417 8.30 43.64 40.41
N TRP D 418 8.91 44.81 40.59
CA TRP D 418 8.26 46.02 41.11
C TRP D 418 8.33 47.13 40.03
N THR D 419 7.35 48.03 40.04
CA THR D 419 7.31 49.12 39.05
C THR D 419 8.42 50.19 39.23
N ALA D 420 8.91 50.38 40.46
CA ALA D 420 9.98 51.34 40.67
C ALA D 420 11.35 50.65 40.74
N ASN D 421 11.38 49.37 40.34
CA ASN D 421 12.61 48.59 40.21
C ASN D 421 13.32 48.40 41.56
N ARG D 422 12.54 48.41 42.62
CA ARG D 422 13.04 48.09 43.96
C ARG D 422 11.90 47.47 44.76
N VAL D 423 12.25 46.59 45.69
CA VAL D 423 11.25 45.93 46.54
C VAL D 423 10.74 46.89 47.62
N GLY D 424 9.42 46.95 47.74
CA GLY D 424 8.75 47.77 48.75
C GLY D 424 7.98 46.86 49.70
N THR D 425 7.13 47.45 50.53
CA THR D 425 6.39 46.65 51.52
C THR D 425 4.90 46.57 51.20
N GLY D 426 4.51 47.17 50.08
CA GLY D 426 3.13 47.09 49.57
C GLY D 426 2.31 48.30 49.96
N GLY D 427 1.27 48.59 49.17
CA GLY D 427 0.40 49.73 49.43
C GLY D 427 0.84 51.07 48.83
N ASP D 428 2.13 51.21 48.56
CA ASP D 428 2.73 52.40 47.93
C ASP D 428 2.32 52.56 46.45
N PRO D 429 1.53 53.61 46.12
CA PRO D 429 0.99 53.74 44.74
C PRO D 429 2.06 54.13 43.69
N ASN D 430 3.21 54.60 44.19
CA ASN D 430 4.35 54.93 43.34
C ASN D 430 5.37 53.79 43.19
N ASN D 431 5.10 52.65 43.80
CA ASN D 431 5.94 51.45 43.65
C ASN D 431 5.13 50.19 43.92
N ARG D 432 4.45 49.69 42.89
CA ARG D 432 3.58 48.54 43.02
C ARG D 432 4.37 47.26 42.74
N SER D 433 4.10 46.22 43.53
CA SER D 433 4.58 44.86 43.21
C SER D 433 3.83 44.30 42.00
N VAL D 434 4.32 43.18 41.47
CA VAL D 434 3.70 42.49 40.34
C VAL D 434 2.20 42.22 40.58
N PHE D 435 1.89 41.85 41.81
CA PHE D 435 0.55 41.53 42.25
C PHE D 435 -0.37 42.76 42.30
N GLU D 436 0.12 43.85 42.91
CA GLU D 436 -0.61 45.12 42.96
C GLU D 436 -0.84 45.62 41.53
N TRP D 437 0.24 45.65 40.75
CA TRP D 437 0.13 46.07 39.36
C TRP D 437 -0.93 45.21 38.64
N ALA D 438 -0.92 43.91 38.91
CA ALA D 438 -1.84 42.97 38.28
C ALA D 438 -3.30 43.23 38.67
N HIS D 439 -3.53 43.53 39.94
CA HIS D 439 -4.84 44.02 40.38
C HIS D 439 -5.33 45.17 39.49
N ASP D 440 -4.48 46.19 39.30
CA ASP D 440 -4.85 47.35 38.49
C ASP D 440 -5.18 47.01 37.05
N LYS D 441 -4.73 45.84 36.58
CA LYS D 441 -5.10 45.37 35.26
C LYS D 441 -6.34 44.46 35.31
N GLY D 442 -6.91 44.29 36.50
CA GLY D 442 -8.12 43.48 36.65
C GLY D 442 -7.73 42.01 36.69
N LEU D 443 -6.52 41.74 37.19
CA LEU D 443 -5.99 40.39 37.18
C LEU D 443 -5.82 39.88 38.60
N VAL D 444 -5.84 38.55 38.79
CA VAL D 444 -5.36 37.94 40.06
C VAL D 444 -4.08 37.10 39.84
N CYS D 445 -3.27 36.90 40.87
CA CYS D 445 -2.06 36.09 40.67
C CYS D 445 -1.86 34.94 41.66
N GLN D 446 -1.34 33.83 41.14
CA GLN D 446 -0.79 32.76 41.96
C GLN D 446 0.70 32.83 41.76
N THR D 447 1.46 32.46 42.79
CA THR D 447 2.91 32.40 42.69
C THR D 447 3.47 31.08 43.25
N ASN D 448 4.62 30.67 42.72
CA ASN D 448 5.27 29.41 43.08
C ASN D 448 5.76 29.42 44.52
N ILE D 449 5.15 28.59 45.35
CA ILE D 449 5.68 28.37 46.68
C ILE D 449 6.25 26.95 46.79
N THR D 450 7.56 26.85 46.97
CA THR D 450 8.14 25.56 47.29
C THR D 450 8.31 25.47 48.79
N CYS D 451 8.67 24.29 49.27
CA CYS D 451 8.89 24.10 50.69
C CYS D 451 10.36 23.85 51.03
N PHE D 452 11.25 24.33 50.17
CA PHE D 452 12.67 24.28 50.49
C PHE D 452 13.10 25.68 50.90
N LEU D 453 13.94 25.76 51.93
CA LEU D 453 14.32 27.04 52.48
C LEU D 453 15.84 27.27 52.32
N ARG D 454 16.20 28.07 51.32
CA ARG D 454 17.59 28.23 50.90
C ARG D 454 18.54 28.36 52.11
N ASN D 455 19.60 27.55 52.10
CA ASN D 455 20.53 27.52 53.23
C ASN D 455 21.90 28.13 52.91
N ASP D 456 22.26 28.17 51.62
CA ASP D 456 23.48 28.86 51.17
C ASP D 456 23.17 30.28 50.70
N ASN D 457 23.18 31.21 51.66
CA ASN D 457 22.73 32.59 51.42
C ASN D 457 23.84 33.65 51.32
N GLU D 458 25.10 33.17 51.35
CA GLU D 458 26.29 33.99 51.03
C GLU D 458 26.33 35.31 51.79
N GLY D 459 26.22 35.24 53.12
CA GLY D 459 26.21 36.45 53.95
C GLY D 459 24.90 37.22 53.97
N GLN D 460 24.07 37.09 52.93
CA GLN D 460 22.76 37.74 52.93
C GLN D 460 21.87 37.15 54.02
N ASP D 461 21.21 38.01 54.78
CA ASP D 461 20.22 37.52 55.73
C ASP D 461 18.93 37.16 54.97
N TYR D 462 18.44 35.95 55.24
CA TYR D 462 17.17 35.49 54.73
C TYR D 462 16.41 34.99 55.96
N GLU D 463 15.45 35.80 56.43
CA GLU D 463 14.86 35.59 57.75
C GLU D 463 14.13 34.25 57.89
N VAL D 464 13.46 33.82 56.82
CA VAL D 464 12.67 32.59 56.83
C VAL D 464 13.54 31.38 57.21
N ASN D 465 14.77 31.36 56.70
CA ASN D 465 15.73 30.31 57.00
C ASN D 465 16.29 30.47 58.43
N GLN D 466 16.52 31.71 58.84
CA GLN D 466 17.03 32.01 60.16
C GLN D 466 16.06 31.59 61.25
N THR D 467 14.78 31.86 61.00
CA THR D 467 13.74 31.55 61.97
C THR D 467 13.43 30.06 62.02
N LEU D 468 13.61 29.38 60.89
CA LEU D 468 13.50 27.92 60.87
C LEU D 468 14.62 27.32 61.73
N ARG D 469 15.80 27.91 61.64
CA ARG D 469 16.98 27.46 62.39
C ARG D 469 16.85 27.63 63.91
N GLU D 470 16.53 28.85 64.34
CA GLU D 470 16.53 29.14 65.77
C GLU D 470 15.29 28.60 66.49
N ARG D 471 14.19 28.49 65.76
CA ARG D 471 12.99 27.82 66.27
C ARG D 471 13.08 26.31 66.03
N GLN D 472 14.20 25.88 65.46
CA GLN D 472 14.55 24.47 65.25
C GLN D 472 13.45 23.61 64.64
N LEU D 473 12.92 24.05 63.51
CA LEU D 473 11.74 23.45 62.87
C LEU D 473 12.05 22.59 61.64
N TYR D 474 13.34 22.49 61.31
CA TYR D 474 13.86 21.73 60.16
C TYR D 474 13.90 20.22 60.43
N THR D 475 13.78 19.43 59.36
CA THR D 475 14.03 18.00 59.44
C THR D 475 15.48 17.77 59.82
N LYS D 476 15.70 16.90 60.80
CA LYS D 476 17.03 16.53 61.23
C LYS D 476 17.70 15.55 60.26
N ASN D 477 19.01 15.38 60.43
CA ASN D 477 19.86 14.44 59.71
C ASN D 477 20.03 13.12 60.50
N ASP D 478 19.07 12.82 61.36
CA ASP D 478 19.14 11.61 62.17
C ASP D 478 18.59 10.43 61.35
N SER D 479 19.13 9.25 61.60
CA SER D 479 18.62 8.01 60.98
C SER D 479 18.91 6.80 61.86
N LEU D 480 18.22 5.70 61.58
CA LEU D 480 18.39 4.45 62.32
C LEU D 480 19.53 3.59 61.76
N THR D 481 19.96 3.94 60.56
CA THR D 481 20.94 3.16 59.81
C THR D 481 22.35 3.71 60.02
N GLY D 482 22.44 4.94 60.54
CA GLY D 482 23.71 5.64 60.68
C GLY D 482 24.17 6.29 59.39
N THR D 483 23.26 6.39 58.43
CA THR D 483 23.53 6.97 57.10
C THR D 483 23.94 8.44 57.20
N ASP D 484 25.05 8.77 56.55
CA ASP D 484 25.52 10.15 56.49
C ASP D 484 24.89 10.88 55.29
N PHE D 485 23.98 11.80 55.60
CA PHE D 485 23.20 12.52 54.58
C PHE D 485 23.94 13.72 54.01
N GLY D 486 25.07 14.06 54.62
CA GLY D 486 25.91 15.16 54.15
C GLY D 486 25.89 16.36 55.06
N MET D 487 26.86 17.25 54.84
CA MET D 487 27.03 18.46 55.64
C MET D 487 27.59 19.59 54.78
N THR D 488 27.37 20.83 55.22
CA THR D 488 28.02 22.01 54.65
C THR D 488 28.61 22.89 55.74
N ASP D 489 29.40 23.89 55.34
CA ASP D 489 29.94 24.89 56.26
C ASP D 489 28.85 25.77 56.88
N ASP D 490 27.68 25.80 56.22
CA ASP D 490 26.55 26.63 56.65
C ASP D 490 25.90 26.15 57.93
N GLY D 491 25.92 24.83 58.15
CA GLY D 491 25.14 24.23 59.23
C GLY D 491 23.66 24.18 58.88
N PRO D 492 22.80 23.85 59.87
CA PRO D 492 23.19 23.46 61.23
C PRO D 492 23.81 22.06 61.27
N SER D 493 24.55 21.76 62.33
CA SER D 493 25.24 20.47 62.46
C SER D 493 24.33 19.24 62.63
N ASP D 494 23.01 19.43 62.57
CA ASP D 494 22.04 18.33 62.76
C ASP D 494 20.83 18.44 61.82
N ALA D 495 20.98 19.20 60.75
CA ALA D 495 19.90 19.39 59.80
C ALA D 495 20.09 18.49 58.59
N TYR D 496 18.97 18.07 58.02
CA TYR D 496 19.01 17.48 56.71
C TYR D 496 19.24 18.62 55.73
N ILE D 497 20.33 18.55 54.98
CA ILE D 497 20.55 19.51 53.90
C ILE D 497 20.35 18.86 52.54
N GLY D 498 19.34 19.32 51.80
CA GLY D 498 19.09 18.86 50.45
C GLY D 498 19.65 19.83 49.44
N HIS D 499 19.33 19.63 48.17
CA HIS D 499 19.84 20.50 47.11
C HIS D 499 18.83 20.58 45.99
N LEU D 500 18.84 21.71 45.28
CA LEU D 500 17.98 21.92 44.11
C LEU D 500 18.77 22.43 42.91
N ASP D 501 18.47 21.88 41.74
CA ASP D 501 19.21 22.15 40.50
C ASP D 501 18.19 22.46 39.42
N TYR D 502 18.33 23.62 38.78
CA TYR D 502 17.38 24.08 37.76
C TYR D 502 18.02 24.15 36.37
N GLY D 503 18.58 25.31 36.03
CA GLY D 503 19.14 25.56 34.70
C GLY D 503 20.65 25.65 34.68
N GLY D 504 21.19 26.87 34.66
CA GLY D 504 22.63 27.11 34.67
C GLY D 504 23.25 26.83 36.04
N GLY D 505 23.74 27.90 36.68
CA GLY D 505 24.20 27.82 38.07
C GLY D 505 23.11 28.18 39.06
N VAL D 506 21.85 28.08 38.61
CA VAL D 506 20.68 28.38 39.43
C VAL D 506 20.36 27.18 40.32
N GLU D 507 21.10 27.12 41.43
CA GLU D 507 21.03 26.01 42.36
C GLU D 507 21.16 26.56 43.77
N CYS D 508 20.78 25.75 44.76
CA CYS D 508 20.97 26.10 46.16
C CYS D 508 20.89 24.91 47.12
N ASP D 509 21.56 25.04 48.27
CA ASP D 509 21.31 24.21 49.44
C ASP D 509 19.99 24.64 50.07
N ALA D 510 19.34 23.73 50.79
CA ALA D 510 18.06 24.04 51.43
C ALA D 510 17.84 23.24 52.70
N LEU D 511 17.08 23.84 53.62
CA LEU D 511 16.54 23.12 54.77
C LEU D 511 15.10 22.82 54.49
N PHE D 512 14.49 21.97 55.31
CA PHE D 512 13.13 21.53 55.07
C PHE D 512 12.30 21.53 56.35
N PRO D 513 11.03 21.96 56.26
CA PRO D 513 10.20 21.89 57.46
C PRO D 513 9.83 20.46 57.79
N ASP D 514 9.95 20.12 59.07
CA ASP D 514 9.56 18.84 59.61
C ASP D 514 8.08 18.88 60.01
N TRP D 515 7.20 18.72 59.02
CA TRP D 515 5.76 18.96 59.19
C TRP D 515 5.07 18.29 60.37
N GLY D 516 5.59 17.14 60.80
CA GLY D 516 4.97 16.36 61.86
C GLY D 516 5.00 17.01 63.22
N ARG D 517 5.86 18.00 63.39
CA ARG D 517 5.95 18.77 64.64
C ARG D 517 4.74 19.70 64.86
N PRO D 518 4.29 19.84 66.12
CA PRO D 518 3.13 20.70 66.42
C PRO D 518 3.33 22.18 66.06
N ASP D 519 4.54 22.69 66.22
CA ASP D 519 4.86 24.11 65.99
C ASP D 519 5.18 24.51 64.53
N VAL D 520 5.31 23.55 63.63
CA VAL D 520 5.70 23.86 62.25
C VAL D 520 4.62 24.60 61.44
N ALA D 521 3.37 24.17 61.55
CA ALA D 521 2.27 24.75 60.77
C ALA D 521 2.09 26.26 60.96
N GLU D 522 2.03 26.68 62.23
CA GLU D 522 1.90 28.08 62.65
C GLU D 522 3.00 28.93 62.02
N TRP D 523 4.24 28.48 62.16
CA TRP D 523 5.39 29.14 61.56
C TRP D 523 5.29 29.26 60.03
N TRP D 524 4.97 28.15 59.36
CA TRP D 524 4.86 28.13 57.89
C TRP D 524 3.85 29.15 57.35
N GLY D 525 2.66 29.15 57.96
CA GLY D 525 1.56 29.99 57.53
C GLY D 525 1.84 31.48 57.67
N ASN D 526 2.52 31.84 58.76
CA ASN D 526 2.90 33.22 58.99
C ASN D 526 3.77 33.81 57.88
N ASN D 527 4.58 32.96 57.24
CA ASN D 527 5.40 33.39 56.09
C ASN D 527 4.59 33.89 54.89
N TYR D 528 3.37 33.40 54.72
CA TYR D 528 2.52 33.80 53.60
C TYR D 528 2.09 35.28 53.65
N LYS D 529 2.12 35.85 54.86
CA LYS D 529 1.89 37.27 55.07
C LYS D 529 2.88 38.15 54.32
N LYS D 530 4.08 37.63 54.08
CA LYS D 530 5.07 38.37 53.31
C LYS D 530 4.65 38.57 51.85
N LEU D 531 3.72 37.74 51.39
CA LEU D 531 3.28 37.74 50.01
C LEU D 531 1.88 38.28 49.85
N PHE D 532 1.00 37.97 50.80
CA PHE D 532 -0.36 38.47 50.73
C PHE D 532 -0.45 40.00 50.90
N SER D 533 0.45 40.57 51.69
CA SER D 533 0.43 42.02 51.95
C SER D 533 0.93 42.84 50.75
N ILE D 534 1.50 42.15 49.77
CA ILE D 534 1.94 42.82 48.54
C ILE D 534 1.04 42.46 47.34
N GLY D 535 -0.14 41.93 47.62
CA GLY D 535 -1.14 41.72 46.59
C GLY D 535 -1.40 40.30 46.13
N LEU D 536 -0.71 39.32 46.71
CA LEU D 536 -0.92 37.92 46.29
C LEU D 536 -2.34 37.37 46.57
N ASP D 537 -2.95 36.79 45.53
CA ASP D 537 -4.31 36.27 45.60
C ASP D 537 -4.37 34.80 46.01
N PHE D 538 -3.62 33.93 45.33
CA PHE D 538 -3.59 32.51 45.69
C PHE D 538 -2.24 31.83 45.43
N VAL D 539 -2.12 30.59 45.88
CA VAL D 539 -0.83 29.91 45.88
C VAL D 539 -0.80 28.70 44.96
N TRP D 540 0.43 28.33 44.63
CA TRP D 540 0.70 27.31 43.66
C TRP D 540 1.85 26.58 44.34
N GLN D 541 1.54 25.39 44.89
CA GLN D 541 2.50 24.58 45.67
C GLN D 541 3.28 23.62 44.78
N ASP D 542 4.56 23.90 44.60
CA ASP D 542 5.43 23.16 43.68
C ASP D 542 6.41 22.22 44.41
N MET D 543 6.94 21.23 43.70
CA MET D 543 7.98 20.30 44.19
C MET D 543 7.75 19.79 45.61
N THR D 544 6.57 19.23 45.81
CA THR D 544 6.02 18.94 47.13
C THR D 544 6.46 17.61 47.76
N VAL D 545 7.19 16.80 46.99
CA VAL D 545 7.49 15.42 47.39
C VAL D 545 8.00 15.23 48.83
N PRO D 546 8.96 16.07 49.30
CA PRO D 546 9.63 17.22 48.68
C PRO D 546 10.63 16.80 47.61
N ALA D 547 10.59 17.45 46.44
CA ALA D 547 11.45 17.06 45.33
C ALA D 547 12.83 17.69 45.46
N MET D 548 13.87 16.86 45.66
CA MET D 548 15.27 17.30 45.71
C MET D 548 16.07 16.75 44.53
N MET D 549 17.13 17.42 44.11
CA MET D 549 18.07 16.89 43.11
C MET D 549 18.52 15.45 43.44
N PRO D 550 18.53 14.56 42.43
CA PRO D 550 19.02 13.20 42.63
C PRO D 550 20.36 13.21 43.36
N HIS D 551 20.54 12.33 44.32
CA HIS D 551 21.77 12.32 45.11
C HIS D 551 22.13 10.93 45.61
N LYS D 552 23.43 10.66 45.67
CA LYS D 552 23.96 9.43 46.20
C LYS D 552 24.71 9.71 47.50
N ILE D 553 24.41 8.94 48.54
CA ILE D 553 25.13 9.01 49.82
C ILE D 553 26.63 8.90 49.59
N GLY D 554 27.41 9.76 50.23
CA GLY D 554 28.86 9.80 50.03
C GLY D 554 29.32 10.99 49.22
N ASP D 555 28.62 11.27 48.12
CA ASP D 555 28.89 12.40 47.22
C ASP D 555 28.54 13.75 47.88
N ASP D 556 29.31 14.80 47.57
CA ASP D 556 29.02 16.17 48.04
C ASP D 556 27.56 16.53 47.76
N ILE D 557 26.96 17.33 48.62
CA ILE D 557 25.55 17.63 48.51
C ILE D 557 25.15 18.25 47.18
N ASN D 558 26.02 19.07 46.61
CA ASN D 558 25.77 19.69 45.31
C ASN D 558 26.05 18.78 44.11
N VAL D 559 26.41 17.52 44.38
CA VAL D 559 26.77 16.55 43.34
C VAL D 559 25.69 15.48 43.11
N LYS D 560 25.26 15.33 41.87
CA LYS D 560 24.29 14.31 41.50
C LYS D 560 24.95 13.06 40.91
N PRO D 561 24.29 11.89 41.01
CA PRO D 561 24.81 10.67 40.39
C PRO D 561 24.80 10.78 38.87
N ASP D 562 25.51 9.87 38.21
CA ASP D 562 25.37 9.65 36.78
C ASP D 562 23.90 9.44 36.38
N GLY D 563 23.47 10.12 35.32
CA GLY D 563 22.11 9.97 34.76
C GLY D 563 21.58 8.55 34.75
N ASN D 564 22.43 7.59 34.38
CA ASN D 564 22.05 6.18 34.25
C ASN D 564 21.96 5.40 35.57
N TRP D 565 22.53 5.95 36.63
CA TRP D 565 22.55 5.31 37.94
C TRP D 565 21.38 5.80 38.77
N PRO D 566 20.69 4.89 39.49
CA PRO D 566 20.94 3.46 39.61
C PRO D 566 20.15 2.68 38.59
N ASN D 567 20.41 1.39 38.56
CA ASN D 567 19.84 0.49 37.58
C ASN D 567 19.99 -0.91 38.13
N ALA D 568 19.39 -1.89 37.44
CA ALA D 568 19.36 -3.28 37.88
C ALA D 568 20.74 -3.86 38.25
N ASP D 569 21.74 -3.58 37.41
CA ASP D 569 23.09 -4.13 37.56
C ASP D 569 23.88 -3.40 38.64
N ASP D 570 23.63 -2.10 38.78
CA ASP D 570 24.23 -1.28 39.82
C ASP D 570 23.13 -0.63 40.66
N PRO D 571 22.48 -1.43 41.54
CA PRO D 571 21.29 -0.97 42.27
C PRO D 571 21.63 0.18 43.21
N SER D 572 20.59 0.78 43.79
CA SER D 572 20.74 1.87 44.74
C SER D 572 21.42 1.38 46.03
N ASN D 573 20.95 0.24 46.53
CA ASN D 573 21.46 -0.38 47.75
C ASN D 573 21.49 0.57 48.95
N GLY D 574 20.39 1.31 49.12
CA GLY D 574 20.23 2.24 50.23
C GLY D 574 21.05 3.51 50.19
N GLN D 575 21.46 3.95 48.99
CA GLN D 575 22.27 5.17 48.83
C GLN D 575 21.63 6.24 47.92
N TYR D 576 20.61 5.86 47.14
CA TYR D 576 19.86 6.81 46.33
C TYR D 576 18.73 7.49 47.11
N ASN D 577 18.61 8.81 46.92
CA ASN D 577 17.53 9.60 47.54
C ASN D 577 16.21 9.52 46.77
N TRP D 578 16.23 8.91 45.61
CA TRP D 578 15.04 8.85 44.75
C TRP D 578 14.38 10.22 44.63
N LYS D 579 15.20 11.26 44.42
CA LYS D 579 14.74 12.60 44.04
C LYS D 579 13.82 13.27 45.09
N THR D 580 14.21 13.11 46.36
CA THR D 580 13.54 13.61 47.56
C THR D 580 14.46 13.39 48.76
N TYR D 581 13.89 13.42 49.96
CA TYR D 581 14.54 12.90 51.14
C TYR D 581 15.20 11.54 50.94
N HIS D 582 16.43 11.41 51.45
CA HIS D 582 17.03 10.08 51.61
C HIS D 582 16.11 9.27 52.56
N PRO D 583 15.60 8.13 52.07
CA PRO D 583 14.52 7.38 52.75
C PRO D 583 14.79 7.02 54.22
N GLN D 584 16.06 7.02 54.62
CA GLN D 584 16.45 6.64 55.98
C GLN D 584 16.13 7.71 56.99
N VAL D 585 15.94 8.95 56.53
CA VAL D 585 15.77 10.11 57.41
C VAL D 585 14.56 10.02 58.37
N LEU D 586 14.84 10.32 59.64
CA LEU D 586 13.86 10.29 60.72
C LEU D 586 13.02 11.57 60.79
N VAL D 587 11.82 11.52 60.20
CA VAL D 587 10.85 12.61 60.21
C VAL D 587 9.81 12.42 61.32
N THR D 588 9.26 13.54 61.82
CA THR D 588 8.29 13.49 62.91
C THR D 588 6.96 13.05 62.34
N ASP D 589 6.37 12.04 62.95
CA ASP D 589 5.26 11.27 62.38
C ASP D 589 4.16 12.20 61.92
N MET D 590 3.83 12.16 60.64
CA MET D 590 2.77 12.97 60.10
C MET D 590 1.43 12.20 60.12
N ARG D 591 1.45 10.98 60.63
CA ARG D 591 0.23 10.17 60.65
C ARG D 591 -0.41 10.26 62.02
N TYR D 592 0.43 10.37 63.04
CA TYR D 592 0.03 10.38 64.45
C TYR D 592 0.72 11.51 65.18
N GLU D 593 -0.08 12.45 65.69
CA GLU D 593 0.46 13.61 66.40
C GLU D 593 1.15 13.15 67.67
N ASN D 594 2.21 13.87 68.04
CA ASN D 594 2.96 13.65 69.29
C ASN D 594 3.35 12.19 69.57
N HIS D 595 3.76 11.49 68.51
CA HIS D 595 4.02 10.04 68.51
C HIS D 595 5.46 9.68 68.07
N GLY D 596 6.43 10.55 68.37
CA GLY D 596 7.84 10.31 68.02
C GLY D 596 8.20 10.44 66.55
N ARG D 597 9.29 9.76 66.15
CA ARG D 597 9.78 9.82 64.76
C ARG D 597 9.90 8.46 64.08
N GLU D 598 9.66 8.46 62.77
CA GLU D 598 9.69 7.30 61.87
C GLU D 598 10.52 7.65 60.63
N PRO D 599 11.17 6.65 60.02
CA PRO D 599 11.86 6.96 58.77
C PRO D 599 10.89 7.29 57.64
N MET D 600 11.29 8.19 56.74
CA MET D 600 10.38 8.77 55.78
C MET D 600 9.73 7.70 54.93
N VAL D 601 10.44 6.60 54.73
CA VAL D 601 9.96 5.49 53.95
C VAL D 601 8.59 5.01 54.41
N THR D 602 8.29 5.19 55.69
CA THR D 602 7.03 4.72 56.29
C THR D 602 5.83 5.57 55.89
N GLN D 603 6.11 6.81 55.46
CA GLN D 603 5.03 7.72 55.11
C GLN D 603 5.26 8.67 53.93
N ARG D 604 6.22 8.36 53.06
CA ARG D 604 6.53 9.25 51.93
C ARG D 604 5.29 9.92 51.30
N ASN D 605 4.22 9.16 51.09
CA ASN D 605 3.11 9.73 50.32
C ASN D 605 2.18 10.69 51.08
N ILE D 606 2.53 11.00 52.32
CA ILE D 606 1.73 11.93 53.09
C ILE D 606 2.29 13.36 53.10
N HIS D 607 3.50 13.53 52.56
CA HIS D 607 4.26 14.78 52.78
C HIS D 607 3.55 15.94 52.02
N ALA D 608 3.35 15.81 50.70
CA ALA D 608 2.59 16.82 49.96
C ALA D 608 1.26 17.15 50.66
N TYR D 609 0.52 16.10 51.05
CA TYR D 609 -0.81 16.25 51.68
C TYR D 609 -0.72 17.10 52.94
N THR D 610 0.32 16.88 53.73
CA THR D 610 0.55 17.61 54.99
C THR D 610 1.03 19.06 54.77
N LEU D 611 1.69 19.30 53.64
CA LEU D 611 2.18 20.63 53.28
C LEU D 611 0.99 21.51 52.97
N CYS D 612 0.12 21.00 52.08
CA CYS D 612 -1.13 21.64 51.75
C CYS D 612 -2.02 21.89 52.98
N GLU D 613 -2.07 20.95 53.91
CA GLU D 613 -2.81 21.14 55.16
C GLU D 613 -2.33 22.35 55.95
N SER D 614 -1.02 22.47 56.13
CA SER D 614 -0.44 23.59 56.87
C SER D 614 -0.60 24.91 56.12
N THR D 615 -0.66 24.81 54.78
CA THR D 615 -0.84 26.01 53.96
C THR D 615 -2.29 26.47 54.12
N ARG D 616 -3.24 25.60 53.76
CA ARG D 616 -4.66 25.87 53.93
C ARG D 616 -4.99 26.51 55.30
N LYS D 617 -4.61 25.83 56.39
CA LYS D 617 -5.10 26.21 57.69
C LYS D 617 -4.39 27.44 58.22
N GLU D 618 -3.08 27.33 58.36
CA GLU D 618 -2.28 28.36 59.00
C GLU D 618 -1.90 29.49 58.06
N GLY D 619 -2.04 29.24 56.75
CA GLY D 619 -1.58 30.18 55.74
C GLY D 619 -2.70 30.95 55.06
N ILE D 620 -3.69 30.24 54.56
CA ILE D 620 -4.79 30.90 53.87
C ILE D 620 -5.94 31.30 54.83
N VAL D 621 -6.32 30.39 55.72
CA VAL D 621 -7.49 30.64 56.56
C VAL D 621 -7.14 31.63 57.68
N GLU D 622 -6.06 31.37 58.43
CA GLU D 622 -5.62 32.21 59.56
C GLU D 622 -5.12 33.61 59.22
N ASN D 623 -4.88 33.86 57.93
CA ASN D 623 -4.31 35.12 57.43
C ASN D 623 -5.16 35.66 56.27
N ALA D 624 -6.45 35.34 56.31
CA ALA D 624 -7.45 35.92 55.41
C ALA D 624 -7.50 37.44 55.52
N ASP D 625 -7.21 37.96 56.72
CA ASP D 625 -7.24 39.38 56.97
C ASP D 625 -6.20 40.10 56.15
N THR D 626 -5.08 39.41 55.92
CA THR D 626 -3.91 39.98 55.29
C THR D 626 -4.10 40.02 53.77
N LEU D 627 -5.02 39.20 53.27
CA LEU D 627 -5.36 39.17 51.85
C LEU D 627 -5.96 40.50 51.41
N THR D 628 -5.84 40.81 50.12
CA THR D 628 -6.13 42.18 49.74
C THR D 628 -7.44 42.30 48.98
N LYS D 629 -7.51 41.80 47.76
CA LYS D 629 -8.72 42.00 47.00
C LYS D 629 -9.75 40.89 47.26
N PHE D 630 -9.30 39.67 47.55
CA PHE D 630 -10.21 38.54 47.79
C PHE D 630 -9.85 37.78 49.08
N ARG D 631 -10.81 37.67 50.02
CA ARG D 631 -10.55 36.99 51.29
C ARG D 631 -10.49 35.47 51.15
N ARG D 632 -11.23 34.90 50.21
CA ARG D 632 -11.11 33.48 49.94
C ARG D 632 -9.95 33.27 48.99
N SER D 633 -9.10 32.30 49.30
CA SER D 633 -7.91 32.00 48.50
C SER D 633 -7.90 30.50 48.19
N TYR D 634 -6.84 30.00 47.56
CA TYR D 634 -6.85 28.63 47.07
C TYR D 634 -5.43 28.12 46.87
N ILE D 635 -5.28 26.79 46.92
CA ILE D 635 -4.01 26.14 46.68
C ILE D 635 -4.12 25.34 45.40
N ILE D 636 -3.16 25.51 44.51
CA ILE D 636 -2.97 24.57 43.41
C ILE D 636 -1.72 23.71 43.68
N SER D 637 -1.92 22.42 43.98
CA SER D 637 -0.82 21.51 44.27
C SER D 637 -0.31 20.65 43.11
N ARG D 638 1.00 20.37 43.17
CA ARG D 638 1.63 19.42 42.26
C ARG D 638 1.55 17.98 42.80
N GLY D 639 1.70 17.85 44.11
CA GLY D 639 1.55 16.56 44.75
C GLY D 639 0.40 16.52 45.75
N GLY D 640 -0.01 15.31 46.11
CA GLY D 640 -0.94 15.14 47.22
C GLY D 640 -1.29 13.69 47.48
N TYR D 641 -2.18 13.50 48.44
CA TYR D 641 -2.73 12.21 48.76
C TYR D 641 -4.27 12.30 48.71
N ILE D 642 -4.92 11.15 48.74
CA ILE D 642 -6.39 11.05 48.85
C ILE D 642 -6.84 11.95 49.99
N GLY D 643 -7.83 12.80 49.74
CA GLY D 643 -8.20 13.79 50.75
C GLY D 643 -7.80 15.23 50.46
N ASN D 644 -6.68 15.43 49.76
CA ASN D 644 -6.21 16.76 49.30
C ASN D 644 -7.25 17.80 48.81
N GLN D 645 -8.40 17.35 48.31
CA GLN D 645 -9.48 18.26 47.92
C GLN D 645 -9.91 19.22 49.02
N HIS D 646 -9.77 18.82 50.28
CA HIS D 646 -10.08 19.68 51.42
C HIS D 646 -9.06 20.79 51.64
N PHE D 647 -8.05 20.83 50.76
CA PHE D 647 -7.00 21.85 50.79
C PHE D 647 -6.98 22.69 49.52
N GLY D 648 -7.43 22.11 48.42
CA GLY D 648 -7.40 22.80 47.16
C GLY D 648 -7.55 21.89 45.96
N GLY D 649 -6.90 22.31 44.88
CA GLY D 649 -6.85 21.55 43.61
C GLY D 649 -5.41 21.18 43.31
N MET D 650 -5.21 20.66 42.10
CA MET D 650 -3.95 20.14 41.61
C MET D 650 -3.71 20.48 40.16
N TRP D 651 -2.44 20.61 39.79
CA TRP D 651 -2.10 20.46 38.38
C TRP D 651 -1.17 19.26 38.17
N VAL D 652 -1.29 18.61 37.04
CA VAL D 652 -0.58 17.35 36.80
C VAL D 652 0.88 17.62 36.38
N GLY D 653 1.59 18.36 37.24
CA GLY D 653 3.01 18.64 37.05
C GLY D 653 3.46 18.97 35.65
N ASP D 654 4.68 18.53 35.32
CA ASP D 654 5.35 18.88 34.06
C ASP D 654 5.06 17.88 32.97
N ASN D 655 4.05 18.19 32.17
CA ASN D 655 3.78 17.44 30.97
C ASN D 655 4.59 18.02 29.80
N SER D 656 4.30 17.55 28.59
CA SER D 656 4.97 18.06 27.42
C SER D 656 3.98 18.28 26.31
N THR D 657 4.49 18.57 25.12
CA THR D 657 3.72 19.17 24.06
C THR D 657 3.58 18.19 22.89
N THR D 658 2.75 17.16 23.08
CA THR D 658 2.44 16.20 22.03
C THR D 658 0.96 15.82 22.14
N SER D 659 0.42 15.15 21.13
CA SER D 659 -0.92 14.61 21.22
C SER D 659 -1.09 13.71 22.43
N ASN D 660 -0.13 12.82 22.66
CA ASN D 660 -0.25 11.84 23.73
C ASN D 660 -0.49 12.54 25.06
N TYR D 661 -0.01 13.76 25.19
CA TYR D 661 -0.16 14.48 26.45
C TYR D 661 -1.52 15.14 26.62
N ILE D 662 -2.21 15.38 25.50
CA ILE D 662 -3.60 15.81 25.52
C ILE D 662 -4.41 14.63 26.07
N GLN D 663 -4.23 13.47 25.43
CA GLN D 663 -4.77 12.21 25.96
C GLN D 663 -4.51 12.03 27.47
N MET D 664 -3.25 12.06 27.87
CA MET D 664 -3.02 11.96 29.32
C MET D 664 -3.88 12.95 30.07
N MET D 665 -3.82 14.22 29.67
CA MET D 665 -4.62 15.28 30.31
C MET D 665 -6.08 14.91 30.57
N ILE D 666 -6.80 14.55 29.52
CA ILE D 666 -8.20 14.20 29.65
C ILE D 666 -8.49 13.01 30.56
N ALA D 667 -7.61 12.02 30.52
CA ALA D 667 -7.76 10.81 31.31
C ALA D 667 -7.29 11.10 32.74
N ASN D 668 -6.37 12.04 32.89
CA ASN D 668 -5.91 12.41 34.27
C ASN D 668 -7.01 13.13 34.99
N ASN D 669 -7.71 13.98 34.25
CA ASN D 669 -8.79 14.80 34.77
C ASN D 669 -9.98 13.93 35.16
N ILE D 670 -10.44 13.11 34.22
CA ILE D 670 -11.47 12.13 34.51
C ILE D 670 -11.14 11.24 35.72
N ASN D 671 -9.92 10.70 35.77
CA ASN D 671 -9.51 9.77 36.85
C ASN D 671 -9.29 10.43 38.17
N MET D 672 -8.83 11.67 38.12
CA MET D 672 -8.57 12.40 39.37
C MET D 672 -9.93 12.85 39.96
N ASN D 673 -10.85 13.26 39.10
CA ASN D 673 -12.22 13.54 39.55
C ASN D 673 -12.83 12.36 40.29
N MET D 674 -12.48 11.14 39.90
CA MET D 674 -13.12 9.97 40.50
C MET D 674 -12.35 9.47 41.70
N SER D 675 -11.26 10.17 41.99
CA SER D 675 -10.52 9.95 43.19
C SER D 675 -10.82 11.08 44.14
N CYS D 676 -11.90 11.85 43.91
CA CYS D 676 -12.25 12.89 44.95
C CYS D 676 -11.25 14.07 45.07
N LEU D 677 -10.68 14.43 43.92
CA LEU D 677 -9.92 15.65 43.73
C LEU D 677 -10.46 16.22 42.41
N PRO D 678 -11.51 17.07 42.49
CA PRO D 678 -12.26 17.49 41.28
C PRO D 678 -11.55 18.61 40.52
N LEU D 679 -10.81 19.46 41.25
CA LEU D 679 -10.29 20.71 40.63
C LEU D 679 -8.85 20.57 40.16
N VAL D 680 -8.76 20.17 38.90
CA VAL D 680 -7.56 19.51 38.45
C VAL D 680 -7.32 19.91 37.02
N GLY D 681 -6.08 20.16 36.65
CA GLY D 681 -5.81 20.31 35.20
C GLY D 681 -4.35 20.11 34.81
N SER D 682 -4.08 20.12 33.52
CA SER D 682 -2.70 19.92 33.00
C SER D 682 -2.31 21.18 32.26
N ASP D 683 -1.02 21.51 32.19
CA ASP D 683 -0.58 22.75 31.53
C ASP D 683 -1.05 22.72 30.09
N ILE D 684 -1.76 23.76 29.66
CA ILE D 684 -2.30 23.82 28.28
C ILE D 684 -1.18 24.17 27.33
N GLY D 685 -1.06 23.36 26.27
CA GLY D 685 0.06 23.44 25.35
C GLY D 685 1.30 22.67 25.80
N GLY D 686 1.29 22.11 27.00
CA GLY D 686 2.39 21.28 27.46
C GLY D 686 3.47 22.15 28.02
N PHE D 687 4.03 21.75 29.16
CA PHE D 687 5.05 22.53 29.84
C PHE D 687 6.40 22.46 29.11
N THR D 688 6.94 21.25 28.92
CA THR D 688 8.34 21.10 28.48
C THR D 688 8.48 21.15 26.98
N SER D 689 9.70 21.42 26.53
CA SER D 689 10.11 21.28 25.13
C SER D 689 9.79 19.88 24.58
N TYR D 690 9.50 19.79 23.29
CA TYR D 690 9.08 18.54 22.66
C TYR D 690 9.89 18.15 21.40
N ASP D 691 10.35 19.14 20.65
CA ASP D 691 11.09 18.91 19.39
C ASP D 691 12.57 18.56 19.67
N ASN D 692 12.93 17.30 19.42
CA ASN D 692 14.31 16.85 19.65
C ASN D 692 15.38 17.52 18.79
N GLU D 693 15.03 17.89 17.55
CA GLU D 693 15.95 18.60 16.63
C GLU D 693 16.35 20.00 17.13
N ASN D 694 15.38 20.73 17.69
CA ASN D 694 15.61 22.04 18.32
C ASN D 694 14.60 22.24 19.44
N GLN D 695 15.09 22.23 20.68
CA GLN D 695 14.20 22.29 21.83
C GLN D 695 13.30 23.53 21.83
N ARG D 696 13.85 24.64 21.33
CA ARG D 696 13.18 25.94 21.34
C ARG D 696 11.91 26.04 20.46
N THR D 697 11.70 25.10 19.53
CA THR D 697 10.51 25.17 18.64
C THR D 697 9.23 25.23 19.50
N PRO D 698 8.34 26.21 19.22
CA PRO D 698 7.11 26.31 20.01
C PRO D 698 6.04 25.30 19.60
N CYS D 699 5.11 25.04 20.51
CA CYS D 699 3.93 24.24 20.23
C CYS D 699 3.30 24.67 18.89
N THR D 700 2.97 23.72 18.05
CA THR D 700 2.38 24.07 16.75
C THR D 700 1.03 24.75 16.93
N GLY D 701 0.60 25.46 15.89
CA GLY D 701 -0.70 26.08 15.84
C GLY D 701 -1.87 25.12 15.98
N ASP D 702 -1.76 23.94 15.39
CA ASP D 702 -2.86 22.97 15.47
C ASP D 702 -2.90 22.24 16.82
N LEU D 703 -1.74 21.84 17.32
CA LEU D 703 -1.70 21.19 18.63
C LEU D 703 -2.28 22.08 19.73
N MET D 704 -1.87 23.35 19.72
CA MET D 704 -2.37 24.32 20.71
C MET D 704 -3.89 24.50 20.60
N VAL D 705 -4.42 24.61 19.38
CA VAL D 705 -5.87 24.66 19.24
C VAL D 705 -6.46 23.43 19.94
N ARG D 706 -5.99 22.24 19.61
CA ARG D 706 -6.59 21.01 20.19
C ARG D 706 -6.42 20.94 21.72
N TYR D 707 -5.30 21.43 22.22
CA TYR D 707 -5.02 21.37 23.64
C TYR D 707 -6.09 22.23 24.31
N VAL D 708 -6.10 23.50 23.96
CA VAL D 708 -7.10 24.50 24.38
C VAL D 708 -8.53 23.94 24.26
N GLN D 709 -8.91 23.46 23.07
CA GLN D 709 -10.22 22.82 22.88
C GLN D 709 -10.47 21.66 23.83
N ALA D 710 -9.54 20.72 23.94
CA ALA D 710 -9.72 19.63 24.93
C ALA D 710 -9.82 20.13 26.38
N GLY D 711 -9.06 21.16 26.73
CA GLY D 711 -8.96 21.55 28.18
C GLY D 711 -9.85 22.69 28.69
N CYS D 712 -10.77 23.13 27.82
CA CYS D 712 -11.53 24.39 28.02
C CYS D 712 -12.71 24.25 28.96
N LEU D 713 -13.17 23.03 29.19
CA LEU D 713 -14.18 22.80 30.22
C LEU D 713 -13.65 21.93 31.36
N LEU D 714 -12.36 21.62 31.31
CA LEU D 714 -11.72 20.96 32.44
C LEU D 714 -11.57 21.96 33.57
N PRO D 715 -11.62 21.51 34.81
CA PRO D 715 -11.71 22.45 35.90
C PRO D 715 -10.58 23.46 36.01
N TRP D 716 -9.34 23.06 35.81
CA TRP D 716 -8.25 24.00 36.04
C TRP D 716 -7.49 24.28 34.75
N PHE D 717 -7.57 25.55 34.32
CA PHE D 717 -7.23 25.95 32.97
C PHE D 717 -6.06 26.95 32.93
N ARG D 718 -4.90 26.44 32.59
CA ARG D 718 -3.73 27.28 32.56
C ARG D 718 -2.85 26.85 31.40
N ASN D 719 -2.39 27.84 30.64
CA ASN D 719 -1.32 27.65 29.68
C ASN D 719 -0.08 27.98 30.50
N HIS D 720 0.81 27.01 30.66
CA HIS D 720 2.09 27.22 31.38
C HIS D 720 3.17 26.45 30.60
N TYR D 721 4.38 27.00 30.57
CA TYR D 721 5.48 26.42 29.78
C TYR D 721 6.84 26.89 30.27
N ASP D 722 7.86 26.10 29.95
CA ASP D 722 9.26 26.41 30.19
C ASP D 722 9.74 27.28 29.02
N ARG D 723 10.09 28.54 29.29
CA ARG D 723 10.50 29.45 28.22
C ARG D 723 12.01 29.51 28.08
N TRP D 724 12.49 29.33 26.85
CA TRP D 724 13.92 29.48 26.60
C TRP D 724 14.32 30.95 26.70
N ILE D 725 15.24 31.25 27.63
CA ILE D 725 15.87 32.58 27.72
C ILE D 725 17.38 32.44 27.92
N GLU D 726 18.11 33.52 27.70
CA GLU D 726 19.58 33.48 27.72
C GLU D 726 20.16 32.95 29.03
N SER D 727 19.59 33.37 30.16
CA SER D 727 20.10 32.97 31.46
C SER D 727 19.46 31.67 31.95
N LYS D 728 18.51 31.14 31.17
CA LYS D 728 17.94 29.82 31.44
C LYS D 728 17.68 29.12 30.10
N ASP D 729 18.76 28.65 29.49
CA ASP D 729 18.76 28.12 28.12
C ASP D 729 18.14 26.71 27.99
N HIS D 730 16.91 26.55 28.49
CA HIS D 730 16.07 25.39 28.16
C HIS D 730 14.62 25.84 28.09
N GLY D 731 13.88 25.22 27.18
CA GLY D 731 12.48 25.56 27.01
C GLY D 731 12.18 25.99 25.60
N LYS D 732 10.91 26.33 25.36
CA LYS D 732 10.44 26.82 24.06
C LYS D 732 10.47 28.36 23.97
N ASP D 733 10.47 28.87 22.74
CA ASP D 733 10.49 30.32 22.47
C ASP D 733 9.31 31.07 23.10
N TYR D 734 8.11 30.50 22.98
CA TYR D 734 6.88 31.13 23.43
C TYR D 734 5.69 30.16 23.37
N GLN D 735 4.62 30.43 24.12
CA GLN D 735 3.42 29.57 24.06
C GLN D 735 2.08 30.28 24.20
N GLU D 736 2.14 31.59 24.43
CA GLU D 736 0.96 32.40 24.69
C GLU D 736 0.01 32.38 23.48
N LEU D 737 -1.29 32.43 23.78
CA LEU D 737 -2.31 32.20 22.77
C LEU D 737 -2.34 33.31 21.74
N TYR D 738 -1.97 34.51 22.18
CA TYR D 738 -1.89 35.67 21.31
C TYR D 738 -0.68 35.58 20.36
N MET D 739 0.21 34.62 20.59
CA MET D 739 1.37 34.45 19.70
C MET D 739 1.05 33.54 18.53
N TYR D 740 -0.25 33.27 18.31
CA TYR D 740 -0.68 32.38 17.22
C TYR D 740 -1.63 33.08 16.26
N PRO D 741 -1.08 33.98 15.43
CA PRO D 741 -1.88 34.87 14.61
C PRO D 741 -2.90 34.16 13.71
N ASN D 742 -2.60 32.97 13.22
CA ASN D 742 -3.56 32.29 12.33
C ASN D 742 -4.65 31.51 13.04
N GLU D 743 -4.46 31.29 14.34
CA GLU D 743 -5.39 30.49 15.13
C GLU D 743 -6.05 31.35 16.20
N MET D 744 -5.77 32.65 16.15
CA MET D 744 -6.21 33.56 17.20
C MET D 744 -7.75 33.58 17.36
N ASP D 745 -8.48 33.71 16.25
CA ASP D 745 -9.95 33.73 16.32
C ASP D 745 -10.55 32.47 16.97
N THR D 746 -10.00 31.29 16.63
CA THR D 746 -10.39 30.02 17.26
C THR D 746 -9.99 29.97 18.74
N LEU D 747 -8.76 30.36 19.02
CA LEU D 747 -8.25 30.26 20.38
C LEU D 747 -9.04 31.13 21.35
N ARG D 748 -9.41 32.33 20.89
CA ARG D 748 -10.10 33.31 21.73
C ARG D 748 -11.55 32.88 22.02
N LYS D 749 -12.26 32.47 20.97
CA LYS D 749 -13.66 32.06 21.09
C LYS D 749 -13.85 30.87 22.04
N PHE D 750 -12.87 29.98 22.14
CA PHE D 750 -12.99 28.85 23.05
C PHE D 750 -12.72 29.27 24.50
N VAL D 751 -11.91 30.31 24.71
CA VAL D 751 -11.75 30.82 26.07
C VAL D 751 -13.03 31.57 26.44
N GLU D 752 -13.61 32.30 25.48
CA GLU D 752 -14.89 32.99 25.65
C GLU D 752 -16.00 32.01 26.05
N PHE D 753 -16.18 30.95 25.26
CA PHE D 753 -16.99 29.77 25.64
C PHE D 753 -16.82 29.43 27.13
N ARG D 754 -15.64 29.00 27.53
CA ARG D 754 -15.45 28.68 28.93
C ARG D 754 -16.12 29.77 29.81
N TYR D 755 -15.74 31.02 29.59
CA TYR D 755 -16.28 32.16 30.30
C TYR D 755 -17.82 32.32 30.28
N ARG D 756 -18.49 32.13 29.13
CA ARG D 756 -19.94 32.12 29.18
C ARG D 756 -20.44 31.02 30.13
N TRP D 757 -19.76 29.87 30.17
CA TRP D 757 -20.19 28.78 31.05
C TRP D 757 -19.49 28.79 32.40
N GLN D 758 -19.13 29.94 32.91
CA GLN D 758 -18.47 30.04 34.23
C GLN D 758 -19.31 29.57 35.45
N GLU D 759 -20.63 29.75 35.39
CA GLU D 759 -21.44 29.28 36.50
C GLU D 759 -21.78 27.78 36.35
N VAL D 760 -21.57 27.21 35.15
CA VAL D 760 -21.65 25.76 34.95
C VAL D 760 -20.55 25.12 35.80
N LEU D 761 -19.29 25.48 35.53
CA LEU D 761 -18.18 25.05 36.36
C LEU D 761 -18.44 25.32 37.84
N TYR D 762 -18.81 26.54 38.17
CA TYR D 762 -18.78 27.00 39.58
C TYR D 762 -19.85 26.28 40.38
N THR D 763 -20.99 26.04 39.73
CA THR D 763 -22.08 25.29 40.31
C THR D 763 -21.65 23.83 40.51
N ALA D 764 -20.92 23.31 39.52
CA ALA D 764 -20.41 21.96 39.61
C ALA D 764 -19.48 21.85 40.80
N MET D 765 -18.67 22.88 41.00
CA MET D 765 -17.78 22.89 42.14
C MET D 765 -18.64 22.85 43.40
N TYR D 766 -19.67 23.69 43.48
CA TYR D 766 -20.60 23.59 44.60
C TYR D 766 -21.17 22.19 44.78
N GLN D 767 -21.72 21.59 43.71
CA GLN D 767 -22.26 20.24 43.75
C GLN D 767 -21.20 19.24 44.20
N ASN D 768 -19.93 19.62 44.07
CA ASN D 768 -18.86 18.86 44.67
C ASN D 768 -18.65 19.13 46.17
N ALA D 769 -18.61 20.39 46.58
CA ALA D 769 -18.27 20.69 47.96
C ALA D 769 -19.43 20.23 48.83
N ALA D 770 -20.64 20.27 48.26
CA ALA D 770 -21.84 19.93 49.01
C ALA D 770 -22.17 18.42 49.05
N PHE D 771 -22.03 17.77 47.89
CA PHE D 771 -22.55 16.43 47.70
C PHE D 771 -21.48 15.43 47.27
N GLY D 772 -20.31 15.97 46.93
CA GLY D 772 -19.20 15.16 46.45
C GLY D 772 -19.28 14.65 45.01
N LYS D 773 -20.16 15.21 44.18
CA LYS D 773 -20.21 14.78 42.78
C LYS D 773 -18.96 15.23 42.05
N PRO D 774 -18.33 14.31 41.31
CA PRO D 774 -17.20 14.78 40.50
C PRO D 774 -17.66 15.77 39.47
N ILE D 775 -16.82 16.78 39.24
CA ILE D 775 -17.15 17.79 38.27
C ILE D 775 -17.21 17.08 36.91
N ILE D 776 -16.10 16.45 36.54
CA ILE D 776 -15.96 15.74 35.30
C ILE D 776 -16.31 14.27 35.57
N LYS D 777 -17.16 13.70 34.73
CA LYS D 777 -17.60 12.32 34.92
C LYS D 777 -17.13 11.41 33.80
N ALA D 778 -16.70 10.21 34.16
CA ALA D 778 -16.32 9.21 33.16
C ALA D 778 -17.53 8.85 32.29
N ALA D 779 -17.29 8.48 31.06
CA ALA D 779 -18.40 8.05 30.20
C ALA D 779 -19.13 6.87 30.87
N SER D 780 -18.37 5.97 31.51
CA SER D 780 -18.92 4.82 32.24
C SER D 780 -19.79 5.17 33.47
N MET D 781 -19.72 6.42 33.95
CA MET D 781 -20.68 6.89 35.00
C MET D 781 -22.11 7.02 34.47
N TYR D 782 -22.24 7.14 33.14
CA TYR D 782 -23.55 7.26 32.51
C TYR D 782 -24.13 5.86 32.47
N ASN D 783 -25.06 5.58 33.38
CA ASN D 783 -25.60 4.23 33.57
C ASN D 783 -26.55 3.80 32.44
N ASN D 784 -26.84 2.51 32.39
CA ASN D 784 -27.67 1.83 31.39
C ASN D 784 -27.28 1.97 29.91
N ASP D 785 -25.99 2.18 29.68
CA ASP D 785 -25.47 2.33 28.30
C ASP D 785 -24.29 1.37 28.11
N SER D 786 -24.38 0.52 27.09
CA SER D 786 -23.35 -0.54 26.92
C SER D 786 -22.21 -0.18 25.95
N ASN D 787 -22.21 1.06 25.46
CA ASN D 787 -21.29 1.44 24.41
C ASN D 787 -20.40 2.55 24.83
N VAL D 788 -20.63 2.99 26.05
CA VAL D 788 -19.93 4.12 26.57
C VAL D 788 -18.56 3.68 27.02
N ARG D 789 -18.46 2.42 27.46
CA ARG D 789 -17.20 1.84 27.94
C ARG D 789 -16.11 1.98 26.88
N ARG D 790 -16.53 1.76 25.63
CA ARG D 790 -15.69 1.84 24.46
C ARG D 790 -15.20 3.27 24.23
N ALA D 791 -16.06 4.23 24.56
CA ALA D 791 -15.88 5.62 24.18
C ALA D 791 -15.25 6.43 25.30
N GLN D 792 -14.82 5.75 26.37
CA GLN D 792 -14.47 6.38 27.62
C GLN D 792 -13.06 7.04 27.72
N ASN D 793 -12.24 6.91 26.68
CA ASN D 793 -10.89 7.48 26.76
C ASN D 793 -10.92 8.96 26.46
N ASP D 794 -11.83 9.36 25.58
CA ASP D 794 -11.92 10.73 25.13
C ASP D 794 -13.39 11.30 25.03
N HIS D 795 -14.36 10.59 25.61
CA HIS D 795 -15.68 11.18 25.93
C HIS D 795 -15.84 11.40 27.44
N PHE D 796 -16.29 12.60 27.81
CA PHE D 796 -16.56 12.91 29.21
C PHE D 796 -17.73 13.86 29.32
N LEU D 797 -18.40 13.82 30.47
CA LEU D 797 -19.60 14.59 30.71
C LEU D 797 -19.41 15.49 31.91
N LEU D 798 -20.22 16.56 31.94
CA LEU D 798 -20.25 17.51 33.05
C LEU D 798 -21.53 18.36 33.05
N GLY D 799 -21.74 19.03 34.18
CA GLY D 799 -22.60 20.19 34.23
C GLY D 799 -24.09 20.00 34.22
N GLY D 800 -24.77 21.01 34.78
CA GLY D 800 -26.22 21.02 34.79
C GLY D 800 -26.72 20.60 36.14
N HIS D 801 -28.01 20.27 36.20
CA HIS D 801 -28.65 19.97 37.45
C HIS D 801 -28.16 18.63 38.00
N ASP D 802 -27.99 17.63 37.13
CA ASP D 802 -27.55 16.29 37.53
C ASP D 802 -26.06 16.06 37.32
N GLY D 803 -25.47 16.85 36.41
CA GLY D 803 -24.02 16.83 36.18
C GLY D 803 -23.64 16.05 34.94
N TYR D 804 -24.64 15.81 34.10
CA TYR D 804 -24.53 15.02 32.89
C TYR D 804 -25.28 15.72 31.76
N ARG D 805 -25.20 17.05 31.72
CA ARG D 805 -25.91 17.83 30.72
C ARG D 805 -25.07 18.13 29.48
N ILE D 806 -23.75 18.16 29.68
CA ILE D 806 -22.80 18.42 28.58
C ILE D 806 -21.95 17.19 28.18
N LEU D 807 -21.92 16.84 26.90
CA LEU D 807 -21.00 15.78 26.45
C LEU D 807 -19.89 16.35 25.58
N CYS D 808 -18.65 16.05 26.00
CA CYS D 808 -17.47 16.45 25.26
C CYS D 808 -16.75 15.24 24.65
N ALA D 809 -16.17 15.44 23.47
CA ALA D 809 -15.33 14.41 22.87
C ALA D 809 -14.28 15.06 21.97
N PRO D 810 -13.28 15.69 22.62
CA PRO D 810 -12.29 16.51 21.92
C PRO D 810 -11.39 15.68 21.01
N VAL D 811 -10.83 16.31 19.98
CA VAL D 811 -9.92 15.63 19.04
C VAL D 811 -8.61 15.52 19.74
N VAL D 812 -8.10 14.29 19.87
CA VAL D 812 -6.89 14.08 20.69
C VAL D 812 -5.58 13.87 19.89
N TRP D 813 -5.64 14.10 18.57
CA TRP D 813 -4.51 13.95 17.64
C TRP D 813 -4.25 15.22 16.83
N GLU D 814 -2.99 15.68 16.81
CA GLU D 814 -2.60 16.74 15.90
C GLU D 814 -2.93 16.40 14.43
N ASN D 815 -3.17 17.43 13.61
CA ASN D 815 -3.43 17.30 12.16
C ASN D 815 -4.58 16.37 11.80
N SER D 816 -5.60 16.35 12.66
CA SER D 816 -6.77 15.53 12.44
C SER D 816 -7.97 16.44 12.47
N THR D 817 -8.87 16.21 11.51
CA THR D 817 -10.09 16.98 11.37
C THR D 817 -11.32 16.05 11.26
N GLU D 818 -11.26 14.95 12.01
CA GLU D 818 -12.38 14.01 12.17
C GLU D 818 -12.11 13.12 13.37
N ARG D 819 -13.19 12.58 13.95
CA ARG D 819 -13.06 11.62 15.03
C ARG D 819 -14.29 10.70 15.06
N GLU D 820 -14.21 9.62 15.83
CA GLU D 820 -15.35 8.73 15.97
C GLU D 820 -16.14 9.14 17.21
N LEU D 821 -17.43 9.36 17.00
CA LEU D 821 -18.26 9.98 18.02
C LEU D 821 -19.32 9.02 18.55
N TYR D 822 -19.37 8.89 19.88
CA TYR D 822 -20.48 8.17 20.51
C TYR D 822 -21.33 9.06 21.40
N LEU D 823 -22.62 9.11 21.06
CA LEU D 823 -23.65 9.83 21.83
C LEU D 823 -24.39 8.88 22.78
N PRO D 824 -24.26 9.05 24.11
CA PRO D 824 -25.02 8.20 25.02
C PRO D 824 -26.50 8.00 24.65
N VAL D 825 -27.01 6.80 24.89
CA VAL D 825 -28.37 6.40 24.54
C VAL D 825 -29.43 6.94 25.53
N LEU D 826 -30.70 6.88 25.13
CA LEU D 826 -31.84 7.26 26.00
C LEU D 826 -31.93 8.76 26.40
N THR D 827 -31.21 9.61 25.67
CA THR D 827 -31.49 11.04 25.64
C THR D 827 -31.23 11.57 24.22
N GLN D 828 -31.43 12.87 23.99
CA GLN D 828 -31.13 13.48 22.68
C GLN D 828 -30.10 14.58 22.83
N TRP D 829 -29.36 14.88 21.76
CA TRP D 829 -28.27 15.85 21.94
C TRP D 829 -28.29 16.94 20.89
N TYR D 830 -27.74 18.09 21.30
CA TYR D 830 -27.62 19.26 20.48
C TYR D 830 -26.17 19.71 20.37
N LYS D 831 -25.72 19.73 19.13
CA LYS D 831 -24.41 20.24 18.78
C LYS D 831 -24.26 21.64 19.40
N PHE D 832 -23.19 21.85 20.13
CA PHE D 832 -22.93 23.16 20.71
C PHE D 832 -21.48 23.58 20.46
N GLY D 833 -20.99 24.54 21.21
CA GLY D 833 -19.66 25.10 21.00
C GLY D 833 -19.79 26.60 20.81
N PRO D 834 -18.65 27.30 20.63
CA PRO D 834 -18.55 28.76 20.74
C PRO D 834 -19.35 29.55 19.71
N ASP D 835 -19.66 28.95 18.57
CA ASP D 835 -20.41 29.67 17.56
C ASP D 835 -21.91 29.69 17.83
N PHE D 836 -22.38 28.73 18.62
CA PHE D 836 -23.82 28.51 18.81
C PHE D 836 -24.52 29.58 19.63
N ASP D 837 -23.73 30.42 20.27
CA ASP D 837 -24.28 31.55 21.01
C ASP D 837 -24.93 32.62 20.13
N THR D 838 -24.53 32.71 18.86
CA THR D 838 -25.03 33.77 18.01
C THR D 838 -25.67 33.19 16.74
N LYS D 839 -26.09 31.93 16.81
CA LYS D 839 -26.94 31.34 15.74
C LYS D 839 -27.81 30.26 16.37
N PRO D 840 -28.82 29.77 15.64
CA PRO D 840 -29.63 28.72 16.21
C PRO D 840 -28.89 27.39 16.45
N LEU D 841 -29.51 26.56 17.29
CA LEU D 841 -29.22 25.13 17.33
C LEU D 841 -29.61 24.43 16.02
N GLU D 842 -28.99 23.29 15.77
CA GLU D 842 -29.35 22.43 14.62
C GLU D 842 -30.32 21.33 15.12
N GLY D 843 -30.79 20.46 14.23
CA GLY D 843 -31.63 19.33 14.62
C GLY D 843 -31.08 18.46 15.75
N ALA D 844 -32.00 17.89 16.51
CA ALA D 844 -31.69 16.93 17.57
C ALA D 844 -30.89 15.74 17.02
N MET D 845 -29.80 15.41 17.70
CA MET D 845 -29.05 14.21 17.40
C MET D 845 -29.46 13.13 18.39
N ASN D 846 -29.82 11.98 17.83
CA ASN D 846 -30.20 10.80 18.59
C ASN D 846 -29.14 10.17 19.46
N GLY D 847 -29.51 9.85 20.69
CA GLY D 847 -28.60 9.16 21.60
C GLY D 847 -28.49 7.70 21.22
N GLY D 848 -27.30 7.13 21.43
CA GLY D 848 -27.01 5.75 21.05
C GLY D 848 -26.44 5.67 19.66
N ASP D 849 -26.04 6.82 19.13
CA ASP D 849 -25.51 6.89 17.78
C ASP D 849 -24.00 6.81 17.80
N ARG D 850 -23.46 5.97 16.92
CA ARG D 850 -22.04 5.92 16.69
C ARG D 850 -21.81 6.45 15.29
N ILE D 851 -21.14 7.60 15.21
CA ILE D 851 -20.79 8.18 13.93
C ILE D 851 -19.28 8.05 13.74
N TYR D 852 -18.89 7.21 12.78
CA TYR D 852 -17.51 7.11 12.33
C TYR D 852 -17.21 8.30 11.44
N ASN D 853 -15.99 8.81 11.55
CA ASN D 853 -15.54 9.90 10.67
C ASN D 853 -16.35 11.17 10.88
N TYR D 854 -16.71 11.46 12.13
CA TYR D 854 -17.52 12.64 12.42
C TYR D 854 -16.66 13.88 12.20
N PRO D 855 -17.06 14.76 11.26
CA PRO D 855 -16.15 15.83 10.85
C PRO D 855 -15.89 16.86 11.94
N VAL D 856 -14.63 17.23 12.16
CA VAL D 856 -14.27 18.23 13.16
C VAL D 856 -13.17 19.18 12.64
N PRO D 857 -13.58 20.24 11.92
CA PRO D 857 -12.60 21.26 11.53
C PRO D 857 -11.71 21.73 12.69
N GLN D 858 -10.53 22.25 12.36
CA GLN D 858 -9.64 22.79 13.38
C GLN D 858 -10.37 23.75 14.31
N SER D 859 -11.27 24.54 13.74
CA SER D 859 -11.99 25.61 14.43
C SER D 859 -13.12 25.12 15.33
N GLU D 860 -13.46 23.83 15.22
CA GLU D 860 -14.50 23.21 16.03
C GLU D 860 -13.95 22.23 17.08
N SER D 861 -14.79 21.94 18.06
CA SER D 861 -14.66 20.76 18.90
C SER D 861 -16.06 20.14 19.07
N PRO D 862 -16.12 18.81 19.30
CA PRO D 862 -17.38 18.11 19.60
C PRO D 862 -17.79 18.29 21.04
N ILE D 863 -18.80 19.13 21.21
CA ILE D 863 -19.41 19.42 22.50
C ILE D 863 -20.92 19.38 22.29
N PHE D 864 -21.62 18.67 23.16
CA PHE D 864 -23.07 18.61 23.01
C PHE D 864 -23.79 18.93 24.32
N VAL D 865 -24.93 19.59 24.17
CA VAL D 865 -25.84 19.87 25.27
C VAL D 865 -27.04 18.96 25.18
N ARG D 866 -27.34 18.35 26.32
CA ARG D 866 -28.42 17.35 26.42
C ARG D 866 -29.77 18.03 26.46
N GLU D 867 -30.77 17.47 25.78
CA GLU D 867 -32.14 17.93 25.97
C GLU D 867 -32.49 17.98 27.45
N GLY D 868 -33.27 18.99 27.84
CA GLY D 868 -33.75 19.12 29.22
C GLY D 868 -32.76 19.90 30.08
N ALA D 869 -31.71 20.41 29.45
CA ALA D 869 -30.75 21.28 30.13
C ALA D 869 -31.21 22.73 30.22
N ILE D 870 -31.03 23.31 31.41
CA ILE D 870 -31.10 24.75 31.63
C ILE D 870 -29.79 25.15 32.28
N LEU D 871 -29.07 26.01 31.58
CA LEU D 871 -27.71 26.31 31.97
C LEU D 871 -27.47 27.77 32.39
N PRO D 872 -26.97 28.00 33.62
CA PRO D 872 -26.63 29.36 34.05
C PRO D 872 -25.51 29.88 33.15
N THR D 873 -25.53 31.15 32.77
CA THR D 873 -24.68 31.66 31.69
C THR D 873 -24.32 33.12 31.93
N ARG D 874 -23.13 33.56 31.52
CA ARG D 874 -22.70 34.92 31.89
C ARG D 874 -22.07 35.68 30.77
N TYR D 875 -22.53 36.92 30.62
CA TYR D 875 -22.03 37.83 29.61
C TYR D 875 -21.58 39.10 30.31
N THR D 876 -20.62 39.80 29.70
CA THR D 876 -20.31 41.16 30.12
C THR D 876 -21.35 42.12 29.58
N LEU D 877 -21.61 43.17 30.35
CA LEU D 877 -22.56 44.20 29.94
C LEU D 877 -22.10 44.98 28.69
N ASN D 878 -20.80 45.25 28.59
CA ASN D 878 -20.30 46.09 27.50
C ASN D 878 -19.78 45.31 26.31
N GLY D 879 -19.92 43.98 26.39
CA GLY D 879 -19.58 43.08 25.29
C GLY D 879 -18.10 42.84 25.02
N GLU D 880 -17.23 43.28 25.94
CA GLU D 880 -15.79 43.05 25.91
C GLU D 880 -15.41 41.95 26.90
N ASN D 881 -14.29 41.27 26.65
CA ASN D 881 -13.85 40.19 27.52
C ASN D 881 -13.09 40.72 28.72
N LYS D 882 -13.52 40.34 29.92
CA LYS D 882 -12.74 40.65 31.11
C LYS D 882 -12.54 39.44 32.02
N SER D 883 -11.65 39.59 32.98
CA SER D 883 -11.38 38.55 33.96
C SER D 883 -12.62 38.30 34.77
N LEU D 884 -12.80 37.06 35.20
CA LEU D 884 -13.94 36.67 36.04
C LEU D 884 -13.95 37.43 37.36
N ASN D 885 -12.77 37.79 37.85
CA ASN D 885 -12.72 38.41 39.17
C ASN D 885 -13.25 39.86 39.21
N THR D 886 -13.61 40.38 38.04
CA THR D 886 -14.10 41.77 37.91
C THR D 886 -15.51 41.84 37.31
N TYR D 887 -16.14 40.69 37.07
CA TYR D 887 -17.59 40.64 36.85
C TYR D 887 -18.34 41.12 38.11
N THR D 888 -19.48 41.75 37.90
CA THR D 888 -20.36 42.11 38.99
C THR D 888 -21.69 41.56 38.57
N ASP D 889 -22.69 41.67 39.44
CA ASP D 889 -24.02 41.20 39.12
C ASP D 889 -24.69 42.02 38.00
N GLU D 890 -24.03 43.13 37.63
CA GLU D 890 -24.50 43.96 36.55
C GLU D 890 -24.11 43.37 35.19
N ASP D 891 -23.28 42.33 35.21
CA ASP D 891 -22.97 41.54 34.03
C ASP D 891 -23.95 40.38 34.01
N PRO D 892 -24.80 40.33 32.97
CA PRO D 892 -26.00 39.49 32.96
C PRO D 892 -25.82 38.01 33.32
N LEU D 893 -26.72 37.52 34.17
CA LEU D 893 -26.88 36.09 34.44
C LEU D 893 -28.04 35.64 33.60
N VAL D 894 -27.85 34.59 32.80
CA VAL D 894 -28.87 34.18 31.83
C VAL D 894 -29.11 32.69 31.96
N PHE D 895 -30.33 32.30 32.29
CA PHE D 895 -30.64 30.89 32.34
C PHE D 895 -31.06 30.47 30.96
N GLU D 896 -30.19 29.75 30.26
CA GLU D 896 -30.50 29.31 28.88
C GLU D 896 -31.26 28.00 28.91
N VAL D 897 -32.44 28.00 28.29
CA VAL D 897 -33.31 26.82 28.30
C VAL D 897 -33.21 26.16 26.94
N PHE D 898 -32.67 24.94 26.94
CA PHE D 898 -32.47 24.18 25.73
C PHE D 898 -33.74 23.42 25.41
N PRO D 899 -33.80 22.76 24.25
CA PRO D 899 -35.09 22.14 23.92
C PRO D 899 -35.47 21.11 24.98
N LEU D 900 -36.78 20.89 25.17
CA LEU D 900 -37.25 20.09 26.30
C LEU D 900 -36.97 18.60 26.12
N GLY D 901 -36.54 17.96 27.22
CA GLY D 901 -36.49 16.49 27.28
C GLY D 901 -37.73 15.88 27.91
N ASN D 902 -38.55 15.22 27.09
CA ASN D 902 -39.81 14.65 27.58
C ASN D 902 -40.64 15.80 28.16
N ASN D 903 -40.98 16.72 27.26
CA ASN D 903 -41.63 17.97 27.61
C ASN D 903 -41.20 18.58 28.96
N ARG D 904 -39.91 18.55 29.31
CA ARG D 904 -39.40 19.30 30.49
C ARG D 904 -37.90 19.64 30.50
N ALA D 905 -37.48 20.48 31.47
CA ALA D 905 -36.07 20.88 31.65
C ALA D 905 -35.76 21.33 33.09
N ASP D 906 -34.50 21.22 33.50
CA ASP D 906 -34.09 21.58 34.87
C ASP D 906 -32.76 22.30 34.88
N GLY D 907 -32.54 23.10 35.92
CA GLY D 907 -31.30 23.83 36.09
C GLY D 907 -31.02 24.11 37.54
N MET D 908 -29.78 24.47 37.80
CA MET D 908 -29.31 24.83 39.13
C MET D 908 -28.24 25.87 38.91
N CYS D 909 -28.13 26.79 39.87
CA CYS D 909 -27.06 27.76 39.88
C CYS D 909 -26.75 28.08 41.33
N TYR D 910 -25.49 27.95 41.72
CA TYR D 910 -25.00 28.46 43.00
C TYR D 910 -24.61 29.91 42.78
N LEU D 911 -24.76 30.76 43.81
CA LEU D 911 -24.40 32.18 43.71
C LEU D 911 -23.87 32.62 45.05
N ASP D 912 -22.74 33.31 45.03
CA ASP D 912 -22.11 33.94 46.22
C ASP D 912 -21.28 35.17 45.77
N ASP D 913 -20.68 35.91 46.70
CA ASP D 913 -19.93 37.12 46.33
C ASP D 913 -18.63 36.77 45.59
N GLY D 914 -18.32 35.46 45.54
CA GLY D 914 -17.33 34.91 44.62
C GLY D 914 -15.93 34.82 45.18
N GLY D 915 -15.79 34.96 46.50
CA GLY D 915 -14.49 34.94 47.12
C GLY D 915 -14.05 36.26 47.71
N VAL D 916 -14.79 37.33 47.41
CA VAL D 916 -14.52 38.68 47.96
C VAL D 916 -14.42 38.55 49.48
N THR D 917 -15.36 37.78 50.04
CA THR D 917 -15.33 37.45 51.48
C THR D 917 -15.46 35.93 51.62
N THR D 918 -15.24 35.43 52.83
CA THR D 918 -15.41 33.99 53.13
C THR D 918 -16.78 33.63 53.78
N ASN D 919 -17.71 34.58 53.78
CA ASN D 919 -19.03 34.43 54.42
C ASN D 919 -19.93 33.31 53.86
N ALA D 920 -19.70 32.92 52.60
CA ALA D 920 -20.42 31.79 52.05
C ALA D 920 -20.09 30.51 52.87
N GLU D 921 -18.81 30.25 53.06
CA GLU D 921 -18.33 29.05 53.75
C GLU D 921 -18.25 29.20 55.25
N ASP D 922 -18.19 30.44 55.72
CA ASP D 922 -18.11 30.70 57.15
C ASP D 922 -19.48 30.89 57.80
N ASN D 923 -20.35 31.63 57.11
CA ASN D 923 -21.61 32.10 57.69
C ASN D 923 -22.84 31.67 56.89
N GLY D 924 -22.60 30.93 55.82
CA GLY D 924 -23.69 30.38 55.03
C GLY D 924 -24.29 31.38 54.07
N LYS D 925 -23.54 32.44 53.78
CA LYS D 925 -23.94 33.53 52.86
C LYS D 925 -23.89 33.15 51.38
N PHE D 926 -24.73 32.22 50.98
CA PHE D 926 -24.78 31.82 49.57
C PHE D 926 -26.20 31.53 49.13
N SER D 927 -26.38 31.32 47.84
CA SER D 927 -27.72 31.12 47.34
C SER D 927 -27.68 29.93 46.39
N VAL D 928 -28.65 29.03 46.49
CA VAL D 928 -28.76 27.94 45.50
C VAL D 928 -30.09 28.08 44.85
N VAL D 929 -30.08 28.18 43.53
CA VAL D 929 -31.28 28.52 42.75
C VAL D 929 -31.58 27.38 41.80
N LYS D 930 -32.85 27.01 41.69
CA LYS D 930 -33.25 25.93 40.81
C LYS D 930 -34.31 26.43 39.86
N VAL D 931 -34.35 25.84 38.67
CA VAL D 931 -35.31 26.28 37.67
C VAL D 931 -35.84 25.05 36.91
N ALA D 932 -37.06 25.15 36.39
CA ALA D 932 -37.67 24.05 35.69
C ALA D 932 -38.57 24.62 34.63
N ALA D 933 -38.49 24.07 33.43
CA ALA D 933 -39.47 24.34 32.39
C ALA D 933 -40.32 23.09 32.29
N GLU D 934 -41.55 23.27 31.80
CA GLU D 934 -42.50 22.22 31.54
C GLU D 934 -43.40 22.70 30.41
N GLN D 935 -43.57 21.87 29.40
CA GLN D 935 -44.55 22.14 28.36
C GLN D 935 -45.79 21.34 28.68
N ASP D 936 -46.94 22.01 28.63
CA ASP D 936 -48.23 21.42 28.90
C ASP D 936 -49.20 22.06 27.93
N GLY D 937 -49.57 21.30 26.88
CA GLY D 937 -50.42 21.83 25.82
C GLY D 937 -49.76 22.99 25.08
N GLY D 938 -50.39 24.16 25.11
CA GLY D 938 -49.85 25.37 24.48
C GLY D 938 -49.23 26.31 25.49
N THR D 939 -49.01 25.80 26.70
CA THR D 939 -48.62 26.60 27.86
C THR D 939 -47.27 26.13 28.41
N GLU D 940 -46.31 27.04 28.48
CA GLU D 940 -45.00 26.71 29.06
C GLU D 940 -44.78 27.41 30.39
N THR D 941 -44.39 26.65 31.41
CA THR D 941 -44.16 27.19 32.74
C THR D 941 -42.70 27.10 33.13
N ILE D 942 -42.12 28.22 33.53
CA ILE D 942 -40.74 28.24 33.99
C ILE D 942 -40.70 28.65 35.45
N THR D 943 -40.27 27.73 36.30
CA THR D 943 -40.38 27.97 37.72
C THR D 943 -39.01 28.11 38.37
N PHE D 944 -38.77 29.30 38.90
CA PHE D 944 -37.65 29.53 39.79
C PHE D 944 -38.08 29.25 41.22
N THR D 945 -37.22 28.52 41.92
CA THR D 945 -37.36 28.24 43.36
C THR D 945 -35.98 28.38 43.93
N ASN D 946 -35.85 28.32 45.23
CA ASN D 946 -34.52 28.33 45.83
C ASN D 946 -34.40 27.34 46.98
N ASP D 947 -33.22 26.75 47.14
CA ASP D 947 -32.93 25.93 48.33
C ASP D 947 -32.50 26.77 49.51
N CYS D 948 -32.02 27.96 49.20
CA CYS D 948 -31.57 28.94 50.18
C CYS D 948 -31.24 30.19 49.41
N TYR D 949 -31.38 31.36 50.03
CA TYR D 949 -31.08 32.58 49.31
C TYR D 949 -30.52 33.65 50.25
N GLU D 950 -29.28 33.47 50.66
CA GLU D 950 -28.60 34.35 51.62
C GLU D 950 -27.65 35.32 50.90
N TYR D 951 -27.30 35.01 49.65
CA TYR D 951 -26.59 35.99 48.85
C TYR D 951 -27.59 36.58 47.89
N VAL D 952 -27.73 37.92 47.93
CA VAL D 952 -28.66 38.63 47.05
C VAL D 952 -28.04 38.96 45.70
N PHE D 953 -28.54 38.35 44.63
CA PHE D 953 -27.99 38.67 43.32
C PHE D 953 -28.41 40.08 42.95
N GLY D 954 -27.44 40.93 42.67
CA GLY D 954 -27.70 42.37 42.62
C GLY D 954 -28.13 42.99 41.29
N GLY D 955 -28.49 42.18 40.29
CA GLY D 955 -28.86 42.74 39.01
C GLY D 955 -29.92 41.99 38.27
N PRO D 956 -30.44 42.55 37.18
CA PRO D 956 -31.47 41.78 36.45
C PRO D 956 -30.93 40.42 35.99
N PHE D 957 -31.82 39.48 35.66
CA PHE D 957 -31.44 38.16 35.10
C PHE D 957 -32.35 37.82 33.90
N TYR D 958 -31.99 36.82 33.11
CA TYR D 958 -32.72 36.56 31.87
C TYR D 958 -33.07 35.10 31.80
N VAL D 959 -34.14 34.81 31.08
CA VAL D 959 -34.43 33.47 30.63
C VAL D 959 -34.31 33.53 29.12
N ARG D 960 -33.49 32.64 28.57
CA ARG D 960 -33.37 32.51 27.14
C ARG D 960 -33.94 31.17 26.74
N VAL D 961 -35.10 31.19 26.08
CA VAL D 961 -35.75 29.95 25.64
C VAL D 961 -35.39 29.65 24.19
N ARG D 962 -34.74 28.51 23.98
CA ARG D 962 -34.37 28.06 22.66
C ARG D 962 -35.58 27.48 21.92
N GLY D 963 -35.77 27.87 20.67
CA GLY D 963 -36.89 27.36 19.87
C GLY D 963 -38.22 28.03 20.19
N ALA D 964 -38.15 29.06 21.04
CA ALA D 964 -39.29 29.92 21.36
C ALA D 964 -39.14 31.25 20.65
N GLN D 965 -40.16 31.58 19.86
CA GLN D 965 -40.27 32.90 19.21
C GLN D 965 -41.31 33.78 19.93
N SER D 966 -42.11 34.54 19.20
CA SER D 966 -43.04 35.50 19.81
C SER D 966 -44.25 34.83 20.45
N PRO D 967 -44.52 35.15 21.73
CA PRO D 967 -45.67 34.63 22.48
C PRO D 967 -46.96 35.46 22.38
N SER D 968 -48.08 34.87 22.78
CA SER D 968 -49.32 35.64 22.95
C SER D 968 -49.26 36.44 24.25
N ASN D 969 -48.58 35.91 25.27
CA ASN D 969 -48.47 36.56 26.59
C ASN D 969 -47.48 35.81 27.50
N ILE D 970 -46.73 36.55 28.32
CA ILE D 970 -45.97 36.01 29.46
C ILE D 970 -46.49 36.63 30.74
N HIS D 971 -46.94 35.79 31.67
CA HIS D 971 -47.32 36.26 32.99
C HIS D 971 -46.23 35.83 33.92
N VAL D 972 -45.91 36.68 34.91
CA VAL D 972 -44.87 36.40 35.92
C VAL D 972 -45.39 36.70 37.32
N SER D 973 -45.40 35.70 38.19
CA SER D 973 -45.80 35.92 39.59
C SER D 973 -44.64 35.62 40.52
N SER D 974 -44.56 36.35 41.62
CA SER D 974 -43.40 36.33 42.48
C SER D 974 -43.62 37.15 43.73
N GLY D 975 -43.21 36.60 44.87
CA GLY D 975 -43.14 37.31 46.16
C GLY D 975 -44.13 38.42 46.39
N ALA D 976 -45.36 38.04 46.75
CA ALA D 976 -46.49 38.96 47.00
C ALA D 976 -47.20 39.52 45.76
N GLY D 977 -46.53 39.51 44.60
CA GLY D 977 -47.10 40.18 43.41
C GLY D 977 -47.08 39.40 42.10
N SER D 978 -47.50 40.06 41.02
CA SER D 978 -47.54 39.45 39.69
C SER D 978 -47.89 40.44 38.56
N GLN D 979 -47.11 40.41 37.49
CA GLN D 979 -47.31 41.27 36.32
C GLN D 979 -47.30 40.45 35.03
N ASP D 980 -47.85 41.04 33.97
CA ASP D 980 -47.61 40.55 32.62
C ASP D 980 -46.37 41.22 32.06
N MET D 981 -45.65 40.53 31.20
CA MET D 981 -44.50 41.10 30.52
C MET D 981 -44.95 41.79 29.24
N LYS D 982 -44.09 42.66 28.73
CA LYS D 982 -44.33 43.39 27.50
C LYS D 982 -43.13 43.31 26.57
N VAL D 983 -43.38 43.42 25.28
CA VAL D 983 -42.36 43.40 24.24
C VAL D 983 -41.41 44.61 24.40
N SER D 984 -40.11 44.36 24.27
CA SER D 984 -39.11 45.40 24.54
C SER D 984 -39.01 46.35 23.36
N SER D 985 -38.50 47.55 23.60
CA SER D 985 -38.13 48.41 22.47
C SER D 985 -36.68 48.14 22.04
N ALA D 986 -35.96 47.33 22.84
CA ALA D 986 -34.65 46.81 22.45
C ALA D 986 -34.77 45.98 21.18
N THR D 987 -33.82 46.16 20.27
CA THR D 987 -33.85 45.50 18.97
C THR D 987 -32.60 44.64 18.74
N SER D 988 -31.78 44.53 19.79
CA SER D 988 -30.63 43.63 19.82
C SER D 988 -30.40 43.15 21.24
N ARG D 989 -29.47 42.20 21.41
CA ARG D 989 -29.14 41.66 22.73
C ARG D 989 -28.42 42.68 23.62
N ALA D 990 -27.40 43.36 23.11
CA ALA D 990 -26.71 44.42 23.87
C ALA D 990 -27.66 45.57 24.24
N ALA D 991 -28.62 45.86 23.35
CA ALA D 991 -29.66 46.82 23.67
C ALA D 991 -30.59 46.30 24.78
N LEU D 992 -30.92 45.02 24.78
CA LEU D 992 -31.73 44.45 25.86
C LEU D 992 -30.97 44.50 27.19
N PHE D 993 -29.68 44.17 27.17
CA PHE D 993 -28.87 44.19 28.39
C PHE D 993 -28.79 45.60 28.92
N ASN D 994 -28.47 46.55 28.04
CA ASN D 994 -28.16 47.92 28.48
C ASN D 994 -29.33 48.86 28.60
N ASP D 995 -30.35 48.70 27.73
CA ASP D 995 -31.48 49.65 27.68
C ASP D 995 -32.84 49.01 27.92
N GLY D 996 -32.85 47.69 28.04
CA GLY D 996 -34.11 46.98 28.26
C GLY D 996 -34.64 47.24 29.66
N GLU D 997 -35.94 47.38 29.78
CA GLU D 997 -36.58 47.48 31.09
C GLU D 997 -36.86 46.09 31.64
N ASN D 998 -36.76 45.96 32.97
CA ASN D 998 -37.26 44.78 33.68
C ASN D 998 -38.72 44.53 33.31
N GLY D 999 -39.03 43.30 32.91
CA GLY D 999 -40.37 42.96 32.42
C GLY D 999 -40.47 42.95 30.90
N ASP D 1000 -39.37 43.29 30.21
CA ASP D 1000 -39.32 43.28 28.74
C ASP D 1000 -38.98 41.88 28.25
N PHE D 1001 -39.61 41.46 27.16
CA PHE D 1001 -39.12 40.29 26.39
C PHE D 1001 -38.68 40.67 24.95
N TRP D 1002 -37.81 39.86 24.36
CA TRP D 1002 -37.23 40.16 23.04
C TRP D 1002 -37.16 38.93 22.15
N VAL D 1003 -37.96 38.93 21.09
CA VAL D 1003 -37.86 37.89 20.09
C VAL D 1003 -36.52 38.03 19.36
N ASP D 1004 -35.71 36.98 19.40
CA ASP D 1004 -34.39 36.99 18.74
C ASP D 1004 -34.47 35.97 17.64
N GLN D 1005 -34.91 36.42 16.47
CA GLN D 1005 -35.14 35.51 15.35
C GLN D 1005 -33.84 34.90 14.82
N GLU D 1006 -32.79 35.69 14.86
CA GLU D 1006 -31.49 35.28 14.34
C GLU D 1006 -30.88 34.07 15.07
N THR D 1007 -31.10 33.92 16.39
CA THR D 1007 -30.74 32.68 17.08
C THR D 1007 -31.97 31.80 17.42
N ASP D 1008 -33.17 32.18 16.99
CA ASP D 1008 -34.41 31.44 17.32
C ASP D 1008 -34.56 31.26 18.85
N SER D 1009 -34.28 32.32 19.60
CA SER D 1009 -34.43 32.36 21.06
C SER D 1009 -35.50 33.39 21.45
N LEU D 1010 -36.01 33.25 22.68
CA LEU D 1010 -36.84 34.27 23.32
C LEU D 1010 -36.17 34.67 24.66
N TRP D 1011 -35.93 35.96 24.83
CA TRP D 1011 -35.22 36.47 26.02
C TRP D 1011 -36.16 37.25 26.90
N LEU D 1012 -36.09 36.95 28.18
CA LEU D 1012 -36.88 37.58 29.20
C LEU D 1012 -35.95 38.34 30.09
N LYS D 1013 -36.22 39.64 30.26
CA LYS D 1013 -35.50 40.43 31.24
C LYS D 1013 -36.37 40.53 32.50
N LEU D 1014 -35.79 40.21 33.66
CA LEU D 1014 -36.54 40.12 34.91
C LEU D 1014 -35.75 40.79 36.02
N PRO D 1015 -36.45 41.32 37.03
CA PRO D 1015 -35.74 41.99 38.13
C PRO D 1015 -35.05 41.05 39.13
N ASN D 1016 -33.98 41.53 39.76
CA ASN D 1016 -33.18 40.70 40.67
C ASN D 1016 -33.99 40.04 41.79
N VAL D 1017 -35.07 40.70 42.19
CA VAL D 1017 -35.87 40.29 43.37
C VAL D 1017 -36.78 39.08 43.13
N VAL D 1018 -37.09 38.80 41.85
CA VAL D 1018 -37.94 37.66 41.51
C VAL D 1018 -37.14 36.37 41.23
N LEU D 1019 -35.82 36.46 41.31
CA LEU D 1019 -34.98 35.30 41.03
C LEU D 1019 -35.17 34.16 42.03
N PRO D 1020 -35.32 34.47 43.34
CA PRO D 1020 -35.45 33.41 44.34
C PRO D 1020 -36.74 32.60 44.29
N ASP D 1021 -37.74 33.08 43.53
CA ASP D 1021 -39.09 32.50 43.50
C ASP D 1021 -39.90 33.14 42.38
N ALA D 1022 -40.36 32.37 41.40
CA ALA D 1022 -41.12 32.96 40.33
C ALA D 1022 -41.78 31.90 39.46
N VAL D 1023 -42.98 32.19 38.98
CA VAL D 1023 -43.66 31.31 38.05
C VAL D 1023 -43.93 32.07 36.76
N ILE D 1024 -43.30 31.61 35.70
CA ILE D 1024 -43.35 32.27 34.42
C ILE D 1024 -44.24 31.47 33.45
N THR D 1025 -45.37 32.04 33.09
CA THR D 1025 -46.32 31.32 32.25
C THR D 1025 -46.32 31.99 30.90
N ILE D 1026 -45.51 31.46 30.00
CA ILE D 1026 -45.53 31.83 28.58
C ILE D 1026 -46.69 31.08 27.98
N THR D 1027 -47.41 31.70 27.02
CA THR D 1027 -48.66 31.16 26.51
C THR D 1027 -48.91 31.47 25.03
O5 5GF E . -4.00 -29.14 -41.15
C1 5GF E . -3.73 -27.72 -41.30
F 5GF E . -3.58 -30.49 -39.39
C2 5GF E . -2.76 -27.16 -40.23
O2 5GF E . -1.38 -27.24 -40.61
C3 5GF E . -2.99 -27.82 -38.87
O3 5GF E . -2.80 -26.85 -37.84
C4 5GF E . -4.39 -28.43 -38.83
O4 5GF E . -4.71 -28.90 -37.51
C6 5GF E . -5.81 -30.19 -39.89
O6 5GF E . -6.74 -29.34 -40.56
C5 5GF E . -4.42 -29.57 -39.84
C1 GOL F . -0.80 -31.85 -42.06
O1 GOL F . -0.83 -30.55 -41.50
C2 GOL F . -1.76 -32.77 -41.31
O2 GOL F . -2.32 -33.72 -42.18
C3 GOL F . -1.04 -33.48 -40.16
O3 GOL F . -1.93 -34.35 -39.48
C1 GOL G . 17.63 1.20 -30.04
O1 GOL G . 16.85 1.54 -31.17
C2 GOL G . 17.32 2.12 -28.86
O2 GOL G . 16.55 1.48 -27.86
C3 GOL G . 18.61 2.67 -28.27
O3 GOL G . 19.63 1.70 -28.31
O5 5GF H . 60.06 7.10 -15.96
C1 5GF H . 58.98 7.71 -15.26
F 5GF H . 61.99 6.24 -15.34
C2 5GF H . 59.47 8.28 -13.91
O2 5GF H . 60.05 9.59 -14.12
C3 5GF H . 60.42 7.32 -13.19
O3 5GF H . 60.11 7.26 -11.79
C4 5GF H . 60.32 5.93 -13.83
O4 5GF H . 61.18 5.01 -13.12
C6 5GF H . 60.40 4.70 -16.06
O6 5GF H . 59.20 4.78 -16.85
C5 5GF H . 60.70 6.00 -15.31
C1 GOL I . 48.97 30.16 14.59
O1 GOL I . 49.14 29.67 13.28
C2 GOL I . 49.78 29.35 15.59
O2 GOL I . 49.49 29.79 16.89
C3 GOL I . 49.54 27.85 15.44
O3 GOL I . 48.83 27.31 16.55
O5 5GF J . -34.43 -35.16 3.25
C1 5GF J . -35.06 -33.89 3.46
F 5GF J . -34.14 -36.49 1.48
C2 5GF J . -36.14 -33.64 2.39
O2 5GF J . -37.35 -34.34 2.76
C3 5GF J . -35.67 -34.02 0.99
O3 5GF J . -36.05 -33.00 0.06
C4 5GF J . -34.15 -34.25 0.98
O4 5GF J . -33.71 -34.61 -0.33
C6 5GF J . -32.24 -35.35 2.20
O6 5GF J . -31.86 -34.63 3.38
C5 5GF J . -33.76 -35.33 1.98
C1 GOL K . 9.35 -7.35 49.70
O1 GOL K . 9.04 -6.03 50.09
C2 GOL K . 8.74 -7.53 48.30
O2 GOL K . 8.64 -6.26 47.69
C3 GOL K . 7.35 -8.09 48.48
O3 GOL K . 7.07 -8.90 47.37
C1 GOL L . -27.75 9.72 33.18
O1 GOL L . -27.94 11.11 33.18
C2 GOL L . -26.62 9.39 34.14
O2 GOL L . -26.74 10.21 35.29
C3 GOL L . -26.70 7.97 34.63
O3 GOL L . -25.89 7.92 35.78
F1 AFR M . 9.54 24.42 36.59
C5 AFR M . 9.06 24.91 37.72
C4 AFR M . 7.56 25.16 37.52
O4 AFR M . 7.37 26.19 36.55
C6 AFR M . 9.87 26.14 38.09
O6 AFR M . 9.53 26.64 39.38
O5 AFR M . 9.20 23.94 38.77
C1 AFR M . 8.30 22.79 38.80
C2 AFR M . 7.17 22.77 38.05
O2 AFR M . 6.39 21.83 38.20
C3 AFR M . 6.89 23.87 37.06
O3 AFR M . 5.49 24.07 36.85
#